data_5L59
#
_entry.id   5L59
#
_cell.length_a   139.990
_cell.length_b   196.450
_cell.length_c   144.940
_cell.angle_alpha   90.00
_cell.angle_beta   94.57
_cell.angle_gamma   90.00
#
_symmetry.space_group_name_H-M   'P 1 21 1'
#
loop_
_entity.id
_entity.type
_entity.pdbx_description
1 polymer Plexin-A1
2 branched alpha-D-mannopyranose-(1-3)-beta-D-mannopyranose-(1-4)-2-acetamido-2-deoxy-beta-D-glucopyranose-(1-4)-2-acetamido-2-deoxy-beta-D-glucopyranose
3 branched alpha-D-mannopyranose-(1-3)-alpha-D-mannopyranose-(1-6)-beta-D-mannopyranose-(1-4)-2-acetamido-2-deoxy-beta-D-glucopyranose-(1-4)-2-acetamido-2-deoxy-beta-D-glucopyranose
4 branched alpha-D-mannopyranose-(1-3)-[alpha-D-mannopyranose-(1-6)]alpha-D-mannopyranose-(1-6)-[alpha-D-mannopyranose-(1-3)]beta-D-mannopyranose-(1-4)-2-acetamido-2-deoxy-beta-D-glucopyranose-(1-4)-2-acetamido-2-deoxy-beta-D-glucopyranose
5 branched beta-D-mannopyranose-(1-4)-2-acetamido-2-deoxy-beta-D-glucopyranose-(1-4)-2-acetamido-2-deoxy-beta-D-glucopyranose
6 branched alpha-D-mannopyranose-(1-3)-alpha-D-mannopyranose-(1-6)-[alpha-D-mannopyranose-(1-3)]beta-D-mannopyranose-(1-4)-2-acetamido-2-deoxy-beta-D-glucopyranose-(1-4)-2-acetamido-2-deoxy-beta-D-glucopyranose
7 non-polymer 2-acetamido-2-deoxy-beta-D-glucopyranose
#
_entity_poly.entity_id   1
_entity_poly.type   'polypeptide(L)'
_entity_poly.pdbx_seq_one_letter_code
;ETGPAFRTFVASDWGLTHLVVHEQTGEVYVGAVNRIYKLSGNLTLLRAHVTGPVEDNEKCYPPPSVQSCPHGLGSTDNVN
KLLLLDYAANRLLACGSASQGICQFLRLDDLFKLGEPHHRKEHYLSSVREAGSMAGVLIAGPPGQGQAKLFVGTPIDGKS
EYFPTLSSRRLMANEEDADMFGFVYQDEFVSSQLKIPSDTLSKFPAFDIYYVYSFRSEQFVYYLTLQLDTQLTSPDAAGE
HFFTSKIVRLCVNDPKFYSYVEFPIGCEQAGVEYRLVQDAYLSRPGQALAKQLGLAEDEEVLFTVFAQGQKNRVKPPKES
ALCLFTLRAIKEKIKERIQSCYRGEGKLSLPWLLNKELGCINSPLQIDDDFCGQDFNQPLGGTVTIEGTPLFVDKEDGLT
AVAAYDYQGRTVVFAGTRSGRIRKILVDLANPSGRPALAYESVVAQEGNPILRDLVLSPNRQYLYAMTEKQVTQVPVESC
VQYTSCELCLGSRDPHCGWCVLHSICSRQDACERAEEPQRFASDLLQCVQLTVQPRNVSVTMSQVPLVLQAWNVPDLSAG
VNCSFEDFTETESILEDGRIHCHSPSAREVAPITQGQGDQRVVKLYLKSKETGKKFASVDFVFYNCSVHQSCLACVNGSF
PCHWCKYRHVCTNNAADCAFLEGRVNMSEDCPQILPSTHIYVPVGVVKPITLAARNLPQPQSGQRGYECLFHIPGSPARV
TALRFNSSSLQCQNSSYSYEGNDVSDLPVNLSVVWNGNFVIDNPQNIQAHLYKCPALRQSCGLCLKADPRFECGWCVAER
RCSLRHHCPADSPASWMHAHHGSSRCTDPKILKLSPETGPRQGGTRLTITGENLGLRFEDVRLGVHVGKVLCSPVESEYI
SAEQIVCEIGDASTLRAHDALVEVCVRDCSLHYRALSPKRFTFVTPTFYRVSPSRGPLSGGTWIGIEGSHLNAGSDVAVS
IGGRPCSFSWRNSREIRCLTPPGHTPGSAPIVININRAQLSNPEVKYNYTEDPTILRIDPEWSINSGGTLLTVTGTNLAT
VREPRIRAKYGGIERENSCMVYNDTTMVCRAPSIDNPKRSPPELGERPDEIGFIMDNVRTLLVLNSSSFLYYPDPVLEPL
SPTGLLELKPSSPLILKGRNLLPPAPGNSRLNYTVLIGSTPCILTVSETQLLCEAPNLTGQHKVTVRAGGFEFSPGMLQV
YSDRTKHHHHHH
;
_entity_poly.pdbx_strand_id   A,B
#
loop_
_chem_comp.id
_chem_comp.type
_chem_comp.name
_chem_comp.formula
BMA D-saccharide, beta linking beta-D-mannopyranose 'C6 H12 O6'
MAN D-saccharide, alpha linking alpha-D-mannopyranose 'C6 H12 O6'
NAG D-saccharide, beta linking 2-acetamido-2-deoxy-beta-D-glucopyranose 'C8 H15 N O6'
#
# COMPACT_ATOMS: atom_id res chain seq x y z
N PRO A 4 10.03 30.88 28.59
CA PRO A 4 10.08 30.50 27.18
C PRO A 4 10.72 29.12 26.95
N ALA A 5 10.45 28.52 25.79
CA ALA A 5 11.06 27.25 25.40
C ALA A 5 11.78 27.37 24.05
N PHE A 6 12.91 26.67 23.91
CA PHE A 6 13.70 26.69 22.69
C PHE A 6 13.14 25.76 21.62
N ARG A 7 12.73 26.34 20.48
CA ARG A 7 12.16 25.59 19.36
C ARG A 7 13.13 24.56 18.82
N THR A 8 12.65 23.34 18.64
CA THR A 8 13.57 22.22 18.43
C THR A 8 13.05 21.10 17.51
N PHE A 9 13.99 20.49 16.80
CA PHE A 9 13.75 19.34 15.93
C PHE A 9 14.63 18.19 16.44
N VAL A 10 14.01 17.07 16.79
CA VAL A 10 14.78 15.94 17.32
C VAL A 10 15.08 14.88 16.25
N ALA A 11 16.30 14.36 16.28
CA ALA A 11 16.70 13.28 15.40
C ALA A 11 16.24 11.95 15.95
N SER A 12 15.16 11.45 15.36
CA SER A 12 14.46 10.26 15.84
C SER A 12 15.32 9.00 15.89
N ASP A 13 16.08 8.74 14.84
CA ASP A 13 16.81 7.46 14.72
C ASP A 13 18.32 7.58 14.55
N TRP A 14 18.77 8.57 13.79
CA TRP A 14 20.19 8.64 13.42
C TRP A 14 20.89 9.96 13.77
N GLY A 15 22.20 9.99 13.52
CA GLY A 15 22.99 11.21 13.69
C GLY A 15 22.81 12.17 12.54
N LEU A 16 22.98 13.46 12.83
CA LEU A 16 22.92 14.52 11.82
C LEU A 16 24.32 14.98 11.43
N THR A 17 24.46 15.53 10.23
CA THR A 17 25.78 15.89 9.72
C THR A 17 25.88 17.32 9.22
N HIS A 18 24.87 17.79 8.50
CA HIS A 18 24.94 19.13 7.90
C HIS A 18 23.62 19.88 7.95
N LEU A 19 23.70 21.21 7.99
CA LEU A 19 22.52 22.06 7.98
C LEU A 19 22.75 23.27 7.10
N VAL A 20 21.71 23.73 6.41
CA VAL A 20 21.77 24.97 5.62
C VAL A 20 20.42 25.67 5.50
N VAL A 21 20.46 26.98 5.35
CA VAL A 21 19.26 27.79 5.29
C VAL A 21 19.09 28.42 3.92
N HIS A 22 17.85 28.38 3.43
CA HIS A 22 17.48 28.98 2.16
C HIS A 22 17.26 30.46 2.38
N GLU A 23 17.99 31.28 1.64
CA GLU A 23 17.98 32.71 1.86
C GLU A 23 16.66 33.41 1.56
N GLN A 24 15.84 32.79 0.71
CA GLN A 24 14.52 33.33 0.42
C GLN A 24 13.51 32.87 1.45
N THR A 25 13.34 31.55 1.57
CA THR A 25 12.23 30.96 2.33
C THR A 25 12.47 30.89 3.84
N GLY A 26 13.68 30.53 4.25
CA GLY A 26 13.94 30.30 5.65
C GLY A 26 13.71 28.84 5.96
N GLU A 27 13.39 28.07 4.93
CA GLU A 27 13.34 26.63 5.06
C GLU A 27 14.73 26.15 5.45
N VAL A 28 14.77 25.15 6.32
CA VAL A 28 16.05 24.63 6.78
C VAL A 28 16.23 23.21 6.30
N TYR A 29 17.28 22.99 5.52
CA TYR A 29 17.61 21.66 5.02
C TYR A 29 18.69 21.04 5.90
N VAL A 30 18.55 19.75 6.17
CA VAL A 30 19.39 19.09 7.16
C VAL A 30 19.94 17.77 6.65
N GLY A 31 21.25 17.74 6.40
CA GLY A 31 21.90 16.50 5.98
C GLY A 31 22.13 15.58 7.16
N ALA A 32 21.84 14.29 6.97
CA ALA A 32 22.11 13.30 8.00
C ALA A 32 22.56 11.98 7.38
N VAL A 33 22.97 11.04 8.25
CA VAL A 33 23.24 9.68 7.83
C VAL A 33 21.91 9.06 7.43
N ASN A 34 21.84 8.59 6.18
CA ASN A 34 20.65 7.92 5.64
C ASN A 34 19.42 8.80 5.43
N ARG A 35 19.50 10.07 5.79
CA ARG A 35 18.35 10.98 5.69
C ARG A 35 18.77 12.39 5.29
N ILE A 36 17.87 13.08 4.59
CA ILE A 36 18.03 14.50 4.29
C ILE A 36 16.67 15.16 4.50
N TYR A 37 16.57 16.08 5.46
CA TYR A 37 15.28 16.67 5.82
C TYR A 37 15.10 18.09 5.34
N LYS A 38 13.85 18.44 5.05
CA LYS A 38 13.43 19.82 4.87
C LYS A 38 12.58 20.24 6.07
N LEU A 39 12.90 21.38 6.67
CA LEU A 39 12.23 21.85 7.89
C LEU A 39 11.78 23.29 7.76
N SER A 40 10.71 23.64 8.49
CA SER A 40 10.22 25.01 8.49
C SER A 40 11.12 25.87 9.36
N GLY A 41 10.92 27.19 9.30
CA GLY A 41 11.70 28.14 10.09
C GLY A 41 11.67 27.89 11.60
N ASN A 42 10.59 27.29 12.07
CA ASN A 42 10.44 26.99 13.49
C ASN A 42 10.70 25.51 13.77
N LEU A 43 11.30 24.84 12.78
CA LEU A 43 11.83 23.48 12.90
C LEU A 43 10.79 22.35 12.97
N THR A 44 9.65 22.58 12.33
CA THR A 44 8.68 21.51 12.10
C THR A 44 9.18 20.72 10.90
N LEU A 45 9.00 19.40 10.92
CA LEU A 45 9.37 18.57 9.78
C LEU A 45 8.49 18.89 8.59
N LEU A 46 9.11 19.17 7.45
CA LEU A 46 8.35 19.42 6.24
C LEU A 46 8.43 18.27 5.25
N ARG A 47 9.62 17.70 5.04
CA ARG A 47 9.80 16.52 4.18
C ARG A 47 11.04 15.73 4.53
N ALA A 48 10.93 14.40 4.41
CA ALA A 48 12.01 13.50 4.78
C ALA A 48 12.36 12.57 3.62
N HIS A 49 13.62 12.63 3.21
CA HIS A 49 14.12 11.82 2.11
C HIS A 49 14.90 10.65 2.69
N VAL A 50 14.63 9.44 2.20
CA VAL A 50 15.51 8.32 2.51
C VAL A 50 16.63 8.27 1.49
N THR A 51 17.86 8.28 1.98
CA THR A 51 19.03 8.26 1.14
C THR A 51 19.82 7.02 1.50
N GLY A 52 19.32 6.32 2.51
CA GLY A 52 20.15 5.42 3.29
C GLY A 52 19.90 3.94 3.27
N PRO A 53 20.35 3.25 4.32
CA PRO A 53 21.07 1.97 4.31
C PRO A 53 21.15 1.33 2.93
N VAL A 54 22.34 1.33 2.34
CA VAL A 54 22.52 0.79 0.99
C VAL A 54 23.43 -0.44 1.01
N GLU A 55 23.08 -1.44 0.22
CA GLU A 55 23.88 -2.65 0.08
C GLU A 55 25.10 -2.27 -0.75
N ASP A 56 26.29 -2.38 -0.14
CA ASP A 56 27.53 -1.82 -0.71
C ASP A 56 28.80 -2.32 0.00
N ASN A 57 29.96 -1.90 -0.52
CA ASN A 57 31.27 -2.16 0.08
C ASN A 57 32.31 -1.12 -0.38
N GLU A 58 33.01 -0.54 0.58
CA GLU A 58 34.00 0.53 0.33
C GLU A 58 35.16 0.13 -0.59
N LYS A 59 35.55 -1.14 -0.52
CA LYS A 59 36.70 -1.65 -1.28
C LYS A 59 36.42 -1.72 -2.78
N CYS A 60 35.15 -1.81 -3.13
CA CYS A 60 34.70 -1.99 -4.51
C CYS A 60 34.86 -0.70 -5.34
N TYR A 61 35.56 -0.80 -6.48
CA TYR A 61 35.57 0.31 -7.45
C TYR A 61 34.72 -0.03 -8.68
N PRO A 62 34.35 1.00 -9.45
CA PRO A 62 32.94 1.34 -9.60
C PRO A 62 31.97 0.43 -8.83
N PRO A 63 31.11 1.04 -7.97
CA PRO A 63 30.21 0.34 -7.06
C PRO A 63 29.33 -0.68 -7.79
N PRO A 64 28.78 -1.66 -7.06
CA PRO A 64 28.10 -2.82 -7.65
C PRO A 64 27.14 -2.51 -8.80
N SER A 65 26.53 -1.32 -8.77
CA SER A 65 25.61 -0.89 -9.83
C SER A 65 26.21 -1.05 -11.24
N VAL A 66 27.44 -0.56 -11.43
CA VAL A 66 28.07 -0.59 -12.75
C VAL A 66 28.82 -1.90 -13.05
N GLN A 67 29.61 -2.41 -12.10
CA GLN A 67 30.37 -3.63 -12.32
C GLN A 67 30.20 -4.57 -11.15
N SER A 68 30.37 -5.85 -11.42
CA SER A 68 30.34 -6.84 -10.36
C SER A 68 31.63 -6.76 -9.55
N CYS A 69 31.49 -6.86 -8.23
CA CYS A 69 32.64 -6.89 -7.33
C CYS A 69 32.69 -8.22 -6.58
N PRO A 70 33.90 -8.80 -6.45
CA PRO A 70 34.09 -10.07 -5.74
C PRO A 70 34.03 -9.91 -4.22
N HIS A 71 34.19 -8.68 -3.74
CA HIS A 71 34.11 -8.38 -2.31
C HIS A 71 32.66 -8.50 -1.82
N GLY A 72 32.49 -9.08 -0.63
CA GLY A 72 31.17 -9.28 -0.03
C GLY A 72 30.46 -7.99 0.35
N LEU A 73 29.19 -7.90 0.00
CA LEU A 73 28.39 -6.70 0.24
C LEU A 73 27.57 -6.83 1.53
N GLY A 74 27.30 -5.69 2.16
CA GLY A 74 26.45 -5.64 3.36
C GLY A 74 25.71 -4.32 3.45
N SER A 75 24.56 -4.33 4.12
CA SER A 75 23.76 -3.12 4.31
C SER A 75 24.53 -2.13 5.17
N THR A 76 24.98 -1.05 4.53
CA THR A 76 25.78 -0.03 5.20
C THR A 76 25.09 1.32 5.18
N ASP A 77 25.54 2.22 6.04
CA ASP A 77 24.94 3.55 6.18
C ASP A 77 25.57 4.52 5.17
N ASN A 78 24.72 5.37 4.60
CA ASN A 78 25.15 6.40 3.66
C ASN A 78 25.20 7.75 4.35
N VAL A 79 26.41 8.22 4.61
CA VAL A 79 26.62 9.48 5.33
C VAL A 79 26.58 10.66 4.37
N ASN A 80 25.74 11.64 4.69
CA ASN A 80 25.79 12.89 3.97
C ASN A 80 27.12 13.60 4.24
N LYS A 81 27.95 13.66 3.22
CA LYS A 81 29.29 14.25 3.32
C LYS A 81 29.23 15.75 3.14
N LEU A 82 28.27 16.21 2.34
CA LEU A 82 28.21 17.58 1.86
C LEU A 82 26.77 17.97 1.58
N LEU A 83 26.50 19.28 1.60
CA LEU A 83 25.19 19.79 1.27
C LEU A 83 25.35 21.20 0.75
N LEU A 84 24.76 21.49 -0.41
CA LEU A 84 24.94 22.79 -1.07
C LEU A 84 23.70 23.31 -1.79
N LEU A 85 23.26 24.51 -1.42
CA LEU A 85 22.08 25.09 -2.04
C LEU A 85 22.37 25.69 -3.41
N ASP A 86 21.78 25.09 -4.45
CA ASP A 86 21.81 25.65 -5.80
C ASP A 86 20.49 26.38 -6.08
N TYR A 87 20.45 27.66 -5.72
CA TYR A 87 19.24 28.47 -5.89
C TYR A 87 18.90 28.64 -7.36
N ALA A 88 19.94 28.79 -8.18
CA ALA A 88 19.82 29.04 -9.61
C ALA A 88 19.01 27.96 -10.33
N ALA A 89 19.27 26.71 -10.00
CA ALA A 89 18.57 25.58 -10.61
C ALA A 89 17.52 24.95 -9.70
N ASN A 90 17.06 25.73 -8.71
CA ASN A 90 15.95 25.35 -7.82
C ASN A 90 16.10 23.93 -7.26
N ARG A 91 17.17 23.72 -6.50
CA ARG A 91 17.52 22.37 -6.05
C ARG A 91 18.54 22.37 -4.90
N LEU A 92 19.01 21.17 -4.58
CA LEU A 92 19.92 20.94 -3.48
C LEU A 92 20.91 19.85 -3.88
N LEU A 93 22.20 20.18 -3.88
CA LEU A 93 23.23 19.16 -4.10
C LEU A 93 23.51 18.45 -2.79
N ALA A 94 23.23 17.17 -2.74
CA ALA A 94 23.23 16.47 -1.46
C ALA A 94 24.20 15.30 -1.47
N CYS A 95 25.49 15.63 -1.43
CA CYS A 95 26.52 14.65 -1.73
C CYS A 95 26.80 13.63 -0.63
N GLY A 96 26.62 12.37 -0.98
CA GLY A 96 26.78 11.30 -0.01
C GLY A 96 28.12 10.61 -0.12
N SER A 97 28.16 9.43 0.46
CA SER A 97 29.31 8.55 0.42
C SER A 97 28.83 7.16 -0.03
N ALA A 98 29.48 6.12 0.50
CA ALA A 98 29.05 4.71 0.39
C ALA A 98 28.59 4.22 -0.99
N SER A 99 29.03 4.90 -2.04
CA SER A 99 28.87 4.45 -3.42
C SER A 99 30.04 4.97 -4.21
N GLN A 100 31.21 4.95 -3.58
CA GLN A 100 32.39 5.68 -4.05
C GLN A 100 32.08 7.17 -4.13
N GLY A 101 31.10 7.60 -3.33
CA GLY A 101 30.82 9.01 -3.10
C GLY A 101 29.94 9.67 -4.14
N ILE A 102 28.90 8.97 -4.58
CA ILE A 102 28.00 9.52 -5.62
C ILE A 102 27.11 10.63 -5.10
N CYS A 103 26.86 11.61 -5.96
CA CYS A 103 26.19 12.81 -5.53
C CYS A 103 24.70 12.79 -5.90
N GLN A 104 23.88 13.42 -5.06
CA GLN A 104 22.44 13.44 -5.26
C GLN A 104 21.96 14.85 -5.56
N PHE A 105 20.89 14.96 -6.35
CA PHE A 105 20.20 16.24 -6.59
C PHE A 105 18.76 16.17 -6.12
N LEU A 106 18.41 16.94 -5.09
CA LEU A 106 17.06 16.92 -4.61
C LEU A 106 16.40 18.25 -4.93
N ARG A 107 15.15 18.19 -5.38
CA ARG A 107 14.44 19.40 -5.76
C ARG A 107 14.16 20.23 -4.53
N LEU A 108 14.24 21.54 -4.70
CA LEU A 108 14.24 22.46 -3.59
C LEU A 108 13.02 22.40 -2.67
N ASP A 109 11.82 22.39 -3.24
CA ASP A 109 10.60 22.55 -2.45
C ASP A 109 9.89 21.27 -2.02
N ASP A 110 10.36 20.12 -2.50
CA ASP A 110 9.72 18.85 -2.17
C ASP A 110 10.68 17.67 -2.01
N LEU A 111 11.97 17.93 -2.26
CA LEU A 111 13.05 16.92 -2.20
C LEU A 111 12.93 15.81 -3.24
N PHE A 112 12.32 16.13 -4.37
CA PHE A 112 12.18 15.18 -5.46
C PHE A 112 13.52 14.95 -6.13
N LYS A 113 13.97 13.69 -6.15
CA LYS A 113 15.25 13.33 -6.77
C LYS A 113 15.18 13.67 -8.23
N LEU A 114 15.89 14.73 -8.59
CA LEU A 114 15.96 15.15 -9.97
C LEU A 114 16.99 14.30 -10.69
N GLY A 115 18.11 14.01 -10.02
CA GLY A 115 19.19 13.20 -10.61
C GLY A 115 20.21 12.68 -9.61
N GLU A 116 20.91 11.62 -10.00
CA GLU A 116 21.94 11.01 -9.15
C GLU A 116 22.99 10.29 -10.00
N PRO A 117 23.84 11.05 -10.72
CA PRO A 117 24.78 10.45 -11.69
C PRO A 117 25.85 9.57 -11.06
N HIS A 118 26.06 8.40 -11.67
CA HIS A 118 26.90 7.35 -11.11
C HIS A 118 27.43 6.32 -12.12
N HIS A 119 27.34 6.65 -13.41
CA HIS A 119 27.90 5.78 -14.45
C HIS A 119 29.40 6.00 -14.63
N ARG A 120 29.79 7.25 -14.88
CA ARG A 120 31.18 7.60 -15.14
C ARG A 120 32.03 7.72 -13.87
N LYS A 121 33.34 7.86 -14.05
CA LYS A 121 34.31 7.86 -12.94
C LYS A 121 34.32 9.17 -12.18
N GLU A 122 33.93 10.25 -12.84
CA GLU A 122 33.82 11.57 -12.25
C GLU A 122 32.62 11.67 -11.33
N HIS A 123 31.57 10.91 -11.65
CA HIS A 123 30.38 10.85 -10.79
C HIS A 123 30.68 10.22 -9.43
N TYR A 124 31.87 9.64 -9.29
CA TYR A 124 32.36 9.12 -8.02
C TYR A 124 33.25 10.17 -7.36
N LEU A 125 33.02 10.48 -6.10
CA LEU A 125 33.78 11.55 -5.45
C LEU A 125 34.90 11.12 -4.50
N SER A 126 34.61 10.19 -3.60
CA SER A 126 35.61 9.55 -2.72
C SER A 126 35.00 8.38 -1.94
N SER A 127 35.81 7.38 -1.62
CA SER A 127 35.35 6.25 -0.81
C SER A 127 35.06 6.68 0.62
N VAL A 128 35.73 7.76 1.04
CA VAL A 128 35.73 8.24 2.42
C VAL A 128 34.35 8.29 3.04
N ARG A 129 34.19 7.63 4.19
CA ARG A 129 32.91 7.53 4.86
C ARG A 129 32.74 8.53 6.02
N GLU A 130 33.69 9.46 6.15
CA GLU A 130 33.70 10.41 7.26
C GLU A 130 32.89 11.66 6.94
N ALA A 131 32.07 12.11 7.89
CA ALA A 131 31.24 13.30 7.69
C ALA A 131 32.05 14.57 7.91
N GLY A 132 31.80 15.58 7.08
CA GLY A 132 32.38 16.90 7.26
C GLY A 132 33.85 17.09 6.91
N SER A 133 34.54 16.00 6.57
CA SER A 133 35.90 16.08 6.07
C SER A 133 35.92 16.64 4.65
N MET A 134 34.73 16.90 4.12
CA MET A 134 34.55 17.47 2.79
C MET A 134 33.90 18.86 2.89
N ALA A 135 34.17 19.69 1.90
CA ALA A 135 33.54 21.00 1.77
C ALA A 135 33.61 21.49 0.34
N GLY A 136 33.13 22.71 0.09
CA GLY A 136 33.18 23.31 -1.24
C GLY A 136 32.18 24.43 -1.41
N VAL A 137 32.16 25.02 -2.61
CA VAL A 137 31.27 26.14 -2.93
C VAL A 137 30.61 25.97 -4.30
N LEU A 138 29.37 26.44 -4.42
CA LEU A 138 28.72 26.53 -5.73
C LEU A 138 28.77 27.94 -6.28
N ILE A 139 29.24 28.05 -7.52
CA ILE A 139 29.36 29.34 -8.21
C ILE A 139 28.73 29.27 -9.59
N ALA A 140 28.00 30.31 -9.96
CA ALA A 140 27.21 30.26 -11.19
C ALA A 140 27.31 31.52 -12.04
N GLY A 141 27.04 31.34 -13.34
CA GLY A 141 26.83 32.43 -14.30
C GLY A 141 25.45 32.27 -14.93
N PRO A 142 25.03 33.23 -15.78
CA PRO A 142 23.68 33.16 -16.35
C PRO A 142 23.55 32.08 -17.44
N PRO A 143 22.31 31.56 -17.67
CA PRO A 143 22.13 30.46 -18.62
C PRO A 143 22.49 30.84 -20.07
N GLY A 144 23.33 30.03 -20.70
CA GLY A 144 23.87 30.33 -22.03
C GLY A 144 25.34 30.71 -21.97
N GLN A 145 25.70 31.45 -20.92
CA GLN A 145 27.10 31.84 -20.65
C GLN A 145 27.88 30.66 -20.06
N GLY A 146 29.09 30.94 -19.54
CA GLY A 146 29.88 29.94 -18.82
C GLY A 146 29.10 29.43 -17.62
N GLN A 147 28.72 28.15 -17.68
CA GLN A 147 27.74 27.57 -16.75
C GLN A 147 28.22 27.38 -15.30
N ALA A 148 27.30 26.88 -14.46
CA ALA A 148 27.56 26.66 -13.04
C ALA A 148 28.68 25.67 -12.81
N LYS A 149 29.54 25.98 -11.84
CA LYS A 149 30.68 25.15 -11.49
C LYS A 149 30.65 24.80 -10.01
N LEU A 150 31.22 23.65 -9.67
CA LEU A 150 31.40 23.27 -8.28
C LEU A 150 32.87 23.06 -7.97
N PHE A 151 33.37 23.79 -6.98
CA PHE A 151 34.71 23.56 -6.43
C PHE A 151 34.58 22.74 -5.17
N VAL A 152 35.26 21.60 -5.12
CA VAL A 152 35.05 20.67 -4.04
C VAL A 152 36.30 19.91 -3.63
N GLY A 153 36.63 20.02 -2.36
CA GLY A 153 37.70 19.24 -1.76
C GLY A 153 37.15 18.07 -0.99
N THR A 154 37.90 16.96 -1.02
CA THR A 154 37.58 15.79 -0.21
C THR A 154 38.86 15.02 0.11
N PRO A 155 38.84 14.25 1.20
CA PRO A 155 39.85 13.24 1.48
C PRO A 155 39.81 12.08 0.47
N ILE A 156 40.85 11.26 0.50
CA ILE A 156 41.07 10.27 -0.54
C ILE A 156 41.32 8.86 0.00
N ASP A 157 41.84 8.75 1.22
CA ASP A 157 42.00 7.44 1.87
C ASP A 157 43.10 6.60 1.20
N GLY A 158 43.90 7.25 0.36
CA GLY A 158 44.99 6.59 -0.36
C GLY A 158 44.64 6.14 -1.77
N LYS A 159 43.40 6.42 -2.18
CA LYS A 159 42.91 6.06 -3.52
C LYS A 159 43.32 7.14 -4.52
N SER A 160 44.61 7.44 -4.56
CA SER A 160 45.18 8.56 -5.32
C SER A 160 44.75 8.64 -6.78
N GLU A 161 44.66 7.48 -7.42
CA GLU A 161 44.42 7.41 -8.86
C GLU A 161 42.93 7.39 -9.21
N TYR A 162 42.09 7.07 -8.23
CA TYR A 162 40.65 7.11 -8.44
C TYR A 162 40.09 8.53 -8.35
N PHE A 163 40.43 9.25 -7.27
CA PHE A 163 39.82 10.55 -7.01
C PHE A 163 40.84 11.68 -6.85
N PRO A 164 40.46 12.89 -7.30
CA PRO A 164 41.20 14.08 -6.93
C PRO A 164 40.72 14.69 -5.62
N THR A 165 41.66 15.18 -4.80
CA THR A 165 41.35 15.83 -3.52
C THR A 165 40.64 17.15 -3.73
N LEU A 166 41.19 17.98 -4.62
CA LEU A 166 40.56 19.21 -5.01
C LEU A 166 40.27 19.17 -6.51
N SER A 167 39.12 19.72 -6.90
CA SER A 167 38.66 19.64 -8.29
C SER A 167 37.80 20.83 -8.67
N SER A 168 37.74 21.13 -9.96
CA SER A 168 36.81 22.12 -10.49
C SER A 168 35.90 21.40 -11.47
N ARG A 169 34.62 21.31 -11.11
CA ARG A 169 33.69 20.44 -11.84
C ARG A 169 32.48 21.17 -12.40
N ARG A 170 31.87 20.55 -13.41
CA ARG A 170 30.80 21.18 -14.17
C ARG A 170 29.44 20.79 -13.61
N LEU A 171 28.55 21.77 -13.59
CA LEU A 171 27.17 21.56 -13.17
C LEU A 171 26.19 21.89 -14.29
N MET A 172 25.75 20.85 -15.00
CA MET A 172 24.81 21.01 -16.10
C MET A 172 23.40 21.25 -15.57
N ALA A 173 22.53 21.84 -16.39
CA ALA A 173 21.16 22.17 -15.99
C ALA A 173 20.27 20.92 -15.89
N ASN A 174 20.51 19.94 -16.75
CA ASN A 174 19.84 18.65 -16.65
C ASN A 174 20.51 17.71 -15.66
N GLU A 175 19.76 17.31 -14.64
CA GLU A 175 20.28 16.40 -13.63
C GLU A 175 20.47 15.00 -14.22
N GLU A 176 19.75 14.71 -15.31
CA GLU A 176 19.86 13.40 -15.97
C GLU A 176 21.03 13.37 -16.93
N ASP A 177 21.44 14.57 -17.38
CA ASP A 177 22.60 14.78 -18.26
C ASP A 177 23.83 14.06 -17.71
N ALA A 178 24.51 13.31 -18.57
CA ALA A 178 25.67 12.54 -18.15
C ALA A 178 26.92 13.40 -17.86
N ASP A 179 26.93 14.64 -18.32
CA ASP A 179 28.12 15.49 -18.21
C ASP A 179 28.45 15.94 -16.79
N MET A 180 27.53 15.72 -15.84
CA MET A 180 27.68 16.18 -14.45
C MET A 180 29.00 15.80 -13.79
N PHE A 181 29.47 16.70 -12.91
CA PHE A 181 30.70 16.53 -12.13
C PHE A 181 31.93 16.21 -12.99
N GLY A 182 31.85 16.59 -14.26
CA GLY A 182 32.98 16.50 -15.17
C GLY A 182 33.82 17.74 -14.98
N PHE A 183 35.12 17.61 -15.20
CA PHE A 183 36.04 18.71 -14.94
C PHE A 183 35.90 19.85 -15.94
N VAL A 184 36.11 21.08 -15.46
CA VAL A 184 35.85 22.29 -16.23
C VAL A 184 36.65 22.32 -17.53
N TYR A 185 37.94 21.98 -17.44
CA TYR A 185 38.78 21.79 -18.62
C TYR A 185 39.67 20.57 -18.44
N GLN A 186 39.45 19.53 -19.23
CA GLN A 186 40.28 18.34 -19.20
C GLN A 186 41.20 18.24 -20.42
N ASP A 187 42.46 17.94 -20.14
CA ASP A 187 43.48 17.76 -21.17
C ASP A 187 44.28 16.51 -20.79
N GLU A 188 45.05 15.99 -21.74
CA GLU A 188 45.92 14.84 -21.47
C GLU A 188 47.16 15.27 -20.68
N PHE A 189 47.41 16.58 -20.65
CA PHE A 189 48.52 17.16 -19.88
C PHE A 189 48.07 17.75 -18.55
N VAL A 190 47.09 18.64 -18.59
CA VAL A 190 46.59 19.30 -17.37
C VAL A 190 45.07 19.39 -17.32
N SER A 191 44.49 18.89 -16.22
CA SER A 191 43.04 18.97 -15.99
C SER A 191 42.72 19.88 -14.79
N SER A 192 41.54 20.49 -14.80
CA SER A 192 41.11 21.35 -13.69
C SER A 192 40.83 20.52 -12.43
N GLN A 193 41.88 19.84 -11.97
CA GLN A 193 41.84 19.03 -10.76
C GLN A 193 43.25 18.94 -10.19
N LEU A 194 43.36 18.47 -8.95
CA LEU A 194 44.64 18.31 -8.28
C LEU A 194 44.67 16.95 -7.57
N LYS A 195 45.52 16.05 -8.06
CA LYS A 195 45.58 14.68 -7.54
C LYS A 195 46.69 14.51 -6.49
N ILE A 196 46.60 13.45 -5.70
CA ILE A 196 47.68 13.07 -4.78
C ILE A 196 48.70 12.23 -5.57
N PRO A 197 49.99 12.64 -5.56
CA PRO A 197 51.04 11.86 -6.22
C PRO A 197 51.31 10.52 -5.52
N SER A 198 51.47 9.46 -6.32
CA SER A 198 51.69 8.10 -5.80
C SER A 198 52.97 7.98 -4.97
N ASP A 199 54.01 8.68 -5.40
CA ASP A 199 55.31 8.69 -4.74
C ASP A 199 55.22 9.22 -3.30
N THR A 200 54.34 10.18 -3.08
CA THR A 200 54.14 10.78 -1.76
C THR A 200 53.33 9.90 -0.82
N LEU A 201 52.57 8.97 -1.39
CA LEU A 201 51.82 7.99 -0.58
C LEU A 201 52.67 6.78 -0.23
N SER A 202 53.61 6.44 -1.11
CA SER A 202 54.58 5.38 -0.83
C SER A 202 55.52 5.79 0.31
N LYS A 203 55.95 7.06 0.29
CA LYS A 203 56.85 7.60 1.30
C LYS A 203 56.12 7.78 2.64
N PHE A 204 55.06 8.59 2.65
CA PHE A 204 54.21 8.74 3.82
C PHE A 204 52.91 7.98 3.61
N PRO A 205 52.75 6.84 4.30
CA PRO A 205 51.72 5.82 4.06
C PRO A 205 50.28 6.35 3.88
N ALA A 206 49.76 7.06 4.88
CA ALA A 206 48.35 7.46 4.88
C ALA A 206 48.11 8.98 4.96
N PHE A 207 48.95 9.73 4.26
CA PHE A 207 48.71 11.17 4.06
C PHE A 207 47.37 11.40 3.37
N ASP A 208 46.66 12.44 3.80
CA ASP A 208 45.32 12.74 3.31
C ASP A 208 44.94 14.18 3.64
N ILE A 209 44.15 14.80 2.78
CA ILE A 209 43.72 16.18 3.02
C ILE A 209 42.26 16.23 3.44
N TYR A 210 42.01 16.73 4.64
CA TYR A 210 40.66 16.85 5.17
C TYR A 210 40.23 18.29 5.08
N TYR A 211 39.12 18.53 4.39
CA TYR A 211 38.63 19.88 4.12
C TYR A 211 37.53 20.24 5.10
N VAL A 212 37.76 21.30 5.86
CA VAL A 212 36.88 21.65 6.97
C VAL A 212 35.84 22.71 6.59
N TYR A 213 36.30 23.86 6.14
CA TYR A 213 35.40 24.93 5.77
C TYR A 213 35.82 25.40 4.39
N SER A 214 34.94 26.15 3.74
CA SER A 214 35.20 26.66 2.39
C SER A 214 34.30 27.85 2.07
N PHE A 215 34.81 28.82 1.33
CA PHE A 215 34.00 29.97 0.99
C PHE A 215 34.46 30.70 -0.26
N ARG A 216 33.52 31.31 -0.95
CA ARG A 216 33.82 32.19 -2.07
C ARG A 216 34.00 33.62 -1.55
N SER A 217 35.05 34.28 -2.03
CA SER A 217 35.35 35.67 -1.65
C SER A 217 35.78 36.46 -2.88
N GLU A 218 35.10 37.58 -3.14
CA GLU A 218 35.35 38.45 -4.31
C GLU A 218 35.33 37.72 -5.66
N GLN A 219 36.42 37.00 -5.95
CA GLN A 219 36.64 36.32 -7.23
C GLN A 219 37.42 35.01 -7.04
N PHE A 220 37.61 34.59 -5.79
CA PHE A 220 38.42 33.42 -5.48
C PHE A 220 37.61 32.34 -4.78
N VAL A 221 38.29 31.32 -4.27
CA VAL A 221 37.68 30.24 -3.50
C VAL A 221 38.70 29.71 -2.48
N TYR A 222 38.40 29.89 -1.19
CA TYR A 222 39.32 29.46 -0.12
C TYR A 222 38.84 28.20 0.57
N TYR A 223 39.78 27.49 1.17
CA TYR A 223 39.53 26.26 1.89
C TYR A 223 40.44 26.20 3.13
N LEU A 224 39.90 25.85 4.28
CA LEU A 224 40.78 25.61 5.42
C LEU A 224 40.98 24.11 5.58
N THR A 225 42.23 23.68 5.56
CA THR A 225 42.54 22.26 5.42
C THR A 225 43.41 21.70 6.54
N LEU A 226 43.39 20.37 6.68
CA LEU A 226 44.29 19.65 7.57
C LEU A 226 45.05 18.60 6.75
N GLN A 227 46.37 18.54 6.94
CA GLN A 227 47.25 17.62 6.20
C GLN A 227 48.13 16.81 7.16
N LEU A 228 49.12 16.09 6.65
CA LEU A 228 49.94 15.23 7.52
C LEU A 228 51.39 15.73 7.76
N ASP A 229 52.19 14.90 8.45
CA ASP A 229 53.63 15.12 8.64
C ASP A 229 54.37 14.96 7.30
N THR A 230 54.81 16.08 6.75
CA THR A 230 55.70 16.12 5.58
C THR A 230 56.70 17.22 5.88
N GLN A 231 57.80 16.84 6.51
CA GLN A 231 58.67 17.77 7.23
C GLN A 231 57.87 18.34 8.42
N LEU A 232 57.06 17.46 9.01
CA LEU A 232 56.11 17.74 10.11
C LEU A 232 55.00 18.74 9.77
N ALA A 238 56.78 5.76 8.53
CA ALA A 238 57.99 6.54 8.74
C ALA A 238 58.15 6.99 10.20
N GLY A 239 57.02 7.33 10.84
CA GLY A 239 57.01 7.78 12.25
C GLY A 239 55.64 7.73 12.88
N GLU A 240 55.13 8.90 13.27
CA GLU A 240 53.73 9.03 13.71
C GLU A 240 53.06 10.24 13.01
N HIS A 241 51.73 10.34 13.13
CA HIS A 241 50.95 11.36 12.42
C HIS A 241 50.69 12.65 13.18
N PHE A 242 51.18 13.76 12.61
CA PHE A 242 51.02 15.11 13.16
C PHE A 242 50.57 16.06 12.04
N PHE A 243 49.56 16.87 12.33
CA PHE A 243 48.82 17.61 11.31
C PHE A 243 49.17 19.09 11.26
N THR A 244 49.04 19.68 10.07
CA THR A 244 49.32 21.11 9.87
C THR A 244 48.16 21.78 9.17
N SER A 245 47.54 22.75 9.86
CA SER A 245 46.35 23.43 9.36
C SER A 245 46.71 24.59 8.46
N LYS A 246 46.16 24.56 7.25
CA LYS A 246 46.56 25.50 6.20
C LYS A 246 45.38 26.14 5.47
N ILE A 247 45.64 27.30 4.87
CA ILE A 247 44.72 27.92 3.94
C ILE A 247 45.07 27.61 2.49
N VAL A 248 44.04 27.38 1.68
CA VAL A 248 44.17 27.16 0.26
C VAL A 248 43.36 28.23 -0.46
N ARG A 249 43.75 28.57 -1.69
CA ARG A 249 42.98 29.51 -2.53
C ARG A 249 43.10 29.15 -4.01
N LEU A 250 42.10 29.55 -4.79
CA LEU A 250 42.12 29.46 -6.26
C LEU A 250 41.43 30.66 -6.87
N CYS A 251 41.82 31.04 -8.08
CA CYS A 251 41.00 31.94 -8.89
C CYS A 251 39.82 31.14 -9.38
N VAL A 252 38.66 31.78 -9.42
CA VAL A 252 37.46 31.13 -9.94
C VAL A 252 37.62 30.89 -11.44
N ASN A 253 38.25 31.85 -12.14
CA ASN A 253 38.49 31.76 -13.57
C ASN A 253 39.91 31.27 -13.88
N ASP A 254 40.24 30.07 -13.40
CA ASP A 254 41.53 29.44 -13.68
C ASP A 254 41.33 27.95 -13.96
N PRO A 255 40.94 27.62 -15.20
CA PRO A 255 40.70 26.22 -15.57
C PRO A 255 41.96 25.37 -15.46
N LYS A 256 43.12 26.01 -15.60
CA LYS A 256 44.40 25.30 -15.59
C LYS A 256 44.84 24.86 -14.18
N PHE A 257 44.30 25.52 -13.16
CA PHE A 257 44.64 25.25 -11.74
C PHE A 257 46.02 25.76 -11.33
N TYR A 258 46.49 26.82 -11.97
CA TYR A 258 47.81 27.38 -11.69
C TYR A 258 47.85 28.33 -10.49
N SER A 259 46.68 28.75 -10.02
CA SER A 259 46.59 29.77 -8.98
C SER A 259 46.73 29.21 -7.57
N TYR A 260 46.78 27.88 -7.46
CA TYR A 260 46.82 27.21 -6.17
C TYR A 260 47.91 27.78 -5.26
N VAL A 261 47.49 28.14 -4.06
CA VAL A 261 48.36 28.64 -2.99
C VAL A 261 48.06 27.87 -1.69
N GLU A 262 49.05 27.76 -0.80
CA GLU A 262 48.86 27.00 0.44
C GLU A 262 49.76 27.40 1.62
N PHE A 263 49.22 28.22 2.52
CA PHE A 263 49.95 28.76 3.67
C PHE A 263 49.51 28.07 4.94
N PRO A 264 50.45 27.69 5.80
CA PRO A 264 50.08 27.20 7.13
C PRO A 264 49.45 28.31 7.97
N ILE A 265 48.49 27.94 8.81
CA ILE A 265 47.73 28.90 9.60
C ILE A 265 47.48 28.43 11.02
N GLY A 266 47.58 29.38 11.95
CA GLY A 266 47.37 29.16 13.37
C GLY A 266 47.56 30.45 14.15
N CYS A 267 47.66 30.32 15.47
CA CYS A 267 47.81 31.46 16.38
C CYS A 267 48.29 31.00 17.76
N GLU A 268 48.90 31.92 18.49
CA GLU A 268 49.53 31.59 19.78
C GLU A 268 49.04 32.49 20.92
N GLN A 269 48.86 31.88 22.08
CA GLN A 269 48.36 32.56 23.27
C GLN A 269 49.28 32.29 24.47
N ALA A 270 50.06 33.30 24.83
CA ALA A 270 51.01 33.22 25.95
C ALA A 270 51.89 31.96 25.89
N GLY A 271 52.47 31.71 24.72
CA GLY A 271 53.40 30.59 24.53
C GLY A 271 52.75 29.23 24.42
N VAL A 272 51.48 29.21 24.02
CA VAL A 272 50.73 27.98 23.79
C VAL A 272 50.26 27.93 22.33
N GLU A 273 50.60 26.84 21.63
CA GLU A 273 50.30 26.73 20.21
C GLU A 273 48.92 26.16 19.89
N TYR A 274 48.21 26.84 19.00
CA TYR A 274 46.91 26.41 18.48
C TYR A 274 46.98 26.30 16.95
N ARG A 275 47.03 25.07 16.46
CA ARG A 275 47.30 24.80 15.04
C ARG A 275 46.32 23.85 14.32
N LEU A 276 45.17 23.55 14.93
CA LEU A 276 44.18 22.64 14.32
C LEU A 276 42.81 23.28 14.14
N VAL A 277 42.43 23.57 12.89
CA VAL A 277 41.12 24.18 12.63
C VAL A 277 40.00 23.21 12.95
N GLN A 278 38.98 23.72 13.59
CA GLN A 278 37.78 22.95 13.88
C GLN A 278 36.59 23.51 13.09
N ASP A 279 36.59 24.82 12.87
CA ASP A 279 35.61 25.48 12.03
C ASP A 279 36.07 26.89 11.71
N ALA A 280 35.40 27.51 10.75
CA ALA A 280 35.57 28.90 10.42
C ALA A 280 34.26 29.47 9.90
N TYR A 281 34.25 30.78 9.65
CA TYR A 281 33.06 31.49 9.19
C TYR A 281 33.51 32.84 8.63
N LEU A 282 33.36 33.03 7.33
CA LEU A 282 33.61 34.33 6.71
C LEU A 282 32.47 35.28 7.05
N SER A 283 32.79 36.53 7.36
CA SER A 283 31.73 37.51 7.66
C SER A 283 32.09 38.96 7.34
N ARG A 284 31.18 39.85 7.70
CA ARG A 284 31.47 41.27 7.77
C ARG A 284 31.87 41.64 9.20
N PRO A 285 32.45 42.85 9.39
CA PRO A 285 32.68 43.35 10.74
C PRO A 285 31.71 44.46 11.18
N GLY A 286 31.07 45.13 10.22
CA GLY A 286 30.23 46.29 10.53
C GLY A 286 31.07 47.46 10.99
N GLN A 287 30.49 48.66 11.02
CA GLN A 287 31.22 49.90 11.34
C GLN A 287 32.21 49.82 12.50
N ALA A 288 31.82 49.09 13.56
CA ALA A 288 32.59 49.02 14.78
C ALA A 288 33.98 48.42 14.59
N LEU A 289 34.04 47.11 14.34
CA LEU A 289 35.30 46.40 14.25
C LEU A 289 36.09 46.83 13.02
N ALA A 290 35.38 47.13 11.94
CA ALA A 290 36.01 47.59 10.72
C ALA A 290 36.92 48.80 10.98
N LYS A 291 36.36 49.82 11.62
CA LYS A 291 37.08 51.08 11.77
C LYS A 291 38.42 50.88 12.44
N GLN A 292 38.42 50.32 13.65
CA GLN A 292 39.65 50.17 14.42
C GLN A 292 40.45 48.92 14.08
N LEU A 293 40.00 48.18 13.08
CA LEU A 293 40.82 47.16 12.47
C LEU A 293 41.35 47.65 11.12
N GLY A 294 40.86 48.83 10.73
CA GLY A 294 41.38 49.60 9.59
C GLY A 294 40.91 49.16 8.21
N LEU A 295 39.61 48.98 8.05
CA LEU A 295 39.04 48.34 6.86
C LEU A 295 38.00 49.19 6.13
N ALA A 296 37.79 48.87 4.85
CA ALA A 296 36.71 49.45 4.07
C ALA A 296 35.45 48.63 4.29
N GLU A 297 34.30 49.19 3.92
CA GLU A 297 33.01 48.58 4.19
C GLU A 297 32.99 47.12 3.77
N ASP A 298 33.19 46.89 2.48
CA ASP A 298 33.04 45.55 1.90
C ASP A 298 34.25 44.64 2.11
N GLU A 299 35.17 45.04 2.98
CA GLU A 299 36.31 44.17 3.28
C GLU A 299 35.88 43.07 4.23
N GLU A 300 36.35 41.86 3.94
CA GLU A 300 35.86 40.66 4.62
C GLU A 300 36.74 40.26 5.80
N VAL A 301 36.25 39.31 6.61
CA VAL A 301 36.94 38.86 7.83
C VAL A 301 36.69 37.37 8.08
N LEU A 302 37.65 36.68 8.68
CA LEU A 302 37.48 35.25 8.92
C LEU A 302 37.68 34.79 10.37
N PHE A 303 36.57 34.56 11.07
CA PHE A 303 36.58 33.97 12.41
C PHE A 303 36.85 32.48 12.31
N THR A 304 37.66 31.97 13.24
CA THR A 304 38.10 30.59 13.18
C THR A 304 38.16 29.97 14.56
N VAL A 305 38.30 28.66 14.63
CA VAL A 305 38.47 27.97 15.89
C VAL A 305 39.59 26.97 15.73
N PHE A 306 40.56 27.01 16.65
CA PHE A 306 41.70 26.08 16.67
C PHE A 306 41.87 25.37 18.00
N ALA A 307 42.32 24.11 17.94
CA ALA A 307 42.66 23.36 19.13
C ALA A 307 44.17 23.42 19.36
N GLN A 308 44.60 23.10 20.58
CA GLN A 308 46.01 23.19 20.96
C GLN A 308 46.88 22.09 20.35
N GLY A 309 48.05 22.49 19.84
CA GLY A 309 49.03 21.54 19.33
C GLY A 309 48.74 21.03 17.93
N GLN A 310 49.32 19.88 17.61
CA GLN A 310 49.23 19.30 16.28
C GLN A 310 48.99 17.81 16.42
N LYS A 311 48.23 17.45 17.45
CA LYS A 311 48.03 16.05 17.81
C LYS A 311 46.57 15.65 17.69
N ASN A 312 46.35 14.42 17.21
CA ASN A 312 45.02 13.76 17.18
C ASN A 312 43.90 14.54 16.50
N ARG A 313 43.92 14.59 15.17
CA ARG A 313 42.85 15.24 14.41
C ARG A 313 41.52 14.47 14.59
N VAL A 314 41.63 13.16 14.77
CA VAL A 314 40.47 12.28 15.01
C VAL A 314 39.75 12.63 16.31
N LYS A 315 40.52 12.85 17.38
CA LYS A 315 39.98 13.31 18.67
C LYS A 315 40.86 14.40 19.29
N PRO A 316 40.62 15.67 18.92
CA PRO A 316 41.43 16.81 19.34
C PRO A 316 41.36 17.12 20.85
N PRO A 317 42.19 18.08 21.32
CA PRO A 317 42.18 18.52 22.71
C PRO A 317 41.05 19.51 23.08
N LYS A 318 40.70 19.55 24.38
CA LYS A 318 39.74 20.50 24.94
C LYS A 318 40.21 21.94 24.69
N GLU A 319 41.46 22.20 25.02
CA GLU A 319 42.10 23.50 24.83
C GLU A 319 41.83 24.04 23.41
N SER A 320 41.08 25.13 23.31
CA SER A 320 40.67 25.69 22.01
C SER A 320 40.61 27.21 21.99
N ALA A 321 40.92 27.80 20.84
CA ALA A 321 41.05 29.24 20.71
C ALA A 321 40.36 29.81 19.48
N LEU A 322 39.58 30.86 19.69
CA LEU A 322 38.92 31.58 18.61
C LEU A 322 39.82 32.71 18.15
N CYS A 323 40.31 32.61 16.92
CA CYS A 323 41.21 33.60 16.33
C CYS A 323 40.53 34.44 15.25
N LEU A 324 41.31 35.29 14.60
CA LEU A 324 40.75 36.22 13.63
C LEU A 324 41.77 36.49 12.53
N PHE A 325 41.28 36.58 11.29
CA PHE A 325 42.10 36.95 10.16
C PHE A 325 41.31 37.96 9.35
N THR A 326 41.93 39.08 9.03
CA THR A 326 41.38 39.96 8.01
C THR A 326 41.86 39.48 6.65
N LEU A 327 40.93 39.40 5.69
CA LEU A 327 41.27 38.87 4.37
C LEU A 327 42.23 39.77 3.62
N ARG A 328 42.18 41.07 3.89
CA ARG A 328 43.18 41.98 3.34
C ARG A 328 44.57 41.55 3.79
N ALA A 329 44.69 41.08 5.03
CA ALA A 329 45.97 40.61 5.57
C ALA A 329 46.42 39.25 5.03
N ILE A 330 45.49 38.38 4.67
CA ILE A 330 45.85 37.12 4.05
C ILE A 330 46.14 37.38 2.58
N LYS A 331 45.39 38.30 1.97
CA LYS A 331 45.67 38.70 0.59
C LYS A 331 47.07 39.30 0.44
N GLU A 332 47.50 40.08 1.44
CA GLU A 332 48.84 40.66 1.44
C GLU A 332 49.94 39.62 1.64
N LYS A 333 49.70 38.64 2.51
CA LYS A 333 50.64 37.52 2.70
C LYS A 333 50.83 36.65 1.45
N ILE A 334 49.78 36.56 0.63
CA ILE A 334 49.83 35.80 -0.63
C ILE A 334 50.46 36.62 -1.74
N LYS A 335 50.06 37.89 -1.86
CA LYS A 335 50.70 38.80 -2.81
C LYS A 335 52.19 38.97 -2.49
N GLU A 336 52.51 39.13 -1.20
CA GLU A 336 53.88 39.25 -0.70
C GLU A 336 54.72 38.00 -1.01
N ARG A 337 54.09 36.83 -0.95
CA ARG A 337 54.76 35.56 -1.25
C ARG A 337 54.95 35.34 -2.75
N ILE A 338 54.05 35.86 -3.57
CA ILE A 338 54.17 35.70 -5.02
C ILE A 338 55.15 36.71 -5.63
N GLN A 339 55.05 37.97 -5.23
CA GLN A 339 56.03 38.98 -5.64
C GLN A 339 57.44 38.61 -5.14
N SER A 340 57.53 37.52 -4.37
CA SER A 340 58.78 37.01 -3.81
C SER A 340 59.35 35.87 -4.67
N CYS A 341 58.48 34.97 -5.11
CA CYS A 341 58.90 33.87 -5.99
C CYS A 341 59.19 34.38 -7.40
N TYR A 342 58.52 35.45 -7.80
CA TYR A 342 58.82 36.11 -9.06
C TYR A 342 60.04 37.05 -8.97
N ARG A 343 60.79 36.91 -7.87
CA ARG A 343 62.14 37.48 -7.73
C ARG A 343 63.18 36.36 -7.81
N GLY A 344 62.69 35.12 -7.96
CA GLY A 344 63.54 33.96 -8.16
C GLY A 344 64.08 33.35 -6.88
N GLU A 345 63.55 33.80 -5.75
CA GLU A 345 64.07 33.44 -4.43
C GLU A 345 63.59 32.07 -3.96
N GLY A 346 64.55 31.19 -3.65
CA GLY A 346 64.27 29.88 -3.05
C GLY A 346 63.51 28.90 -3.93
N LYS A 347 62.78 28.00 -3.27
CA LYS A 347 61.98 26.97 -3.95
C LYS A 347 60.48 27.24 -3.81
N LEU A 348 59.67 26.39 -4.44
CA LEU A 348 58.21 26.47 -4.33
C LEU A 348 57.73 25.98 -2.96
N SER A 349 58.40 24.95 -2.44
CA SER A 349 58.19 24.41 -1.09
C SER A 349 56.76 23.90 -0.84
N LEU A 350 56.42 22.80 -1.50
CA LEU A 350 55.13 22.17 -1.32
C LEU A 350 55.32 20.65 -1.30
N PRO A 351 55.61 20.10 -0.10
CA PRO A 351 56.10 18.74 0.10
C PRO A 351 55.25 17.63 -0.55
N TRP A 352 53.98 17.55 -0.16
CA TRP A 352 53.09 16.47 -0.60
C TRP A 352 52.84 16.45 -2.11
N LEU A 353 52.87 17.62 -2.74
CA LEU A 353 52.61 17.70 -4.18
C LEU A 353 53.88 17.41 -4.99
N LEU A 354 54.88 18.27 -4.87
CA LEU A 354 56.15 18.08 -5.58
C LEU A 354 57.22 17.57 -4.62
N ASN A 355 57.60 16.29 -4.80
CA ASN A 355 58.56 15.62 -3.94
C ASN A 355 59.98 16.15 -4.14
N LYS A 356 60.39 16.28 -5.41
CA LYS A 356 61.65 16.94 -5.75
C LYS A 356 61.41 18.43 -5.98
N GLU A 357 62.11 19.24 -5.18
CA GLU A 357 61.84 20.67 -5.10
C GLU A 357 62.33 21.46 -6.31
N LEU A 358 61.36 21.94 -7.09
CA LEU A 358 61.60 22.82 -8.23
C LEU A 358 61.81 24.25 -7.73
N GLY A 359 62.59 25.03 -8.48
CA GLY A 359 62.97 26.38 -8.05
C GLY A 359 62.13 27.51 -8.59
N CYS A 360 62.11 28.62 -7.84
CA CYS A 360 61.40 29.85 -8.21
C CYS A 360 62.05 30.52 -9.42
N ILE A 361 61.27 30.77 -10.45
CA ILE A 361 61.77 31.43 -11.66
C ILE A 361 61.52 32.94 -11.61
N ASN A 362 62.61 33.71 -11.69
CA ASN A 362 62.55 35.17 -11.73
C ASN A 362 61.90 35.66 -13.03
N SER A 363 61.16 36.76 -12.93
CA SER A 363 60.53 37.38 -14.08
C SER A 363 59.97 38.76 -13.74
N PRO A 364 60.03 39.70 -14.70
CA PRO A 364 59.41 41.02 -14.50
C PRO A 364 57.90 40.98 -14.73
N LEU A 365 57.14 41.23 -13.66
CA LEU A 365 55.68 41.29 -13.76
C LEU A 365 55.05 42.31 -12.81
N GLN A 366 53.87 42.77 -13.18
CA GLN A 366 53.01 43.56 -12.31
C GLN A 366 52.23 42.61 -11.41
N ILE A 367 52.79 42.31 -10.23
CA ILE A 367 52.16 41.41 -9.26
C ILE A 367 50.99 42.12 -8.57
N ASP A 368 49.77 41.67 -8.88
CA ASP A 368 48.56 42.24 -8.31
C ASP A 368 47.79 41.22 -7.48
N ASP A 369 46.72 41.69 -6.84
CA ASP A 369 45.77 40.80 -6.18
C ASP A 369 44.92 40.09 -7.24
N ASP A 370 44.99 40.58 -8.48
CA ASP A 370 44.25 40.01 -9.61
C ASP A 370 44.99 38.88 -10.31
N PHE A 371 46.23 38.64 -9.88
CA PHE A 371 47.09 37.60 -10.46
C PHE A 371 46.49 36.20 -10.28
N CYS A 372 46.32 35.49 -11.40
CA CYS A 372 45.68 34.17 -11.40
C CYS A 372 46.61 33.00 -11.76
N GLY A 373 47.91 33.16 -11.50
CA GLY A 373 48.90 32.10 -11.74
C GLY A 373 49.39 31.98 -13.17
N GLN A 374 50.62 31.48 -13.33
CA GLN A 374 51.22 31.25 -14.65
C GLN A 374 51.94 29.90 -14.77
N ASP A 375 52.33 29.57 -16.00
CA ASP A 375 52.86 28.25 -16.38
C ASP A 375 54.04 27.77 -15.55
N PHE A 376 55.04 28.64 -15.37
CA PHE A 376 56.22 28.30 -14.57
C PHE A 376 56.18 28.98 -13.20
N ASN A 377 56.91 28.39 -12.26
CA ASN A 377 56.68 28.51 -10.80
C ASN A 377 55.23 28.28 -10.34
N GLN A 378 54.45 27.69 -11.24
CA GLN A 378 53.42 26.68 -10.98
C GLN A 378 52.67 26.75 -9.63
N PRO A 379 51.95 25.66 -9.26
CA PRO A 379 51.51 25.41 -7.89
C PRO A 379 52.62 25.48 -6.85
N LEU A 380 52.44 26.37 -5.86
CA LEU A 380 53.48 26.69 -4.86
C LEU A 380 52.94 26.74 -3.43
N GLY A 381 53.84 26.53 -2.47
CA GLY A 381 53.47 26.47 -1.06
C GLY A 381 53.64 27.77 -0.29
N GLY A 382 54.01 27.64 0.98
CA GLY A 382 54.21 28.78 1.88
C GLY A 382 55.18 28.46 3.00
N THR A 383 56.04 29.43 3.31
CA THR A 383 57.08 29.28 4.34
C THR A 383 56.69 29.92 5.67
N VAL A 384 56.34 31.21 5.62
CA VAL A 384 55.91 31.97 6.78
C VAL A 384 54.47 31.62 7.14
N THR A 385 54.30 30.89 8.24
CA THR A 385 52.97 30.50 8.74
C THR A 385 52.19 31.75 9.17
N ILE A 386 50.94 31.88 8.71
CA ILE A 386 50.15 33.09 8.98
C ILE A 386 49.48 33.07 10.36
N GLU A 387 49.86 34.05 11.18
CA GLU A 387 49.41 34.15 12.56
C GLU A 387 48.12 34.95 12.65
N GLY A 388 47.21 34.49 13.51
CA GLY A 388 45.93 35.15 13.72
C GLY A 388 45.79 35.86 15.05
N THR A 389 44.92 36.87 15.08
CA THR A 389 44.63 37.66 16.29
C THR A 389 43.66 36.89 17.20
N PRO A 390 44.13 36.47 18.41
CA PRO A 390 43.30 35.68 19.33
C PRO A 390 42.19 36.51 19.96
N LEU A 391 41.09 35.87 20.38
CA LEU A 391 39.96 36.61 20.92
C LEU A 391 39.45 36.08 22.24
N PHE A 392 39.25 34.77 22.31
CA PHE A 392 38.66 34.12 23.49
C PHE A 392 39.21 32.71 23.54
N VAL A 393 39.57 32.23 24.73
CA VAL A 393 40.15 30.90 24.85
C VAL A 393 39.44 30.08 25.92
N ASP A 394 38.89 28.94 25.51
CA ASP A 394 38.26 28.03 26.44
C ASP A 394 39.23 26.92 26.80
N LYS A 395 39.28 26.58 28.08
CA LYS A 395 40.27 25.63 28.57
C LYS A 395 39.62 24.39 29.17
N GLU A 396 38.38 24.52 29.63
CA GLU A 396 37.69 23.40 30.25
C GLU A 396 36.63 22.78 29.33
N ASP A 397 36.21 23.52 28.32
CA ASP A 397 35.17 23.06 27.40
C ASP A 397 35.43 23.52 25.97
N GLY A 398 35.88 22.58 25.14
CA GLY A 398 36.32 22.89 23.78
C GLY A 398 35.30 23.51 22.85
N LEU A 399 35.69 24.64 22.25
CA LEU A 399 34.92 25.25 21.16
C LEU A 399 34.83 24.25 20.00
N THR A 400 33.71 24.28 19.28
CA THR A 400 33.50 23.36 18.15
C THR A 400 33.12 24.08 16.86
N ALA A 401 32.42 25.20 16.99
CA ALA A 401 31.82 25.85 15.84
C ALA A 401 31.79 27.35 16.03
N VAL A 402 31.54 28.06 14.94
CA VAL A 402 31.49 29.51 15.01
C VAL A 402 30.61 30.11 13.91
N ALA A 403 30.00 31.24 14.23
CA ALA A 403 29.41 32.17 13.26
C ALA A 403 29.53 33.58 13.80
N ALA A 404 29.14 34.56 12.99
CA ALA A 404 29.21 35.95 13.41
C ALA A 404 28.26 36.78 12.58
N TYR A 405 27.97 37.98 13.04
CA TYR A 405 27.17 38.91 12.26
C TYR A 405 27.25 40.38 12.67
N ASP A 406 26.87 41.24 11.73
CA ASP A 406 26.79 42.66 11.93
C ASP A 406 25.45 43.00 12.58
N TYR A 407 25.49 43.60 13.77
CA TYR A 407 24.29 44.23 14.35
C TYR A 407 24.55 45.66 14.75
N GLN A 408 23.82 46.58 14.10
CA GLN A 408 23.95 48.02 14.35
C GLN A 408 25.40 48.42 14.63
N GLY A 409 26.31 47.90 13.80
CA GLY A 409 27.74 48.16 13.93
C GLY A 409 28.51 47.12 14.75
N ARG A 410 27.99 46.80 15.93
CA ARG A 410 28.69 45.92 16.85
C ARG A 410 28.71 44.48 16.37
N THR A 411 29.86 43.84 16.52
CA THR A 411 30.13 42.54 15.89
C THR A 411 29.92 41.36 16.83
N VAL A 412 28.85 40.60 16.60
CA VAL A 412 28.48 39.52 17.51
C VAL A 412 29.00 38.21 17.00
N VAL A 413 29.58 37.43 17.90
CA VAL A 413 30.20 36.17 17.53
C VAL A 413 29.50 35.02 18.23
N PHE A 414 29.29 33.93 17.52
CA PHE A 414 28.62 32.76 18.09
C PHE A 414 29.60 31.60 18.13
N ALA A 415 29.59 30.86 19.24
CA ALA A 415 30.57 29.82 19.48
C ALA A 415 30.01 28.57 20.12
N GLY A 416 29.95 27.49 19.35
CA GLY A 416 29.53 26.19 19.86
C GLY A 416 30.56 25.59 20.79
N THR A 417 30.10 24.74 21.71
CA THR A 417 30.97 24.09 22.66
C THR A 417 30.72 22.60 22.63
N ARG A 418 31.73 21.83 23.07
CA ARG A 418 31.60 20.38 23.25
C ARG A 418 30.43 19.98 24.17
N SER A 419 29.98 20.91 25.01
CA SER A 419 28.92 20.66 25.99
C SER A 419 27.52 20.74 25.40
N GLY A 420 27.39 21.48 24.30
CA GLY A 420 26.09 21.75 23.69
C GLY A 420 25.63 23.14 24.10
N ARG A 421 26.59 24.05 24.19
CA ARG A 421 26.34 25.41 24.60
C ARG A 421 26.84 26.42 23.56
N ILE A 422 26.16 27.57 23.50
CA ILE A 422 26.50 28.63 22.57
C ILE A 422 26.90 29.90 23.31
N ARG A 423 28.04 30.47 22.94
CA ARG A 423 28.48 31.73 23.54
C ARG A 423 28.19 32.91 22.62
N LYS A 424 27.80 34.04 23.20
CA LYS A 424 27.45 35.24 22.44
C LYS A 424 28.41 36.40 22.70
N ILE A 425 29.48 36.43 21.93
CA ILE A 425 30.63 37.30 22.16
C ILE A 425 30.62 38.60 21.34
N LEU A 426 30.67 39.73 22.04
CA LEU A 426 31.05 40.99 21.43
C LEU A 426 32.57 41.05 21.32
N VAL A 427 33.08 41.14 20.09
CA VAL A 427 34.51 41.35 19.90
C VAL A 427 34.85 42.83 20.04
N ASP A 428 35.63 43.15 21.06
CA ASP A 428 35.87 44.52 21.48
C ASP A 428 37.35 44.91 21.55
N LEU A 429 38.18 44.31 20.71
CA LEU A 429 39.57 44.74 20.63
C LEU A 429 39.63 46.07 19.90
N ALA A 430 38.90 46.13 18.77
CA ALA A 430 38.74 47.38 18.02
C ALA A 430 37.74 48.31 18.72
N ASN A 431 36.89 47.72 19.54
CA ASN A 431 36.00 48.45 20.44
C ASN A 431 36.80 48.90 21.68
N PRO A 432 36.34 49.96 22.40
CA PRO A 432 36.97 50.53 23.61
C PRO A 432 37.60 49.58 24.65
N SER A 433 36.95 48.44 24.93
CA SER A 433 37.33 47.55 26.04
C SER A 433 38.75 46.96 25.96
N GLY A 434 39.21 46.38 27.08
CA GLY A 434 40.55 45.76 27.18
C GLY A 434 40.80 44.59 26.25
N ARG A 435 39.85 43.65 26.20
CA ARG A 435 39.88 42.52 25.27
C ARG A 435 38.43 42.07 25.02
N PRO A 436 38.15 41.38 23.89
CA PRO A 436 36.80 40.90 23.56
C PRO A 436 36.12 40.03 24.63
N ALA A 437 34.94 40.46 25.10
CA ALA A 437 34.28 39.88 26.26
C ALA A 437 33.03 39.06 25.93
N LEU A 438 32.93 37.90 26.57
CA LEU A 438 31.72 37.06 26.52
C LEU A 438 30.57 37.85 27.09
N ALA A 439 29.40 37.75 26.47
CA ALA A 439 28.23 38.46 26.99
C ALA A 439 27.26 37.52 27.67
N TYR A 440 27.12 36.32 27.13
CA TYR A 440 26.03 35.43 27.51
C TYR A 440 26.38 34.02 27.06
N GLU A 441 25.82 33.02 27.73
CA GLU A 441 25.98 31.64 27.32
C GLU A 441 24.60 30.99 27.28
N SER A 442 24.40 30.02 26.38
CA SER A 442 23.09 29.39 26.27
C SER A 442 23.14 27.88 26.03
N VAL A 443 22.04 27.22 26.35
CA VAL A 443 21.97 25.74 26.37
C VAL A 443 21.12 25.14 25.25
N VAL A 444 21.62 24.06 24.68
CA VAL A 444 20.98 23.42 23.54
C VAL A 444 20.73 21.94 23.81
N ALA A 445 21.81 21.15 23.81
CA ALA A 445 21.78 19.75 24.24
C ALA A 445 22.68 19.65 25.46
N GLN A 446 22.10 19.95 26.61
CA GLN A 446 22.83 20.15 27.87
C GLN A 446 23.65 18.94 28.30
N GLU A 447 23.11 17.75 28.02
CA GLU A 447 23.72 16.46 28.41
C GLU A 447 25.15 16.26 27.91
N GLY A 448 25.55 17.06 26.91
CA GLY A 448 26.91 17.04 26.42
C GLY A 448 27.05 16.61 24.98
N ASN A 449 26.00 16.86 24.19
CA ASN A 449 26.08 16.65 22.75
C ASN A 449 26.74 17.86 22.11
N PRO A 450 27.87 17.65 21.41
CA PRO A 450 28.62 18.78 20.89
C PRO A 450 27.87 19.48 19.77
N ILE A 451 28.15 20.76 19.60
CA ILE A 451 27.59 21.50 18.49
C ILE A 451 28.48 21.29 17.26
N LEU A 452 27.86 21.23 16.07
CA LEU A 452 28.57 20.99 14.83
C LEU A 452 28.79 22.27 14.03
N ARG A 453 29.85 22.27 13.23
CA ARG A 453 30.32 23.44 12.48
C ARG A 453 29.23 24.18 11.70
N ASP A 454 28.35 23.40 11.07
CA ASP A 454 27.22 23.95 10.34
C ASP A 454 26.29 24.61 11.34
N LEU A 455 26.45 25.91 11.47
CA LEU A 455 25.70 26.71 12.41
C LEU A 455 25.35 27.98 11.67
N VAL A 456 24.09 28.09 11.24
CA VAL A 456 23.70 29.16 10.35
C VAL A 456 22.67 30.10 10.96
N LEU A 457 22.89 31.39 10.78
CA LEU A 457 21.88 32.37 11.12
C LEU A 457 20.77 32.29 10.09
N SER A 458 19.55 32.58 10.54
CA SER A 458 18.40 32.68 9.65
C SER A 458 18.57 33.83 8.66
N PRO A 459 17.66 33.92 7.68
CA PRO A 459 17.71 34.99 6.68
C PRO A 459 17.36 36.35 7.29
N ASN A 460 16.34 36.38 8.12
CA ASN A 460 15.95 37.59 8.84
C ASN A 460 16.95 37.94 9.95
N ARG A 461 17.82 36.98 10.25
CA ARG A 461 18.88 37.10 11.27
C ARG A 461 18.33 37.34 12.68
N GLN A 462 17.19 36.69 12.95
CA GLN A 462 16.51 36.76 14.24
C GLN A 462 16.86 35.57 15.11
N TYR A 463 17.18 34.45 14.47
CA TYR A 463 17.50 33.22 15.19
C TYR A 463 18.83 32.66 14.71
N LEU A 464 19.29 31.59 15.34
CA LEU A 464 20.50 30.88 14.92
C LEU A 464 20.30 29.40 15.12
N TYR A 465 20.18 28.67 14.02
CA TYR A 465 19.93 27.24 14.09
C TYR A 465 21.21 26.53 14.51
N ALA A 466 21.15 25.84 15.64
CA ALA A 466 22.30 25.16 16.24
C ALA A 466 22.16 23.65 16.22
N MET A 467 23.05 23.01 15.48
CA MET A 467 22.90 21.59 15.23
C MET A 467 23.81 20.74 16.11
N THR A 468 23.25 19.64 16.57
CA THR A 468 24.01 18.64 17.31
C THR A 468 24.02 17.33 16.56
N GLU A 469 24.73 16.37 17.13
CA GLU A 469 24.68 14.99 16.70
C GLU A 469 23.22 14.54 16.55
N LYS A 470 22.36 15.00 17.46
CA LYS A 470 21.04 14.41 17.60
C LYS A 470 19.86 15.39 17.59
N GLN A 471 20.12 16.69 17.46
CA GLN A 471 19.03 17.69 17.41
C GLN A 471 19.45 19.05 16.86
N VAL A 472 18.49 19.65 16.14
CA VAL A 472 18.61 21.02 15.66
C VAL A 472 17.89 21.89 16.67
N THR A 473 18.41 23.08 16.90
CA THR A 473 17.86 23.96 17.91
C THR A 473 17.86 25.43 17.51
N GLN A 474 16.66 25.99 17.42
CA GLN A 474 16.47 27.39 17.07
C GLN A 474 16.77 28.30 18.26
N VAL A 475 18.01 28.76 18.35
CA VAL A 475 18.43 29.68 19.41
C VAL A 475 18.35 31.13 18.95
N PRO A 476 17.52 31.96 19.61
CA PRO A 476 17.37 33.34 19.18
C PRO A 476 18.64 34.13 19.44
N VAL A 477 19.07 34.90 18.44
CA VAL A 477 20.19 35.81 18.62
C VAL A 477 19.87 36.76 19.79
N GLU A 478 18.17 36.93 20.16
CA GLU A 478 17.73 37.92 21.14
C GLU A 478 16.59 37.35 21.97
N SER A 479 16.75 37.41 23.28
CA SER A 479 15.71 37.04 24.22
C SER A 479 15.85 37.93 25.45
N CYS A 480 15.79 39.24 25.21
CA CYS A 480 16.00 40.22 26.27
C CYS A 480 14.87 40.28 27.30
N VAL A 481 13.74 39.65 26.99
CA VAL A 481 12.55 39.71 27.85
C VAL A 481 12.75 38.97 29.17
N GLN A 482 13.81 38.15 29.25
CA GLN A 482 14.21 37.53 30.51
C GLN A 482 14.71 38.56 31.51
N TYR A 483 14.94 39.79 31.04
CA TYR A 483 15.43 40.87 31.88
C TYR A 483 14.28 41.72 32.42
N THR A 484 14.20 41.79 33.75
CA THR A 484 13.05 42.33 34.47
C THR A 484 13.17 43.81 34.79
N SER A 485 14.40 44.31 34.83
CA SER A 485 14.66 45.66 35.31
C SER A 485 15.63 46.38 34.39
N CYS A 486 15.40 47.68 34.19
CA CYS A 486 16.32 48.53 33.45
C CYS A 486 17.77 48.27 33.87
N GLU A 487 17.97 48.10 35.17
CA GLU A 487 19.30 47.92 35.75
C GLU A 487 19.96 46.59 35.37
N LEU A 488 19.15 45.55 35.18
CA LEU A 488 19.67 44.25 34.74
C LEU A 488 19.70 44.12 33.22
N CYS A 489 18.68 44.67 32.57
CA CYS A 489 18.58 44.72 31.11
C CYS A 489 19.90 45.21 30.52
N LEU A 490 20.21 46.48 30.74
CA LEU A 490 21.42 47.10 30.21
C LEU A 490 22.68 46.63 30.95
N GLY A 491 22.49 45.75 31.93
CA GLY A 491 23.60 45.21 32.70
C GLY A 491 24.18 43.95 32.09
N SER A 492 23.36 43.22 31.34
CA SER A 492 23.79 42.00 30.68
C SER A 492 24.77 42.28 29.55
N ARG A 493 24.56 43.41 28.89
CA ARG A 493 25.42 43.94 27.82
C ARG A 493 25.25 43.31 26.43
N ASP A 494 24.65 42.11 26.35
CA ASP A 494 24.45 41.46 25.04
C ASP A 494 23.56 42.36 24.18
N PRO A 495 24.17 42.94 23.14
CA PRO A 495 23.90 44.27 22.58
C PRO A 495 22.52 44.49 21.98
N HIS A 496 21.73 43.43 21.84
CA HIS A 496 20.38 43.54 21.29
C HIS A 496 19.39 44.20 22.25
N CYS A 497 19.75 44.23 23.53
CA CYS A 497 18.84 44.59 24.60
C CYS A 497 18.87 46.05 24.99
N GLY A 498 17.68 46.65 25.01
CA GLY A 498 17.44 48.00 25.53
C GLY A 498 16.19 48.02 26.40
N TRP A 499 16.09 49.03 27.27
CA TRP A 499 14.92 49.19 28.13
C TRP A 499 13.92 50.09 27.45
N CYS A 500 12.78 49.51 27.05
CA CYS A 500 11.69 50.30 26.47
C CYS A 500 10.91 50.91 27.62
N VAL A 501 11.33 52.11 28.01
CA VAL A 501 10.94 52.74 29.28
C VAL A 501 9.45 52.64 29.60
N LEU A 502 8.60 53.12 28.70
CA LEU A 502 7.17 53.21 29.00
C LEU A 502 6.43 51.87 29.00
N HIS A 503 7.02 50.85 28.39
CA HIS A 503 6.45 49.50 28.44
C HIS A 503 7.07 48.68 29.56
N SER A 504 8.11 49.24 30.19
CA SER A 504 8.86 48.56 31.24
C SER A 504 9.24 47.13 30.86
N ILE A 505 9.78 46.97 29.64
CA ILE A 505 10.31 45.69 29.17
C ILE A 505 11.65 45.87 28.48
N CYS A 506 12.37 44.76 28.39
CA CYS A 506 13.70 44.73 27.79
C CYS A 506 13.62 43.99 26.45
N SER A 507 13.97 44.69 25.36
CA SER A 507 13.99 44.13 23.99
C SER A 507 14.73 45.03 23.00
N ARG A 508 14.78 44.62 21.74
CA ARG A 508 15.51 45.34 20.68
C ARG A 508 14.83 46.63 20.24
N GLN A 509 15.57 47.47 19.51
CA GLN A 509 15.08 48.77 19.03
C GLN A 509 13.82 48.67 18.17
N ASP A 510 13.82 47.71 17.24
CA ASP A 510 12.71 47.51 16.31
C ASP A 510 11.45 46.95 17.00
N ALA A 511 11.60 46.49 18.24
CA ALA A 511 10.48 45.91 18.99
C ALA A 511 9.84 46.89 19.95
N CYS A 512 10.56 47.95 20.32
CA CYS A 512 10.02 49.00 21.17
C CYS A 512 9.33 50.08 20.34
N GLU A 513 8.00 50.11 20.44
CA GLU A 513 7.18 51.11 19.78
C GLU A 513 7.67 52.50 20.14
N ARG A 514 7.75 53.38 19.14
CA ARG A 514 8.08 54.79 19.34
C ARG A 514 9.48 55.02 19.93
N ALA A 515 10.34 54.01 19.85
CA ALA A 515 11.69 54.07 20.43
C ALA A 515 12.52 55.24 19.91
N GLU A 516 12.27 55.61 18.65
CA GLU A 516 13.01 56.69 17.98
C GLU A 516 12.87 58.05 18.67
N GLU A 517 11.80 58.20 19.45
CA GLU A 517 11.49 59.46 20.12
C GLU A 517 12.40 59.70 21.34
N PRO A 518 12.38 60.92 21.90
CA PRO A 518 13.26 61.26 23.03
C PRO A 518 12.97 60.46 24.30
N GLN A 519 14.03 59.86 24.85
CA GLN A 519 14.04 59.22 26.17
C GLN A 519 13.11 57.99 26.33
N ARG A 520 12.52 57.54 25.22
CA ARG A 520 11.54 56.45 25.21
C ARG A 520 12.19 55.08 25.30
N PHE A 521 13.47 55.02 24.94
CA PHE A 521 14.25 53.80 24.90
C PHE A 521 15.61 54.09 25.52
N ALA A 522 16.06 53.20 26.40
CA ALA A 522 17.34 53.37 27.11
C ALA A 522 18.35 52.32 26.69
N SER A 523 19.58 52.75 26.45
CA SER A 523 20.63 51.86 25.93
C SER A 523 21.88 51.80 26.80
N ASP A 524 22.14 52.86 27.56
CA ASP A 524 23.19 52.83 28.58
C ASP A 524 22.57 52.98 29.95
N LEU A 525 23.08 52.23 30.92
CA LEU A 525 22.55 52.18 32.28
C LEU A 525 22.23 53.57 32.87
N LEU A 526 22.93 54.60 32.39
CA LEU A 526 22.73 55.96 32.86
C LEU A 526 21.41 56.56 32.38
N GLN A 527 20.80 55.92 31.38
CA GLN A 527 19.53 56.37 30.85
C GLN A 527 18.37 55.82 31.66
N CYS A 528 18.68 54.89 32.57
CA CYS A 528 17.68 54.23 33.40
C CYS A 528 16.80 55.18 34.20
N VAL A 529 15.65 55.05 34.51
CA VAL A 529 14.68 55.89 35.20
C VAL A 529 15.11 56.11 36.65
N GLN A 530 15.25 57.38 37.03
CA GLN A 530 15.57 57.77 38.40
C GLN A 530 14.44 58.62 38.95
N LEU A 531 13.89 58.21 40.10
CA LEU A 531 12.72 58.86 40.69
C LEU A 531 12.93 59.23 42.16
N THR A 532 12.35 60.35 42.58
CA THR A 532 12.36 60.79 44.00
C THR A 532 11.04 61.43 44.41
N VAL A 533 10.64 61.19 45.66
CA VAL A 533 9.44 61.81 46.24
C VAL A 533 9.86 62.75 47.36
N GLN A 534 9.25 63.94 47.40
CA GLN A 534 9.58 64.93 48.43
C GLN A 534 9.16 64.49 49.83
N PRO A 535 7.85 64.23 50.04
CA PRO A 535 7.47 63.67 51.34
C PRO A 535 7.61 62.14 51.37
N ARG A 536 8.84 61.66 51.51
CA ARG A 536 9.16 60.23 51.48
C ARG A 536 8.41 59.46 52.55
N ASN A 537 8.25 60.10 53.70
CA ASN A 537 7.64 59.50 54.88
C ASN A 537 6.32 60.16 55.20
N VAL A 538 5.24 59.38 55.17
CA VAL A 538 3.92 59.87 55.50
C VAL A 538 3.24 58.96 56.53
N SER A 539 2.62 59.57 57.54
CA SER A 539 1.99 58.86 58.64
C SER A 539 0.69 58.19 58.23
N VAL A 540 0.38 57.07 58.86
CA VAL A 540 -0.86 56.34 58.61
C VAL A 540 -2.09 57.24 58.84
N THR A 541 -2.01 58.08 59.87
CA THR A 541 -3.12 58.93 60.28
C THR A 541 -3.45 60.07 59.32
N MET A 542 -2.43 60.51 58.56
CA MET A 542 -2.64 61.55 57.55
C MET A 542 -3.48 61.01 56.41
N SER A 543 -4.08 61.92 55.62
CA SER A 543 -4.83 61.53 54.42
C SER A 543 -4.77 62.57 53.31
N GLN A 544 -4.73 62.08 52.07
CA GLN A 544 -4.63 62.91 50.85
C GLN A 544 -3.52 63.97 50.93
N VAL A 545 -2.32 63.55 51.31
CA VAL A 545 -1.19 64.47 51.43
C VAL A 545 -0.65 64.83 50.05
N PRO A 546 -0.33 66.12 49.82
CA PRO A 546 0.32 66.51 48.56
C PRO A 546 1.79 66.11 48.52
N LEU A 547 2.16 65.37 47.47
CA LEU A 547 3.54 64.91 47.25
C LEU A 547 4.06 65.45 45.92
N VAL A 548 5.34 65.83 45.89
CA VAL A 548 5.97 66.24 44.62
C VAL A 548 6.98 65.19 44.13
N LEU A 549 6.92 64.90 42.83
CA LEU A 549 7.75 63.86 42.23
C LEU A 549 8.74 64.43 41.20
N GLN A 550 10.03 64.19 41.45
CA GLN A 550 11.07 64.53 40.47
C GLN A 550 11.55 63.28 39.77
N ALA A 551 11.46 63.29 38.44
CA ALA A 551 11.90 62.18 37.62
C ALA A 551 12.75 62.71 36.47
N TRP A 552 13.85 62.01 36.18
CA TRP A 552 14.75 62.38 35.09
C TRP A 552 14.93 61.21 34.13
N ASN A 553 15.33 61.51 32.89
CA ASN A 553 15.50 60.50 31.84
C ASN A 553 14.19 59.81 31.49
N VAL A 554 13.14 60.61 31.34
CA VAL A 554 11.80 60.13 31.02
C VAL A 554 11.24 60.95 29.83
N PRO A 555 10.59 60.28 28.87
CA PRO A 555 9.96 60.95 27.72
C PRO A 555 8.80 61.87 28.11
N ASP A 556 8.29 62.63 27.15
CA ASP A 556 7.17 63.54 27.39
C ASP A 556 5.92 62.77 27.82
N LEU A 557 5.49 63.04 29.06
CA LEU A 557 4.37 62.34 29.67
C LEU A 557 3.09 63.16 29.58
N SER A 558 3.04 64.15 28.71
CA SER A 558 1.85 64.98 28.51
C SER A 558 0.65 64.13 28.07
N ALA A 559 0.92 62.83 27.85
CA ALA A 559 -0.10 61.83 27.58
C ALA A 559 -0.95 61.60 28.82
N GLY A 560 -0.32 61.74 29.98
CA GLY A 560 -0.98 61.56 31.28
C GLY A 560 -0.27 60.55 32.15
N VAL A 561 -0.35 60.74 33.46
CA VAL A 561 0.26 59.83 34.43
C VAL A 561 -0.58 59.63 35.68
N ASN A 562 -0.59 58.40 36.18
CA ASN A 562 -1.18 58.06 37.47
C ASN A 562 -0.12 57.57 38.46
N CYS A 563 -0.34 57.83 39.75
CA CYS A 563 0.52 57.31 40.81
C CYS A 563 -0.16 56.09 41.43
N SER A 564 0.53 54.96 41.43
CA SER A 564 0.04 53.76 42.12
C SER A 564 1.04 53.29 43.16
N PHE A 565 0.62 53.32 44.42
CA PHE A 565 1.49 53.03 45.56
C PHE A 565 1.91 51.57 45.59
N GLU A 566 1.00 50.71 45.16
CA GLU A 566 1.31 49.38 44.69
C GLU A 566 0.02 48.98 44.00
N ASP A 567 -0.25 47.68 43.90
CA ASP A 567 -1.49 47.23 43.28
C ASP A 567 -2.69 47.38 44.24
N PHE A 568 -2.59 48.36 45.14
CA PHE A 568 -3.63 48.65 46.13
C PHE A 568 -4.49 49.85 45.75
N THR A 569 -3.83 50.96 45.38
CA THR A 569 -4.52 52.21 45.06
C THR A 569 -3.95 52.90 43.82
N GLU A 570 -4.60 53.97 43.38
CA GLU A 570 -4.16 54.73 42.20
C GLU A 570 -4.76 56.14 42.23
N THR A 571 -3.91 57.16 42.34
CA THR A 571 -4.36 58.56 42.37
C THR A 571 -3.91 59.35 41.14
N GLU A 572 -4.81 60.17 40.61
CA GLU A 572 -4.54 61.02 39.45
C GLU A 572 -3.57 62.15 39.80
N SER A 573 -2.70 62.49 38.85
CA SER A 573 -1.70 63.55 39.05
C SER A 573 -1.70 64.58 37.92
N ILE A 574 -1.27 65.79 38.25
CA ILE A 574 -1.17 66.88 37.27
C ILE A 574 0.28 67.33 37.17
N LEU A 575 0.66 67.84 35.99
CA LEU A 575 2.05 68.16 35.67
C LEU A 575 2.31 69.66 35.64
N GLU A 576 3.40 70.05 36.28
CA GLU A 576 3.88 71.44 36.30
C GLU A 576 5.40 71.46 36.39
N ASP A 577 6.04 72.37 35.67
CA ASP A 577 7.50 72.46 35.58
C ASP A 577 8.12 71.12 35.15
N GLY A 578 9.14 70.67 35.88
CA GLY A 578 9.71 69.34 35.69
C GLY A 578 9.35 68.43 36.86
N ARG A 579 8.09 68.54 37.30
CA ARG A 579 7.63 67.86 38.51
C ARG A 579 6.20 67.30 38.35
N ILE A 580 5.91 66.22 39.08
CA ILE A 580 4.58 65.61 39.08
C ILE A 580 3.95 65.74 40.47
N HIS A 581 2.70 66.19 40.51
CA HIS A 581 1.99 66.40 41.76
C HIS A 581 0.81 65.45 41.90
N CYS A 582 0.89 64.53 42.86
CA CYS A 582 -0.23 63.66 43.22
C CYS A 582 -0.43 63.56 44.73
N HIS A 583 -1.53 62.94 45.14
CA HIS A 583 -1.92 62.86 46.55
C HIS A 583 -1.76 61.47 47.15
N SER A 584 -1.52 61.43 48.47
CA SER A 584 -1.52 60.20 49.25
C SER A 584 -2.93 59.58 49.28
N PRO A 585 -3.04 58.28 49.61
CA PRO A 585 -4.38 57.70 49.73
C PRO A 585 -5.11 58.16 51.00
N SER A 586 -6.40 57.83 51.08
CA SER A 586 -7.21 58.16 52.25
C SER A 586 -6.88 57.23 53.41
N ALA A 587 -7.16 57.68 54.64
CA ALA A 587 -7.00 56.84 55.82
C ALA A 587 -7.75 55.53 55.64
N ARG A 588 -8.92 55.61 54.99
CA ARG A 588 -9.75 54.44 54.69
C ARG A 588 -9.02 53.41 53.82
N GLU A 589 -8.05 53.89 53.04
CA GLU A 589 -7.31 53.05 52.11
C GLU A 589 -5.93 52.65 52.64
N VAL A 590 -5.28 53.59 53.33
CA VAL A 590 -3.92 53.40 53.85
C VAL A 590 -3.78 52.23 54.83
N ALA A 591 -4.71 52.15 55.79
CA ALA A 591 -4.65 51.15 56.86
C ALA A 591 -4.80 49.68 56.39
N PRO A 592 -5.69 49.42 55.41
CA PRO A 592 -5.75 48.07 54.82
C PRO A 592 -4.38 47.51 54.44
N ILE A 593 -3.44 48.39 54.09
CA ILE A 593 -2.07 47.96 53.81
C ILE A 593 -1.31 47.71 55.10
N THR A 594 -1.21 48.74 55.93
CA THR A 594 -0.33 48.75 57.11
C THR A 594 -0.69 47.73 58.20
N GLN A 595 -1.93 47.23 58.16
CA GLN A 595 -2.42 46.25 59.13
C GLN A 595 -1.63 44.94 59.04
N GLY A 596 -0.90 44.62 60.11
CA GLY A 596 -0.08 43.41 60.16
C GLY A 596 1.40 43.71 60.23
N GLN A 597 1.86 44.64 59.39
CA GLN A 597 3.28 44.97 59.28
C GLN A 597 3.78 45.97 60.33
N GLY A 598 2.86 46.47 61.14
CA GLY A 598 3.17 47.15 62.40
C GLY A 598 3.98 48.44 62.33
N ASP A 599 5.24 48.35 62.78
CA ASP A 599 6.13 49.51 62.92
C ASP A 599 6.12 50.45 61.71
N GLN A 600 6.34 49.88 60.53
CA GLN A 600 6.30 50.62 59.27
C GLN A 600 6.20 49.68 58.06
N ARG A 601 5.72 50.22 56.95
CA ARG A 601 5.70 49.49 55.70
C ARG A 601 6.31 50.32 54.57
N VAL A 602 7.46 49.87 54.10
CA VAL A 602 8.11 50.44 52.93
C VAL A 602 7.33 49.92 51.72
N VAL A 603 6.91 50.83 50.86
CA VAL A 603 6.09 50.46 49.71
C VAL A 603 6.59 51.12 48.42
N LYS A 604 6.60 50.34 47.34
CA LYS A 604 7.15 50.78 46.07
C LYS A 604 6.13 51.61 45.32
N LEU A 605 6.20 52.94 45.47
CA LEU A 605 5.30 53.82 44.75
C LEU A 605 5.70 53.87 43.29
N TYR A 606 4.80 53.44 42.41
CA TYR A 606 5.09 53.46 40.97
C TYR A 606 4.51 54.67 40.28
N LEU A 607 4.88 54.82 39.01
CA LEU A 607 4.20 55.69 38.09
C LEU A 607 3.58 54.82 37.00
N LYS A 608 2.27 54.96 36.81
CA LYS A 608 1.60 54.26 35.71
C LYS A 608 1.32 55.26 34.59
N SER A 609 1.95 55.02 33.44
CA SER A 609 1.80 55.89 32.26
C SER A 609 0.46 55.68 31.59
N LYS A 610 -0.16 56.77 31.15
CA LYS A 610 -1.45 56.68 30.48
C LYS A 610 -1.34 56.07 29.09
N GLU A 611 -0.22 56.30 28.42
CA GLU A 611 -0.01 55.82 27.05
C GLU A 611 0.14 54.30 27.02
N THR A 612 0.94 53.75 27.92
CA THR A 612 1.19 52.31 27.96
C THR A 612 0.27 51.61 28.93
N GLY A 613 0.11 52.18 30.12
CA GLY A 613 -0.66 51.54 31.18
C GLY A 613 0.17 50.50 31.90
N LYS A 614 1.48 50.74 31.93
CA LYS A 614 2.39 49.88 32.69
C LYS A 614 3.28 50.70 33.64
N LYS A 615 3.44 50.20 34.86
CA LYS A 615 4.25 50.85 35.88
C LYS A 615 5.68 50.77 35.43
N PHE A 616 6.40 51.88 35.51
CA PHE A 616 7.79 51.89 35.06
C PHE A 616 8.81 52.38 36.10
N ALA A 617 8.53 53.53 36.71
CA ALA A 617 9.42 54.17 37.68
C ALA A 617 8.99 53.94 39.14
N SER A 618 9.97 53.73 40.02
CA SER A 618 9.66 53.42 41.41
C SER A 618 10.49 54.22 42.41
N VAL A 619 10.00 54.24 43.65
CA VAL A 619 10.69 54.82 44.82
C VAL A 619 10.35 54.07 46.09
N ASP A 620 11.27 54.13 47.04
CA ASP A 620 10.99 53.69 48.41
C ASP A 620 10.10 54.75 49.09
N PHE A 621 8.86 54.35 49.37
CA PHE A 621 7.90 55.21 50.08
C PHE A 621 7.49 54.58 51.40
N VAL A 622 7.58 55.36 52.47
CA VAL A 622 7.39 54.83 53.82
C VAL A 622 6.04 55.24 54.45
N PHE A 623 5.29 54.21 54.85
CA PHE A 623 4.09 54.38 55.65
C PHE A 623 4.38 54.04 57.10
N TYR A 624 4.53 55.08 57.93
CA TYR A 624 4.79 54.88 59.36
C TYR A 624 3.55 55.00 60.22
N ASN A 625 3.48 54.08 61.18
CA ASN A 625 2.42 53.98 62.17
C ASN A 625 3.08 54.09 63.55
N CYS A 626 2.74 55.94 64.35
CA CYS A 626 3.35 56.13 65.66
C CYS A 626 2.74 55.22 66.72
N SER A 627 1.42 55.02 66.62
CA SER A 627 0.63 54.39 67.69
C SER A 627 1.13 53.04 68.17
N VAL A 628 1.73 52.26 67.27
CA VAL A 628 2.13 50.89 67.61
C VAL A 628 3.36 50.83 68.52
N HIS A 629 4.04 51.97 68.70
CA HIS A 629 5.08 52.08 69.72
C HIS A 629 4.45 51.99 71.11
N GLN A 630 4.94 51.06 71.94
CA GLN A 630 4.37 50.85 73.27
C GLN A 630 5.33 51.19 74.41
N SER A 631 6.15 52.22 74.20
CA SER A 631 7.06 52.77 75.20
C SER A 631 7.62 54.11 74.72
N CYS A 632 7.94 55.01 75.67
CA CYS A 632 8.48 56.34 75.36
C CYS A 632 9.73 56.26 74.47
N LEU A 633 10.64 55.35 74.82
CA LEU A 633 11.90 55.22 74.12
C LEU A 633 11.71 54.89 72.64
N ALA A 634 10.93 53.86 72.35
CA ALA A 634 10.61 53.51 70.96
C ALA A 634 9.98 54.70 70.22
N CYS A 635 9.09 55.41 70.93
CA CYS A 635 8.30 56.51 70.36
C CYS A 635 9.15 57.70 69.93
N VAL A 636 9.94 58.26 70.85
CA VAL A 636 10.72 59.46 70.55
C VAL A 636 12.13 59.13 70.04
N ASN A 637 12.87 58.32 70.80
CA ASN A 637 14.24 57.95 70.47
C ASN A 637 14.33 56.90 69.35
N GLY A 638 13.21 56.72 68.65
CA GLY A 638 13.19 55.92 67.45
C GLY A 638 13.77 56.69 66.29
N SER A 639 13.27 56.42 65.09
CA SER A 639 13.79 57.03 63.88
C SER A 639 12.86 58.09 63.30
N PHE A 640 11.66 58.22 63.88
CA PHE A 640 10.63 59.04 63.28
C PHE A 640 10.17 60.23 64.13
N PRO A 641 9.38 61.14 63.53
CA PRO A 641 8.71 62.15 64.34
C PRO A 641 7.48 61.55 65.04
N CYS A 642 7.65 61.17 66.30
CA CYS A 642 6.53 60.68 67.11
C CYS A 642 6.56 61.32 68.50
N HIS A 643 5.38 61.61 69.03
CA HIS A 643 5.25 62.23 70.35
C HIS A 643 4.69 61.25 71.37
N TRP A 644 5.25 61.29 72.58
CA TRP A 644 4.82 60.41 73.67
C TRP A 644 4.02 61.17 74.72
N CYS A 645 2.91 60.56 75.14
CA CYS A 645 2.06 61.17 76.14
C CYS A 645 2.29 60.53 77.50
N LYS A 646 3.08 61.20 78.34
CA LYS A 646 3.40 60.73 79.69
C LYS A 646 2.20 60.09 80.37
N TYR A 647 1.07 60.80 80.30
CA TYR A 647 -0.09 60.53 81.13
C TYR A 647 -1.03 59.52 80.54
N ARG A 648 -1.30 59.62 79.24
CA ARG A 648 -2.11 58.61 78.57
C ARG A 648 -1.31 57.31 78.36
N HIS A 649 0.01 57.44 78.36
CA HIS A 649 0.96 56.34 78.11
C HIS A 649 0.75 55.71 76.73
N VAL A 650 0.64 56.59 75.73
CA VAL A 650 0.40 56.22 74.34
C VAL A 650 1.24 57.11 73.43
N CYS A 651 1.65 56.54 72.30
CA CYS A 651 2.46 57.21 71.30
C CYS A 651 1.58 57.67 70.14
N THR A 652 1.72 58.92 69.75
CA THR A 652 0.94 59.47 68.62
C THR A 652 1.62 60.67 67.95
N ASN A 653 1.23 60.91 66.71
CA ASN A 653 1.75 62.00 65.89
C ASN A 653 1.24 63.38 66.31
N ASN A 654 0.03 63.43 66.87
CA ASN A 654 -0.60 64.69 67.26
C ASN A 654 -0.33 65.13 68.68
N ALA A 655 0.23 66.34 68.83
CA ALA A 655 0.49 66.93 70.14
C ALA A 655 -0.78 67.03 70.99
N ALA A 656 -1.89 67.39 70.36
CA ALA A 656 -3.17 67.61 71.04
C ALA A 656 -3.81 66.32 71.58
N ASP A 657 -3.49 65.18 70.97
CA ASP A 657 -4.00 63.87 71.40
C ASP A 657 -3.44 63.47 72.76
N CYS A 658 -2.39 64.16 73.18
CA CYS A 658 -1.85 63.99 74.51
C CYS A 658 -2.83 64.43 75.58
N ALA A 659 -2.70 63.82 76.77
CA ALA A 659 -3.50 64.13 77.95
C ALA A 659 -3.76 65.62 78.05
N PHE A 660 -2.70 66.35 78.41
CA PHE A 660 -2.67 67.81 78.29
C PHE A 660 -1.23 68.33 78.22
N LEU A 661 -1.11 69.60 77.82
CA LEU A 661 0.14 70.34 77.58
C LEU A 661 1.42 69.80 78.24
N GLU A 662 1.38 69.63 79.56
CA GLU A 662 2.58 69.33 80.34
C GLU A 662 2.89 67.82 80.47
N GLY A 663 2.34 67.04 79.54
CA GLY A 663 2.60 65.61 79.49
C GLY A 663 3.08 65.13 78.14
N ARG A 664 3.52 66.08 77.31
CA ARG A 664 4.05 65.79 75.97
C ARG A 664 5.55 65.52 76.01
N VAL A 665 5.95 64.38 75.46
CA VAL A 665 7.38 64.03 75.34
C VAL A 665 7.85 64.08 73.87
N ASN A 666 8.76 65.01 73.62
CA ASN A 666 9.31 65.28 72.29
C ASN A 666 10.81 64.97 72.24
N MET A 667 11.43 64.94 73.41
CA MET A 667 12.86 64.70 73.53
C MET A 667 13.10 63.42 74.32
N SER A 668 14.11 62.65 73.92
CA SER A 668 14.36 61.33 74.51
C SER A 668 14.87 61.39 75.96
N GLU A 669 15.50 62.50 76.31
CA GLU A 669 16.06 62.69 77.66
C GLU A 669 14.99 63.04 78.68
N ASP A 670 13.82 63.49 78.19
CA ASP A 670 12.68 63.85 79.04
C ASP A 670 11.73 62.68 79.31
N CYS A 671 12.01 61.51 78.73
CA CYS A 671 11.18 60.31 78.92
C CYS A 671 10.99 59.96 80.40
N PRO A 672 9.36 58.83 80.98
CA PRO A 672 9.30 58.18 82.29
C PRO A 672 10.18 56.94 82.26
N GLN A 673 11.28 56.99 83.01
CA GLN A 673 12.31 55.96 82.96
C GLN A 673 12.92 55.78 84.35
N ILE A 674 13.44 54.59 84.60
CA ILE A 674 14.10 54.31 85.88
C ILE A 674 15.62 54.43 85.76
N LEU A 675 16.21 55.32 86.57
CA LEU A 675 17.65 55.55 86.58
C LEU A 675 18.36 54.57 87.53
N PRO A 676 19.61 54.20 87.21
CA PRO A 676 20.29 53.26 88.08
C PRO A 676 20.96 53.89 89.30
N SER A 677 21.02 53.13 90.37
CA SER A 677 21.84 53.44 91.53
C SER A 677 22.87 52.30 91.64
N THR A 678 23.81 52.41 92.57
CA THR A 678 24.72 51.29 92.84
C THR A 678 23.90 50.06 93.26
N HIS A 679 24.34 48.91 92.79
CA HIS A 679 23.50 47.70 92.71
C HIS A 679 22.56 47.40 93.88
N ILE A 680 21.35 46.98 93.51
CA ILE A 680 20.30 46.60 94.44
C ILE A 680 20.55 45.22 95.03
N TYR A 681 21.02 45.23 96.27
CA TYR A 681 21.36 44.03 97.01
C TYR A 681 20.15 43.59 97.84
N VAL A 682 19.70 42.36 97.65
CA VAL A 682 18.57 41.86 98.45
C VAL A 682 18.82 40.47 99.03
N PRO A 683 18.98 40.38 100.36
CA PRO A 683 19.10 39.07 100.99
C PRO A 683 17.75 38.37 101.11
N VAL A 684 17.77 37.05 100.93
CA VAL A 684 16.56 36.23 101.05
C VAL A 684 16.11 36.13 102.50
N GLY A 685 14.81 36.32 102.73
CA GLY A 685 14.22 36.19 104.06
C GLY A 685 14.57 37.31 105.02
N VAL A 686 14.79 38.51 104.48
CA VAL A 686 15.06 39.69 105.29
C VAL A 686 14.17 40.85 104.87
N VAL A 687 13.48 41.44 105.84
CA VAL A 687 12.60 42.57 105.62
C VAL A 687 13.42 43.80 105.22
N LYS A 688 13.30 44.20 103.95
CA LYS A 688 14.02 45.36 103.45
C LYS A 688 13.20 46.25 102.52
N PRO A 689 13.43 47.57 102.58
CA PRO A 689 12.92 48.51 101.59
C PRO A 689 13.91 48.68 100.44
N ILE A 690 13.39 49.00 99.26
CA ILE A 690 14.23 49.14 98.07
C ILE A 690 13.97 50.50 97.44
N THR A 691 14.78 51.47 97.83
CA THR A 691 14.65 52.82 97.29
C THR A 691 15.16 52.84 95.86
N LEU A 692 14.43 53.52 94.99
CA LEU A 692 14.83 53.71 93.61
C LEU A 692 14.88 55.18 93.24
N ALA A 693 15.70 55.52 92.27
CA ALA A 693 15.63 56.81 91.60
C ALA A 693 15.14 56.60 90.18
N ALA A 694 14.68 57.68 89.54
CA ALA A 694 14.13 57.64 88.18
C ALA A 694 13.96 59.07 87.67
N ARG A 695 13.24 59.24 86.57
CA ARG A 695 12.93 60.57 86.04
C ARG A 695 11.54 60.70 85.45
N ASN A 696 11.00 61.92 85.55
CA ASN A 696 9.68 62.28 85.03
C ASN A 696 8.60 61.21 85.27
N LEU A 697 8.53 60.75 86.52
CA LEU A 697 7.47 59.84 86.97
C LEU A 697 6.15 60.61 87.06
N PRO A 698 5.09 60.05 86.42
CA PRO A 698 3.83 60.78 86.31
C PRO A 698 3.02 60.81 87.61
N GLN A 699 2.35 61.93 87.88
CA GLN A 699 1.32 62.00 88.93
C GLN A 699 0.08 61.26 88.44
N PRO A 700 -0.26 60.12 89.06
CA PRO A 700 -1.41 59.37 88.56
C PRO A 700 -2.67 60.24 88.59
N GLN A 701 -3.42 60.24 87.49
CA GLN A 701 -4.55 61.15 87.33
C GLN A 701 -5.89 60.51 87.66
N SER A 702 -6.96 61.14 87.19
CA SER A 702 -8.32 60.70 87.47
C SER A 702 -8.56 59.23 87.16
N GLY A 703 -9.07 58.51 88.14
CA GLY A 703 -9.39 57.10 88.01
C GLY A 703 -8.16 56.25 87.81
N GLN A 704 -7.03 56.71 88.33
CA GLN A 704 -5.75 55.99 88.18
C GLN A 704 -5.10 55.66 89.51
N ARG A 705 -4.70 54.39 89.66
CA ARG A 705 -4.07 53.89 90.87
C ARG A 705 -2.61 54.32 91.03
N GLY A 706 -1.99 53.88 92.12
CA GLY A 706 -0.60 54.17 92.41
C GLY A 706 0.36 53.08 92.00
N TYR A 707 1.60 53.15 92.51
CA TYR A 707 2.71 52.33 92.03
C TYR A 707 2.95 51.02 92.77
N GLU A 708 3.54 50.07 92.05
CA GLU A 708 3.89 48.76 92.58
C GLU A 708 5.24 48.33 92.01
N CYS A 709 5.92 47.45 92.73
CA CYS A 709 7.11 46.81 92.21
C CYS A 709 6.78 45.35 91.97
N LEU A 710 7.03 44.89 90.74
CA LEU A 710 6.82 43.48 90.42
C LEU A 710 8.15 42.81 90.15
N PHE A 711 8.41 41.75 90.91
CA PHE A 711 9.65 41.01 90.81
C PHE A 711 9.40 39.72 90.03
N HIS A 712 10.14 39.56 88.93
CA HIS A 712 9.99 38.39 88.10
C HIS A 712 10.99 37.31 88.56
N ILE A 713 10.58 36.58 89.60
CA ILE A 713 11.30 35.41 90.07
C ILE A 713 10.54 34.16 89.62
N PRO A 714 11.21 33.30 88.83
CA PRO A 714 10.54 32.10 88.28
C PRO A 714 9.82 31.28 89.35
N GLY A 715 10.45 31.15 90.52
CA GLY A 715 9.86 30.44 91.65
C GLY A 715 8.62 31.14 92.20
N SER A 716 8.78 32.41 92.56
CA SER A 716 7.69 33.21 93.10
C SER A 716 7.78 34.66 92.64
N PRO A 717 6.74 35.17 91.97
CA PRO A 717 6.69 36.59 91.59
C PRO A 717 5.96 37.44 92.64
N ALA A 718 6.67 38.41 93.22
CA ALA A 718 6.13 39.21 94.32
C ALA A 718 5.56 40.57 93.86
N ARG A 719 4.35 40.87 94.31
CA ARG A 719 3.69 42.17 94.06
C ARG A 719 3.71 43.06 95.31
N VAL A 720 4.58 44.07 95.30
CA VAL A 720 4.70 44.98 96.45
C VAL A 720 4.39 46.40 96.02
N THR A 721 3.38 46.99 96.67
CA THR A 721 2.97 48.36 96.39
C THR A 721 4.02 49.34 96.89
N ALA A 722 4.12 50.48 96.21
CA ALA A 722 5.18 51.45 96.45
C ALA A 722 4.65 52.87 96.54
N LEU A 723 5.52 53.81 96.88
CA LEU A 723 5.16 55.22 97.00
C LEU A 723 6.02 56.06 96.09
N ARG A 724 5.38 56.86 95.23
CA ARG A 724 6.13 57.80 94.41
C ARG A 724 6.28 59.12 95.13
N PHE A 725 7.51 59.43 95.53
CA PHE A 725 7.76 60.58 96.37
C PHE A 725 7.75 61.88 95.59
N ASN A 726 8.37 61.84 94.41
CA ASN A 726 8.37 62.95 93.49
C ASN A 726 8.63 62.40 92.12
N SER A 727 8.81 63.29 91.15
CA SER A 727 9.04 62.89 89.76
C SER A 727 10.32 62.07 89.58
N SER A 728 11.07 61.87 90.68
CA SER A 728 12.42 61.31 90.59
C SER A 728 12.85 60.21 91.60
N SER A 729 11.91 59.69 92.39
CA SER A 729 12.25 58.63 93.37
C SER A 729 11.07 57.73 93.78
N LEU A 730 11.34 56.44 93.90
CA LEU A 730 10.34 55.45 94.31
C LEU A 730 10.81 54.65 95.51
N GLN A 731 9.97 53.73 96.01
CA GLN A 731 10.34 52.83 97.12
C GLN A 731 9.30 51.75 97.38
N CYS A 732 9.68 50.50 97.12
CA CYS A 732 8.83 49.36 97.48
C CYS A 732 8.92 49.15 98.98
N GLN A 733 7.81 48.79 99.60
CA GLN A 733 7.73 48.76 101.06
C GLN A 733 8.30 47.50 101.70
N ASN A 734 8.67 47.65 102.98
CA ASN A 734 9.22 46.57 103.80
C ASN A 734 8.63 45.21 103.48
N SER A 735 9.47 44.34 102.92
CA SER A 735 9.10 42.96 102.59
C SER A 735 10.34 42.08 102.44
N SER A 736 10.12 40.76 102.54
CA SER A 736 11.19 39.79 102.35
C SER A 736 10.90 38.91 101.13
N TYR A 737 11.98 38.42 100.49
CA TYR A 737 11.88 37.70 99.23
C TYR A 737 12.63 36.36 99.30
N SER A 738 12.22 35.40 98.48
CA SER A 738 12.87 34.08 98.42
C SER A 738 12.72 33.39 97.06
N TYR A 739 13.61 32.45 96.81
CA TYR A 739 13.51 31.54 95.67
C TYR A 739 13.79 30.12 96.14
N GLU A 740 13.15 29.14 95.52
CA GLU A 740 13.28 27.76 95.96
C GLU A 740 14.28 26.98 95.11
N GLY A 741 15.41 26.65 95.73
CA GLY A 741 16.48 25.93 95.05
C GLY A 741 17.71 25.68 95.91
N ASN A 742 18.25 26.76 96.49
CA ASN A 742 19.55 26.74 97.20
C ASN A 742 20.70 26.30 96.28
N ASP A 743 20.57 26.61 94.99
CA ASP A 743 21.49 26.16 93.94
C ASP A 743 22.47 27.24 93.50
N VAL A 744 22.01 28.49 93.50
CA VAL A 744 22.85 29.62 93.10
C VAL A 744 22.77 30.73 94.16
N SER A 745 23.94 31.17 94.62
CA SER A 745 24.04 32.21 95.65
C SER A 745 23.55 33.56 95.16
N ASP A 746 23.99 33.94 93.96
CA ASP A 746 23.69 35.26 93.39
C ASP A 746 22.74 35.14 92.19
N LEU A 747 21.47 35.46 92.42
CA LEU A 747 20.44 35.44 91.37
C LEU A 747 19.96 36.85 91.02
N PRO A 748 20.29 37.31 89.80
CA PRO A 748 19.77 38.60 89.35
C PRO A 748 18.36 38.45 88.84
N VAL A 749 17.47 39.36 89.23
CA VAL A 749 16.04 39.25 88.88
C VAL A 749 15.54 40.50 88.16
N ASN A 750 14.87 40.27 87.03
CA ASN A 750 14.14 41.32 86.31
C ASN A 750 13.06 41.90 87.21
N LEU A 751 13.08 43.22 87.41
CA LEU A 751 11.97 43.90 88.06
C LEU A 751 11.26 44.87 87.13
N SER A 752 9.93 44.90 87.25
CA SER A 752 9.12 45.85 86.50
C SER A 752 8.36 46.75 87.47
N VAL A 753 8.47 48.06 87.25
CA VAL A 753 7.76 49.04 88.07
C VAL A 753 6.48 49.45 87.35
N VAL A 754 5.36 49.13 87.98
CA VAL A 754 4.03 49.35 87.39
C VAL A 754 3.26 50.42 88.16
N TRP A 755 2.40 51.15 87.45
CA TRP A 755 1.36 51.91 88.12
C TRP A 755 0.02 51.75 87.42
N ASN A 756 -1.06 52.01 88.15
CA ASN A 756 -2.42 51.82 87.65
C ASN A 756 -2.60 50.42 87.03
N GLY A 757 -2.02 49.42 87.69
CA GLY A 757 -2.26 48.02 87.38
C GLY A 757 -1.39 47.38 86.31
N ASN A 758 -1.28 48.04 85.17
CA ASN A 758 -0.66 47.42 84.00
C ASN A 758 0.33 48.33 83.26
N PHE A 759 0.32 49.62 83.59
CA PHE A 759 1.27 50.56 82.96
C PHE A 759 2.66 50.30 83.51
N VAL A 760 3.52 49.68 82.70
CA VAL A 760 4.90 49.42 83.11
C VAL A 760 5.78 50.58 82.68
N ILE A 761 6.51 51.17 83.63
CA ILE A 761 7.46 52.23 83.32
C ILE A 761 8.65 51.64 82.61
N ASP A 762 9.24 52.44 81.72
CA ASP A 762 10.39 52.02 80.93
C ASP A 762 11.65 51.80 81.77
N ASN A 763 12.35 50.72 81.47
CA ASN A 763 13.60 50.34 82.13
C ASN A 763 14.70 50.13 81.08
N PRO A 764 15.38 51.23 80.69
CA PRO A 764 16.38 51.21 79.62
C PRO A 764 17.65 50.43 79.97
N GLN A 765 18.22 50.69 81.15
CA GLN A 765 19.42 50.02 81.61
C GLN A 765 19.07 48.60 82.06
N ASN A 766 17.78 48.27 82.01
CA ASN A 766 17.21 47.00 82.49
C ASN A 766 17.67 46.62 83.90
N ILE A 767 17.37 47.52 84.84
CA ILE A 767 17.82 47.39 86.22
C ILE A 767 17.22 46.17 86.92
N GLN A 768 18.10 45.43 87.61
CA GLN A 768 17.73 44.18 88.24
C GLN A 768 17.96 44.22 89.75
N ALA A 769 17.27 43.33 90.44
CA ALA A 769 17.48 43.13 91.85
C ALA A 769 18.22 41.82 92.05
N HIS A 770 19.35 41.89 92.74
CA HIS A 770 20.13 40.70 93.08
C HIS A 770 19.63 40.10 94.39
N LEU A 771 19.01 38.93 94.30
CA LEU A 771 18.67 38.15 95.49
C LEU A 771 19.84 37.25 95.84
N TYR A 772 20.47 37.51 96.98
CA TYR A 772 21.58 36.68 97.45
C TYR A 772 21.22 35.92 98.70
N LYS A 773 21.63 34.67 98.76
CA LYS A 773 21.56 33.88 99.98
C LYS A 773 22.96 33.74 100.53
N CYS A 774 22.89 33.80 102.07
CA CYS A 774 24.12 33.63 102.82
C CYS A 774 24.43 32.13 102.86
N PRO A 775 25.68 31.78 102.60
CA PRO A 775 26.07 30.70 101.71
C PRO A 775 25.35 29.37 101.80
N ALA A 776 24.80 28.97 100.67
CA ALA A 776 24.52 27.58 100.38
C ALA A 776 25.61 27.13 99.41
N LEU A 777 26.52 28.06 99.11
CA LEU A 777 27.61 27.81 98.16
C LEU A 777 28.99 27.89 98.81
N ARG A 778 29.05 28.32 100.07
CA ARG A 778 30.33 28.57 100.74
C ARG A 778 30.35 28.09 102.19
N GLN A 779 31.01 26.96 102.44
CA GLN A 779 31.19 26.47 103.81
C GLN A 779 32.63 26.69 104.28
N SER A 780 33.24 27.76 103.79
CA SER A 780 34.61 28.12 104.16
C SER A 780 34.75 29.64 104.28
N CYS A 781 35.29 30.08 105.41
CA CYS A 781 35.51 31.51 105.70
C CYS A 781 36.07 32.29 104.52
N GLY A 782 37.04 31.68 103.84
CA GLY A 782 37.71 32.28 102.69
C GLY A 782 36.79 32.53 101.52
N LEU A 783 35.79 31.68 101.36
CA LEU A 783 34.84 31.84 100.26
C LEU A 783 33.85 33.00 100.47
N CYS A 784 33.50 33.28 101.73
CA CYS A 784 32.52 34.31 102.05
C CYS A 784 33.05 35.72 101.92
N LEU A 785 34.21 35.94 102.50
CA LEU A 785 34.87 37.22 102.47
C LEU A 785 35.39 37.51 101.06
N LYS A 786 35.45 36.44 100.25
CA LYS A 786 35.76 36.49 98.83
C LYS A 786 34.64 37.16 98.04
N ALA A 787 33.39 36.82 98.37
CA ALA A 787 32.21 37.35 97.67
C ALA A 787 31.99 38.86 97.93
N ASP A 788 30.98 39.42 97.29
CA ASP A 788 30.73 40.87 97.34
C ASP A 788 30.74 41.48 98.72
N PRO A 789 31.38 42.64 98.85
CA PRO A 789 31.19 43.49 100.04
C PRO A 789 29.77 44.05 100.10
N ARG A 790 29.07 44.01 98.97
CA ARG A 790 27.68 44.48 98.90
C ARG A 790 26.73 43.60 99.69
N PHE A 791 26.82 42.28 99.48
CA PHE A 791 25.92 41.32 100.14
C PHE A 791 25.83 41.52 101.64
N GLU A 792 26.89 42.06 102.23
CA GLU A 792 27.00 42.23 103.68
C GLU A 792 27.23 40.88 104.35
N CYS A 793 27.15 39.82 103.55
CA CYS A 793 27.33 38.46 104.00
C CYS A 793 28.75 38.27 104.52
N GLY A 794 28.87 37.70 105.73
CA GLY A 794 30.18 37.48 106.38
C GLY A 794 30.25 36.21 107.20
N TRP A 795 31.47 35.80 107.56
CA TRP A 795 31.72 34.54 108.26
C TRP A 795 31.60 34.68 109.78
N CYS A 796 30.88 33.74 110.38
CA CYS A 796 30.61 33.77 111.83
C CYS A 796 31.23 32.60 112.58
N VAL A 797 32.31 32.90 113.30
CA VAL A 797 33.17 31.93 113.97
C VAL A 797 32.41 30.78 114.63
N ALA A 798 31.61 31.11 115.65
CA ALA A 798 30.98 30.11 116.52
C ALA A 798 30.16 29.06 115.78
N GLU A 799 29.33 29.53 114.84
CA GLU A 799 28.41 28.67 114.10
C GLU A 799 29.16 27.67 113.20
N ARG A 800 30.38 28.05 112.80
CA ARG A 800 31.16 27.37 111.74
C ARG A 800 30.51 27.55 110.36
N ARG A 801 29.74 28.63 110.24
CA ARG A 801 29.00 28.95 109.02
C ARG A 801 28.99 30.46 108.79
N CYS A 802 28.32 30.89 107.73
CA CYS A 802 28.42 32.27 107.27
C CYS A 802 27.05 32.89 106.98
N SER A 803 26.78 33.99 107.68
CA SER A 803 25.56 34.77 107.49
C SER A 803 25.79 36.18 107.99
N LEU A 804 24.85 37.06 107.70
CA LEU A 804 24.92 38.46 108.11
C LEU A 804 25.03 38.63 109.63
N ARG A 805 25.41 39.83 110.05
CA ARG A 805 25.36 40.23 111.45
C ARG A 805 23.96 39.92 112.00
N HIS A 806 22.96 40.42 111.28
CA HIS A 806 21.54 40.11 111.47
C HIS A 806 21.30 38.68 111.99
N HIS A 807 21.82 37.70 111.26
CA HIS A 807 21.52 36.29 111.53
C HIS A 807 22.54 35.55 112.40
N CYS A 808 23.48 36.28 113.01
CA CYS A 808 24.46 35.63 113.89
C CYS A 808 24.72 36.38 115.20
N PRO A 809 24.51 35.70 116.35
CA PRO A 809 24.61 36.25 117.71
C PRO A 809 26.00 36.76 118.10
N ALA A 810 26.04 37.92 118.74
CA ALA A 810 27.29 38.54 119.19
C ALA A 810 27.63 38.15 120.63
N ASP A 811 28.16 36.94 120.80
CA ASP A 811 28.63 36.46 122.10
C ASP A 811 29.95 37.12 122.47
N SER A 812 30.74 37.43 121.44
CA SER A 812 31.94 38.23 121.59
C SER A 812 31.77 39.49 120.72
N PRO A 813 32.38 40.62 121.11
CA PRO A 813 32.35 41.84 120.30
C PRO A 813 32.99 41.66 118.91
N ALA A 814 33.77 40.59 118.75
CA ALA A 814 34.35 40.21 117.47
C ALA A 814 34.12 38.73 117.18
N SER A 815 32.85 38.32 117.17
CA SER A 815 32.47 36.94 116.86
C SER A 815 32.06 36.78 115.40
N TRP A 816 31.54 37.85 114.81
CA TRP A 816 31.22 37.88 113.38
C TRP A 816 32.34 38.61 112.63
N MET A 817 32.93 37.92 111.66
CA MET A 817 34.09 38.47 110.92
C MET A 817 33.75 38.74 109.47
N HIS A 818 34.11 39.94 109.01
CA HIS A 818 33.94 40.32 107.61
C HIS A 818 35.24 40.90 107.08
N ALA A 819 35.56 40.59 105.83
CA ALA A 819 36.75 41.12 105.20
C ALA A 819 36.60 42.62 105.01
N HIS A 820 37.23 43.37 105.90
CA HIS A 820 37.09 44.84 105.97
C HIS A 820 37.39 45.51 104.63
N HIS A 821 38.53 45.14 104.05
CA HIS A 821 38.95 45.62 102.74
C HIS A 821 39.68 44.44 102.09
N GLY A 822 39.72 43.36 102.85
CA GLY A 822 40.44 42.14 102.51
C GLY A 822 41.57 41.94 103.51
N SER A 823 41.68 42.88 104.45
CA SER A 823 42.71 42.86 105.48
C SER A 823 42.31 41.87 106.58
N SER A 824 41.80 40.71 106.15
CA SER A 824 41.24 39.73 107.06
C SER A 824 41.86 38.37 106.81
N ARG A 825 42.84 38.02 107.65
CA ARG A 825 43.39 36.66 107.63
C ARG A 825 42.26 35.69 107.98
N CYS A 826 42.32 34.50 107.40
CA CYS A 826 41.24 33.56 107.54
C CYS A 826 41.77 32.24 108.09
N THR A 827 41.38 32.06 108.87
CA THR A 827 41.95 31.01 109.75
C THR A 827 42.02 29.61 109.12
N ASP A 828 42.89 28.78 109.70
CA ASP A 828 42.99 27.35 109.36
C ASP A 828 43.09 26.97 107.87
N PRO A 829 44.06 27.55 107.13
CA PRO A 829 44.24 27.17 105.72
C PRO A 829 44.49 25.68 105.57
N LYS A 830 43.97 25.08 104.51
CA LYS A 830 44.12 23.65 104.30
C LYS A 830 44.42 23.39 102.83
N ILE A 831 45.31 22.43 102.58
CA ILE A 831 45.62 22.00 101.23
C ILE A 831 44.87 20.70 100.95
N LEU A 832 44.16 20.66 99.82
CA LEU A 832 43.45 19.47 99.42
C LEU A 832 44.37 18.59 98.59
N LYS A 833 44.79 19.10 97.44
CA LYS A 833 45.74 18.42 96.57
C LYS A 833 46.50 19.37 95.65
N LEU A 834 47.66 18.90 95.20
CA LEU A 834 48.56 19.67 94.35
C LEU A 834 49.04 18.84 93.15
N SER A 835 49.14 19.51 92.00
CA SER A 835 49.65 18.89 90.77
C SER A 835 51.05 19.41 90.42
N PRO A 836 51.68 18.77 89.42
CA PRO A 836 52.83 17.85 89.49
C PRO A 836 53.15 17.31 90.88
N GLU A 837 53.05 15.98 91.04
CA GLU A 837 53.41 15.36 92.31
C GLU A 837 54.92 15.17 92.41
N THR A 838 55.56 15.10 91.25
CA THR A 838 57.02 15.00 91.15
C THR A 838 57.57 16.21 90.39
N GLY A 839 58.88 16.44 90.52
CA GLY A 839 59.53 17.54 89.83
C GLY A 839 61.01 17.31 89.69
N PRO A 840 61.65 18.06 88.78
CA PRO A 840 63.10 17.93 88.65
C PRO A 840 63.82 18.66 89.78
N ARG A 841 64.98 18.14 90.17
CA ARG A 841 65.79 18.74 91.22
C ARG A 841 66.22 20.17 90.86
N GLN A 842 66.47 20.41 89.58
CA GLN A 842 66.90 21.74 89.11
C GLN A 842 65.85 22.84 89.32
N GLY A 843 64.59 22.44 89.47
CA GLY A 843 63.48 23.39 89.67
C GLY A 843 62.92 23.96 88.38
N GLY A 844 62.22 25.09 88.49
CA GLY A 844 61.51 25.70 87.36
C GLY A 844 60.08 25.21 87.19
N THR A 845 59.74 24.15 87.92
CA THR A 845 58.41 23.53 87.89
C THR A 845 57.33 24.54 88.27
N ARG A 846 56.20 24.47 87.57
CA ARG A 846 55.00 25.17 88.00
C ARG A 846 54.17 24.26 88.91
N LEU A 847 54.21 24.53 90.21
CA LEU A 847 53.39 23.80 91.18
C LEU A 847 51.97 24.39 91.21
N THR A 848 50.97 23.51 91.16
CA THR A 848 49.57 23.95 91.09
C THR A 848 48.82 23.53 92.38
N ILE A 849 48.85 24.38 93.40
CA ILE A 849 48.26 24.04 94.72
C ILE A 849 46.80 24.46 94.85
N THR A 850 45.94 23.52 95.23
CA THR A 850 44.53 23.82 95.42
C THR A 850 44.05 23.55 96.85
N GLY A 851 43.65 24.61 97.54
CA GLY A 851 43.23 24.55 98.94
C GLY A 851 41.82 25.05 99.16
N GLU A 852 41.50 25.46 100.39
CA GLU A 852 40.16 25.97 100.69
C GLU A 852 40.10 27.30 101.44
N ASN A 853 40.97 27.48 102.42
CA ASN A 853 40.88 28.67 103.25
C ASN A 853 42.17 29.48 103.24
N LEU A 854 42.52 29.99 102.08
CA LEU A 854 43.79 30.73 101.89
C LEU A 854 43.62 32.24 102.02
N GLY A 855 44.67 32.99 101.68
CA GLY A 855 44.65 34.45 101.81
C GLY A 855 43.82 35.11 100.73
N LEU A 856 43.33 36.33 100.99
CA LEU A 856 42.50 37.01 100.00
C LEU A 856 43.21 37.95 99.01
N ARG A 857 44.45 38.35 99.31
CA ARG A 857 45.31 39.09 98.38
C ARG A 857 46.50 38.25 97.92
N PHE A 858 47.09 38.60 96.77
CA PHE A 858 48.30 37.91 96.31
C PHE A 858 49.52 38.25 97.16
N GLU A 859 49.67 39.55 97.48
CA GLU A 859 50.89 40.04 98.14
C GLU A 859 51.10 39.53 99.57
N ASP A 860 50.15 38.75 100.07
CA ASP A 860 50.36 38.04 101.32
C ASP A 860 50.80 36.58 101.11
N VAL A 861 50.25 35.93 100.08
CA VAL A 861 50.64 34.56 99.76
C VAL A 861 52.02 34.50 99.12
N ARG A 862 52.36 35.51 98.33
CA ARG A 862 53.72 35.67 97.82
C ARG A 862 54.70 35.70 98.99
N LEU A 863 55.73 34.87 98.90
CA LEU A 863 56.71 34.73 99.99
C LEU A 863 56.30 33.68 101.02
N GLY A 864 55.02 33.31 101.01
CA GLY A 864 54.49 32.33 101.96
C GLY A 864 54.74 30.89 101.54
N VAL A 865 54.74 30.65 100.23
CA VAL A 865 54.83 29.29 99.71
C VAL A 865 56.26 28.76 99.78
N HIS A 866 56.40 27.53 100.27
CA HIS A 866 57.69 26.82 100.31
C HIS A 866 57.49 25.31 100.11
N VAL A 867 58.45 24.66 99.47
CA VAL A 867 58.43 23.21 99.32
C VAL A 867 59.50 22.62 100.21
N GLY A 868 59.12 22.34 101.46
CA GLY A 868 60.10 21.95 102.48
C GLY A 868 60.93 23.17 102.81
N LYS A 869 62.19 23.18 102.36
CA LYS A 869 63.07 24.32 102.54
C LYS A 869 63.07 25.24 101.31
N VAL A 870 62.81 24.64 100.15
CA VAL A 870 62.97 25.29 98.85
C VAL A 870 61.99 26.43 98.63
N LEU A 871 62.53 27.61 98.35
CA LEU A 871 61.71 28.80 98.12
C LEU A 871 60.94 28.72 96.81
N CYS A 872 59.64 28.96 96.91
CA CYS A 872 58.74 28.86 95.77
C CYS A 872 58.15 30.24 95.50
N SER A 873 58.29 30.72 94.27
CA SER A 873 57.76 32.03 93.87
C SER A 873 56.43 31.94 93.10
N PRO A 874 55.36 32.50 93.66
CA PRO A 874 54.01 32.35 93.11
C PRO A 874 53.72 33.31 91.97
N VAL A 875 52.78 32.91 91.11
CA VAL A 875 52.47 33.63 89.88
C VAL A 875 51.15 34.38 90.02
N GLU A 876 51.17 35.66 89.64
CA GLU A 876 50.02 36.55 89.83
C GLU A 876 48.79 36.14 89.06
N SER A 877 48.92 36.10 87.73
CA SER A 877 47.80 35.85 86.84
C SER A 877 47.11 34.51 87.10
N GLU A 878 47.90 33.50 87.43
CA GLU A 878 47.40 32.13 87.56
C GLU A 878 46.88 31.82 88.96
N TYR A 879 46.97 32.82 89.84
CA TYR A 879 46.48 32.73 91.22
C TYR A 879 44.99 33.06 91.34
N ILE A 880 44.20 32.10 91.81
CA ILE A 880 42.78 32.31 92.07
C ILE A 880 42.58 32.38 93.57
N SER A 881 42.18 33.56 94.05
CA SER A 881 42.20 33.87 95.49
C SER A 881 41.44 32.90 96.39
N ALA A 882 42.11 32.58 97.49
CA ALA A 882 41.83 31.48 98.42
C ALA A 882 41.30 30.12 97.92
N GLU A 883 41.43 29.84 96.63
CA GLU A 883 41.16 28.49 96.14
C GLU A 883 42.43 27.82 95.62
N GLN A 884 43.25 28.60 94.92
CA GLN A 884 44.34 28.02 94.13
C GLN A 884 45.54 28.95 94.02
N ILE A 885 46.73 28.40 94.26
CA ILE A 885 48.00 29.08 94.00
C ILE A 885 48.84 28.34 92.97
N VAL A 886 49.27 29.07 91.95
CA VAL A 886 50.26 28.53 91.02
C VAL A 886 51.59 29.14 91.39
N CYS A 887 52.58 28.26 91.58
CA CYS A 887 53.86 28.65 92.15
C CYS A 887 55.01 28.05 91.36
N GLU A 888 56.07 28.83 91.17
CA GLU A 888 57.28 28.38 90.48
C GLU A 888 58.40 28.03 91.47
N ILE A 889 58.78 26.76 91.51
CA ILE A 889 59.79 26.23 92.41
C ILE A 889 61.18 26.66 91.96
N GLY A 890 62.03 27.03 92.91
CA GLY A 890 63.42 27.40 92.63
C GLY A 890 64.38 26.21 92.63
N ASP A 891 65.67 26.52 92.57
CA ASP A 891 66.72 25.50 92.50
C ASP A 891 66.77 24.63 93.76
N ALA A 892 66.64 23.32 93.57
CA ALA A 892 66.66 22.37 94.68
C ALA A 892 67.87 21.42 94.64
N SER A 893 68.90 21.83 93.89
CA SER A 893 70.14 21.06 93.78
C SER A 893 70.80 20.85 95.14
N THR A 894 70.80 21.90 95.96
CA THR A 894 71.49 21.93 97.25
C THR A 894 70.74 21.20 98.39
N LEU A 895 69.48 20.86 98.14
CA LEU A 895 68.65 20.15 99.11
C LEU A 895 69.15 18.73 99.35
N ARG A 896 69.23 18.34 100.62
CA ARG A 896 69.59 16.97 101.03
C ARG A 896 68.42 15.98 100.84
N ALA A 897 67.20 16.47 101.07
CA ALA A 897 66.00 15.65 101.01
C ALA A 897 65.65 15.23 99.57
N HIS A 898 65.02 14.05 99.46
CA HIS A 898 64.50 13.56 98.19
C HIS A 898 63.05 13.99 97.98
N ASP A 899 62.32 14.07 99.09
CA ASP A 899 60.94 14.56 99.07
C ASP A 899 60.62 15.43 100.28
N ALA A 900 59.75 16.42 100.09
CA ALA A 900 59.40 17.38 101.12
C ALA A 900 57.94 17.81 101.02
N LEU A 901 57.35 18.11 102.18
CA LEU A 901 55.95 18.55 102.26
C LEU A 901 55.85 20.02 101.86
N VAL A 902 54.71 20.41 101.31
CA VAL A 902 54.50 21.80 100.88
C VAL A 902 53.82 22.61 101.97
N GLU A 903 54.28 23.85 102.12
CA GLU A 903 53.84 24.74 103.17
C GLU A 903 53.35 26.07 102.60
N VAL A 904 52.19 26.51 103.06
CA VAL A 904 51.75 27.88 102.83
C VAL A 904 51.54 28.63 104.14
N CYS A 905 52.14 29.81 104.22
CA CYS A 905 51.92 30.70 105.33
C CYS A 905 51.13 31.88 104.79
N VAL A 906 49.92 32.07 105.29
CA VAL A 906 48.98 33.05 104.72
C VAL A 906 49.55 34.46 104.51
N ARG A 907 50.20 34.99 105.55
CA ARG A 907 50.83 36.30 105.53
C ARG A 907 52.02 36.17 106.48
N ASP A 908 51.72 35.64 107.67
CA ASP A 908 52.73 35.36 108.67
C ASP A 908 52.65 33.88 108.99
N CYS A 909 53.81 33.24 109.20
CA CYS A 909 53.84 31.83 109.54
C CYS A 909 53.35 31.54 110.97
N SER A 910 52.20 32.13 111.30
CA SER A 910 51.59 31.96 112.61
C SER A 910 51.10 30.53 112.82
N LEU A 911 50.97 30.16 114.07
CA LEU A 911 50.74 28.77 114.47
C LEU A 911 49.35 28.24 114.08
N HIS A 912 48.38 29.13 113.98
CA HIS A 912 47.07 28.74 113.48
C HIS A 912 46.95 28.98 111.97
N TYR A 913 47.78 29.87 111.42
CA TYR A 913 47.70 30.25 110.00
C TYR A 913 48.74 29.61 109.07
N ARG A 914 48.89 28.29 109.19
CA ARG A 914 49.84 27.52 108.38
C ARG A 914 49.20 26.25 107.88
N ALA A 915 49.46 25.92 106.63
CA ALA A 915 48.96 24.68 106.04
C ALA A 915 50.10 23.83 105.53
N LEU A 916 49.94 22.51 105.68
CA LEU A 916 50.95 21.58 105.26
C LEU A 916 50.28 20.51 104.41
N SER A 917 50.89 20.15 103.28
CA SER A 917 50.30 19.23 102.31
C SER A 917 50.10 17.81 102.83
N PRO A 918 48.96 17.19 102.51
CA PRO A 918 48.61 15.86 103.02
C PRO A 918 49.57 14.77 102.55
N LYS A 919 49.97 14.84 101.28
CA LYS A 919 51.07 14.02 100.80
C LYS A 919 52.15 14.94 100.25
N ARG A 920 53.39 14.47 100.21
CA ARG A 920 54.53 15.33 99.86
C ARG A 920 55.01 15.27 98.41
N PHE A 921 55.62 16.38 97.99
CA PHE A 921 56.17 16.58 96.66
C PHE A 921 57.51 15.87 96.55
N THR A 922 57.74 15.19 95.44
CA THR A 922 58.96 14.37 95.27
C THR A 922 59.91 14.97 94.25
N PHE A 923 61.19 15.11 94.62
CA PHE A 923 62.23 15.53 93.67
C PHE A 923 62.94 14.33 93.06
N VAL A 924 63.11 14.37 91.75
CA VAL A 924 63.85 13.33 91.05
C VAL A 924 64.80 13.95 90.02
N THR A 925 65.46 13.08 89.40
CA THR A 925 66.13 13.45 88.16
C THR A 925 65.90 12.32 87.15
N PRO A 926 64.94 12.54 86.24
CA PRO A 926 64.57 11.58 85.21
C PRO A 926 65.75 11.24 84.30
N THR A 927 65.82 9.98 83.89
CA THR A 927 66.85 9.48 82.98
C THR A 927 66.25 8.57 81.92
N PHE A 928 66.92 8.50 80.76
CA PHE A 928 66.50 7.65 79.63
C PHE A 928 67.68 6.85 79.06
N TYR A 929 67.41 5.65 78.57
CA TYR A 929 68.49 4.73 78.18
C TYR A 929 68.29 3.99 76.85
N ARG A 930 67.07 3.98 76.32
CA ARG A 930 66.75 3.20 75.12
C ARG A 930 65.58 3.79 74.32
N VAL A 931 65.61 3.57 73.01
CA VAL A 931 64.56 4.04 72.10
C VAL A 931 64.12 2.86 71.23
N SER A 932 62.81 2.71 70.99
CA SER A 932 62.26 1.42 70.51
C SER A 932 61.87 1.21 69.03
N PRO A 933 61.92 2.27 68.21
CA PRO A 933 62.77 2.04 67.05
C PRO A 933 63.93 3.02 67.18
N SER A 934 65.15 2.58 66.87
CA SER A 934 66.31 3.47 66.87
C SER A 934 66.55 4.05 65.46
N ARG A 935 65.75 3.58 64.51
CA ARG A 935 65.82 3.99 63.11
C ARG A 935 64.45 4.44 62.59
N GLY A 936 64.46 5.36 61.62
CA GLY A 936 63.23 5.83 60.98
C GLY A 936 63.47 6.72 59.76
N PRO A 937 62.49 6.74 58.82
CA PRO A 937 62.55 7.53 57.58
C PRO A 937 62.75 9.02 57.80
N LEU A 938 63.44 9.65 56.84
CA LEU A 938 63.73 11.09 56.86
C LEU A 938 62.50 11.99 56.95
N SER A 939 61.41 11.58 56.29
CA SER A 939 60.15 12.33 56.34
C SER A 939 59.57 12.38 57.76
N GLY A 940 59.94 11.38 58.56
CA GLY A 940 59.52 11.30 59.96
C GLY A 940 58.21 10.56 60.13
N GLY A 941 57.48 10.91 61.19
CA GLY A 941 56.19 10.29 61.50
C GLY A 941 56.30 8.90 62.12
N THR A 942 57.40 8.67 62.85
CA THR A 942 57.66 7.37 63.47
C THR A 942 57.24 7.39 64.94
N TRP A 943 56.54 6.34 65.37
CA TRP A 943 56.12 6.19 66.77
C TRP A 943 57.28 5.73 67.65
N ILE A 944 57.86 6.67 68.36
CA ILE A 944 59.05 6.45 69.19
C ILE A 944 58.69 6.10 70.63
N GLY A 945 59.44 5.14 71.20
CA GLY A 945 59.22 4.70 72.57
C GLY A 945 60.46 4.82 73.44
N ILE A 946 60.62 5.96 74.09
CA ILE A 946 61.79 6.23 74.93
C ILE A 946 61.61 5.63 76.33
N GLU A 947 62.49 4.70 76.67
CA GLU A 947 62.45 4.05 77.98
C GLU A 947 63.42 4.70 78.95
N GLY A 948 63.01 4.75 80.22
CA GLY A 948 63.85 5.28 81.28
C GLY A 948 63.26 5.17 82.66
N SER A 949 63.62 6.11 83.52
CA SER A 949 63.12 6.18 84.89
C SER A 949 62.74 7.62 85.27
N HIS A 950 61.66 7.75 86.05
CA HIS A 950 61.12 9.04 86.51
C HIS A 950 60.62 9.96 85.38
N LEU A 951 60.23 9.36 84.26
CA LEU A 951 59.90 10.13 83.05
C LEU A 951 58.62 10.95 83.14
N ASN A 952 57.80 10.67 84.15
CA ASN A 952 56.51 11.32 84.34
C ASN A 952 56.55 12.56 85.23
N ALA A 953 57.75 13.00 85.57
CA ALA A 953 57.96 14.10 86.51
C ALA A 953 57.51 15.46 85.96
N GLY A 954 57.21 16.38 86.88
CA GLY A 954 57.02 17.79 86.55
C GLY A 954 55.77 18.13 85.78
N SER A 955 55.81 19.27 85.10
CA SER A 955 54.69 19.76 84.28
C SER A 955 54.88 19.55 82.77
N ASP A 956 55.63 20.44 82.13
CA ASP A 956 55.83 20.37 80.68
C ASP A 956 56.91 19.36 80.28
N VAL A 957 56.75 18.81 79.08
CA VAL A 957 57.76 17.93 78.50
C VAL A 957 57.95 18.34 77.04
N ALA A 958 59.19 18.31 76.56
CA ALA A 958 59.52 18.65 75.18
C ALA A 958 60.66 17.75 74.70
N VAL A 959 60.41 17.02 73.62
CA VAL A 959 61.41 16.10 73.07
C VAL A 959 61.93 16.65 71.74
N SER A 960 63.25 16.75 71.61
CA SER A 960 63.90 17.35 70.44
C SER A 960 64.92 16.40 69.78
N ILE A 961 64.63 16.01 68.54
CA ILE A 961 65.53 15.17 67.75
C ILE A 961 66.17 16.03 66.68
N GLY A 962 67.47 16.25 66.83
CA GLY A 962 68.22 17.15 65.95
C GLY A 962 67.86 18.63 66.14
N GLY A 963 67.30 18.95 67.31
CA GLY A 963 66.84 20.31 67.60
C GLY A 963 65.38 20.53 67.21
N ARG A 964 64.91 19.68 66.30
CA ARG A 964 63.54 19.76 65.79
C ARG A 964 62.59 19.02 66.72
N PRO A 965 61.38 19.58 66.96
CA PRO A 965 60.50 19.02 68.00
C PRO A 965 59.64 17.79 67.64
N CYS A 966 59.61 16.84 68.56
CA CYS A 966 58.77 15.64 68.47
C CYS A 966 57.33 15.95 68.89
N SER A 967 56.35 15.39 68.17
CA SER A 967 54.94 15.53 68.54
C SER A 967 54.59 14.57 69.67
N PHE A 968 54.32 15.12 70.85
CA PHE A 968 54.07 14.33 72.06
C PHE A 968 52.71 13.65 72.05
N SER A 969 52.64 12.46 72.62
CA SER A 969 51.39 11.72 72.76
C SER A 969 51.03 11.45 74.22
N TRP A 970 51.75 10.53 74.86
CA TRP A 970 51.51 10.22 76.28
C TRP A 970 52.78 9.93 77.07
N ARG A 971 52.69 10.10 78.38
CA ARG A 971 53.82 10.02 79.31
C ARG A 971 53.58 8.96 80.39
N ASN A 972 54.67 8.34 80.85
CA ASN A 972 54.60 7.33 81.89
C ASN A 972 55.84 7.40 82.79
N SER A 973 55.80 6.68 83.91
CA SER A 973 56.94 6.54 84.79
C SER A 973 58.15 5.99 84.02
N ARG A 974 57.87 5.01 83.16
CA ARG A 974 58.89 4.25 82.42
C ARG A 974 59.02 4.60 80.94
N GLU A 975 58.01 5.25 80.36
CA GLU A 975 58.01 5.50 78.91
C GLU A 975 57.49 6.87 78.48
N ILE A 976 58.11 7.43 77.44
CA ILE A 976 57.60 8.59 76.73
C ILE A 976 57.36 8.17 75.29
N ARG A 977 56.15 8.37 74.81
CA ARG A 977 55.80 8.06 73.43
C ARG A 977 55.50 9.34 72.64
N CYS A 978 56.25 9.54 71.55
CA CYS A 978 56.04 10.70 70.68
C CYS A 978 56.29 10.38 69.20
N LEU A 979 55.79 11.25 68.32
CA LEU A 979 55.88 11.06 66.87
C LEU A 979 56.93 11.97 66.23
N THR A 980 57.90 11.36 65.56
CA THR A 980 59.11 12.05 65.08
C THR A 980 58.88 13.09 63.98
N PRO A 981 59.63 14.20 64.03
CA PRO A 981 59.56 15.21 62.98
C PRO A 981 60.44 14.84 61.77
N PRO A 982 60.34 15.60 60.66
CA PRO A 982 61.24 15.34 59.53
C PRO A 982 62.69 15.68 59.87
N GLY A 983 63.62 14.84 59.45
CA GLY A 983 65.06 15.08 59.66
C GLY A 983 65.67 15.87 58.53
N HIS A 984 66.69 16.67 58.82
CA HIS A 984 67.37 17.47 57.80
C HIS A 984 68.27 16.60 56.89
N THR A 985 69.20 15.88 57.50
CA THR A 985 70.10 14.98 56.77
C THR A 985 70.15 13.61 57.44
N PRO A 986 70.19 12.53 56.63
CA PRO A 986 70.12 11.18 57.16
C PRO A 986 71.35 10.79 57.99
N GLY A 987 71.13 9.99 59.03
CA GLY A 987 72.19 9.57 59.93
C GLY A 987 71.87 9.83 61.40
N SER A 988 72.88 9.74 62.25
CA SER A 988 72.74 9.87 63.70
C SER A 988 72.24 11.25 64.12
N ALA A 989 71.36 11.27 65.12
CA ALA A 989 70.79 12.51 65.63
C ALA A 989 70.69 12.51 67.16
N PRO A 990 70.95 13.66 67.79
CA PRO A 990 70.83 13.79 69.25
C PRO A 990 69.37 13.83 69.75
N ILE A 991 69.13 13.21 70.89
CA ILE A 991 67.82 13.25 71.55
C ILE A 991 67.88 14.06 72.84
N VAL A 992 67.23 15.24 72.81
CA VAL A 992 67.24 16.15 73.96
C VAL A 992 65.82 16.21 74.56
N ILE A 993 65.69 15.81 75.83
CA ILE A 993 64.41 15.92 76.53
C ILE A 993 64.52 16.96 77.63
N ASN A 994 63.67 17.97 77.59
CA ASN A 994 63.60 18.97 78.65
C ASN A 994 62.26 19.01 79.42
N ILE A 995 62.36 18.74 80.72
CA ILE A 995 61.22 18.79 81.63
C ILE A 995 61.40 20.00 82.55
N ASN A 996 60.55 21.01 82.34
CA ASN A 996 60.63 22.28 83.05
C ASN A 996 62.03 22.88 82.90
N ARG A 997 62.73 23.08 84.02
CA ARG A 997 64.07 23.69 84.00
C ARG A 997 65.20 22.65 83.97
N ALA A 998 64.84 21.37 83.82
CA ALA A 998 65.82 20.29 83.74
C ALA A 998 65.97 19.83 82.29
N GLN A 999 67.19 19.87 81.77
CA GLN A 999 67.47 19.44 80.39
C GLN A 999 68.40 18.22 80.36
N LEU A 1000 67.82 17.04 80.17
CA LEU A 1000 68.55 15.78 80.24
C LEU A 1000 68.98 15.24 78.90
N SER A 1001 70.24 14.79 78.85
CA SER A 1001 70.90 14.37 77.62
C SER A 1001 71.48 12.96 77.74
N ASN A 1002 71.72 12.33 76.59
CA ASN A 1002 72.45 11.06 76.50
C ASN A 1002 73.05 10.88 75.09
N PRO A 1003 74.37 11.04 74.96
CA PRO A 1003 75.05 10.87 73.66
C PRO A 1003 75.29 9.41 73.26
N GLU A 1004 75.04 8.48 74.19
CA GLU A 1004 75.12 7.04 73.90
C GLU A 1004 73.86 6.51 73.23
N VAL A 1005 72.75 7.23 73.44
CA VAL A 1005 71.46 6.87 72.85
C VAL A 1005 71.11 7.87 71.75
N LYS A 1006 71.28 7.44 70.49
CA LYS A 1006 71.03 8.31 69.34
C LYS A 1006 69.93 7.74 68.44
N TYR A 1007 69.44 8.60 67.54
CA TYR A 1007 68.41 8.20 66.57
C TYR A 1007 68.96 8.33 65.16
N ASN A 1008 68.80 7.25 64.39
CA ASN A 1008 69.37 7.15 63.06
C ASN A 1008 68.33 7.37 61.97
N TYR A 1009 68.43 8.51 61.28
CA TYR A 1009 67.54 8.83 60.16
C TYR A 1009 67.94 8.05 58.91
N THR A 1010 66.96 7.40 58.29
CA THR A 1010 67.19 6.55 57.12
C THR A 1010 66.62 7.17 55.84
N GLU A 1011 67.83 6.99 54.00
CA GLU A 1011 67.29 7.40 52.69
C GLU A 1011 65.90 6.82 52.53
N ASP A 1012 64.97 7.65 52.03
CA ASP A 1012 63.57 7.28 51.89
C ASP A 1012 63.38 5.96 51.15
N PRO A 1013 62.54 5.06 51.69
CA PRO A 1013 62.28 3.79 51.02
C PRO A 1013 61.61 4.01 49.66
N THR A 1014 61.76 3.03 48.77
CA THR A 1014 61.12 3.06 47.44
C THR A 1014 60.30 1.80 47.21
N ILE A 1015 59.28 1.90 46.37
CA ILE A 1015 58.49 0.74 45.97
C ILE A 1015 58.74 0.48 44.48
N LEU A 1016 59.09 -0.77 44.17
CA LEU A 1016 59.45 -1.16 42.80
C LEU A 1016 58.41 -2.04 42.13
N ARG A 1017 57.99 -3.10 42.82
CA ARG A 1017 57.15 -4.12 42.21
C ARG A 1017 56.22 -4.81 43.20
N ILE A 1018 54.97 -5.00 42.80
CA ILE A 1018 53.99 -5.76 43.56
C ILE A 1018 53.64 -7.01 42.79
N ASP A 1019 53.78 -8.19 43.42
CA ASP A 1019 53.70 -9.42 42.64
C ASP A 1019 52.70 -10.56 42.94
N PRO A 1020 51.41 -10.19 42.95
CA PRO A 1020 50.56 -10.37 41.77
C PRO A 1020 50.08 -8.94 41.51
N GLU A 1021 49.89 -8.54 40.26
CA GLU A 1021 49.43 -7.17 40.02
C GLU A 1021 47.91 -7.00 40.14
N TRP A 1022 47.31 -7.76 41.07
CA TRP A 1022 45.85 -7.83 41.21
C TRP A 1022 45.37 -8.46 42.52
N SER A 1023 44.06 -8.32 42.77
CA SER A 1023 43.34 -8.98 43.89
C SER A 1023 41.82 -8.88 43.70
N ILE A 1024 41.04 -9.52 44.58
CA ILE A 1024 39.57 -9.44 44.50
C ILE A 1024 38.93 -8.35 45.38
N ASN A 1025 37.63 -8.13 45.18
CA ASN A 1025 36.87 -7.06 45.84
C ASN A 1025 37.01 -7.02 47.37
N SER A 1026 37.00 -8.19 47.99
CA SER A 1026 37.17 -8.30 49.46
C SER A 1026 38.65 -8.36 49.90
N GLY A 1027 39.55 -8.45 48.92
CA GLY A 1027 40.99 -8.48 49.19
C GLY A 1027 41.44 -9.67 50.01
N GLY A 1028 42.50 -9.47 50.79
CA GLY A 1028 43.00 -10.49 51.70
C GLY A 1028 44.01 -11.47 51.13
N THR A 1029 44.40 -11.27 49.87
CA THR A 1029 45.42 -12.13 49.23
C THR A 1029 46.83 -11.63 49.50
N LEU A 1030 47.79 -12.56 49.46
CA LEU A 1030 49.22 -12.23 49.61
C LEU A 1030 49.72 -11.41 48.43
N LEU A 1031 50.55 -10.41 48.71
CA LEU A 1031 51.19 -9.61 47.68
C LEU A 1031 52.68 -9.54 47.95
N THR A 1032 53.47 -10.05 47.01
CA THR A 1032 54.92 -10.11 47.22
C THR A 1032 55.61 -8.84 46.69
N VAL A 1033 55.76 -7.87 47.59
CA VAL A 1033 56.23 -6.51 47.27
C VAL A 1033 57.75 -6.41 47.40
N THR A 1034 58.36 -5.69 46.47
CA THR A 1034 59.82 -5.46 46.48
C THR A 1034 60.19 -3.98 46.36
N GLY A 1035 61.24 -3.58 47.07
CA GLY A 1035 61.72 -2.20 47.06
C GLY A 1035 63.06 -2.00 47.76
N THR A 1036 63.21 -0.86 48.43
CA THR A 1036 64.45 -0.53 49.16
C THR A 1036 64.15 0.08 50.53
N ASN A 1037 65.11 -0.04 51.45
CA ASN A 1037 65.04 0.51 52.81
C ASN A 1037 63.73 0.20 53.57
N LEU A 1038 63.20 -1.00 53.37
CA LEU A 1038 61.90 -1.38 53.95
C LEU A 1038 61.96 -1.73 55.44
N ALA A 1039 63.15 -2.05 55.92
CA ALA A 1039 63.36 -2.34 57.34
C ALA A 1039 63.37 -1.07 58.20
N THR A 1040 63.44 0.10 57.56
CA THR A 1040 63.49 1.40 58.27
C THR A 1040 62.10 1.94 58.65
N VAL A 1041 61.05 1.24 58.23
CA VAL A 1041 59.68 1.53 58.65
C VAL A 1041 59.16 0.31 59.43
N ARG A 1042 58.78 0.52 60.68
CA ARG A 1042 58.40 -0.61 61.54
C ARG A 1042 57.00 -1.18 61.25
N GLU A 1043 56.07 -0.29 60.92
CA GLU A 1043 54.68 -0.69 60.65
C GLU A 1043 54.16 -0.10 59.31
N PRO A 1044 54.63 -0.66 58.18
CA PRO A 1044 54.11 -0.19 56.90
C PRO A 1044 52.82 -0.90 56.53
N ARG A 1045 51.97 -0.20 55.78
CA ARG A 1045 50.66 -0.73 55.40
C ARG A 1045 50.22 -0.25 54.02
N ILE A 1046 49.41 -1.06 53.33
CA ILE A 1046 48.92 -0.73 51.99
C ILE A 1046 47.68 0.13 52.06
N ARG A 1047 47.58 1.09 51.14
CA ARG A 1047 46.43 1.97 51.03
C ARG A 1047 45.84 1.89 49.63
N ALA A 1048 44.50 1.92 49.55
CA ALA A 1048 43.79 1.86 48.28
C ALA A 1048 42.50 2.68 48.34
N LYS A 1049 42.28 3.48 47.31
CA LYS A 1049 41.07 4.30 47.21
C LYS A 1049 40.18 3.79 46.07
N TYR A 1050 39.03 3.25 46.44
CA TYR A 1050 38.06 2.77 45.46
C TYR A 1050 36.75 3.52 45.66
N GLY A 1051 36.36 4.28 44.65
CA GLY A 1051 35.19 5.15 44.73
C GLY A 1051 35.43 6.27 45.73
N GLY A 1052 34.44 6.54 46.57
CA GLY A 1052 34.58 7.55 47.62
C GLY A 1052 35.15 7.01 48.92
N ILE A 1053 35.54 5.73 48.93
CA ILE A 1053 36.03 5.06 50.14
C ILE A 1053 37.54 4.79 50.09
N GLU A 1054 38.21 5.03 51.21
CA GLU A 1054 39.63 4.77 51.39
C GLU A 1054 39.82 3.64 52.39
N ARG A 1055 40.63 2.64 52.04
CA ARG A 1055 40.88 1.49 52.93
C ARG A 1055 42.36 1.06 53.01
N GLU A 1056 42.73 0.49 54.16
CA GLU A 1056 44.12 0.14 54.47
C GLU A 1056 44.26 -1.32 54.92
N ASN A 1057 45.48 -1.86 54.83
CA ASN A 1057 45.79 -3.22 55.33
C ASN A 1057 47.28 -3.44 55.62
N SER A 1058 47.58 -4.48 56.41
CA SER A 1058 48.90 -4.71 57.01
C SER A 1058 49.98 -5.29 56.09
N CYS A 1059 51.24 -5.17 56.54
CA CYS A 1059 52.40 -5.74 55.85
C CYS A 1059 53.38 -6.37 56.84
N MET A 1060 54.16 -7.35 56.37
CA MET A 1060 55.23 -7.97 57.15
C MET A 1060 56.56 -7.83 56.41
N VAL A 1061 57.48 -7.06 56.98
CA VAL A 1061 58.80 -6.83 56.36
C VAL A 1061 59.72 -8.02 56.63
N TYR A 1062 60.46 -8.44 55.62
CA TYR A 1062 61.45 -9.52 55.78
C TYR A 1062 62.88 -9.00 55.65
N ASN A 1063 63.25 -8.62 54.43
CA ASN A 1063 64.54 -7.99 54.16
C ASN A 1063 64.40 -6.48 54.15
N ASP A 1064 65.49 -5.80 53.84
CA ASP A 1064 65.45 -4.38 53.45
C ASP A 1064 64.79 -4.21 52.08
N THR A 1065 64.71 -5.29 51.30
CA THR A 1065 64.18 -5.26 49.93
C THR A 1065 62.82 -5.97 49.76
N THR A 1066 62.52 -6.91 50.64
CA THR A 1066 61.31 -7.72 50.49
C THR A 1066 60.26 -7.51 51.59
N MET A 1067 59.00 -7.66 51.19
CA MET A 1067 57.85 -7.42 52.05
C MET A 1067 56.65 -8.21 51.54
N VAL A 1068 55.92 -8.83 52.47
CA VAL A 1068 54.69 -9.54 52.14
C VAL A 1068 53.53 -8.70 52.66
N CYS A 1069 52.55 -8.42 51.81
CA CYS A 1069 51.42 -7.59 52.20
C CYS A 1069 50.08 -8.26 51.91
N ARG A 1070 49.11 -8.02 52.81
CA ARG A 1070 47.76 -8.56 52.67
C ARG A 1070 46.87 -7.49 52.04
N ALA A 1071 46.36 -7.79 50.84
CA ALA A 1071 45.63 -6.82 50.01
C ALA A 1071 44.39 -6.19 50.66
N PRO A 1072 44.21 -4.86 50.51
CA PRO A 1072 43.08 -4.15 51.13
C PRO A 1072 41.72 -4.49 50.52
N SER A 1073 40.73 -4.67 51.39
CA SER A 1073 39.34 -4.87 50.99
C SER A 1073 38.80 -3.56 50.41
N ILE A 1074 38.06 -3.65 49.30
CA ILE A 1074 37.42 -2.47 48.71
C ILE A 1074 35.89 -2.64 48.64
N ASP A 1075 35.38 -3.60 49.43
CA ASP A 1075 33.96 -3.95 49.47
C ASP A 1075 33.05 -2.73 49.54
N ASN A 1076 32.45 -2.41 48.40
CA ASN A 1076 31.54 -1.29 48.27
C ASN A 1076 30.21 -1.79 47.73
N PRO A 1077 29.09 -1.52 48.45
CA PRO A 1077 27.77 -1.83 47.91
C PRO A 1077 27.28 -0.85 46.84
N LYS A 1078 28.07 0.19 46.57
CA LYS A 1078 27.79 1.17 45.52
C LYS A 1078 28.41 0.77 44.17
N ARG A 1079 29.68 0.35 44.19
CA ARG A 1079 30.36 -0.12 42.99
C ARG A 1079 30.99 -1.49 43.21
N SER A 1080 30.86 -2.35 42.21
CA SER A 1080 31.50 -3.65 42.20
C SER A 1080 32.44 -3.67 41.00
N PRO A 1081 33.64 -4.27 41.14
CA PRO A 1081 34.58 -4.31 40.02
C PRO A 1081 34.03 -5.20 38.89
N PRO A 1082 34.28 -4.81 37.61
CA PRO A 1082 33.79 -5.64 36.50
C PRO A 1082 34.66 -6.88 36.27
N GLU A 1083 34.14 -7.81 35.47
CA GLU A 1083 34.83 -9.06 35.14
C GLU A 1083 36.15 -8.78 34.43
N LEU A 1084 36.19 -7.68 33.69
CA LEU A 1084 37.37 -7.24 32.94
C LEU A 1084 38.48 -6.75 33.87
N GLY A 1085 38.11 -6.15 35.00
CA GLY A 1085 39.07 -5.59 35.94
C GLY A 1085 39.06 -4.07 35.94
N GLU A 1086 39.49 -3.48 37.05
CA GLU A 1086 39.44 -2.03 37.22
C GLU A 1086 40.56 -1.52 38.13
N ARG A 1087 41.20 -0.43 37.69
CA ARG A 1087 42.20 0.28 38.49
C ARG A 1087 41.53 1.09 39.60
N PRO A 1088 42.15 1.17 40.79
CA PRO A 1088 41.62 2.03 41.86
C PRO A 1088 41.93 3.50 41.58
N ASP A 1089 41.19 4.40 42.23
CA ASP A 1089 41.43 5.84 42.12
C ASP A 1089 42.84 6.18 42.59
N GLU A 1090 43.26 5.50 43.65
CA GLU A 1090 44.61 5.64 44.19
C GLU A 1090 45.07 4.30 44.74
N ILE A 1091 46.37 4.03 44.62
CA ILE A 1091 47.00 2.92 45.32
C ILE A 1091 48.42 3.29 45.74
N GLY A 1092 48.78 2.92 46.98
CA GLY A 1092 50.12 3.18 47.52
C GLY A 1092 50.41 2.50 48.84
N PHE A 1093 51.32 3.09 49.60
CA PHE A 1093 51.71 2.53 50.88
C PHE A 1093 51.90 3.63 51.92
N ILE A 1094 51.43 3.38 53.14
CA ILE A 1094 51.68 4.30 54.24
C ILE A 1094 52.99 3.92 54.93
N MET A 1095 54.00 4.75 54.70
CA MET A 1095 55.30 4.61 55.34
C MET A 1095 55.71 5.94 55.96
N ASP A 1096 55.42 6.06 57.25
CA ASP A 1096 55.70 7.23 58.06
C ASP A 1096 55.27 8.52 57.34
N ASN A 1097 56.18 9.47 57.12
CA ASN A 1097 55.83 10.71 56.43
C ASN A 1097 56.32 10.78 54.98
N VAL A 1098 56.79 9.65 54.45
CA VAL A 1098 57.16 9.62 53.04
C VAL A 1098 55.86 9.58 52.23
N ARG A 1099 55.41 10.76 51.80
CA ARG A 1099 54.08 10.93 51.21
C ARG A 1099 54.03 10.64 49.70
N THR A 1100 55.19 10.68 49.05
CA THR A 1100 55.30 10.32 47.63
C THR A 1100 54.95 8.85 47.37
N LEU A 1101 55.01 8.05 48.43
CA LEU A 1101 54.67 6.63 48.35
C LEU A 1101 53.20 6.33 48.63
N LEU A 1102 52.46 7.34 49.07
CA LEU A 1102 51.03 7.18 49.35
C LEU A 1102 50.20 7.00 48.08
N VAL A 1103 50.65 7.62 46.98
CA VAL A 1103 49.96 7.56 45.67
C VAL A 1103 50.91 7.15 44.55
N LEU A 1104 50.64 5.99 43.93
CA LEU A 1104 51.49 5.44 42.87
C LEU A 1104 50.98 5.74 41.46
N ASN A 1105 51.69 6.61 40.76
CA ASN A 1105 51.33 7.09 39.42
C ASN A 1105 51.47 6.02 38.32
N SER A 1106 52.54 5.24 38.39
CA SER A 1106 52.89 4.25 37.37
C SER A 1106 52.17 2.91 37.51
N SER A 1107 51.44 2.73 38.60
CA SER A 1107 50.89 1.42 38.93
C SER A 1107 49.75 0.98 38.03
N SER A 1108 49.78 -0.29 37.66
CA SER A 1108 48.79 -0.91 36.79
C SER A 1108 47.99 -1.95 37.55
N PHE A 1109 48.01 -1.84 38.88
CA PHE A 1109 47.32 -2.79 39.74
C PHE A 1109 45.83 -2.78 39.46
N LEU A 1110 45.26 -3.98 39.35
CA LEU A 1110 43.85 -4.15 39.02
C LEU A 1110 43.08 -4.84 40.12
N TYR A 1111 41.78 -4.58 40.19
CA TYR A 1111 40.88 -5.24 41.13
C TYR A 1111 39.77 -5.99 40.42
N TYR A 1112 39.69 -7.30 40.68
CA TYR A 1112 38.66 -8.16 40.08
C TYR A 1112 37.52 -8.44 41.07
N PRO A 1113 36.36 -8.92 40.59
CA PRO A 1113 35.26 -9.08 41.56
C PRO A 1113 35.35 -10.38 42.37
N ASP A 1114 34.86 -10.32 43.61
CA ASP A 1114 34.72 -11.50 44.47
C ASP A 1114 33.97 -12.64 43.77
N PRO A 1115 33.51 -16.21 44.87
CA PRO A 1115 33.06 -17.41 44.17
C PRO A 1115 31.58 -17.75 44.37
N VAL A 1116 30.95 -18.28 43.31
CA VAL A 1116 29.58 -18.80 43.37
C VAL A 1116 29.64 -20.32 43.53
N LEU A 1117 28.94 -20.86 44.55
CA LEU A 1117 28.95 -22.29 44.84
C LEU A 1117 27.56 -22.90 45.07
N GLU A 1118 27.32 -24.08 44.51
CA GLU A 1118 26.02 -24.75 44.59
C GLU A 1118 26.00 -25.85 45.67
N PRO A 1119 24.99 -25.82 46.58
CA PRO A 1119 24.82 -26.82 47.65
C PRO A 1119 24.11 -28.12 47.19
N LEU A 1120 23.63 -28.91 48.15
CA LEU A 1120 22.94 -30.19 47.88
C LEU A 1120 21.72 -30.04 46.96
N SER A 1131 34.39 -44.00 48.77
CA SER A 1131 35.70 -43.90 48.11
C SER A 1131 35.66 -42.97 46.90
N SER A 1132 34.46 -42.65 46.41
CA SER A 1132 34.27 -41.72 45.29
C SER A 1132 34.58 -40.27 45.69
N PRO A 1133 35.27 -39.51 44.81
CA PRO A 1133 35.75 -38.17 45.18
C PRO A 1133 34.68 -37.07 45.14
N LEU A 1134 34.92 -35.99 45.87
CA LEU A 1134 34.02 -34.83 45.94
C LEU A 1134 34.17 -33.89 44.74
N ILE A 1135 33.04 -33.47 44.18
CA ILE A 1135 32.98 -32.55 43.05
C ILE A 1135 32.02 -31.39 43.36
N LEU A 1136 32.57 -30.19 43.53
CA LEU A 1136 31.78 -29.00 43.84
C LEU A 1136 31.74 -27.99 42.69
N LYS A 1137 30.55 -27.81 42.11
CA LYS A 1137 30.38 -26.98 40.91
C LYS A 1137 29.94 -25.54 41.21
N GLY A 1138 30.22 -24.63 40.28
CA GLY A 1138 29.80 -23.22 40.37
C GLY A 1138 30.58 -22.25 39.51
N ARG A 1139 30.03 -21.04 39.38
CA ARG A 1139 30.66 -19.96 38.61
C ARG A 1139 31.71 -19.19 39.41
N ASN A 1140 32.51 -18.39 38.70
CA ASN A 1140 33.49 -17.46 39.29
C ASN A 1140 34.57 -18.08 40.17
N LEU A 1141 34.94 -19.32 39.89
CA LEU A 1141 35.96 -20.02 40.69
C LEU A 1141 37.38 -19.52 40.40
N LEU A 1142 37.64 -19.17 39.13
CA LEU A 1142 38.93 -18.63 38.73
C LEU A 1142 38.82 -17.35 37.91
N PRO A 1143 39.63 -16.34 38.25
CA PRO A 1143 39.65 -15.06 37.55
C PRO A 1143 40.69 -15.00 36.43
N PRO A 1144 40.45 -14.19 35.39
CA PRO A 1144 41.43 -13.99 34.31
C PRO A 1144 42.58 -13.08 34.75
N ALA A 1145 43.52 -13.64 35.50
CA ALA A 1145 44.60 -12.88 36.12
C ALA A 1145 45.95 -13.04 35.41
N PRO A 1146 46.77 -11.97 35.38
CA PRO A 1146 48.12 -12.03 34.81
C PRO A 1146 49.07 -12.96 35.58
N GLY A 1147 50.06 -13.50 34.87
CA GLY A 1147 51.04 -14.42 35.46
C GLY A 1147 50.45 -15.77 35.80
N ASN A 1148 51.04 -16.44 36.79
CA ASN A 1148 50.51 -17.71 37.31
C ASN A 1148 49.43 -17.48 38.35
N SER A 1149 49.80 -16.76 39.41
CA SER A 1149 48.92 -16.38 40.54
C SER A 1149 47.44 -16.80 40.49
N ARG A 1150 47.07 -17.74 41.37
CA ARG A 1150 45.69 -18.19 41.53
C ARG A 1150 45.35 -18.32 43.02
N LEU A 1151 44.07 -18.59 43.32
CA LEU A 1151 43.60 -18.70 44.71
C LEU A 1151 44.05 -19.99 45.38
N ASN A 1152 44.59 -19.87 46.59
CA ASN A 1152 44.88 -21.03 47.42
C ASN A 1152 43.61 -21.54 48.11
N TYR A 1153 42.89 -22.44 47.42
CA TYR A 1153 41.68 -23.04 47.94
C TYR A 1153 41.99 -24.15 48.95
N THR A 1154 41.14 -24.28 49.96
CA THR A 1154 41.21 -25.38 50.92
C THR A 1154 39.80 -25.88 51.27
N VAL A 1155 39.48 -27.10 50.88
CA VAL A 1155 38.18 -27.71 51.21
C VAL A 1155 38.36 -28.60 52.45
N LEU A 1156 37.62 -28.28 53.51
CA LEU A 1156 37.79 -28.94 54.80
C LEU A 1156 36.53 -29.68 55.28
N ILE A 1157 36.75 -30.72 56.07
CA ILE A 1157 35.66 -31.52 56.64
C ILE A 1157 35.80 -31.57 58.17
N GLY A 1158 35.10 -30.66 58.86
CA GLY A 1158 35.13 -30.60 60.32
C GLY A 1158 36.40 -30.00 60.91
N SER A 1159 37.54 -30.27 60.27
CA SER A 1159 38.84 -29.71 60.65
C SER A 1159 39.96 -30.22 59.74
N THR A 1160 39.68 -31.33 59.04
CA THR A 1160 40.65 -32.00 58.17
C THR A 1160 40.65 -31.45 56.73
N PRO A 1161 41.78 -30.87 56.28
CA PRO A 1161 41.90 -30.40 54.90
C PRO A 1161 42.18 -31.54 53.92
N CYS A 1162 41.78 -31.37 52.66
CA CYS A 1162 42.01 -32.40 51.64
C CYS A 1162 43.01 -31.93 50.59
N ILE A 1163 43.56 -32.90 49.83
CA ILE A 1163 44.38 -32.59 48.67
C ILE A 1163 43.46 -32.54 47.45
N LEU A 1164 43.40 -31.38 46.82
CA LEU A 1164 42.46 -31.13 45.74
C LEU A 1164 43.10 -30.46 44.52
N THR A 1165 42.55 -30.76 43.36
CA THR A 1165 42.92 -30.08 42.11
C THR A 1165 41.78 -29.15 41.70
N VAL A 1166 42.08 -27.86 41.55
CA VAL A 1166 41.08 -26.84 41.31
C VAL A 1166 40.90 -26.56 39.81
N SER A 1167 39.65 -26.63 39.35
CA SER A 1167 39.31 -26.33 37.97
C SER A 1167 38.33 -25.15 37.88
N GLU A 1168 38.23 -24.55 36.70
CA GLU A 1168 37.46 -23.30 36.49
C GLU A 1168 35.97 -23.33 36.86
N THR A 1169 35.37 -24.51 36.83
CA THR A 1169 33.96 -24.66 37.21
C THR A 1169 33.73 -25.64 38.36
N GLN A 1170 34.73 -26.50 38.63
CA GLN A 1170 34.58 -27.56 39.64
C GLN A 1170 35.74 -27.64 40.65
N LEU A 1171 35.46 -28.25 41.81
CA LEU A 1171 36.45 -28.43 42.87
C LEU A 1171 36.63 -29.92 43.22
N LEU A 1172 37.80 -30.46 42.89
CA LEU A 1172 38.06 -31.90 43.04
C LEU A 1172 38.71 -32.28 44.37
N CYS A 1173 37.93 -32.22 45.45
CA CYS A 1173 38.38 -32.70 46.77
C CYS A 1173 38.28 -34.23 46.83
N GLU A 1174 38.98 -34.84 47.79
CA GLU A 1174 38.98 -36.31 47.94
C GLU A 1174 38.54 -36.76 49.34
N ALA A 1175 37.55 -37.66 49.39
CA ALA A 1175 36.85 -38.00 50.63
C ALA A 1175 36.75 -39.51 50.93
N PRO A 1176 36.99 -39.90 52.20
CA PRO A 1176 36.90 -41.30 52.63
C PRO A 1176 35.49 -41.92 52.76
N ASN A 1177 34.45 -41.08 52.83
CA ASN A 1177 33.07 -41.57 52.96
C ASN A 1177 32.40 -41.90 51.62
N LYS A 1183 28.50 -29.52 56.86
CA LYS A 1183 29.75 -29.92 57.51
C LYS A 1183 30.97 -29.73 56.60
N VAL A 1184 30.72 -29.47 55.32
CA VAL A 1184 31.79 -29.23 54.34
C VAL A 1184 31.95 -27.73 54.11
N THR A 1185 33.16 -27.22 54.38
CA THR A 1185 33.47 -25.79 54.25
C THR A 1185 34.59 -25.52 53.26
N VAL A 1186 34.34 -24.57 52.34
CA VAL A 1186 35.31 -24.16 51.33
C VAL A 1186 35.91 -22.79 51.67
N ARG A 1187 37.24 -22.73 51.69
CA ARG A 1187 37.98 -21.51 52.02
C ARG A 1187 38.95 -21.06 50.93
N ALA A 1188 38.97 -19.75 50.68
CA ALA A 1188 39.90 -19.12 49.75
C ALA A 1188 40.12 -17.67 50.17
N GLY A 1189 41.23 -17.43 50.87
CA GLY A 1189 41.52 -16.11 51.44
C GLY A 1189 40.59 -15.83 52.62
N GLY A 1190 39.84 -14.74 52.53
CA GLY A 1190 38.84 -14.41 53.56
C GLY A 1190 37.43 -14.80 53.18
N PHE A 1191 37.29 -15.90 52.43
CA PHE A 1191 35.99 -16.37 51.92
C PHE A 1191 35.58 -17.73 52.50
N GLU A 1192 34.29 -17.87 52.83
CA GLU A 1192 33.75 -19.11 53.38
C GLU A 1192 32.36 -19.45 52.82
N PHE A 1193 32.15 -20.73 52.55
CA PHE A 1193 30.84 -21.23 52.08
C PHE A 1193 30.63 -22.72 52.39
N SER A 1194 29.38 -23.07 52.70
CA SER A 1194 28.98 -24.45 52.99
C SER A 1194 27.98 -24.96 51.95
N PRO B 4 -47.70 -21.06 -19.91
CA PRO B 4 -49.14 -21.33 -19.94
C PRO B 4 -49.49 -22.71 -20.50
N ALA B 5 -50.69 -23.20 -20.19
CA ALA B 5 -51.18 -24.47 -20.73
C ALA B 5 -52.52 -24.28 -21.45
N PHE B 6 -52.73 -25.03 -22.54
CA PHE B 6 -53.95 -24.96 -23.33
C PHE B 6 -55.10 -25.75 -22.71
N ARG B 7 -56.18 -25.06 -22.33
CA ARG B 7 -57.35 -25.69 -21.71
C ARG B 7 -57.97 -26.72 -22.63
N THR B 8 -58.25 -27.90 -22.08
CA THR B 8 -58.56 -29.04 -22.93
C THR B 8 -59.56 -30.05 -22.35
N PHE B 9 -60.33 -30.65 -23.25
CA PHE B 9 -61.29 -31.72 -22.94
C PHE B 9 -60.88 -32.94 -23.75
N VAL B 10 -60.62 -34.05 -23.07
CA VAL B 10 -60.19 -35.27 -23.76
C VAL B 10 -61.34 -36.25 -24.00
N ALA B 11 -61.37 -36.84 -25.20
CA ALA B 11 -62.33 -37.87 -25.54
C ALA B 11 -61.89 -39.22 -25.00
N SER B 12 -62.50 -39.61 -23.89
CA SER B 12 -62.13 -40.78 -23.12
C SER B 12 -62.17 -42.10 -23.91
N ASP B 13 -63.26 -42.31 -24.65
CA ASP B 13 -63.48 -43.60 -25.30
C ASP B 13 -63.65 -43.56 -26.81
N TRP B 14 -64.32 -42.54 -27.33
CA TRP B 14 -64.70 -42.52 -28.75
C TRP B 14 -64.26 -41.29 -29.53
N GLY B 15 -64.50 -41.30 -30.84
CA GLY B 15 -64.24 -40.16 -31.69
C GLY B 15 -65.32 -39.09 -31.57
N LEU B 16 -64.92 -37.84 -31.82
CA LEU B 16 -65.83 -36.70 -31.81
C LEU B 16 -66.20 -36.29 -33.24
N THR B 17 -67.35 -35.65 -33.40
CA THR B 17 -67.84 -35.32 -34.73
C THR B 17 -68.22 -33.87 -34.93
N HIS B 18 -68.90 -33.28 -33.94
CA HIS B 18 -69.38 -31.90 -34.09
C HIS B 18 -69.26 -31.09 -32.81
N LEU B 19 -69.11 -29.77 -32.98
CA LEU B 19 -69.04 -28.86 -31.84
C LEU B 19 -69.83 -27.59 -32.15
N VAL B 20 -70.46 -27.02 -31.12
CA VAL B 20 -71.15 -25.73 -31.26
C VAL B 20 -71.21 -24.95 -29.95
N VAL B 21 -71.25 -23.62 -30.07
CA VAL B 21 -71.24 -22.75 -28.91
C VAL B 21 -72.55 -22.00 -28.77
N HIS B 22 -73.03 -21.93 -27.53
CA HIS B 22 -74.25 -21.21 -27.20
C HIS B 22 -73.91 -19.74 -27.05
N GLU B 23 -74.59 -18.91 -27.82
CA GLU B 23 -74.24 -17.49 -27.92
C GLU B 23 -74.49 -16.71 -26.63
N GLN B 24 -75.37 -17.21 -25.77
CA GLN B 24 -75.61 -16.56 -24.49
C GLN B 24 -74.61 -17.06 -23.45
N THR B 25 -74.60 -18.37 -23.21
CA THR B 25 -73.88 -18.95 -22.07
C THR B 25 -72.38 -19.16 -22.30
N GLY B 26 -72.02 -19.62 -23.48
CA GLY B 26 -70.63 -19.98 -23.75
C GLY B 26 -70.45 -21.43 -23.43
N GLU B 27 -71.54 -22.10 -23.06
CA GLU B 27 -71.52 -23.55 -22.93
C GLU B 27 -71.18 -24.13 -24.29
N VAL B 28 -70.40 -25.21 -24.28
CA VAL B 28 -69.99 -25.83 -25.52
C VAL B 28 -70.59 -27.22 -25.62
N TYR B 29 -71.39 -27.43 -26.66
CA TYR B 29 -71.99 -28.73 -26.90
C TYR B 29 -71.18 -29.48 -27.95
N VAL B 30 -71.01 -30.78 -27.74
CA VAL B 30 -70.09 -31.57 -28.54
C VAL B 30 -70.71 -32.88 -29.01
N GLY B 31 -70.96 -32.96 -30.31
CA GLY B 31 -71.49 -34.18 -30.90
C GLY B 31 -70.39 -35.21 -31.07
N ALA B 32 -70.68 -36.46 -30.71
CA ALA B 32 -69.74 -37.56 -30.92
C ALA B 32 -70.46 -38.84 -31.29
N VAL B 33 -69.68 -39.86 -31.65
CA VAL B 33 -70.21 -41.21 -31.85
C VAL B 33 -70.66 -41.72 -30.48
N ASN B 34 -71.94 -42.07 -30.38
CA ASN B 34 -72.52 -42.63 -29.16
C ASN B 34 -72.65 -41.68 -27.96
N ARG B 35 -72.19 -40.44 -28.13
CA ARG B 35 -72.21 -39.46 -27.04
C ARG B 35 -72.50 -38.05 -27.53
N ILE B 36 -73.13 -37.24 -26.68
CA ILE B 36 -73.31 -35.81 -26.91
C ILE B 36 -73.04 -35.10 -25.59
N TYR B 37 -72.01 -34.26 -25.55
CA TYR B 37 -71.58 -33.64 -24.29
C TYR B 37 -71.95 -32.17 -24.20
N LYS B 38 -72.20 -31.72 -22.96
CA LYS B 38 -72.26 -30.31 -22.63
C LYS B 38 -71.02 -29.95 -21.81
N LEU B 39 -70.34 -28.87 -22.19
CA LEU B 39 -69.09 -28.47 -21.56
C LEU B 39 -69.09 -27.00 -21.18
N SER B 40 -68.34 -26.65 -20.14
CA SER B 40 -68.22 -25.26 -19.73
C SER B 40 -67.28 -24.53 -20.68
N GLY B 41 -67.23 -23.20 -20.56
CA GLY B 41 -66.37 -22.37 -21.39
C GLY B 41 -64.90 -22.73 -21.35
N ASN B 42 -64.46 -23.31 -20.23
CA ASN B 42 -63.08 -23.72 -20.07
C ASN B 42 -62.92 -25.22 -20.24
N LEU B 43 -63.96 -25.84 -20.80
CA LEU B 43 -63.95 -27.24 -21.25
C LEU B 43 -63.98 -28.31 -20.15
N THR B 44 -64.59 -27.97 -19.02
CA THR B 44 -64.89 -28.95 -18.00
C THR B 44 -66.16 -29.67 -18.45
N LEU B 45 -66.24 -30.97 -18.20
CA LEU B 45 -67.45 -31.73 -18.51
C LEU B 45 -68.61 -31.26 -17.65
N LEU B 46 -69.72 -30.93 -18.28
CA LEU B 46 -70.91 -30.54 -17.54
C LEU B 46 -71.99 -31.60 -17.55
N ARG B 47 -72.24 -32.22 -18.71
CA ARG B 47 -73.20 -33.33 -18.81
C ARG B 47 -72.92 -34.22 -20.01
N ALA B 48 -73.15 -35.53 -19.82
CA ALA B 48 -72.87 -36.51 -20.85
C ALA B 48 -74.10 -37.36 -21.14
N HIS B 49 -74.52 -37.35 -22.40
CA HIS B 49 -75.68 -38.08 -22.85
C HIS B 49 -75.21 -39.34 -23.56
N VAL B 50 -75.78 -40.49 -23.21
CA VAL B 50 -75.57 -41.68 -24.03
C VAL B 50 -76.61 -41.71 -25.15
N THR B 51 -76.11 -41.82 -26.37
CA THR B 51 -76.97 -41.82 -27.56
C THR B 51 -76.72 -43.14 -28.26
N GLY B 52 -75.76 -43.89 -27.74
CA GLY B 52 -75.07 -44.90 -28.51
C GLY B 52 -75.21 -46.35 -28.17
N PRO B 53 -74.21 -47.16 -28.59
CA PRO B 53 -74.33 -48.47 -29.23
C PRO B 53 -75.76 -48.99 -29.26
N VAL B 54 -76.36 -49.02 -30.45
CA VAL B 54 -77.75 -49.45 -30.61
C VAL B 54 -77.83 -50.72 -31.44
N GLU B 55 -78.70 -51.64 -31.02
CA GLU B 55 -78.95 -52.87 -31.76
C GLU B 55 -79.75 -52.49 -33.00
N ASP B 56 -79.17 -52.73 -34.19
CA ASP B 56 -79.69 -52.20 -35.45
C ASP B 56 -79.03 -52.82 -36.68
N ASN B 57 -79.52 -52.42 -37.87
CA ASN B 57 -78.94 -52.80 -39.16
C ASN B 57 -79.33 -51.81 -40.26
N GLU B 58 -78.33 -51.34 -41.00
CA GLU B 58 -78.50 -50.31 -42.05
C GLU B 58 -79.46 -50.70 -43.17
N LYS B 59 -79.50 -51.99 -43.50
CA LYS B 59 -80.31 -52.51 -44.61
C LYS B 59 -81.80 -52.43 -44.34
N CYS B 60 -82.16 -52.42 -43.05
CA CYS B 60 -83.54 -52.46 -42.59
C CYS B 60 -84.27 -51.13 -42.82
N TYR B 61 -85.40 -51.16 -43.52
CA TYR B 61 -86.28 -49.99 -43.59
C TYR B 61 -87.52 -50.17 -42.72
N PRO B 62 -88.20 -49.06 -42.40
CA PRO B 62 -88.32 -48.62 -41.01
C PRO B 62 -87.62 -49.54 -40.01
N PRO B 63 -86.72 -48.96 -39.18
CA PRO B 63 -85.86 -49.68 -38.24
C PRO B 63 -86.67 -50.58 -37.31
N PRO B 64 -86.01 -51.59 -36.70
CA PRO B 64 -86.70 -52.66 -35.94
C PRO B 64 -87.80 -52.20 -35.01
N SER B 65 -87.68 -50.98 -34.45
CA SER B 65 -88.69 -50.42 -33.57
C SER B 65 -90.11 -50.49 -34.16
N VAL B 66 -90.27 -50.06 -35.41
CA VAL B 66 -91.59 -50.02 -36.04
C VAL B 66 -92.01 -51.34 -36.71
N GLN B 67 -91.10 -51.96 -37.46
CA GLN B 67 -91.42 -53.20 -38.16
C GLN B 67 -90.35 -54.23 -37.93
N SER B 68 -90.71 -55.49 -38.03
CA SER B 68 -89.72 -56.56 -37.94
C SER B 68 -88.93 -56.62 -39.24
N CYS B 69 -87.62 -56.82 -39.10
CA CYS B 69 -86.72 -57.00 -40.24
C CYS B 69 -86.09 -58.38 -40.22
N PRO B 70 -86.02 -59.04 -41.39
CA PRO B 70 -85.42 -60.36 -41.51
C PRO B 70 -83.89 -60.33 -41.46
N HIS B 71 -83.30 -59.15 -41.69
CA HIS B 71 -81.86 -58.97 -41.64
C HIS B 71 -81.37 -59.04 -40.19
N GLY B 72 -80.23 -59.72 -39.98
CA GLY B 72 -79.65 -59.88 -38.65
C GLY B 72 -79.16 -58.58 -38.03
N LEU B 73 -79.50 -58.39 -36.75
CA LEU B 73 -79.15 -57.17 -36.03
C LEU B 73 -77.87 -57.36 -35.21
N GLY B 74 -77.15 -56.27 -34.99
CA GLY B 74 -75.95 -56.26 -34.16
C GLY B 74 -75.73 -54.91 -33.50
N SER B 75 -75.06 -54.91 -32.34
CA SER B 75 -74.76 -53.68 -31.62
C SER B 75 -73.84 -52.80 -32.45
N THR B 76 -74.39 -51.70 -32.96
CA THR B 76 -73.64 -50.79 -33.81
C THR B 76 -73.55 -49.41 -33.20
N ASP B 77 -72.60 -48.61 -33.70
CA ASP B 77 -72.38 -47.27 -33.19
C ASP B 77 -73.29 -46.25 -33.86
N ASN B 78 -73.79 -45.30 -33.07
CA ASN B 78 -74.65 -44.24 -33.56
C ASN B 78 -73.84 -42.95 -33.68
N VAL B 79 -73.55 -42.57 -34.93
CA VAL B 79 -72.74 -41.40 -35.20
C VAL B 79 -73.59 -40.14 -35.23
N ASN B 80 -73.20 -39.14 -34.45
CA ASN B 80 -73.81 -37.84 -34.57
C ASN B 80 -73.49 -37.23 -35.93
N LYS B 81 -74.51 -37.13 -36.77
CA LYS B 81 -74.36 -36.63 -38.13
C LYS B 81 -74.42 -35.12 -38.16
N LEU B 82 -75.18 -34.55 -37.23
CA LEU B 82 -75.55 -33.14 -37.25
C LEU B 82 -75.79 -32.64 -35.83
N LEU B 83 -75.66 -31.33 -35.65
CA LEU B 83 -75.93 -30.71 -34.35
C LEU B 83 -76.35 -29.28 -34.61
N LEU B 84 -77.47 -28.86 -34.03
CA LEU B 84 -78.03 -27.52 -34.28
C LEU B 84 -78.68 -26.88 -33.07
N LEU B 85 -78.21 -25.69 -32.70
CA LEU B 85 -78.78 -25.00 -31.56
C LEU B 85 -80.09 -24.30 -31.88
N ASP B 86 -81.18 -24.78 -31.25
CA ASP B 86 -82.48 -24.11 -31.31
C ASP B 86 -82.69 -23.30 -30.04
N TYR B 87 -82.23 -22.05 -30.07
CA TYR B 87 -82.32 -21.17 -28.91
C TYR B 87 -83.77 -20.84 -28.58
N ALA B 88 -84.58 -20.68 -29.63
CA ALA B 88 -85.99 -20.31 -29.51
C ALA B 88 -86.79 -21.28 -28.65
N ALA B 89 -86.56 -22.58 -28.83
CA ALA B 89 -87.26 -23.60 -28.06
C ALA B 89 -86.40 -24.25 -26.98
N ASN B 90 -85.34 -23.53 -26.57
CA ASN B 90 -84.48 -23.92 -25.44
C ASN B 90 -84.03 -25.37 -25.51
N ARG B 91 -83.31 -25.71 -26.57
CA ARG B 91 -82.96 -27.11 -26.84
C ARG B 91 -81.84 -27.27 -27.87
N LEU B 92 -81.61 -28.52 -28.26
CA LEU B 92 -80.54 -28.89 -29.15
C LEU B 92 -81.04 -30.00 -30.08
N LEU B 93 -81.02 -29.74 -31.39
CA LEU B 93 -81.32 -30.79 -32.36
C LEU B 93 -80.07 -31.62 -32.60
N ALA B 94 -80.14 -32.90 -32.25
CA ALA B 94 -78.92 -33.69 -32.21
C ALA B 94 -79.02 -34.90 -33.11
N CYS B 95 -78.97 -34.65 -34.42
CA CYS B 95 -79.35 -35.66 -35.39
C CYS B 95 -78.35 -36.79 -35.61
N GLY B 96 -78.79 -38.01 -35.35
CA GLY B 96 -77.91 -39.16 -35.46
C GLY B 96 -78.09 -39.90 -36.76
N SER B 97 -77.61 -41.14 -36.74
CA SER B 97 -77.73 -42.07 -37.83
C SER B 97 -78.29 -43.39 -37.27
N ALA B 98 -77.84 -44.51 -37.86
CA ALA B 98 -78.07 -45.87 -37.35
C ALA B 98 -79.48 -46.22 -36.85
N SER B 99 -80.48 -45.48 -37.34
CA SER B 99 -81.88 -45.81 -37.14
C SER B 99 -82.64 -45.30 -38.35
N GLN B 100 -82.01 -45.43 -39.51
CA GLN B 100 -82.44 -44.74 -40.72
C GLN B 100 -82.39 -43.22 -40.50
N GLY B 101 -81.55 -42.81 -39.55
CA GLY B 101 -81.21 -41.42 -39.34
C GLY B 101 -82.18 -40.61 -38.51
N ILE B 102 -82.68 -41.21 -37.42
CA ILE B 102 -83.65 -40.54 -36.57
C ILE B 102 -83.04 -39.42 -35.74
N CYS B 103 -83.81 -38.36 -35.54
CA CYS B 103 -83.29 -37.16 -34.94
C CYS B 103 -83.65 -37.07 -33.45
N GLN B 104 -82.76 -36.46 -32.67
CA GLN B 104 -82.94 -36.35 -31.23
C GLN B 104 -83.13 -34.89 -30.85
N PHE B 105 -83.90 -34.65 -29.78
CA PHE B 105 -84.02 -33.32 -29.16
C PHE B 105 -83.55 -33.35 -27.72
N LEU B 106 -82.47 -32.65 -27.42
CA LEU B 106 -81.97 -32.62 -26.06
C LEU B 106 -82.19 -31.24 -25.48
N ARG B 107 -82.64 -31.18 -24.23
CA ARG B 107 -82.91 -29.91 -23.59
C ARG B 107 -81.61 -29.18 -23.36
N LEU B 108 -81.67 -27.86 -23.51
CA LEU B 108 -80.49 -27.03 -23.58
C LEU B 108 -79.56 -27.11 -22.36
N ASP B 109 -80.14 -27.00 -21.16
CA ASP B 109 -79.31 -26.82 -19.95
C ASP B 109 -78.99 -28.11 -19.17
N ASP B 110 -79.57 -29.24 -19.57
CA ASP B 110 -79.34 -30.49 -18.86
C ASP B 110 -79.28 -31.73 -19.76
N LEU B 111 -79.51 -31.53 -21.05
CA LEU B 111 -79.55 -32.60 -22.07
C LEU B 111 -80.68 -33.62 -21.88
N PHE B 112 -81.78 -33.16 -21.29
CA PHE B 112 -82.94 -34.02 -21.08
C PHE B 112 -83.63 -34.26 -22.42
N LYS B 113 -83.76 -35.54 -22.79
CA LYS B 113 -84.41 -35.92 -24.05
C LYS B 113 -85.84 -35.46 -24.00
N LEU B 114 -86.11 -34.42 -24.76
CA LEU B 114 -87.45 -33.89 -24.86
C LEU B 114 -88.25 -34.73 -25.84
N GLY B 115 -87.61 -35.14 -26.94
CA GLY B 115 -88.28 -35.96 -27.97
C GLY B 115 -87.33 -36.61 -28.96
N GLU B 116 -87.80 -37.68 -29.61
CA GLU B 116 -87.01 -38.41 -30.59
C GLU B 116 -87.93 -39.12 -31.60
N PRO B 117 -88.60 -38.35 -32.49
CA PRO B 117 -89.61 -38.92 -33.38
C PRO B 117 -89.07 -39.91 -34.41
N HIS B 118 -89.77 -41.04 -34.55
CA HIS B 118 -89.30 -42.18 -35.33
C HIS B 118 -90.40 -43.15 -35.80
N HIS B 119 -91.65 -42.72 -35.72
CA HIS B 119 -92.76 -43.52 -36.23
C HIS B 119 -92.94 -43.38 -37.74
N ARG B 120 -93.09 -42.13 -38.20
CA ARG B 120 -93.33 -41.84 -39.62
C ARG B 120 -92.06 -41.88 -40.47
N LYS B 121 -92.23 -41.80 -41.78
CA LYS B 121 -91.13 -41.95 -42.74
C LYS B 121 -90.25 -40.71 -42.84
N GLU B 122 -90.84 -39.56 -42.51
CA GLU B 122 -90.13 -38.28 -42.48
C GLU B 122 -89.20 -38.19 -41.28
N HIS B 123 -89.57 -38.86 -40.20
CA HIS B 123 -88.73 -38.93 -39.01
C HIS B 123 -87.42 -39.67 -39.27
N TYR B 124 -87.34 -40.33 -40.43
CA TYR B 124 -86.12 -40.98 -40.88
C TYR B 124 -85.37 -40.06 -41.84
N LEU B 125 -84.08 -39.83 -41.62
CA LEU B 125 -83.36 -38.86 -42.45
C LEU B 125 -82.46 -39.43 -43.54
N SER B 126 -81.63 -40.41 -43.20
CA SER B 126 -80.81 -41.18 -44.17
C SER B 126 -80.13 -42.37 -43.50
N SER B 127 -79.90 -43.44 -44.25
CA SER B 127 -79.18 -44.60 -43.72
C SER B 127 -77.72 -44.28 -43.46
N VAL B 128 -77.22 -43.27 -44.18
CA VAL B 128 -75.80 -42.91 -44.22
C VAL B 128 -75.17 -42.83 -42.84
N ARG B 129 -74.08 -43.58 -42.66
CA ARG B 129 -73.41 -43.65 -41.37
C ARG B 129 -72.17 -42.75 -41.26
N GLU B 130 -71.97 -41.89 -42.26
CA GLU B 130 -70.78 -41.03 -42.32
C GLU B 130 -71.00 -39.72 -41.59
N ALA B 131 -70.01 -39.30 -40.79
CA ALA B 131 -70.11 -38.05 -40.05
C ALA B 131 -69.79 -36.85 -40.92
N GLY B 132 -70.53 -35.77 -40.72
CA GLY B 132 -70.24 -34.49 -41.39
C GLY B 132 -70.59 -34.37 -42.86
N SER B 133 -71.02 -35.46 -43.48
CA SER B 133 -71.52 -35.42 -44.85
C SER B 133 -72.89 -34.74 -44.90
N MET B 134 -73.39 -34.37 -43.73
CA MET B 134 -74.67 -33.69 -43.57
C MET B 134 -74.45 -32.29 -43.01
N ALA B 135 -75.38 -31.39 -43.33
CA ALA B 135 -75.38 -30.03 -42.76
C ALA B 135 -76.78 -29.44 -42.86
N GLY B 136 -76.92 -28.18 -42.46
CA GLY B 136 -78.20 -27.48 -42.54
C GLY B 136 -78.28 -26.29 -41.60
N VAL B 137 -79.43 -25.60 -41.61
CA VAL B 137 -79.64 -24.41 -40.79
C VAL B 137 -81.01 -24.43 -40.13
N LEU B 138 -81.09 -23.88 -38.91
CA LEU B 138 -82.38 -23.65 -38.26
C LEU B 138 -82.81 -22.20 -38.39
N ILE B 139 -84.04 -22.01 -38.87
CA ILE B 139 -84.62 -20.68 -39.06
C ILE B 139 -86.01 -20.61 -38.42
N ALA B 140 -86.29 -19.49 -37.74
CA ALA B 140 -87.51 -19.39 -36.96
C ALA B 140 -88.26 -18.08 -37.12
N GLY B 141 -89.57 -18.13 -36.85
CA GLY B 141 -90.43 -16.96 -36.70
C GLY B 141 -91.06 -16.99 -35.31
N PRO B 142 -91.83 -15.95 -34.94
CA PRO B 142 -92.40 -15.88 -33.59
C PRO B 142 -93.56 -16.86 -33.40
N PRO B 143 -93.84 -17.29 -32.14
CA PRO B 143 -94.88 -18.30 -31.88
C PRO B 143 -96.28 -17.82 -32.27
N GLY B 144 -96.98 -18.62 -33.06
CA GLY B 144 -98.29 -18.25 -33.62
C GLY B 144 -98.20 -17.95 -35.10
N GLN B 145 -97.10 -17.33 -35.51
CA GLN B 145 -96.81 -17.05 -36.92
C GLN B 145 -96.31 -18.32 -37.64
N GLY B 146 -95.79 -18.15 -38.85
CA GLY B 146 -95.16 -19.25 -39.60
C GLY B 146 -94.00 -19.81 -38.79
N GLN B 147 -94.16 -21.05 -38.33
CA GLN B 147 -93.27 -21.65 -37.32
C GLN B 147 -91.85 -21.98 -37.79
N ALA B 148 -91.04 -22.49 -36.85
CA ALA B 148 -89.65 -22.85 -37.10
C ALA B 148 -89.51 -23.92 -38.16
N LYS B 149 -88.52 -23.73 -39.03
CA LYS B 149 -88.25 -24.66 -40.12
C LYS B 149 -86.81 -25.13 -40.08
N LEU B 150 -86.56 -26.32 -40.59
CA LEU B 150 -85.21 -26.83 -40.74
C LEU B 150 -84.93 -27.15 -42.20
N PHE B 151 -83.88 -26.53 -42.75
CA PHE B 151 -83.37 -26.88 -44.07
C PHE B 151 -82.18 -27.79 -43.89
N VAL B 152 -82.23 -28.96 -44.51
CA VAL B 152 -81.23 -29.98 -44.24
C VAL B 152 -80.89 -30.83 -45.45
N GLY B 153 -79.60 -30.85 -45.79
CA GLY B 153 -79.08 -31.73 -46.81
C GLY B 153 -78.39 -32.94 -46.20
N THR B 154 -78.53 -34.07 -46.88
CA THR B 154 -77.82 -35.29 -46.51
C THR B 154 -77.57 -36.15 -47.73
N PRO B 155 -76.54 -37.00 -47.67
CA PRO B 155 -76.36 -38.10 -48.62
C PRO B 155 -77.45 -39.17 -48.51
N ILE B 156 -77.50 -40.05 -49.51
CA ILE B 156 -78.61 -40.96 -49.67
C ILE B 156 -78.20 -42.42 -49.83
N ASP B 157 -76.99 -42.66 -50.34
CA ASP B 157 -76.45 -44.02 -50.43
C ASP B 157 -77.20 -44.86 -51.48
N GLY B 158 -77.99 -44.19 -52.32
CA GLY B 158 -78.77 -44.86 -53.36
C GLY B 158 -80.20 -45.18 -52.99
N LYS B 159 -80.59 -44.79 -51.77
CA LYS B 159 -81.94 -45.00 -51.25
C LYS B 159 -82.86 -43.87 -51.72
N SER B 160 -82.89 -43.64 -53.03
CA SER B 160 -83.55 -42.49 -53.66
C SER B 160 -84.99 -42.28 -53.23
N GLU B 161 -85.73 -43.38 -53.07
CA GLU B 161 -87.16 -43.31 -52.83
C GLU B 161 -87.51 -43.22 -51.34
N TYR B 162 -86.55 -43.57 -50.49
CA TYR B 162 -86.74 -43.42 -49.05
C TYR B 162 -86.54 -41.98 -48.58
N PHE B 163 -85.41 -41.39 -48.95
CA PHE B 163 -85.03 -40.08 -48.43
C PHE B 163 -84.79 -39.02 -49.50
N PRO B 164 -85.13 -37.77 -49.19
CA PRO B 164 -84.68 -36.64 -50.01
C PRO B 164 -83.31 -36.11 -49.56
N THR B 165 -82.47 -35.76 -50.53
CA THR B 165 -81.14 -35.19 -50.26
C THR B 165 -81.24 -33.82 -49.63
N LEU B 166 -82.05 -32.97 -50.23
CA LEU B 166 -82.34 -31.66 -49.65
C LEU B 166 -83.83 -31.57 -49.37
N SER B 167 -84.18 -30.92 -48.25
CA SER B 167 -85.56 -30.86 -47.78
C SER B 167 -85.83 -29.59 -46.99
N SER B 168 -87.10 -29.20 -46.94
CA SER B 168 -87.53 -28.11 -46.08
C SER B 168 -88.57 -28.68 -45.12
N ARG B 169 -88.21 -28.75 -43.84
CA ARG B 169 -89.00 -29.48 -42.86
C ARG B 169 -89.50 -28.64 -41.70
N ARG B 170 -90.55 -29.14 -41.05
CA ARG B 170 -91.24 -28.40 -40.02
C ARG B 170 -90.71 -28.74 -38.64
N LEU B 171 -90.60 -27.73 -37.80
CA LEU B 171 -90.19 -27.90 -36.41
C LEU B 171 -91.27 -27.41 -35.45
N MET B 172 -92.06 -28.36 -34.96
CA MET B 172 -93.14 -28.06 -34.02
C MET B 172 -92.58 -27.78 -32.62
N ALA B 173 -93.35 -27.08 -31.80
CA ALA B 173 -92.92 -26.71 -30.45
C ALA B 173 -92.90 -27.90 -29.49
N ASN B 174 -93.86 -28.83 -29.66
CA ASN B 174 -93.85 -30.09 -28.91
C ASN B 174 -92.95 -31.13 -29.53
N GLU B 175 -91.96 -31.57 -28.77
CA GLU B 175 -91.04 -32.59 -29.23
C GLU B 175 -91.74 -33.94 -29.35
N GLU B 176 -92.83 -34.10 -28.61
CA GLU B 176 -93.61 -35.36 -28.64
C GLU B 176 -94.58 -35.37 -29.81
N ASP B 177 -94.92 -34.17 -30.28
CA ASP B 177 -95.79 -33.97 -31.45
C ASP B 177 -95.31 -34.79 -32.64
N ALA B 178 -96.23 -35.50 -33.28
CA ALA B 178 -95.89 -36.38 -34.39
C ALA B 178 -95.53 -35.61 -35.68
N ASP B 179 -95.89 -34.34 -35.77
CA ASP B 179 -95.72 -33.58 -37.00
C ASP B 179 -94.27 -33.26 -37.36
N MET B 180 -93.34 -33.50 -36.43
CA MET B 180 -91.92 -33.16 -36.61
C MET B 180 -91.29 -33.67 -37.91
N PHE B 181 -90.35 -32.88 -38.44
CA PHE B 181 -89.59 -33.18 -39.66
C PHE B 181 -90.47 -33.50 -40.85
N GLY B 182 -91.71 -33.01 -40.81
CA GLY B 182 -92.63 -33.09 -41.92
C GLY B 182 -92.35 -31.92 -42.83
N PHE B 183 -92.60 -32.10 -44.12
CA PHE B 183 -92.24 -31.09 -45.11
C PHE B 183 -93.15 -29.86 -45.02
N VAL B 184 -92.57 -28.70 -45.31
CA VAL B 184 -93.24 -27.41 -45.13
C VAL B 184 -94.55 -27.32 -45.92
N TYR B 185 -94.49 -27.73 -47.18
CA TYR B 185 -95.69 -27.88 -48.01
C TYR B 185 -95.60 -29.16 -48.84
N GLN B 186 -96.49 -30.11 -48.54
CA GLN B 186 -96.55 -31.35 -49.31
C GLN B 186 -97.78 -31.40 -50.21
N ASP B 187 -97.54 -31.79 -51.46
CA ASP B 187 -98.58 -31.95 -52.46
C ASP B 187 -98.32 -33.26 -53.20
N GLU B 188 -99.30 -33.76 -53.93
CA GLU B 188 -99.14 -34.97 -54.74
C GLU B 188 -98.32 -34.68 -56.00
N PHE B 189 -98.18 -33.39 -56.32
CA PHE B 189 -97.39 -32.94 -57.47
C PHE B 189 -96.00 -32.44 -57.05
N VAL B 190 -95.96 -31.48 -56.13
CA VAL B 190 -94.69 -30.90 -55.67
C VAL B 190 -94.62 -30.73 -54.15
N SER B 191 -93.56 -31.29 -53.54
CA SER B 191 -93.32 -31.14 -52.10
C SER B 191 -92.05 -30.32 -51.83
N SER B 192 -92.00 -29.64 -50.70
CA SER B 192 -90.82 -28.86 -50.31
C SER B 192 -89.63 -29.76 -49.99
N GLN B 193 -89.24 -30.54 -51.00
CA GLN B 193 -88.10 -31.45 -50.92
C GLN B 193 -87.54 -31.66 -52.33
N LEU B 194 -86.35 -32.23 -52.40
CA LEU B 194 -85.70 -32.53 -53.68
C LEU B 194 -85.11 -33.94 -53.64
N LYS B 195 -85.67 -34.85 -54.43
CA LYS B 195 -85.26 -36.26 -54.42
C LYS B 195 -84.24 -36.57 -55.51
N ILE B 196 -83.53 -37.68 -55.35
CA ILE B 196 -82.66 -38.19 -56.42
C ILE B 196 -83.52 -39.03 -57.39
N PRO B 197 -83.49 -38.69 -58.69
CA PRO B 197 -84.21 -39.48 -59.70
C PRO B 197 -83.63 -40.88 -59.90
N SER B 198 -84.51 -41.88 -59.99
CA SER B 198 -84.11 -43.29 -60.13
C SER B 198 -83.30 -43.56 -61.40
N ASP B 199 -83.68 -42.88 -62.48
CA ASP B 199 -83.02 -43.00 -63.78
C ASP B 199 -81.55 -42.59 -63.72
N THR B 200 -81.24 -41.59 -62.90
CA THR B 200 -79.88 -41.09 -62.74
C THR B 200 -79.01 -42.01 -61.88
N LEU B 201 -79.64 -42.84 -61.06
CA LEU B 201 -78.91 -43.83 -60.27
C LEU B 201 -78.66 -45.12 -61.04
N SER B 202 -79.58 -45.44 -61.96
CA SER B 202 -79.38 -46.57 -62.87
C SER B 202 -78.23 -46.31 -63.84
N LYS B 203 -78.15 -45.07 -64.33
CA LYS B 203 -77.10 -44.66 -65.26
C LYS B 203 -75.75 -44.56 -64.56
N PHE B 204 -75.66 -43.69 -63.54
CA PHE B 204 -74.47 -43.59 -62.70
C PHE B 204 -74.75 -44.24 -61.35
N PRO B 205 -74.14 -45.43 -61.13
CA PRO B 205 -74.47 -46.36 -60.04
C PRO B 205 -74.59 -45.75 -58.63
N ALA B 206 -73.54 -45.08 -58.16
CA ALA B 206 -73.50 -44.61 -56.77
C ALA B 206 -73.28 -43.10 -56.63
N PHE B 207 -73.93 -42.33 -57.51
CA PHE B 207 -74.01 -40.88 -57.35
C PHE B 207 -74.66 -40.52 -56.02
N ASP B 208 -74.15 -39.47 -55.38
CA ASP B 208 -74.62 -39.05 -54.06
C ASP B 208 -74.16 -37.63 -53.77
N ILE B 209 -74.96 -36.89 -53.01
CA ILE B 209 -74.60 -35.52 -52.66
C ILE B 209 -74.18 -35.43 -51.20
N TYR B 210 -72.93 -35.00 -50.98
CA TYR B 210 -72.39 -34.85 -49.64
C TYR B 210 -72.35 -33.38 -49.30
N TYR B 211 -73.03 -33.02 -48.21
CA TYR B 211 -73.17 -31.63 -47.79
C TYR B 211 -72.16 -31.29 -46.71
N VAL B 212 -71.31 -30.31 -47.01
CA VAL B 212 -70.17 -30.00 -46.15
C VAL B 212 -70.46 -28.86 -45.17
N TYR B 213 -70.83 -27.71 -45.70
CA TYR B 213 -71.09 -26.55 -44.86
C TYR B 213 -72.44 -26.00 -45.30
N SER B 214 -73.02 -25.14 -44.46
CA SER B 214 -74.32 -24.55 -44.75
C SER B 214 -74.54 -23.29 -43.92
N PHE B 215 -75.19 -22.29 -44.50
CA PHE B 215 -75.44 -21.06 -43.74
C PHE B 215 -76.63 -20.28 -44.25
N ARG B 216 -77.26 -19.54 -43.34
CA ARG B 216 -78.30 -18.61 -43.69
C ARG B 216 -77.68 -17.24 -43.95
N SER B 217 -78.11 -16.59 -45.03
CA SER B 217 -77.61 -15.27 -45.42
C SER B 217 -78.79 -14.40 -45.88
N GLU B 218 -78.94 -13.22 -45.26
CA GLU B 218 -80.04 -12.28 -45.57
C GLU B 218 -81.44 -12.90 -45.50
N GLN B 219 -81.79 -13.66 -46.55
CA GLN B 219 -83.13 -14.24 -46.73
C GLN B 219 -83.06 -15.60 -47.43
N PHE B 220 -81.84 -16.13 -47.61
CA PHE B 220 -81.63 -17.37 -48.34
C PHE B 220 -81.03 -18.45 -47.47
N VAL B 221 -80.61 -19.55 -48.11
CA VAL B 221 -79.92 -20.65 -47.42
C VAL B 221 -78.95 -21.31 -48.41
N TYR B 222 -77.64 -21.22 -48.13
CA TYR B 222 -76.62 -21.79 -49.02
C TYR B 222 -76.04 -23.08 -48.46
N TYR B 223 -75.49 -23.88 -49.37
CA TYR B 223 -74.87 -25.16 -49.05
C TYR B 223 -73.67 -25.36 -49.96
N LEU B 224 -72.54 -25.78 -49.40
CA LEU B 224 -71.42 -26.17 -50.27
C LEU B 224 -71.39 -27.68 -50.37
N THR B 225 -71.45 -28.19 -51.60
CA THR B 225 -71.72 -29.60 -51.84
C THR B 225 -70.65 -30.30 -52.67
N LEU B 226 -70.62 -31.63 -52.57
CA LEU B 226 -69.78 -32.48 -53.43
C LEU B 226 -70.69 -33.49 -54.13
N GLN B 227 -70.53 -33.63 -55.45
CA GLN B 227 -71.34 -34.54 -56.26
C GLN B 227 -70.45 -35.48 -57.10
N LEU B 228 -71.02 -36.21 -58.05
CA LEU B 228 -70.24 -37.18 -58.82
C LEU B 228 -69.97 -36.80 -60.29
N ASP B 229 -69.35 -37.72 -61.04
CA ASP B 229 -69.15 -37.60 -62.50
C ASP B 229 -70.51 -37.69 -63.23
N THR B 230 -70.97 -36.55 -63.73
CA THR B 230 -72.13 -36.48 -64.62
C THR B 230 -71.77 -35.45 -65.68
N GLN B 231 -71.16 -35.95 -66.76
CA GLN B 231 -70.37 -35.14 -67.68
C GLN B 231 -69.14 -34.62 -66.92
N LEU B 232 -68.61 -35.51 -66.05
CA LEU B 232 -67.49 -35.25 -65.14
C LEU B 232 -67.74 -34.17 -64.07
N ALA B 238 -70.05 -47.09 -65.10
CA ALA B 238 -69.77 -46.39 -66.35
C ALA B 238 -68.29 -46.07 -66.54
N GLY B 239 -67.61 -45.73 -65.45
CA GLY B 239 -66.18 -45.40 -65.46
C GLY B 239 -65.54 -45.42 -64.08
N GLU B 240 -65.06 -44.26 -63.64
CA GLU B 240 -64.60 -44.07 -62.25
C GLU B 240 -65.19 -42.78 -61.65
N HIS B 241 -65.06 -42.62 -60.34
CA HIS B 241 -65.68 -41.50 -59.62
C HIS B 241 -64.81 -40.26 -59.43
N PHE B 242 -65.29 -39.14 -59.98
CA PHE B 242 -64.64 -37.84 -59.90
C PHE B 242 -65.67 -36.77 -59.51
N PHE B 243 -65.30 -35.93 -58.54
CA PHE B 243 -66.26 -35.07 -57.85
C PHE B 243 -66.20 -33.60 -58.28
N THR B 244 -67.32 -32.91 -58.18
CA THR B 244 -67.41 -31.49 -58.54
C THR B 244 -68.04 -30.69 -57.42
N SER B 245 -67.28 -29.76 -56.87
CA SER B 245 -67.70 -28.98 -55.71
C SER B 245 -68.52 -27.77 -56.13
N LYS B 246 -69.73 -27.66 -55.59
CA LYS B 246 -70.69 -26.67 -56.03
C LYS B 246 -71.36 -25.90 -54.89
N ILE B 247 -71.86 -24.72 -55.23
CA ILE B 247 -72.74 -23.97 -54.33
C ILE B 247 -74.21 -24.19 -54.67
N VAL B 248 -75.02 -24.29 -53.62
CA VAL B 248 -76.47 -24.39 -53.74
C VAL B 248 -77.09 -23.22 -52.99
N ARG B 249 -78.29 -22.81 -53.39
CA ARG B 249 -79.04 -21.77 -52.67
C ARG B 249 -80.55 -21.99 -52.78
N LEU B 250 -81.29 -21.48 -51.80
CA LEU B 250 -82.76 -21.46 -51.81
C LEU B 250 -83.27 -20.17 -51.18
N CYS B 251 -84.45 -19.71 -51.60
CA CYS B 251 -85.17 -18.70 -50.83
C CYS B 251 -85.72 -19.39 -49.61
N VAL B 252 -85.69 -18.69 -48.48
CA VAL B 252 -86.26 -19.22 -47.25
C VAL B 252 -87.78 -19.34 -47.38
N ASN B 253 -88.39 -18.37 -48.06
CA ASN B 253 -89.83 -18.36 -48.31
C ASN B 253 -90.20 -18.90 -49.69
N ASP B 254 -89.82 -20.14 -49.95
CA ASP B 254 -90.16 -20.84 -51.20
C ASP B 254 -90.55 -22.28 -50.92
N PRO B 255 -91.81 -22.49 -50.51
CA PRO B 255 -92.30 -23.83 -50.20
C PRO B 255 -92.27 -24.75 -51.41
N LYS B 256 -92.35 -24.19 -52.60
CA LYS B 256 -92.40 -24.96 -53.83
C LYS B 256 -91.04 -25.53 -54.24
N PHE B 257 -89.96 -24.92 -53.74
CA PHE B 257 -88.59 -25.33 -54.07
C PHE B 257 -88.13 -24.95 -55.48
N TYR B 258 -88.69 -23.86 -56.01
CA TYR B 258 -88.37 -23.42 -57.36
C TYR B 258 -87.10 -22.56 -57.44
N SER B 259 -86.59 -22.11 -56.31
CA SER B 259 -85.46 -21.17 -56.28
C SER B 259 -84.11 -21.86 -56.40
N TYR B 260 -84.12 -23.19 -56.36
CA TYR B 260 -82.88 -23.97 -56.38
C TYR B 260 -81.94 -23.54 -57.49
N VAL B 261 -80.71 -23.25 -57.09
CA VAL B 261 -79.62 -22.90 -58.00
C VAL B 261 -78.38 -23.75 -57.66
N GLU B 262 -77.50 -23.98 -58.63
CA GLU B 262 -76.33 -24.84 -58.40
C GLU B 262 -75.12 -24.58 -59.33
N PHE B 263 -74.16 -23.81 -58.83
CA PHE B 263 -72.98 -23.41 -59.60
C PHE B 263 -71.76 -24.18 -59.12
N PRO B 264 -70.94 -24.68 -60.05
CA PRO B 264 -69.65 -25.25 -59.65
C PRO B 264 -68.71 -24.18 -59.09
N ILE B 265 -67.90 -24.57 -58.11
CA ILE B 265 -67.03 -23.62 -57.40
C ILE B 265 -65.65 -24.20 -57.13
N GLY B 266 -64.66 -23.33 -57.29
CA GLY B 266 -63.25 -23.66 -57.07
C GLY B 266 -62.37 -22.44 -57.33
N CYS B 267 -61.06 -22.70 -57.42
CA CYS B 267 -60.06 -21.64 -57.64
C CYS B 267 -58.74 -22.24 -58.09
N GLU B 268 -57.93 -21.42 -58.77
CA GLU B 268 -56.68 -21.88 -59.37
C GLU B 268 -55.47 -21.06 -58.94
N GLN B 269 -54.36 -21.75 -58.72
CA GLN B 269 -53.11 -21.14 -58.27
C GLN B 269 -51.96 -21.57 -59.16
N ALA B 270 -51.51 -20.64 -60.01
CA ALA B 270 -50.41 -20.85 -60.96
C ALA B 270 -50.57 -22.15 -61.76
N GLY B 271 -51.77 -22.35 -62.33
CA GLY B 271 -52.06 -23.49 -63.18
C GLY B 271 -52.26 -24.80 -62.46
N VAL B 272 -52.67 -24.71 -61.19
CA VAL B 272 -52.98 -25.89 -60.37
C VAL B 272 -54.44 -25.78 -59.90
N GLU B 273 -55.23 -26.83 -60.16
CA GLU B 273 -56.66 -26.79 -59.86
C GLU B 273 -57.00 -27.27 -58.44
N TYR B 274 -57.84 -26.48 -57.78
CA TYR B 274 -58.38 -26.79 -56.46
C TYR B 274 -59.91 -26.77 -56.51
N ARG B 275 -60.51 -27.97 -56.49
CA ARG B 275 -61.95 -28.14 -56.75
C ARG B 275 -62.74 -28.96 -55.71
N LEU B 276 -62.14 -29.24 -54.54
CA LEU B 276 -62.82 -30.04 -53.51
C LEU B 276 -62.94 -29.30 -52.18
N VAL B 277 -64.16 -28.90 -51.81
CA VAL B 277 -64.36 -28.20 -50.54
C VAL B 277 -64.12 -29.13 -49.37
N GLN B 278 -63.42 -28.61 -48.37
CA GLN B 278 -63.19 -29.32 -47.14
C GLN B 278 -63.93 -28.64 -45.98
N ASP B 279 -64.03 -27.32 -46.05
CA ASP B 279 -64.82 -26.53 -45.11
C ASP B 279 -65.01 -25.13 -45.65
N ALA B 280 -65.92 -24.41 -45.02
CA ALA B 280 -66.14 -23.00 -45.28
C ALA B 280 -66.60 -22.31 -43.99
N TYR B 281 -66.75 -20.99 -44.05
CA TYR B 281 -67.14 -20.18 -42.92
C TYR B 281 -67.58 -18.82 -43.43
N LEU B 282 -68.87 -18.51 -43.29
CA LEU B 282 -69.37 -17.18 -43.62
C LEU B 282 -68.96 -16.20 -42.53
N SER B 283 -68.55 -14.99 -42.91
CA SER B 283 -68.16 -13.98 -41.93
C SER B 283 -68.38 -12.54 -42.36
N ARG B 284 -67.92 -11.62 -41.51
CA ARG B 284 -67.75 -10.24 -41.89
C ARG B 284 -66.29 -10.01 -42.31
N PRO B 285 -66.01 -8.86 -42.95
CA PRO B 285 -64.62 -8.49 -43.21
C PRO B 285 -64.08 -7.36 -42.31
N GLY B 286 -64.98 -6.58 -41.71
CA GLY B 286 -64.57 -5.39 -40.94
C GLY B 286 -64.02 -4.33 -41.85
N GLN B 287 -63.88 -3.10 -41.33
CA GLN B 287 -63.48 -1.93 -42.13
C GLN B 287 -62.33 -2.17 -43.11
N ALA B 288 -61.34 -2.95 -42.68
CA ALA B 288 -60.13 -3.17 -43.45
C ALA B 288 -60.39 -3.83 -44.81
N LEU B 289 -60.73 -5.11 -44.78
CA LEU B 289 -60.89 -5.89 -46.01
C LEU B 289 -62.08 -5.40 -46.82
N ALA B 290 -63.13 -4.98 -46.13
CA ALA B 290 -64.31 -4.45 -46.79
C ALA B 290 -63.96 -3.33 -47.75
N LYS B 291 -63.24 -2.32 -47.27
CA LYS B 291 -62.99 -1.13 -48.05
C LYS B 291 -62.35 -1.45 -49.38
N GLN B 292 -61.19 -2.12 -49.35
CA GLN B 292 -60.44 -2.39 -50.57
C GLN B 292 -60.89 -3.66 -51.31
N LEU B 293 -61.93 -4.29 -50.80
CA LEU B 293 -62.63 -5.31 -51.57
C LEU B 293 -63.93 -4.72 -52.12
N GLY B 294 -64.24 -3.49 -51.69
CA GLY B 294 -65.32 -2.67 -52.25
C GLY B 294 -66.73 -2.97 -51.77
N LEU B 295 -66.88 -3.05 -50.45
CA LEU B 295 -68.12 -3.57 -49.84
C LEU B 295 -68.78 -2.60 -48.85
N ALA B 296 -70.07 -2.80 -48.61
CA ALA B 296 -70.80 -2.10 -47.57
C ALA B 296 -70.64 -2.87 -46.28
N GLU B 297 -70.96 -2.20 -45.16
CA GLU B 297 -70.72 -2.77 -43.83
C GLU B 297 -71.27 -4.18 -43.72
N ASP B 298 -72.58 -4.31 -43.91
CA ASP B 298 -73.26 -5.58 -43.68
C ASP B 298 -73.13 -6.58 -44.84
N GLU B 299 -72.24 -6.32 -45.79
CA GLU B 299 -72.00 -7.26 -46.87
C GLU B 299 -71.16 -8.41 -46.37
N GLU B 300 -71.54 -9.62 -46.77
CA GLU B 300 -70.96 -10.84 -46.22
C GLU B 300 -69.82 -11.38 -47.07
N VAL B 301 -69.09 -12.37 -46.53
CA VAL B 301 -67.91 -12.95 -47.20
C VAL B 301 -67.79 -14.44 -46.86
N LEU B 302 -67.25 -15.23 -47.79
CA LEU B 302 -67.13 -16.67 -47.54
C LEU B 302 -65.72 -17.25 -47.71
N PHE B 303 -65.04 -17.48 -46.59
CA PHE B 303 -63.75 -18.18 -46.57
C PHE B 303 -63.97 -19.66 -46.76
N THR B 304 -63.10 -20.29 -47.53
CA THR B 304 -63.27 -21.69 -47.91
C THR B 304 -61.93 -22.42 -47.92
N VAL B 305 -61.99 -23.74 -47.99
CA VAL B 305 -60.78 -24.54 -48.11
C VAL B 305 -61.03 -25.59 -49.18
N PHE B 306 -60.11 -25.67 -50.15
CA PHE B 306 -60.18 -26.67 -51.23
C PHE B 306 -58.92 -27.50 -51.36
N ALA B 307 -59.08 -28.77 -51.74
CA ALA B 307 -57.96 -29.64 -52.04
C ALA B 307 -57.73 -29.68 -53.55
N GLN B 308 -56.54 -30.11 -53.96
CA GLN B 308 -56.17 -30.15 -55.37
C GLN B 308 -56.87 -31.24 -56.17
N GLY B 309 -57.35 -30.88 -57.37
CA GLY B 309 -57.94 -31.83 -58.29
C GLY B 309 -59.38 -32.20 -57.96
N GLN B 310 -59.80 -33.35 -58.49
CA GLN B 310 -61.17 -33.81 -58.35
C GLN B 310 -61.15 -35.30 -58.04
N LYS B 311 -60.15 -35.70 -57.26
CA LYS B 311 -59.90 -37.11 -56.98
C LYS B 311 -60.05 -37.41 -55.49
N ASN B 312 -60.63 -38.59 -55.20
CA ASN B 312 -60.69 -39.15 -53.85
C ASN B 312 -61.30 -38.26 -52.76
N ARG B 313 -62.62 -38.10 -52.78
CA ARG B 313 -63.32 -37.34 -51.74
C ARG B 313 -63.20 -38.03 -50.39
N VAL B 314 -63.13 -39.37 -50.41
CA VAL B 314 -62.95 -40.19 -49.21
C VAL B 314 -61.61 -39.91 -48.51
N LYS B 315 -60.54 -39.82 -49.29
CA LYS B 315 -59.21 -39.45 -48.78
C LYS B 315 -58.52 -38.46 -49.73
N PRO B 316 -58.79 -37.15 -49.56
CA PRO B 316 -58.28 -36.09 -50.43
C PRO B 316 -56.75 -35.90 -50.38
N PRO B 317 -56.21 -35.04 -51.26
CA PRO B 317 -54.77 -34.71 -51.29
C PRO B 317 -54.32 -33.70 -50.22
N LYS B 318 -53.03 -33.75 -49.88
CA LYS B 318 -52.38 -32.78 -48.97
C LYS B 318 -52.52 -31.37 -49.51
N GLU B 319 -52.17 -31.20 -50.79
CA GLU B 319 -52.27 -29.92 -51.49
C GLU B 319 -53.64 -29.26 -51.27
N SER B 320 -53.64 -28.12 -50.57
CA SER B 320 -54.88 -27.45 -50.20
C SER B 320 -54.77 -25.92 -50.22
N ALA B 321 -55.88 -25.25 -50.55
CA ALA B 321 -55.89 -23.81 -50.78
C ALA B 321 -57.07 -23.11 -50.13
N LEU B 322 -56.77 -22.04 -49.40
CA LEU B 322 -57.78 -21.20 -48.78
C LEU B 322 -58.15 -20.08 -49.74
N CYS B 323 -59.39 -20.11 -50.22
CA CYS B 323 -59.90 -19.13 -51.17
C CYS B 323 -60.90 -18.18 -50.55
N LEU B 324 -61.49 -17.31 -51.36
CA LEU B 324 -62.38 -16.28 -50.86
C LEU B 324 -63.46 -15.98 -51.89
N PHE B 325 -64.67 -15.76 -51.40
CA PHE B 325 -65.78 -15.35 -52.25
C PHE B 325 -66.49 -14.23 -51.51
N THR B 326 -66.74 -13.12 -52.20
CA THR B 326 -67.67 -12.13 -51.69
C THR B 326 -69.08 -12.52 -52.14
N LEU B 327 -70.03 -12.47 -51.22
CA LEU B 327 -71.40 -12.90 -51.52
C LEU B 327 -72.08 -12.01 -52.52
N ARG B 328 -71.70 -10.74 -52.55
CA ARG B 328 -72.18 -9.84 -53.60
C ARG B 328 -71.78 -10.38 -54.98
N ALA B 329 -70.58 -10.96 -55.06
CA ALA B 329 -70.07 -11.55 -56.32
C ALA B 329 -70.73 -12.89 -56.70
N ILE B 330 -71.16 -13.66 -55.70
CA ILE B 330 -71.89 -14.88 -56.00
C ILE B 330 -73.33 -14.51 -56.30
N LYS B 331 -73.86 -13.52 -55.60
CA LYS B 331 -75.20 -13.02 -55.89
C LYS B 331 -75.30 -12.49 -57.33
N GLU B 332 -74.25 -11.83 -57.80
CA GLU B 332 -74.21 -11.32 -59.18
C GLU B 332 -74.11 -12.43 -60.22
N LYS B 333 -73.32 -13.47 -59.92
CA LYS B 333 -73.22 -14.65 -60.80
C LYS B 333 -74.54 -15.43 -60.93
N ILE B 334 -75.36 -15.40 -59.88
CA ILE B 334 -76.68 -16.05 -59.88
C ILE B 334 -77.72 -15.17 -60.55
N LYS B 335 -77.73 -13.88 -60.24
CA LYS B 335 -78.61 -12.93 -60.91
C LYS B 335 -78.29 -12.88 -62.41
N GLU B 336 -76.99 -12.84 -62.74
CA GLU B 336 -76.50 -12.84 -64.13
C GLU B 336 -76.91 -14.10 -64.88
N ARG B 337 -76.94 -15.23 -64.19
CA ARG B 337 -77.34 -16.51 -64.78
C ARG B 337 -78.87 -16.63 -64.96
N ILE B 338 -79.64 -15.99 -64.09
CA ILE B 338 -81.10 -16.03 -64.20
C ILE B 338 -81.62 -15.04 -65.23
N GLN B 339 -81.12 -13.80 -65.20
CA GLN B 339 -81.45 -12.83 -66.24
C GLN B 339 -81.00 -13.32 -67.63
N SER B 340 -80.31 -14.46 -67.66
CA SER B 340 -79.81 -15.10 -68.88
C SER B 340 -80.75 -16.20 -69.38
N CYS B 341 -81.27 -17.00 -68.46
CA CYS B 341 -82.23 -18.04 -68.81
C CYS B 341 -83.59 -17.44 -69.14
N TYR B 342 -83.90 -16.31 -68.52
CA TYR B 342 -85.11 -15.56 -68.85
C TYR B 342 -84.95 -14.71 -70.14
N ARG B 343 -83.88 -14.97 -70.87
CA ARG B 343 -83.70 -14.50 -72.25
C ARG B 343 -83.87 -15.66 -73.22
N GLY B 344 -84.12 -16.85 -72.67
CA GLY B 344 -84.43 -18.05 -73.45
C GLY B 344 -83.20 -18.79 -73.96
N GLU B 345 -82.04 -18.41 -73.46
CA GLU B 345 -80.75 -18.91 -73.96
C GLU B 345 -80.39 -20.28 -73.40
N GLY B 346 -80.16 -21.23 -74.30
CA GLY B 346 -79.66 -22.57 -73.96
C GLY B 346 -80.61 -23.43 -73.13
N LYS B 347 -80.03 -24.34 -72.35
CA LYS B 347 -80.79 -25.25 -71.50
C LYS B 347 -80.62 -24.91 -70.01
N LEU B 348 -81.31 -25.66 -69.15
CA LEU B 348 -81.19 -25.51 -67.70
C LEU B 348 -79.85 -26.08 -67.21
N SER B 349 -79.44 -27.19 -67.81
CA SER B 349 -78.12 -27.82 -67.56
C SER B 349 -77.90 -28.26 -66.11
N LEU B 350 -78.64 -29.28 -65.71
CA LEU B 350 -78.51 -29.86 -64.38
C LEU B 350 -78.62 -31.37 -64.49
N PRO B 351 -77.48 -32.04 -64.74
CA PRO B 351 -77.38 -33.44 -65.16
C PRO B 351 -78.11 -34.44 -64.25
N TRP B 352 -77.73 -34.48 -62.97
CA TRP B 352 -78.25 -35.46 -62.02
C TRP B 352 -79.75 -35.35 -61.78
N LEU B 353 -80.30 -34.14 -61.87
CA LEU B 353 -81.71 -33.92 -61.62
C LEU B 353 -82.56 -34.22 -62.85
N LEU B 354 -82.36 -33.44 -63.91
CA LEU B 354 -83.09 -33.64 -65.16
C LEU B 354 -82.19 -34.29 -66.20
N ASN B 355 -82.48 -35.55 -66.49
CA ASN B 355 -81.69 -36.35 -67.43
C ASN B 355 -81.86 -35.90 -68.87
N LYS B 356 -83.10 -35.68 -69.29
CA LYS B 356 -83.40 -35.07 -70.58
C LYS B 356 -83.49 -33.55 -70.43
N GLU B 357 -82.64 -32.86 -71.18
CA GLU B 357 -82.44 -31.42 -70.99
C GLU B 357 -83.60 -30.57 -71.52
N LEU B 358 -84.32 -29.97 -70.58
CA LEU B 358 -85.39 -29.02 -70.88
C LEU B 358 -84.77 -27.64 -71.17
N GLY B 359 -85.46 -26.85 -71.99
CA GLY B 359 -84.93 -25.57 -72.45
C GLY B 359 -85.38 -24.34 -71.66
N CYS B 360 -84.53 -23.31 -71.70
CA CYS B 360 -84.80 -22.02 -71.07
C CYS B 360 -85.94 -21.28 -71.76
N ILE B 361 -86.95 -20.90 -70.99
CA ILE B 361 -88.10 -20.18 -71.52
C ILE B 361 -87.94 -18.66 -71.37
N ASN B 362 -87.96 -17.96 -72.50
CA ASN B 362 -87.88 -16.49 -72.52
C ASN B 362 -89.12 -15.86 -71.90
N SER B 363 -88.93 -14.73 -71.22
CA SER B 363 -90.03 -13.98 -70.63
C SER B 363 -89.57 -12.60 -70.15
N PRO B 364 -90.45 -11.59 -70.26
CA PRO B 364 -90.13 -10.28 -69.72
C PRO B 364 -90.36 -10.20 -68.21
N LEU B 365 -89.28 -10.00 -67.46
CA LEU B 365 -89.35 -9.84 -66.01
C LEU B 365 -88.32 -8.87 -65.45
N GLN B 366 -88.65 -8.31 -64.29
CA GLN B 366 -87.71 -7.55 -63.48
C GLN B 366 -86.88 -8.53 -62.65
N ILE B 367 -85.74 -8.95 -63.19
CA ILE B 367 -84.84 -9.89 -62.50
C ILE B 367 -84.09 -9.17 -61.38
N ASP B 368 -84.42 -9.53 -60.15
CA ASP B 368 -83.80 -8.94 -58.96
C ASP B 368 -83.05 -9.98 -58.14
N ASP B 369 -82.37 -9.51 -57.10
CA ASP B 369 -81.78 -10.39 -56.11
C ASP B 369 -82.88 -10.95 -55.21
N ASP B 370 -84.08 -10.37 -55.31
CA ASP B 370 -85.25 -10.80 -54.54
C ASP B 370 -86.04 -11.92 -55.21
N PHE B 371 -85.65 -12.26 -56.43
CA PHE B 371 -86.31 -13.29 -57.23
C PHE B 371 -86.25 -14.67 -56.55
N CYS B 372 -87.42 -15.27 -56.34
CA CYS B 372 -87.52 -16.55 -55.62
C CYS B 372 -87.97 -17.74 -56.49
N GLY B 373 -87.72 -17.67 -57.79
CA GLY B 373 -88.05 -18.77 -58.71
C GLY B 373 -89.48 -18.79 -59.20
N GLN B 374 -89.69 -19.35 -60.40
CA GLN B 374 -91.04 -19.50 -60.97
C GLN B 374 -91.27 -20.88 -61.62
N ASP B 375 -92.52 -21.13 -61.99
CA ASP B 375 -93.01 -22.45 -62.44
C ASP B 375 -92.23 -23.05 -63.60
N PHE B 376 -91.99 -22.26 -64.64
CA PHE B 376 -91.23 -22.73 -65.79
C PHE B 376 -89.80 -22.17 -65.81
N ASN B 377 -88.92 -22.88 -66.50
CA ASN B 377 -87.46 -22.86 -66.28
C ASN B 377 -87.00 -23.04 -64.83
N GLN B 378 -87.95 -23.52 -64.01
CA GLN B 378 -87.76 -24.47 -62.91
C GLN B 378 -86.40 -24.49 -62.17
N PRO B 379 -86.12 -25.56 -61.39
CA PRO B 379 -84.78 -25.90 -60.94
C PRO B 379 -83.74 -25.96 -62.07
N LEU B 380 -82.68 -25.15 -61.93
CA LEU B 380 -81.67 -24.98 -62.98
C LEU B 380 -80.23 -25.01 -62.46
N GLY B 381 -79.29 -25.35 -63.34
CA GLY B 381 -77.89 -25.51 -62.97
C GLY B 381 -77.01 -24.28 -63.21
N GLY B 382 -75.76 -24.53 -63.59
CA GLY B 382 -74.79 -23.49 -63.86
C GLY B 382 -73.69 -23.95 -64.81
N THR B 383 -73.31 -23.06 -65.72
CA THR B 383 -72.30 -23.36 -66.75
C THR B 383 -70.93 -22.80 -66.40
N VAL B 384 -70.88 -21.50 -66.13
CA VAL B 384 -69.64 -20.81 -65.75
C VAL B 384 -69.31 -21.11 -64.28
N THR B 385 -68.26 -21.91 -64.06
CA THR B 385 -67.79 -22.26 -62.72
C THR B 385 -67.25 -21.02 -62.02
N ILE B 386 -67.69 -20.78 -60.79
CA ILE B 386 -67.32 -19.55 -60.06
C ILE B 386 -65.95 -19.65 -59.40
N GLU B 387 -65.05 -18.76 -59.83
CA GLU B 387 -63.66 -18.74 -59.39
C GLU B 387 -63.50 -17.88 -58.15
N GLY B 388 -62.68 -18.35 -57.21
CA GLY B 388 -62.41 -17.65 -55.97
C GLY B 388 -61.02 -17.04 -55.87
N THR B 389 -60.90 -15.99 -55.06
CA THR B 389 -59.63 -15.29 -54.83
C THR B 389 -58.77 -16.07 -53.82
N PRO B 390 -57.61 -16.62 -54.26
CA PRO B 390 -56.75 -17.43 -53.39
C PRO B 390 -56.05 -16.59 -52.32
N LEU B 391 -55.68 -17.20 -51.21
CA LEU B 391 -55.08 -16.44 -50.11
C LEU B 391 -53.80 -17.05 -49.56
N PHE B 392 -53.83 -18.35 -49.29
CA PHE B 392 -52.71 -19.05 -48.67
C PHE B 392 -52.77 -20.49 -49.14
N VAL B 393 -51.63 -21.08 -49.47
CA VAL B 393 -51.62 -22.46 -49.97
C VAL B 393 -50.63 -23.32 -49.22
N ASP B 394 -51.12 -24.39 -48.62
CA ASP B 394 -50.26 -25.34 -47.93
C ASP B 394 -50.01 -26.53 -48.83
N LYS B 395 -48.76 -26.97 -48.86
CA LYS B 395 -48.35 -28.01 -49.79
C LYS B 395 -47.84 -29.25 -49.08
N GLU B 396 -47.37 -29.09 -47.85
CA GLU B 396 -46.84 -30.21 -47.09
C GLU B 396 -47.80 -30.70 -46.01
N ASP B 397 -48.74 -29.85 -45.63
CA ASP B 397 -49.69 -30.17 -44.55
C ASP B 397 -51.07 -29.62 -44.85
N GLY B 398 -51.98 -30.51 -45.23
CA GLY B 398 -53.32 -30.12 -45.69
C GLY B 398 -54.19 -29.38 -44.70
N LEU B 399 -54.70 -28.22 -45.15
CA LEU B 399 -55.73 -27.48 -44.42
C LEU B 399 -56.96 -28.37 -44.27
N THR B 400 -57.67 -28.22 -43.16
CA THR B 400 -58.87 -29.03 -42.89
C THR B 400 -60.10 -28.18 -42.55
N ALA B 401 -59.87 -27.04 -41.92
CA ALA B 401 -60.95 -26.26 -41.34
C ALA B 401 -60.65 -24.79 -41.41
N VAL B 402 -61.67 -23.97 -41.20
CA VAL B 402 -61.49 -22.54 -41.23
C VAL B 402 -62.53 -21.80 -40.38
N ALA B 403 -62.11 -20.66 -39.84
CA ALA B 403 -63.00 -19.64 -39.30
C ALA B 403 -62.35 -18.27 -39.51
N ALA B 404 -63.07 -17.21 -39.17
CA ALA B 404 -62.54 -15.87 -39.33
C ALA B 404 -63.30 -14.92 -38.42
N TYR B 405 -62.73 -13.74 -38.20
CA TYR B 405 -63.43 -12.70 -37.46
C TYR B 405 -62.90 -11.29 -37.62
N ASP B 406 -63.77 -10.34 -37.28
CA ASP B 406 -63.45 -8.94 -37.30
C ASP B 406 -62.77 -8.57 -35.98
N TYR B 407 -61.53 -8.06 -36.06
CA TYR B 407 -60.90 -7.43 -34.89
C TYR B 407 -60.39 -6.03 -35.23
N GLN B 408 -60.95 -5.04 -34.56
CA GLN B 408 -60.60 -3.63 -34.77
C GLN B 408 -60.28 -3.35 -36.24
N GLY B 409 -61.16 -3.83 -37.11
CA GLY B 409 -61.01 -3.67 -38.57
C GLY B 409 -60.30 -4.82 -39.27
N ARG B 410 -59.14 -5.20 -38.74
CA ARG B 410 -58.29 -6.20 -39.39
C ARG B 410 -58.89 -7.60 -39.32
N THR B 411 -58.80 -8.31 -40.44
CA THR B 411 -59.54 -9.57 -40.63
C THR B 411 -58.70 -10.81 -40.35
N VAL B 412 -58.99 -11.48 -39.25
CA VAL B 412 -58.15 -12.60 -38.80
C VAL B 412 -58.78 -13.91 -39.25
N VAL B 413 -57.95 -14.78 -39.79
CA VAL B 413 -58.43 -16.04 -40.33
C VAL B 413 -57.81 -17.20 -39.58
N PHE B 414 -58.61 -18.21 -39.29
CA PHE B 414 -58.13 -19.39 -38.57
C PHE B 414 -58.20 -20.60 -39.47
N ALA B 415 -57.16 -21.43 -39.42
CA ALA B 415 -57.00 -22.54 -40.35
C ALA B 415 -56.45 -23.81 -39.71
N GLY B 416 -57.31 -24.81 -39.59
CA GLY B 416 -56.91 -26.12 -39.09
C GLY B 416 -56.04 -26.86 -40.09
N THR B 417 -55.19 -27.75 -39.57
CA THR B 417 -54.30 -28.53 -40.41
C THR B 417 -54.44 -29.99 -40.09
N ARG B 418 -54.08 -30.85 -41.04
CA ARG B 418 -54.02 -32.30 -40.83
C ARG B 418 -53.13 -32.71 -39.64
N SER B 419 -52.21 -31.82 -39.26
CA SER B 419 -51.25 -32.09 -38.18
C SER B 419 -51.82 -31.89 -36.78
N GLY B 420 -52.87 -31.06 -36.69
CA GLY B 420 -53.43 -30.66 -35.41
C GLY B 420 -52.91 -29.28 -35.03
N ARG B 421 -52.76 -28.44 -36.05
CA ARG B 421 -52.22 -27.10 -35.87
C ARG B 421 -53.19 -26.04 -36.42
N ILE B 422 -53.16 -24.86 -35.82
CA ILE B 422 -53.99 -23.73 -36.22
C ILE B 422 -53.15 -22.57 -36.69
N ARG B 423 -53.48 -22.03 -37.85
CA ARG B 423 -52.79 -20.85 -38.37
C ARG B 423 -53.61 -19.59 -38.15
N LYS B 424 -52.93 -18.48 -37.82
CA LYS B 424 -53.60 -17.21 -37.54
C LYS B 424 -53.24 -16.14 -38.57
N ILE B 425 -54.02 -16.10 -39.64
CA ILE B 425 -53.71 -15.32 -40.83
C ILE B 425 -54.43 -13.96 -40.91
N LEU B 426 -53.65 -12.89 -41.02
CA LEU B 426 -54.16 -11.62 -41.46
C LEU B 426 -54.26 -11.62 -42.98
N VAL B 427 -55.49 -11.48 -43.50
CA VAL B 427 -55.66 -11.33 -44.94
C VAL B 427 -55.41 -9.89 -45.37
N ASP B 428 -54.37 -9.71 -46.17
CA ASP B 428 -53.84 -8.37 -46.48
C ASP B 428 -53.74 -8.09 -47.98
N LEU B 429 -54.65 -8.66 -48.78
CA LEU B 429 -54.69 -8.31 -50.19
C LEU B 429 -55.32 -6.93 -50.32
N ALA B 430 -56.43 -6.73 -49.61
CA ALA B 430 -57.08 -5.42 -49.51
C ALA B 430 -56.30 -4.50 -48.56
N ASN B 431 -55.52 -5.10 -47.68
CA ASN B 431 -54.56 -4.39 -46.85
C ASN B 431 -53.28 -4.09 -47.67
N PRO B 432 -52.49 -3.07 -47.27
CA PRO B 432 -51.24 -2.64 -47.94
C PRO B 432 -50.27 -3.71 -48.50
N SER B 433 -50.09 -4.82 -47.79
CA SER B 433 -49.06 -5.83 -48.13
C SER B 433 -49.19 -6.49 -49.51
N GLY B 434 -48.13 -7.18 -49.94
CA GLY B 434 -48.08 -7.88 -51.23
C GLY B 434 -49.11 -8.99 -51.42
N ARG B 435 -49.23 -9.85 -50.42
CA ARG B 435 -50.26 -10.92 -50.38
C ARG B 435 -50.52 -11.25 -48.91
N PRO B 436 -51.70 -11.83 -48.59
CA PRO B 436 -52.08 -12.21 -47.20
C PRO B 436 -51.07 -13.13 -46.48
N ALA B 437 -50.57 -12.67 -45.33
CA ALA B 437 -49.44 -13.31 -44.63
C ALA B 437 -49.83 -14.02 -43.35
N LEU B 438 -49.29 -15.23 -43.18
CA LEU B 438 -49.40 -15.97 -41.93
C LEU B 438 -48.76 -15.18 -40.81
N ALA B 439 -49.38 -15.15 -39.64
CA ALA B 439 -48.80 -14.43 -38.52
C ALA B 439 -48.19 -15.36 -37.50
N TYR B 440 -48.81 -16.50 -37.29
CA TYR B 440 -48.51 -17.36 -36.15
C TYR B 440 -49.08 -18.75 -36.41
N GLU B 441 -48.48 -19.76 -35.81
CA GLU B 441 -49.01 -21.12 -35.88
C GLU B 441 -49.10 -21.68 -34.46
N SER B 442 -50.07 -22.55 -34.21
CA SER B 442 -50.22 -23.10 -32.87
C SER B 442 -50.58 -24.58 -32.83
N VAL B 443 -50.31 -25.21 -31.68
CA VAL B 443 -50.41 -26.67 -31.53
C VAL B 443 -51.57 -27.12 -30.65
N VAL B 444 -52.24 -28.19 -31.09
CA VAL B 444 -53.42 -28.69 -30.40
C VAL B 444 -53.26 -30.18 -30.07
N ALA B 445 -53.34 -31.02 -31.10
CA ALA B 445 -53.02 -32.44 -30.99
C ALA B 445 -51.83 -32.71 -31.89
N GLN B 446 -50.64 -32.46 -31.32
CA GLN B 446 -49.37 -32.41 -32.07
C GLN B 446 -49.06 -33.70 -32.82
N GLU B 447 -49.43 -34.83 -32.21
CA GLU B 447 -49.15 -36.16 -32.75
C GLU B 447 -49.67 -36.40 -34.17
N GLY B 448 -50.61 -35.57 -34.60
CA GLY B 448 -51.11 -35.62 -35.97
C GLY B 448 -52.58 -35.93 -36.08
N ASN B 449 -53.34 -35.57 -35.04
CA ASN B 449 -54.79 -35.65 -35.10
C ASN B 449 -55.34 -34.44 -35.83
N PRO B 450 -56.05 -34.65 -36.95
CA PRO B 450 -56.48 -33.52 -37.76
C PRO B 450 -57.54 -32.71 -37.05
N ILE B 451 -57.61 -31.43 -37.40
CA ILE B 451 -58.65 -30.56 -36.89
C ILE B 451 -59.90 -30.74 -37.76
N LEU B 452 -61.07 -30.66 -37.13
CA LEU B 452 -62.35 -30.84 -37.82
C LEU B 452 -63.03 -29.49 -38.11
N ARG B 453 -63.84 -29.50 -39.18
CA ARG B 453 -64.50 -28.30 -39.71
C ARG B 453 -65.21 -27.43 -38.66
N ASP B 454 -65.89 -28.11 -37.75
CA ASP B 454 -66.56 -27.45 -36.65
C ASP B 454 -65.51 -26.81 -35.75
N LEU B 455 -65.28 -25.54 -35.99
CA LEU B 455 -64.27 -24.78 -35.29
C LEU B 455 -64.90 -23.44 -35.01
N VAL B 456 -65.30 -23.23 -33.77
CA VAL B 456 -66.11 -22.05 -33.43
C VAL B 456 -65.41 -21.12 -32.46
N LEU B 457 -65.49 -19.83 -32.76
CA LEU B 457 -65.07 -18.82 -31.80
C LEU B 457 -66.10 -18.74 -30.68
N SER B 458 -65.62 -18.42 -29.49
CA SER B 458 -66.48 -18.19 -28.34
C SER B 458 -67.38 -16.98 -28.58
N PRO B 459 -68.35 -16.76 -27.67
CA PRO B 459 -69.25 -15.61 -27.78
C PRO B 459 -68.53 -14.29 -27.51
N ASN B 460 -67.69 -14.27 -26.49
CA ASN B 460 -66.88 -13.10 -26.17
C ASN B 460 -65.75 -12.90 -27.19
N ARG B 461 -65.54 -13.93 -28.01
CA ARG B 461 -64.51 -13.96 -29.07
C ARG B 461 -63.08 -13.80 -28.54
N GLN B 462 -62.86 -14.40 -27.37
CA GLN B 462 -61.57 -14.39 -26.69
C GLN B 462 -60.80 -15.67 -26.98
N TYR B 463 -61.52 -16.76 -27.23
CA TYR B 463 -60.91 -18.07 -27.48
C TYR B 463 -61.45 -18.65 -28.77
N LEU B 464 -60.90 -19.79 -29.18
CA LEU B 464 -61.39 -20.53 -30.35
C LEU B 464 -61.32 -22.02 -30.05
N TYR B 465 -62.47 -22.65 -29.89
CA TYR B 465 -62.51 -24.05 -29.56
C TYR B 465 -62.16 -24.87 -30.80
N ALA B 466 -61.09 -25.65 -30.69
CA ALA B 466 -60.56 -26.43 -31.82
C ALA B 466 -60.70 -27.92 -31.59
N MET B 467 -61.49 -28.56 -32.43
CA MET B 467 -61.86 -29.94 -32.21
C MET B 467 -61.06 -30.91 -33.06
N THR B 468 -60.69 -32.02 -32.44
CA THR B 468 -60.03 -33.11 -33.14
C THR B 468 -60.88 -34.35 -33.07
N GLU B 469 -60.39 -35.41 -33.73
CA GLU B 469 -60.95 -36.74 -33.59
C GLU B 469 -61.11 -37.08 -32.12
N LYS B 470 -60.16 -36.65 -31.29
CA LYS B 470 -60.07 -37.17 -29.94
C LYS B 470 -60.00 -36.13 -28.81
N GLN B 471 -60.01 -34.84 -29.15
CA GLN B 471 -59.98 -33.78 -28.12
C GLN B 471 -60.42 -32.40 -28.61
N VAL B 472 -61.08 -31.70 -27.69
CA VAL B 472 -61.45 -30.30 -27.88
C VAL B 472 -60.37 -29.48 -27.21
N THR B 473 -60.05 -28.34 -27.81
CA THR B 473 -58.96 -27.51 -27.32
C THR B 473 -59.25 -26.02 -27.40
N GLN B 474 -59.27 -25.39 -26.22
CA GLN B 474 -59.50 -23.95 -26.12
C GLN B 474 -58.25 -23.16 -26.47
N VAL B 475 -58.13 -22.77 -27.74
CA VAL B 475 -57.01 -21.98 -28.21
C VAL B 475 -57.35 -20.49 -28.21
N PRO B 476 -56.62 -19.68 -27.43
CA PRO B 476 -56.92 -18.26 -27.37
C PRO B 476 -56.62 -17.56 -28.68
N VAL B 477 -57.55 -16.75 -29.15
CA VAL B 477 -57.31 -15.92 -30.31
C VAL B 477 -56.06 -15.05 -30.06
N GLU B 478 -55.81 -14.64 -28.97
CA GLU B 478 -54.76 -13.72 -28.58
C GLU B 478 -53.96 -14.29 -27.41
N SER B 479 -52.64 -14.33 -27.59
CA SER B 479 -51.73 -14.73 -26.55
C SER B 479 -50.43 -13.95 -26.74
N CYS B 480 -50.57 -12.62 -26.71
CA CYS B 480 -49.45 -11.72 -26.96
C CYS B 480 -48.40 -11.71 -25.85
N VAL B 481 -48.75 -12.28 -24.69
CA VAL B 481 -47.87 -12.23 -23.53
C VAL B 481 -46.62 -13.09 -23.70
N GLN B 482 -46.61 -13.93 -24.73
CA GLN B 482 -45.40 -14.67 -25.13
C GLN B 482 -44.33 -13.72 -25.67
N TYR B 483 -44.72 -12.47 -25.94
CA TYR B 483 -43.80 -11.47 -26.47
C TYR B 483 -43.19 -10.64 -25.36
N THR B 484 -41.85 -10.66 -25.29
CA THR B 484 -41.08 -10.14 -24.17
C THR B 484 -40.66 -8.69 -24.35
N SER B 485 -40.58 -8.23 -25.60
CA SER B 485 -40.02 -6.93 -25.90
C SER B 485 -40.89 -6.18 -26.89
N CYS B 486 -40.99 -4.87 -26.70
CA CYS B 486 -41.68 -4.00 -27.65
C CYS B 486 -41.30 -4.33 -29.09
N GLU B 487 -40.02 -4.61 -29.30
CA GLU B 487 -39.46 -4.88 -30.63
C GLU B 487 -39.95 -6.20 -31.23
N LEU B 488 -40.22 -7.19 -30.38
CA LEU B 488 -40.75 -8.47 -30.86
C LEU B 488 -42.27 -8.49 -30.87
N CYS B 489 -42.87 -7.85 -29.86
CA CYS B 489 -44.32 -7.70 -29.76
C CYS B 489 -44.89 -7.21 -31.08
N LEU B 490 -44.58 -5.97 -31.44
CA LEU B 490 -45.07 -5.36 -32.67
C LEU B 490 -44.39 -5.92 -33.92
N GLY B 491 -43.47 -6.86 -33.71
CA GLY B 491 -42.76 -7.50 -34.80
C GLY B 491 -43.45 -8.74 -35.33
N SER B 492 -44.25 -9.37 -34.47
CA SER B 492 -45.01 -10.56 -34.86
C SER B 492 -46.12 -10.22 -35.84
N ARG B 493 -46.70 -9.04 -35.65
CA ARG B 493 -47.74 -8.46 -36.52
C ARG B 493 -49.16 -8.98 -36.32
N ASP B 494 -49.33 -10.16 -35.69
CA ASP B 494 -50.68 -10.70 -35.45
C ASP B 494 -51.46 -9.71 -34.58
N PRO B 495 -52.46 -9.07 -35.20
CA PRO B 495 -52.93 -7.71 -34.98
C PRO B 495 -53.48 -7.39 -33.60
N HIS B 496 -53.69 -8.40 -32.78
CA HIS B 496 -54.22 -8.21 -31.43
C HIS B 496 -53.20 -7.58 -30.46
N CYS B 497 -51.93 -7.67 -30.85
CA CYS B 497 -50.82 -7.36 -29.95
C CYS B 497 -50.33 -5.92 -30.03
N GLY B 498 -50.26 -5.29 -28.87
CA GLY B 498 -49.63 -3.97 -28.69
C GLY B 498 -48.74 -3.97 -27.45
N TRP B 499 -47.80 -3.03 -27.39
CA TRP B 499 -46.92 -2.89 -26.23
C TRP B 499 -47.52 -1.90 -25.25
N CYS B 500 -47.95 -2.41 -24.10
CA CYS B 500 -48.45 -1.55 -23.03
C CYS B 500 -47.25 -1.00 -22.28
N VAL B 501 -46.78 0.16 -22.75
CA VAL B 501 -45.48 0.71 -22.39
C VAL B 501 -45.14 0.64 -20.90
N LEU B 502 -45.98 1.21 -20.06
CA LEU B 502 -45.67 1.32 -18.63
C LEU B 502 -45.75 0.01 -17.86
N HIS B 503 -46.45 -0.98 -18.40
CA HIS B 503 -46.49 -2.30 -17.78
C HIS B 503 -45.45 -3.23 -18.38
N SER B 504 -44.79 -2.75 -19.43
CA SER B 504 -43.80 -3.53 -20.18
C SER B 504 -44.29 -4.94 -20.52
N ILE B 505 -45.52 -5.03 -21.02
CA ILE B 505 -46.08 -6.29 -21.50
C ILE B 505 -46.78 -6.11 -22.85
N CYS B 506 -46.96 -7.24 -23.53
CA CYS B 506 -47.58 -7.27 -24.85
C CYS B 506 -48.97 -7.90 -24.72
N SER B 507 -50.00 -7.14 -25.10
CA SER B 507 -51.41 -7.60 -25.08
C SER B 507 -52.34 -6.65 -25.85
N ARG B 508 -53.63 -6.97 -25.86
CA ARG B 508 -54.63 -6.20 -26.62
C ARG B 508 -54.98 -4.85 -25.98
N GLN B 509 -55.65 -3.98 -26.75
CA GLN B 509 -56.03 -2.64 -26.29
C GLN B 509 -56.87 -2.63 -25.03
N ASP B 510 -57.87 -3.52 -24.98
CA ASP B 510 -58.80 -3.61 -23.85
C ASP B 510 -58.14 -4.18 -22.58
N ALA B 511 -56.95 -4.73 -22.73
CA ALA B 511 -56.23 -5.33 -21.60
C ALA B 511 -55.18 -4.40 -21.00
N CYS B 512 -54.75 -3.39 -21.76
CA CYS B 512 -53.82 -2.40 -21.26
C CYS B 512 -54.56 -1.23 -20.61
N GLU B 513 -54.43 -1.16 -19.28
CA GLU B 513 -55.02 -0.09 -18.49
C GLU B 513 -54.56 1.26 -19.03
N ARG B 514 -55.49 2.20 -19.14
CA ARG B 514 -55.19 3.58 -19.53
C ARG B 514 -54.60 3.72 -20.93
N ALA B 515 -54.77 2.68 -21.75
CA ALA B 515 -54.20 2.65 -23.10
C ALA B 515 -54.65 3.84 -23.97
N GLU B 516 -55.87 4.31 -23.73
CA GLU B 516 -56.47 5.40 -24.50
C GLU B 516 -55.68 6.71 -24.42
N GLU B 517 -54.89 6.85 -23.36
CA GLU B 517 -54.11 8.06 -23.10
C GLU B 517 -52.89 8.17 -24.03
N PRO B 518 -52.24 9.35 -24.06
CA PRO B 518 -51.10 9.57 -24.96
C PRO B 518 -49.89 8.70 -24.65
N GLN B 519 -49.40 8.02 -25.69
CA GLN B 519 -48.12 7.28 -25.68
C GLN B 519 -48.05 6.08 -24.72
N ARG B 520 -49.18 5.73 -24.11
CA ARG B 520 -49.25 4.68 -23.09
C ARG B 520 -49.29 3.28 -23.68
N PHE B 521 -49.65 3.21 -24.96
CA PHE B 521 -49.80 1.96 -25.70
C PHE B 521 -49.17 2.17 -27.08
N ALA B 522 -48.36 1.19 -27.50
CA ALA B 522 -47.66 1.27 -28.78
C ALA B 522 -48.16 0.21 -29.76
N SER B 523 -48.39 0.62 -31.00
CA SER B 523 -48.99 -0.27 -32.01
C SER B 523 -48.12 -0.44 -33.26
N ASP B 524 -47.30 0.55 -33.58
CA ASP B 524 -46.30 0.41 -34.63
C ASP B 524 -44.91 0.49 -34.02
N LEU B 525 -44.00 -0.36 -34.52
CA LEU B 525 -42.65 -0.49 -34.00
C LEU B 525 -41.96 0.86 -33.73
N LEU B 526 -42.36 1.90 -34.47
CA LEU B 526 -41.80 3.24 -34.32
C LEU B 526 -42.22 3.91 -33.01
N GLN B 527 -43.25 3.36 -32.38
CA GLN B 527 -43.73 3.90 -31.11
C GLN B 527 -42.95 3.34 -29.94
N CYS B 528 -42.11 2.33 -30.23
CA CYS B 528 -41.32 1.65 -29.21
C CYS B 528 -40.45 2.57 -28.38
N VAL B 529 -40.21 1.87 -26.52
CA VAL B 529 -39.50 2.77 -25.64
C VAL B 529 -38.02 2.85 -26.05
N GLN B 530 -37.56 4.07 -26.33
CA GLN B 530 -36.16 4.33 -26.65
C GLN B 530 -35.59 5.28 -25.61
N LEU B 531 -34.48 4.87 -24.99
CA LEU B 531 -33.88 5.63 -23.89
C LEU B 531 -32.38 5.88 -24.09
N THR B 532 -31.90 7.03 -23.64
CA THR B 532 -30.47 7.39 -23.65
C THR B 532 -30.06 8.16 -22.41
N VAL B 533 -28.83 7.90 -21.95
CA VAL B 533 -28.23 8.63 -20.80
C VAL B 533 -27.04 9.44 -21.30
N GLN B 534 -26.95 10.69 -20.85
CA GLN B 534 -25.86 11.57 -21.26
C GLN B 534 -24.49 11.11 -20.74
N PRO B 535 -24.33 10.98 -19.41
CA PRO B 535 -23.08 10.42 -18.92
C PRO B 535 -23.14 8.88 -18.86
N ARG B 536 -23.01 8.24 -20.02
CA ARG B 536 -23.13 6.78 -20.16
C ARG B 536 -22.12 6.04 -19.29
N ASN B 537 -20.92 6.63 -19.17
CA ASN B 537 -19.81 6.04 -18.45
C ASN B 537 -19.49 6.86 -17.21
N VAL B 538 -19.59 6.21 -16.05
CA VAL B 538 -19.26 6.84 -14.78
C VAL B 538 -18.32 5.96 -13.96
N SER B 539 -17.28 6.59 -13.40
CA SER B 539 -16.24 5.89 -12.64
C SER B 539 -16.73 5.42 -11.28
N VAL B 540 -16.18 4.31 -10.82
CA VAL B 540 -16.52 3.77 -9.50
C VAL B 540 -16.26 4.80 -8.38
N THR B 541 -15.17 5.54 -8.53
CA THR B 541 -14.73 6.51 -7.52
C THR B 541 -15.63 7.74 -7.38
N MET B 542 -16.34 8.10 -8.45
CA MET B 542 -17.28 9.22 -8.42
C MET B 542 -18.48 8.85 -7.55
N SER B 543 -19.22 9.86 -7.10
CA SER B 543 -20.45 9.66 -6.34
C SER B 543 -21.50 10.74 -6.57
N GLN B 544 -22.77 10.33 -6.59
CA GLN B 544 -23.93 11.21 -6.85
C GLN B 544 -23.75 12.11 -8.06
N VAL B 545 -23.37 11.53 -9.19
CA VAL B 545 -23.16 12.29 -10.42
C VAL B 545 -24.51 12.66 -11.05
N PRO B 546 -24.65 13.91 -11.53
CA PRO B 546 -25.85 14.30 -12.27
C PRO B 546 -25.88 13.70 -13.69
N LEU B 547 -26.97 13.00 -14.00
CA LEU B 547 -27.19 12.38 -15.30
C LEU B 547 -28.46 12.92 -15.93
N VAL B 548 -28.44 13.16 -17.25
CA VAL B 548 -29.66 13.55 -17.98
C VAL B 548 -30.19 12.43 -18.87
N LEU B 549 -31.50 12.21 -18.81
CA LEU B 549 -32.15 11.11 -19.53
C LEU B 549 -33.11 11.61 -20.61
N GLN B 550 -32.86 11.20 -21.85
CA GLN B 550 -33.77 11.47 -22.95
C GLN B 550 -34.55 10.21 -23.30
N ALA B 551 -35.87 10.31 -23.25
CA ALA B 551 -36.75 9.21 -23.60
C ALA B 551 -37.84 9.69 -24.53
N TRP B 552 -38.14 8.88 -25.55
CA TRP B 552 -39.18 9.21 -26.53
C TRP B 552 -40.22 8.07 -26.59
N ASN B 553 -41.42 8.40 -27.06
CA ASN B 553 -42.53 7.43 -27.13
C ASN B 553 -42.96 6.93 -25.77
N VAL B 554 -43.08 7.87 -24.83
CA VAL B 554 -43.47 7.58 -23.45
C VAL B 554 -44.61 8.53 -23.04
N PRO B 555 -45.64 8.01 -22.33
CA PRO B 555 -46.75 8.83 -21.84
C PRO B 555 -46.34 9.86 -20.79
N ASP B 556 -47.26 10.73 -20.41
CA ASP B 556 -46.99 11.76 -19.41
C ASP B 556 -46.64 11.14 -18.05
N LEU B 557 -45.41 11.37 -17.63
CA LEU B 557 -44.87 10.79 -16.40
C LEU B 557 -44.93 11.76 -15.22
N SER B 558 -45.75 12.81 -15.35
CA SER B 558 -45.92 13.79 -14.26
C SER B 558 -46.45 13.12 -12.98
N ALA B 559 -46.75 11.83 -13.10
CA ALA B 559 -47.10 10.98 -11.97
C ALA B 559 -45.89 10.77 -11.06
N GLY B 560 -44.71 10.77 -11.66
CA GLY B 560 -43.45 10.60 -10.94
C GLY B 560 -42.62 9.45 -11.50
N VAL B 561 -41.29 9.58 -11.40
CA VAL B 561 -40.38 8.53 -11.86
C VAL B 561 -39.17 8.37 -10.95
N ASN B 562 -38.75 7.11 -10.77
CA ASN B 562 -37.51 6.79 -10.10
C ASN B 562 -36.52 6.10 -11.06
N CYS B 563 -35.23 6.31 -10.85
CA CYS B 563 -34.16 5.63 -11.58
C CYS B 563 -33.64 4.47 -10.74
N SER B 564 -33.71 3.26 -11.29
CA SER B 564 -33.11 2.09 -10.62
C SER B 564 -32.07 1.43 -11.53
N PHE B 565 -30.82 1.44 -11.07
CA PHE B 565 -29.68 0.97 -11.86
C PHE B 565 -29.73 -0.53 -12.10
N GLU B 566 -30.24 -1.23 -11.10
CA GLU B 566 -30.79 -2.57 -11.26
C GLU B 566 -31.53 -2.76 -9.96
N ASP B 567 -31.72 -4.01 -9.54
CA ASP B 567 -32.41 -4.25 -8.27
C ASP B 567 -31.47 -4.01 -7.06
N PHE B 568 -30.50 -3.10 -7.25
CA PHE B 568 -29.52 -2.75 -6.22
C PHE B 568 -29.85 -1.43 -5.53
N THR B 569 -30.13 -0.39 -6.33
CA THR B 569 -30.39 0.95 -5.81
C THR B 569 -31.57 1.63 -6.51
N GLU B 570 -31.95 2.80 -6.01
CA GLU B 570 -33.06 3.58 -6.58
C GLU B 570 -32.96 5.04 -6.15
N THR B 571 -32.76 5.93 -7.13
CA THR B 571 -32.66 7.38 -6.84
C THR B 571 -33.82 8.18 -7.44
N GLU B 572 -34.33 9.14 -6.66
CA GLU B 572 -35.41 10.02 -7.08
C GLU B 572 -34.97 10.99 -8.17
N SER B 573 -35.88 11.28 -9.10
CA SER B 573 -35.60 12.18 -10.22
C SER B 573 -36.64 13.27 -10.39
N ILE B 574 -36.22 14.41 -10.95
CA ILE B 574 -37.13 15.52 -11.21
C ILE B 574 -37.18 15.79 -12.72
N LEU B 575 -38.29 16.33 -13.18
CA LEU B 575 -38.57 16.49 -14.62
C LEU B 575 -38.50 17.94 -15.07
N GLU B 576 -37.81 18.15 -16.18
CA GLU B 576 -37.68 19.47 -16.82
C GLU B 576 -37.54 19.28 -18.32
N ASP B 577 -38.21 20.15 -19.09
CA ASP B 577 -38.24 20.06 -20.56
C ASP B 577 -38.74 18.68 -21.02
N GLY B 578 -38.01 18.07 -21.95
CA GLY B 578 -38.28 16.69 -22.36
C GLY B 578 -37.18 15.76 -21.85
N ARG B 579 -36.77 15.99 -20.61
CA ARG B 579 -35.61 15.31 -20.02
C ARG B 579 -35.83 14.95 -18.54
N ILE B 580 -35.19 13.87 -18.10
CA ILE B 580 -35.26 13.43 -16.70
C ILE B 580 -33.88 13.55 -16.04
N HIS B 581 -33.85 14.15 -14.86
CA HIS B 581 -32.60 14.38 -14.14
C HIS B 581 -32.55 13.58 -12.84
N CYS B 582 -31.66 12.60 -12.78
CA CYS B 582 -31.38 11.86 -11.54
C CYS B 582 -29.89 11.68 -11.29
N HIS B 583 -29.55 11.19 -10.10
CA HIS B 583 -28.15 11.08 -9.66
C HIS B 583 -27.64 9.65 -9.63
N SER B 584 -26.33 9.50 -9.82
CA SER B 584 -25.62 8.22 -9.64
C SER B 584 -25.67 7.80 -8.17
N PRO B 585 -25.41 6.50 -7.88
CA PRO B 585 -25.37 6.09 -6.48
C PRO B 585 -24.10 6.56 -5.77
N SER B 586 -24.06 6.39 -4.45
CA SER B 586 -22.90 6.74 -3.64
C SER B 586 -21.79 5.71 -3.81
N ALA B 587 -20.55 6.11 -3.56
CA ALA B 587 -19.42 5.19 -3.57
C ALA B 587 -19.70 4.00 -2.66
N ARG B 588 -20.37 4.27 -1.54
CA ARG B 588 -20.77 3.23 -0.58
C ARG B 588 -21.69 2.18 -1.21
N GLU B 589 -22.41 2.58 -2.26
CA GLU B 589 -23.37 1.70 -2.92
C GLU B 589 -22.84 1.11 -4.22
N VAL B 590 -22.07 1.91 -4.95
CA VAL B 590 -21.52 1.53 -6.27
C VAL B 590 -20.62 0.28 -6.23
N ALA B 591 -19.70 0.27 -5.26
CA ALA B 591 -18.69 -0.80 -5.16
C ALA B 591 -19.25 -2.20 -4.84
N PRO B 592 -20.27 -2.29 -3.96
CA PRO B 592 -20.94 -3.58 -3.76
C PRO B 592 -21.32 -4.30 -5.06
N ILE B 593 -21.59 -3.52 -6.12
CA ILE B 593 -21.88 -4.09 -7.43
C ILE B 593 -20.57 -4.52 -8.11
N THR B 594 -19.68 -3.56 -8.31
CA THR B 594 -18.48 -3.73 -9.14
C THR B 594 -17.47 -4.76 -8.62
N GLN B 595 -17.57 -5.10 -7.33
CA GLN B 595 -16.68 -6.07 -6.70
C GLN B 595 -16.84 -7.46 -7.32
N GLY B 596 -15.77 -7.93 -7.95
CA GLY B 596 -15.77 -9.23 -8.62
C GLY B 596 -15.65 -9.13 -10.13
N GLN B 597 -16.41 -8.21 -10.72
CA GLN B 597 -16.46 -8.06 -12.18
C GLN B 597 -15.35 -7.19 -12.77
N GLY B 598 -14.52 -6.64 -11.88
CA GLY B 598 -13.22 -6.07 -12.25
C GLY B 598 -13.17 -4.90 -13.21
N ASP B 599 -12.70 -5.17 -14.42
CA ASP B 599 -12.47 -4.14 -15.45
C ASP B 599 -13.62 -3.13 -15.58
N GLN B 600 -14.82 -3.65 -15.79
CA GLN B 600 -16.03 -2.84 -15.88
C GLN B 600 -17.30 -3.68 -15.69
N ARG B 601 -18.39 -3.02 -15.32
CA ARG B 601 -19.69 -3.67 -15.25
C ARG B 601 -20.73 -2.85 -15.99
N VAL B 602 -21.21 -3.42 -17.11
CA VAL B 602 -22.32 -2.87 -17.86
C VAL B 602 -23.58 -3.21 -17.07
N VAL B 603 -24.40 -2.20 -16.78
CA VAL B 603 -25.59 -2.40 -15.96
C VAL B 603 -26.82 -1.73 -16.58
N LYS B 604 -27.94 -2.44 -16.53
CA LYS B 604 -29.18 -2.00 -17.18
C LYS B 604 -29.90 -1.00 -16.30
N LEU B 605 -29.66 0.29 -16.52
CA LEU B 605 -30.34 1.33 -15.77
C LEU B 605 -31.79 1.41 -16.22
N TYR B 606 -32.71 1.16 -15.29
CA TYR B 606 -34.13 1.22 -15.64
C TYR B 606 -34.77 2.54 -15.24
N LEU B 607 -36.02 2.71 -15.66
CA LEU B 607 -36.89 3.72 -15.12
C LEU B 607 -38.05 3.00 -14.44
N LYS B 608 -38.28 3.30 -13.16
CA LYS B 608 -39.42 2.77 -12.45
C LYS B 608 -40.49 3.86 -12.34
N SER B 609 -41.64 3.62 -12.97
CA SER B 609 -42.76 4.57 -12.98
C SER B 609 -43.48 4.57 -11.63
N LYS B 610 -43.85 5.76 -11.17
CA LYS B 610 -44.57 5.87 -9.90
C LYS B 610 -46.00 5.33 -9.98
N GLU B 611 -46.62 5.47 -11.15
CA GLU B 611 -48.00 5.04 -11.34
C GLU B 611 -48.14 3.52 -11.30
N THR B 612 -47.25 2.82 -11.99
CA THR B 612 -47.29 1.36 -12.06
C THR B 612 -46.40 0.71 -11.03
N GLY B 613 -45.18 1.23 -10.90
CA GLY B 613 -44.18 0.63 -10.03
C GLY B 613 -43.50 -0.54 -10.71
N LYS B 614 -43.43 -0.48 -12.03
CA LYS B 614 -42.71 -1.48 -12.80
C LYS B 614 -41.69 -0.83 -13.75
N LYS B 615 -40.49 -1.42 -13.79
CA LYS B 615 -39.40 -0.95 -14.65
C LYS B 615 -39.82 -1.18 -16.08
N PHE B 616 -39.66 -0.17 -16.93
CA PHE B 616 -40.07 -0.31 -18.33
C PHE B 616 -38.98 -0.02 -19.36
N ALA B 617 -38.30 1.12 -19.19
CA ALA B 617 -37.26 1.57 -20.13
C ALA B 617 -35.83 1.32 -19.63
N SER B 618 -34.95 0.93 -20.54
CA SER B 618 -33.60 0.58 -20.15
C SER B 618 -32.52 1.21 -21.04
N VAL B 619 -31.29 1.21 -20.52
CA VAL B 619 -30.07 1.64 -21.22
C VAL B 619 -28.86 0.85 -20.76
N ASP B 620 -27.88 0.75 -21.65
CA ASP B 620 -26.56 0.27 -21.27
C ASP B 620 -25.83 1.38 -20.50
N PHE B 621 -25.60 1.13 -19.20
CA PHE B 621 -24.87 2.05 -18.33
C PHE B 621 -23.60 1.40 -17.80
N VAL B 622 -22.49 2.10 -17.95
CA VAL B 622 -21.17 1.52 -17.65
C VAL B 622 -20.55 2.04 -16.36
N PHE B 623 -20.24 1.11 -15.47
CA PHE B 623 -19.46 1.38 -14.27
C PHE B 623 -18.02 0.91 -14.47
N TYR B 624 -17.13 1.87 -14.71
CA TYR B 624 -15.72 1.57 -14.90
C TYR B 624 -14.87 1.79 -13.65
N ASN B 625 -13.98 0.83 -13.44
CA ASN B 625 -13.02 0.80 -12.35
C ASN B 625 -11.63 0.75 -12.96
N CYS B 626 -10.85 2.71 -13.01
CA CYS B 626 -9.51 2.81 -13.57
C CYS B 626 -8.51 1.93 -12.81
N SER B 627 -8.68 1.87 -11.49
CA SER B 627 -7.67 1.31 -10.59
C SER B 627 -7.20 -0.10 -10.92
N VAL B 628 -8.10 -0.92 -11.48
CA VAL B 628 -7.79 -2.33 -11.72
C VAL B 628 -6.82 -2.53 -12.89
N HIS B 629 -6.57 -1.49 -13.66
CA HIS B 629 -5.50 -1.51 -14.66
C HIS B 629 -4.14 -1.57 -13.95
N GLN B 630 -3.33 -2.56 -14.29
CA GLN B 630 -2.02 -2.75 -13.64
C GLN B 630 -0.83 -2.53 -14.57
N SER B 631 -0.97 -1.59 -15.50
CA SER B 631 0.10 -1.17 -16.41
C SER B 631 -0.31 0.12 -17.12
N CYS B 632 0.67 0.94 -17.48
CA CYS B 632 0.43 2.23 -18.17
C CYS B 632 -0.39 2.05 -19.45
N LEU B 633 -0.03 1.04 -20.25
CA LEU B 633 -0.67 0.80 -21.52
C LEU B 633 -2.16 0.53 -21.37
N ALA B 634 -2.52 -0.41 -20.50
CA ALA B 634 -3.94 -0.69 -20.23
C ALA B 634 -4.67 0.58 -19.76
N CYS B 635 -3.99 1.36 -18.93
CA CYS B 635 -4.56 2.54 -18.29
C CYS B 635 -4.91 3.65 -19.28
N VAL B 636 -3.93 4.10 -20.06
CA VAL B 636 -4.15 5.23 -20.98
C VAL B 636 -4.61 4.76 -22.36
N ASN B 637 -3.83 3.86 -22.97
CA ASN B 637 -4.11 3.36 -24.32
C ASN B 637 -5.25 2.34 -24.36
N GLY B 638 -6.00 2.29 -23.27
CA GLY B 638 -7.24 1.52 -23.23
C GLY B 638 -8.34 2.27 -23.95
N SER B 639 -9.57 2.07 -23.48
CA SER B 639 -10.74 2.66 -24.13
C SER B 639 -11.32 3.83 -23.35
N PHE B 640 -10.80 4.06 -22.15
CA PHE B 640 -11.43 4.99 -21.23
C PHE B 640 -10.58 6.20 -20.85
N PRO B 641 -11.19 7.21 -20.19
CA PRO B 641 -10.37 8.26 -19.59
C PRO B 641 -9.76 7.78 -18.28
N CYS B 642 -8.50 7.35 -18.33
CA CYS B 642 -7.76 6.96 -17.13
C CYS B 642 -6.36 7.56 -17.14
N HIS B 643 -5.87 7.95 -15.96
CA HIS B 643 -4.55 8.54 -15.84
C HIS B 643 -3.58 7.61 -15.12
N TRP B 644 -2.35 7.57 -15.62
CA TRP B 644 -1.31 6.71 -15.05
C TRP B 644 -0.27 7.50 -14.28
N CYS B 645 0.07 7.01 -13.10
CA CYS B 645 1.05 7.67 -12.25
C CYS B 645 2.39 6.98 -12.35
N LYS B 646 3.28 7.55 -13.15
CA LYS B 646 4.64 7.01 -13.36
C LYS B 646 5.24 6.50 -12.06
N TYR B 647 5.14 7.31 -11.01
CA TYR B 647 5.91 7.14 -9.79
C TYR B 647 5.22 6.25 -8.77
N ARG B 648 3.92 6.41 -8.60
CA ARG B 648 3.18 5.50 -7.72
C ARG B 648 2.97 4.15 -8.38
N HIS B 649 3.04 4.14 -9.72
CA HIS B 649 2.81 2.94 -10.55
C HIS B 649 1.40 2.38 -10.35
N VAL B 650 0.42 3.28 -10.39
CA VAL B 650 -0.99 2.97 -10.20
C VAL B 650 -1.83 3.80 -11.17
N CYS B 651 -2.95 3.21 -11.58
CA CYS B 651 -3.90 3.82 -12.51
C CYS B 651 -5.08 4.40 -11.73
N THR B 652 -5.42 5.65 -12.02
CA THR B 652 -6.56 6.30 -11.38
C THR B 652 -7.17 7.43 -12.21
N ASN B 653 -8.42 7.75 -11.89
CA ASN B 653 -9.19 8.79 -12.57
C ASN B 653 -8.75 10.21 -12.18
N ASN B 654 -8.24 10.37 -10.96
CA ASN B 654 -7.85 11.69 -10.44
C ASN B 654 -6.40 12.06 -10.69
N ALA B 655 -6.19 13.19 -11.35
CA ALA B 655 -4.85 13.73 -11.60
C ALA B 655 -4.05 13.94 -10.32
N ALA B 656 -4.74 14.43 -9.27
CA ALA B 656 -4.12 14.75 -7.98
C ALA B 656 -3.64 13.53 -7.18
N ASP B 657 -4.28 12.38 -7.43
CA ASP B 657 -3.92 11.13 -6.76
C ASP B 657 -2.54 10.63 -7.20
N CYS B 658 -2.04 11.20 -8.29
CA CYS B 658 -0.69 10.92 -8.74
C CYS B 658 0.34 11.45 -7.75
N ALA B 659 1.51 10.80 -7.77
CA ALA B 659 2.66 11.16 -6.94
C ALA B 659 2.79 12.67 -6.84
N PHE B 660 3.22 13.27 -7.94
CA PHE B 660 3.16 14.72 -8.12
C PHE B 660 3.17 15.09 -9.61
N LEU B 661 2.82 16.34 -9.88
CA LEU B 661 2.66 16.96 -11.21
C LEU B 661 3.37 16.27 -12.39
N GLU B 662 4.68 16.07 -12.27
CA GLU B 662 5.51 15.62 -13.39
C GLU B 662 5.60 14.10 -13.53
N GLY B 663 4.63 13.40 -12.95
CA GLY B 663 4.55 11.95 -13.06
C GLY B 663 3.20 11.47 -13.57
N ARG B 664 2.43 12.38 -14.15
CA ARG B 664 1.12 12.07 -14.71
C ARG B 664 1.22 11.65 -16.17
N VAL B 665 0.65 10.49 -16.49
CA VAL B 665 0.60 10.01 -17.87
C VAL B 665 -0.83 10.03 -18.43
N ASN B 666 -1.02 10.87 -19.44
CA ASN B 666 -2.32 11.11 -20.09
C ASN B 666 -2.29 10.66 -21.53
N MET B 667 -1.10 10.52 -22.09
CA MET B 667 -0.91 10.13 -23.48
C MET B 667 -0.15 8.81 -23.54
N SER B 668 -0.52 7.95 -24.48
CA SER B 668 0.05 6.61 -24.57
C SER B 668 1.51 6.57 -25.00
N GLU B 669 1.94 7.60 -25.73
CA GLU B 669 3.30 7.70 -26.23
C GLU B 669 4.29 8.14 -25.15
N ASP B 670 3.75 8.71 -24.07
CA ASP B 670 4.55 9.17 -22.93
C ASP B 670 4.74 8.10 -21.85
N CYS B 671 4.13 6.92 -22.04
CA CYS B 671 4.24 5.81 -21.07
C CYS B 671 5.70 5.43 -20.77
N PRO B 672 6.28 4.44 -19.80
CA PRO B 672 7.55 3.74 -19.59
C PRO B 672 7.51 2.42 -20.35
N GLN B 673 8.34 2.33 -21.38
CA GLN B 673 8.31 1.21 -22.32
C GLN B 673 9.73 0.91 -22.80
N ILE B 674 9.96 -0.34 -23.19
CA ILE B 674 11.27 -0.73 -23.73
C ILE B 674 11.26 -0.76 -25.26
N LEU B 675 12.14 0.03 -25.85
CA LEU B 675 12.28 0.11 -27.31
C LEU B 675 13.22 -0.96 -27.85
N PRO B 676 12.97 -1.44 -29.08
CA PRO B 676 13.83 -2.49 -29.60
C PRO B 676 15.12 -1.97 -30.24
N SER B 677 16.16 -2.79 -30.15
CA SER B 677 17.38 -2.61 -30.91
C SER B 677 17.50 -3.84 -31.80
N THR B 678 18.51 -3.87 -32.68
CA THR B 678 18.80 -5.09 -33.46
C THR B 678 19.08 -6.23 -32.50
N HIS B 679 18.59 -7.41 -32.85
CA HIS B 679 18.39 -8.52 -31.92
C HIS B 679 19.47 -8.78 -30.87
N ILE B 680 19.00 -9.07 -29.66
CA ILE B 680 19.84 -9.38 -28.51
C ILE B 680 20.37 -10.81 -28.59
N TYR B 681 21.64 -10.91 -28.96
CA TYR B 681 22.34 -12.16 -29.13
C TYR B 681 23.07 -12.51 -27.83
N VAL B 682 22.78 -13.68 -27.28
CA VAL B 682 23.47 -14.10 -26.05
C VAL B 682 23.99 -15.53 -26.12
N PRO B 683 25.32 -15.70 -26.18
CA PRO B 683 25.89 -17.04 -26.12
C PRO B 683 25.88 -17.61 -24.70
N VAL B 684 25.65 -18.92 -24.61
CA VAL B 684 25.63 -19.61 -23.33
C VAL B 684 27.04 -19.74 -22.77
N GLY B 685 27.18 -19.43 -21.47
CA GLY B 685 28.46 -19.57 -20.78
C GLY B 685 29.50 -18.52 -21.16
N VAL B 686 29.03 -17.34 -21.53
CA VAL B 686 29.93 -16.22 -21.85
C VAL B 686 29.49 -14.96 -21.11
N VAL B 687 30.45 -14.35 -20.40
CA VAL B 687 30.24 -13.13 -19.65
C VAL B 687 29.95 -11.97 -20.61
N LYS B 688 28.70 -11.51 -20.62
CA LYS B 688 28.30 -10.40 -21.49
C LYS B 688 27.37 -9.40 -20.82
N PRO B 689 27.51 -8.10 -21.18
CA PRO B 689 26.54 -7.08 -20.83
C PRO B 689 25.47 -6.95 -21.91
N ILE B 690 24.28 -6.54 -21.52
CA ILE B 690 23.16 -6.43 -22.44
C ILE B 690 22.58 -5.02 -22.37
N THR B 691 23.08 -4.15 -23.24
CA THR B 691 22.59 -2.78 -23.27
C THR B 691 21.20 -2.74 -23.90
N LEU B 692 20.32 -1.95 -23.29
CA LEU B 692 18.98 -1.75 -23.81
C LEU B 692 18.70 -0.27 -24.02
N ALA B 693 17.79 0.02 -24.95
CA ALA B 693 17.20 1.35 -25.05
C ALA B 693 15.73 1.25 -24.65
N ALA B 694 15.13 2.40 -24.34
CA ALA B 694 13.73 2.48 -23.89
C ALA B 694 13.28 3.94 -23.91
N ARG B 695 12.14 4.21 -23.28
CA ARG B 695 11.65 5.59 -23.14
C ARG B 695 10.98 5.89 -21.81
N ASN B 696 11.10 7.14 -21.39
CA ASN B 696 10.51 7.65 -20.15
C ASN B 696 10.63 6.69 -18.95
N LEU B 697 11.83 6.17 -18.75
CA LEU B 697 12.17 5.36 -17.58
C LEU B 697 12.20 6.25 -16.34
N PRO B 698 11.47 5.84 -15.27
CA PRO B 698 11.30 6.68 -14.10
C PRO B 698 12.55 6.73 -13.20
N GLN B 699 12.82 7.89 -12.63
CA GLN B 699 13.80 8.03 -11.54
C GLN B 699 13.19 7.43 -10.26
N PRO B 700 13.72 6.30 -9.78
CA PRO B 700 13.11 5.69 -8.60
C PRO B 700 13.09 6.67 -7.43
N GLN B 701 11.94 6.80 -6.77
CA GLN B 701 11.75 7.83 -5.74
C GLN B 701 11.95 7.29 -4.33
N SER B 702 11.44 8.05 -3.36
CA SER B 702 11.61 7.73 -1.95
C SER B 702 11.19 6.31 -1.59
N GLY B 703 12.11 5.59 -0.94
CA GLY B 703 11.88 4.23 -0.50
C GLY B 703 11.72 3.28 -1.66
N GLN B 704 12.34 3.60 -2.79
CA GLN B 704 12.24 2.78 -4.00
C GLN B 704 13.61 2.32 -4.52
N ARG B 705 13.71 1.01 -4.78
CA ARG B 705 14.95 0.40 -5.26
C ARG B 705 15.22 0.68 -6.75
N GLY B 706 16.33 0.13 -7.24
CA GLY B 706 16.73 0.28 -8.63
C GLY B 706 16.32 -0.89 -9.51
N TYR B 707 16.93 -0.96 -10.70
CA TYR B 707 16.48 -1.86 -11.77
C TYR B 707 17.17 -3.22 -11.82
N GLU B 708 16.46 -4.19 -12.38
CA GLU B 708 16.94 -5.55 -12.56
C GLU B 708 16.45 -6.09 -13.90
N CYS B 709 17.17 -7.06 -14.44
CA CYS B 709 16.71 -7.79 -15.60
C CYS B 709 16.36 -9.19 -15.16
N LEU B 710 15.13 -9.63 -15.45
CA LEU B 710 14.73 -10.99 -15.13
C LEU B 710 14.52 -11.78 -16.41
N PHE B 711 15.25 -12.89 -16.52
CA PHE B 711 15.18 -13.74 -17.68
C PHE B 711 14.33 -14.96 -17.38
N HIS B 712 13.28 -15.14 -18.16
CA HIS B 712 12.39 -16.27 -17.98
C HIS B 712 12.86 -17.45 -18.83
N ILE B 713 13.82 -18.19 -18.28
CA ILE B 713 14.29 -19.44 -18.86
C ILE B 713 13.71 -20.58 -18.01
N PRO B 714 12.93 -21.48 -18.65
CA PRO B 714 12.28 -22.58 -17.92
C PRO B 714 13.25 -23.37 -17.04
N GLY B 715 14.45 -23.61 -17.57
CA GLY B 715 15.50 -24.31 -16.84
C GLY B 715 16.00 -23.52 -15.64
N SER B 716 16.43 -22.29 -15.89
CA SER B 716 16.93 -21.40 -14.83
C SER B 716 16.56 -19.95 -15.09
N PRO B 717 15.84 -19.32 -14.15
CA PRO B 717 15.54 -17.89 -14.27
C PRO B 717 16.57 -17.02 -13.55
N ALA B 718 17.25 -16.15 -14.30
CA ALA B 718 18.34 -15.34 -13.76
C ALA B 718 17.91 -13.92 -13.36
N ARG B 719 18.31 -13.52 -12.15
CA ARG B 719 18.07 -12.15 -11.63
C ARG B 719 19.35 -11.32 -11.65
N VAL B 720 19.47 -10.41 -12.60
CA VAL B 720 20.66 -9.56 -12.72
C VAL B 720 20.28 -8.09 -12.57
N THR B 721 20.89 -7.45 -11.59
CA THR B 721 20.66 -6.03 -11.32
C THR B 721 21.28 -5.17 -12.43
N ALA B 722 20.66 -4.03 -12.68
CA ALA B 722 21.03 -3.18 -13.81
C ALA B 722 21.15 -1.71 -13.40
N LEU B 723 21.60 -0.88 -14.35
CA LEU B 723 21.76 0.55 -14.10
C LEU B 723 20.95 1.35 -15.11
N ARG B 724 20.10 2.25 -14.61
CA ARG B 724 19.38 3.14 -15.50
C ARG B 724 20.17 4.40 -15.72
N PHE B 725 20.67 4.58 -16.94
CA PHE B 725 21.59 5.66 -17.24
C PHE B 725 20.88 6.99 -17.41
N ASN B 726 19.76 6.93 -18.11
CA ASN B 726 18.89 8.08 -18.27
C ASN B 726 17.51 7.57 -18.59
N SER B 727 16.60 8.47 -18.92
CA SER B 727 15.22 8.11 -19.21
C SER B 727 15.09 7.18 -20.42
N SER B 728 16.21 6.87 -21.07
CA SER B 728 16.19 6.18 -22.36
C SER B 728 17.16 5.00 -22.61
N SER B 729 17.88 4.54 -21.58
CA SER B 729 18.81 3.41 -21.73
C SER B 729 19.10 2.62 -20.45
N LEU B 730 19.17 1.29 -20.58
CA LEU B 730 19.46 0.39 -19.46
C LEU B 730 20.65 -0.50 -19.77
N GLN B 731 21.04 -1.35 -18.81
CA GLN B 731 22.13 -2.34 -19.02
C GLN B 731 22.26 -3.32 -17.86
N CYS B 732 21.96 -4.59 -18.13
CA CYS B 732 22.20 -5.65 -17.16
C CYS B 732 23.69 -5.93 -17.12
N GLN B 733 24.21 -6.21 -15.93
CA GLN B 733 25.65 -6.30 -15.75
C GLN B 733 26.28 -7.64 -16.14
N ASN B 734 27.58 -7.59 -16.43
CA ASN B 734 28.38 -8.74 -16.82
C ASN B 734 27.96 -10.03 -16.12
N SER B 735 27.41 -10.95 -16.92
CA SER B 735 26.98 -12.27 -16.44
C SER B 735 26.88 -13.26 -17.60
N SER B 736 26.90 -14.54 -17.26
CA SER B 736 26.72 -15.62 -18.23
C SER B 736 25.44 -16.41 -17.96
N TYR B 737 24.87 -16.96 -19.02
CA TYR B 737 23.57 -17.63 -18.96
C TYR B 737 23.62 -19.03 -19.57
N SER B 738 22.72 -19.91 -19.13
CA SER B 738 22.64 -21.28 -19.66
C SER B 738 21.25 -21.89 -19.55
N TYR B 739 21.00 -22.91 -20.36
CA TYR B 739 19.81 -23.76 -20.25
C TYR B 739 20.24 -25.21 -20.37
N GLU B 740 19.52 -26.10 -19.69
CA GLU B 740 19.90 -27.50 -19.65
C GLU B 740 19.08 -28.34 -20.63
N GLY B 741 19.75 -28.80 -21.68
CA GLY B 741 19.12 -29.59 -22.73
C GLY B 741 20.04 -29.99 -23.86
N ASN B 742 20.73 -29.00 -24.46
CA ASN B 742 21.52 -29.18 -25.69
C ASN B 742 20.66 -29.69 -26.87
N ASP B 743 19.38 -29.31 -26.86
CA ASP B 743 18.39 -29.80 -27.81
C ASP B 743 18.08 -28.80 -28.92
N VAL B 744 18.10 -27.51 -28.57
CA VAL B 744 17.82 -26.45 -29.55
C VAL B 744 18.92 -25.39 -29.50
N SER B 745 19.48 -25.08 -30.66
CA SER B 745 20.58 -24.11 -30.78
C SER B 745 20.11 -22.69 -30.47
N ASP B 746 18.97 -22.31 -31.02
CA ASP B 746 18.45 -20.95 -30.89
C ASP B 746 17.18 -20.91 -30.02
N LEU B 747 17.33 -20.48 -28.77
CA LEU B 747 16.23 -20.35 -27.83
C LEU B 747 15.90 -18.90 -27.52
N PRO B 748 14.74 -18.41 -27.97
CA PRO B 748 14.33 -17.06 -27.62
C PRO B 748 13.70 -17.05 -26.23
N VAL B 749 14.08 -16.07 -25.41
CA VAL B 749 13.64 -16.03 -24.01
C VAL B 749 12.93 -14.71 -23.67
N ASN B 750 11.74 -14.82 -23.09
CA ASN B 750 11.04 -13.68 -22.51
C ASN B 750 11.88 -13.03 -21.41
N LEU B 751 12.16 -11.73 -21.56
CA LEU B 751 12.76 -10.98 -20.46
C LEU B 751 11.84 -9.90 -19.92
N SER B 752 11.85 -9.75 -18.59
CA SER B 752 11.10 -8.69 -17.93
C SER B 752 12.06 -7.76 -17.18
N VAL B 753 11.92 -6.46 -17.44
CA VAL B 753 12.73 -5.46 -16.78
C VAL B 753 11.95 -4.90 -15.59
N VAL B 754 12.48 -5.12 -14.39
CA VAL B 754 11.82 -4.75 -13.14
C VAL B 754 12.57 -3.65 -12.42
N TRP B 755 11.85 -2.81 -11.69
CA TRP B 755 12.48 -1.98 -10.68
C TRP B 755 11.68 -1.98 -9.39
N ASN B 756 12.34 -1.65 -8.29
CA ASN B 756 11.74 -1.68 -6.95
C ASN B 756 11.04 -3.02 -6.69
N GLY B 757 11.69 -4.10 -7.13
CA GLY B 757 11.30 -5.47 -6.78
C GLY B 757 10.26 -6.14 -7.66
N ASN B 758 9.15 -5.44 -7.91
CA ASN B 758 8.01 -6.06 -8.56
C ASN B 758 7.39 -5.23 -9.68
N PHE B 759 7.77 -3.95 -9.78
CA PHE B 759 7.27 -3.09 -10.85
C PHE B 759 7.91 -3.50 -12.17
N VAL B 760 7.13 -4.17 -13.02
CA VAL B 760 7.62 -4.58 -14.33
C VAL B 760 7.31 -3.49 -15.36
N ILE B 761 8.33 -3.03 -16.06
CA ILE B 761 8.15 -2.04 -17.12
C ILE B 761 7.49 -2.72 -18.31
N ASP B 762 6.68 -1.94 -19.03
CA ASP B 762 5.97 -2.44 -20.19
C ASP B 762 6.87 -2.81 -21.36
N ASN B 763 6.56 -3.95 -21.98
CA ASN B 763 7.29 -4.47 -23.13
C ASN B 763 6.31 -4.73 -24.28
N PRO B 764 6.03 -3.69 -25.08
CA PRO B 764 5.02 -3.77 -26.16
C PRO B 764 5.43 -4.69 -27.33
N GLN B 765 6.66 -4.53 -27.82
CA GLN B 765 7.17 -5.34 -28.92
C GLN B 765 7.53 -6.74 -28.40
N ASN B 766 7.37 -6.93 -27.09
CA ASN B 766 7.73 -8.16 -26.38
C ASN B 766 9.15 -8.64 -26.68
N ILE B 767 10.12 -7.76 -26.41
CA ILE B 767 11.52 -7.99 -26.74
C ILE B 767 12.10 -9.19 -25.98
N GLN B 768 12.82 -10.02 -26.72
CA GLN B 768 13.36 -11.26 -26.20
C GLN B 768 14.87 -11.32 -26.32
N ALA B 769 15.47 -12.17 -25.50
CA ALA B 769 16.89 -12.44 -25.57
C ALA B 769 17.07 -13.83 -26.18
N HIS B 770 17.83 -13.90 -27.26
CA HIS B 770 18.16 -15.17 -27.90
C HIS B 770 19.41 -15.77 -27.25
N LEU B 771 19.22 -16.88 -26.52
CA LEU B 771 20.34 -17.67 -26.01
C LEU B 771 20.73 -18.70 -27.07
N TYR B 772 21.92 -18.55 -27.64
CA TYR B 772 22.42 -19.50 -28.61
C TYR B 772 23.61 -20.27 -28.10
N LYS B 773 23.63 -21.56 -28.39
CA LYS B 773 24.79 -22.39 -28.15
C LYS B 773 25.43 -22.69 -29.48
N CYS B 774 26.72 -22.13 -29.28
CA CYS B 774 27.73 -22.49 -30.27
C CYS B 774 27.66 -24.01 -30.47
N PRO B 775 27.68 -24.44 -31.73
CA PRO B 775 26.79 -25.45 -32.27
C PRO B 775 26.54 -26.71 -31.48
N ALA B 776 25.26 -26.94 -31.22
CA ALA B 776 24.74 -28.27 -30.95
C ALA B 776 24.04 -28.70 -32.24
N LEU B 777 24.08 -27.83 -33.25
CA LEU B 777 23.42 -28.06 -34.53
C LEU B 777 24.41 -28.18 -35.70
N ARG B 778 25.69 -27.89 -35.44
CA ARG B 778 26.68 -27.82 -36.51
C ARG B 778 28.03 -28.45 -36.13
N GLN B 779 28.29 -29.65 -36.63
CA GLN B 779 29.59 -30.29 -36.43
C GLN B 779 30.44 -30.25 -37.70
N SER B 780 30.25 -29.18 -38.48
CA SER B 780 31.00 -28.99 -39.71
C SER B 780 31.34 -27.51 -39.90
N CYS B 781 32.61 -27.22 -40.15
CA CYS B 781 33.13 -25.87 -40.37
C CYS B 781 32.23 -25.01 -41.27
N GLY B 782 31.75 -25.62 -42.35
CA GLY B 782 30.89 -24.97 -43.32
C GLY B 782 29.55 -24.53 -42.76
N LEU B 783 29.05 -25.27 -41.78
CA LEU B 783 27.78 -24.91 -41.17
C LEU B 783 27.87 -23.71 -40.23
N CYS B 784 29.02 -23.53 -39.57
CA CYS B 784 29.20 -22.45 -38.60
C CYS B 784 29.39 -21.09 -39.22
N LEU B 785 30.27 -21.04 -40.21
CA LEU B 785 30.56 -19.81 -40.92
C LEU B 785 29.38 -19.43 -41.81
N LYS B 786 28.49 -20.40 -42.01
CA LYS B 786 27.20 -20.23 -42.68
C LYS B 786 26.23 -19.39 -41.85
N ALA B 787 26.20 -19.65 -40.53
CA ALA B 787 25.30 -18.96 -39.62
C ALA B 787 25.68 -17.48 -39.43
N ASP B 788 24.88 -16.75 -38.64
CA ASP B 788 25.04 -15.30 -38.47
C ASP B 788 26.45 -14.85 -38.15
N PRO B 789 26.88 -13.76 -38.80
CA PRO B 789 28.06 -13.04 -38.35
C PRO B 789 27.84 -12.37 -37.00
N ARG B 790 26.57 -12.22 -36.61
CA ARG B 790 26.20 -11.63 -35.32
C ARG B 790 26.62 -12.51 -34.15
N PHE B 791 26.28 -13.81 -34.22
CA PHE B 791 26.56 -14.75 -33.13
C PHE B 791 28.00 -14.70 -32.66
N GLU B 792 28.91 -14.31 -33.55
CA GLU B 792 30.35 -14.30 -33.29
C GLU B 792 30.89 -15.73 -33.25
N CYS B 793 29.96 -16.69 -33.34
CA CYS B 793 30.27 -18.10 -33.31
C CYS B 793 31.11 -18.46 -34.53
N GLY B 794 32.22 -19.16 -34.31
CA GLY B 794 33.14 -19.56 -35.37
C GLY B 794 33.80 -20.92 -35.17
N TRP B 795 34.40 -21.46 -36.23
CA TRP B 795 34.99 -22.80 -36.21
C TRP B 795 36.43 -22.81 -35.70
N CYS B 796 36.72 -23.75 -34.80
CA CYS B 796 38.03 -23.85 -34.16
C CYS B 796 38.76 -25.15 -34.50
N VAL B 797 39.77 -25.00 -35.37
CA VAL B 797 40.51 -26.11 -35.97
C VAL B 797 40.81 -27.26 -35.00
N ALA B 798 41.62 -26.97 -33.98
CA ALA B 798 42.19 -28.00 -33.09
C ALA B 798 41.14 -28.88 -32.43
N GLU B 799 40.08 -28.26 -31.91
CA GLU B 799 39.03 -28.96 -31.17
C GLU B 799 38.23 -29.90 -32.08
N ARG B 800 38.20 -29.59 -33.38
CA ARG B 800 37.31 -30.23 -34.37
C ARG B 800 35.84 -29.84 -34.10
N ARG B 801 35.65 -28.70 -33.45
CA ARG B 801 34.34 -28.20 -33.08
C ARG B 801 34.30 -26.67 -33.21
N CYS B 802 33.16 -26.08 -32.87
CA CYS B 802 32.92 -24.67 -33.17
C CYS B 802 32.37 -23.91 -31.97
N SER B 803 33.11 -22.87 -31.57
CA SER B 803 32.73 -21.98 -30.49
C SER B 803 33.43 -20.65 -30.66
N LEU B 804 33.01 -19.66 -29.88
CA LEU B 804 33.60 -18.33 -29.90
C LEU B 804 35.11 -18.33 -29.64
N ARG B 805 35.76 -17.21 -29.96
CA ARG B 805 37.14 -16.95 -29.56
C ARG B 805 37.27 -17.21 -28.05
N HIS B 806 36.39 -16.55 -27.30
CA HIS B 806 36.16 -16.76 -25.87
C HIS B 806 36.43 -18.20 -25.42
N HIS B 807 35.75 -19.16 -26.05
CA HIS B 807 35.75 -20.55 -25.63
C HIS B 807 36.75 -21.46 -26.35
N CYS B 808 37.67 -20.87 -27.12
CA CYS B 808 38.68 -21.69 -27.80
C CYS B 808 40.10 -21.11 -27.75
N PRO B 809 41.06 -21.89 -27.20
CA PRO B 809 42.46 -21.50 -26.98
C PRO B 809 43.26 -21.16 -28.24
N ALA B 810 44.02 -20.06 -28.18
CA ALA B 810 44.85 -19.61 -29.30
C ALA B 810 46.27 -20.18 -29.23
N ASP B 811 46.40 -21.44 -29.63
CA ASP B 811 47.72 -22.09 -29.71
C ASP B 811 48.49 -21.59 -30.93
N SER B 812 47.74 -21.24 -31.98
CA SER B 812 48.29 -20.56 -33.14
C SER B 812 47.57 -19.21 -33.27
N PRO B 813 48.24 -18.19 -33.82
CA PRO B 813 47.60 -16.88 -34.08
C PRO B 813 46.40 -16.97 -35.04
N ALA B 814 46.32 -18.08 -35.76
CA ALA B 814 45.20 -18.37 -36.65
C ALA B 814 44.67 -19.80 -36.41
N SER B 815 44.29 -20.08 -35.17
CA SER B 815 43.72 -21.39 -34.81
C SER B 815 42.20 -21.37 -34.79
N TRP B 816 41.63 -20.20 -34.51
CA TRP B 816 40.18 -19.99 -34.57
C TRP B 816 39.84 -19.29 -35.88
N MET B 817 38.98 -19.91 -36.68
CA MET B 817 38.63 -19.40 -38.01
C MET B 817 37.18 -18.94 -38.08
N HIS B 818 36.98 -17.74 -38.61
CA HIS B 818 35.64 -17.20 -38.84
C HIS B 818 35.54 -16.68 -40.27
N ALA B 819 34.38 -16.89 -40.88
CA ALA B 819 34.14 -16.39 -42.23
C ALA B 819 34.11 -14.87 -42.22
N HIS B 820 35.22 -14.28 -42.64
CA HIS B 820 35.42 -12.82 -42.55
C HIS B 820 34.29 -12.04 -43.23
N HIS B 821 33.98 -12.45 -44.45
CA HIS B 821 32.90 -11.87 -45.23
C HIS B 821 32.31 -13.02 -46.05
N GLY B 822 32.92 -14.19 -45.82
CA GLY B 822 32.63 -15.42 -46.54
C GLY B 822 33.84 -15.81 -47.36
N SER B 823 34.89 -14.99 -47.27
CA SER B 823 36.15 -15.21 -47.98
C SER B 823 36.97 -16.27 -47.26
N SER B 824 36.29 -17.33 -46.81
CA SER B 824 36.89 -18.35 -45.98
C SER B 824 36.65 -19.72 -46.58
N ARG B 825 37.65 -20.24 -47.27
CA ARG B 825 37.62 -21.63 -47.74
C ARG B 825 37.54 -22.54 -46.51
N CYS B 826 36.85 -23.66 -46.64
CA CYS B 826 36.59 -24.52 -45.52
C CYS B 826 37.10 -25.93 -45.81
N THR B 827 36.69 -27.20 -44.67
CA THR B 827 37.41 -28.47 -44.80
C THR B 827 36.54 -29.73 -44.86
N ASP B 828 37.11 -30.80 -45.40
CA ASP B 828 36.51 -32.14 -45.39
C ASP B 828 35.04 -32.26 -45.85
N PRO B 829 34.71 -31.77 -47.07
CA PRO B 829 33.34 -31.93 -47.58
C PRO B 829 32.94 -33.39 -47.66
N LYS B 830 31.69 -33.67 -47.38
CA LYS B 830 31.20 -35.05 -47.39
C LYS B 830 29.83 -35.11 -48.05
N ILE B 831 29.62 -36.17 -48.83
CA ILE B 831 28.33 -36.40 -49.46
C ILE B 831 27.59 -37.46 -48.64
N LEU B 832 26.34 -37.16 -48.29
CA LEU B 832 25.51 -38.10 -47.56
C LEU B 832 24.76 -38.99 -48.54
N LYS B 833 23.90 -38.37 -49.35
CA LYS B 833 23.18 -39.07 -50.41
C LYS B 833 22.71 -38.15 -51.53
N LEU B 834 22.48 -38.75 -52.69
CA LEU B 834 22.08 -38.03 -53.89
C LEU B 834 20.88 -38.71 -54.57
N SER B 835 19.98 -37.89 -55.10
CA SER B 835 18.81 -38.38 -55.84
C SER B 835 18.95 -38.08 -57.34
N PRO B 836 18.02 -38.66 -58.14
CA PRO B 836 18.17 -39.79 -59.07
C PRO B 836 19.44 -40.62 -58.90
N GLU B 837 19.28 -41.89 -58.57
CA GLU B 837 20.43 -42.80 -58.46
C GLU B 837 20.86 -43.29 -59.84
N THR B 838 19.91 -43.28 -60.77
CA THR B 838 20.16 -43.65 -62.16
C THR B 838 19.86 -42.46 -63.07
N GLY B 839 20.35 -42.53 -64.30
CA GLY B 839 20.12 -41.47 -65.28
C GLY B 839 20.31 -41.96 -66.69
N PRO B 840 19.78 -41.20 -67.67
CA PRO B 840 20.01 -41.59 -69.05
C PRO B 840 21.41 -41.23 -69.51
N ARG B 841 21.95 -42.03 -70.43
CA ARG B 841 23.28 -41.79 -70.97
C ARG B 841 23.36 -40.44 -71.70
N GLN B 842 22.27 -40.02 -72.33
CA GLN B 842 22.24 -38.75 -73.05
C GLN B 842 22.42 -37.52 -72.17
N GLY B 843 22.15 -37.68 -70.86
CA GLY B 843 22.27 -36.58 -69.90
C GLY B 843 21.03 -35.70 -69.82
N GLY B 844 21.21 -34.48 -69.27
CA GLY B 844 20.11 -33.55 -69.02
C GLY B 844 19.47 -33.72 -67.65
N THR B 845 19.84 -34.80 -66.96
CA THR B 845 19.34 -35.12 -65.62
C THR B 845 19.64 -34.01 -64.63
N ARG B 846 18.69 -33.73 -63.76
CA ARG B 846 18.95 -32.89 -62.60
C ARG B 846 19.38 -33.77 -61.42
N LEU B 847 20.68 -33.74 -61.12
CA LEU B 847 21.23 -34.45 -59.96
C LEU B 847 21.04 -33.61 -58.70
N THR B 848 20.53 -34.25 -57.64
CA THR B 848 20.22 -33.55 -56.40
C THR B 848 21.13 -34.01 -55.25
N ILE B 849 22.31 -33.37 -55.10
CA ILE B 849 23.32 -33.82 -54.12
C ILE B 849 23.16 -33.16 -52.76
N THR B 850 23.09 -33.96 -51.70
CA THR B 850 22.99 -33.42 -50.35
C THR B 850 24.15 -33.83 -49.45
N GLY B 851 24.93 -32.85 -49.03
CA GLY B 851 26.13 -33.08 -48.21
C GLY B 851 26.09 -32.35 -46.88
N GLU B 852 27.26 -32.10 -46.29
CA GLU B 852 27.31 -31.40 -45.01
C GLU B 852 28.30 -30.24 -44.92
N ASN B 853 29.49 -30.40 -45.49
CA ASN B 853 30.52 -29.39 -45.34
C ASN B 853 31.01 -28.86 -46.66
N LEU B 854 30.11 -28.22 -47.42
CA LEU B 854 30.42 -27.74 -48.77
C LEU B 854 30.85 -26.27 -48.79
N GLY B 855 30.95 -25.69 -49.99
CA GLY B 855 31.39 -24.30 -50.13
C GLY B 855 30.31 -23.31 -49.76
N LEU B 856 30.70 -22.09 -49.40
CA LEU B 856 29.71 -21.09 -48.98
C LEU B 856 29.16 -20.15 -50.08
N ARG B 857 29.85 -20.07 -51.21
CA ARG B 857 29.36 -19.35 -52.41
C ARG B 857 29.04 -20.32 -53.55
N PHE B 858 28.19 -19.90 -54.49
CA PHE B 858 27.90 -20.72 -55.67
C PHE B 858 29.08 -20.78 -56.63
N GLU B 859 29.71 -19.62 -56.87
CA GLU B 859 30.76 -19.50 -57.90
C GLU B 859 32.04 -20.29 -57.61
N ASP B 860 32.09 -20.94 -56.45
CA ASP B 860 33.17 -21.89 -56.20
C ASP B 860 32.75 -23.34 -56.47
N VAL B 861 31.51 -23.68 -56.14
CA VAL B 861 31.00 -25.03 -56.41
C VAL B 861 30.73 -25.25 -57.90
N ARG B 862 30.30 -24.20 -58.59
CA ARG B 862 30.18 -24.22 -60.05
C ARG B 862 31.55 -24.58 -60.64
N LEU B 863 31.56 -25.58 -61.53
CA LEU B 863 32.79 -26.10 -62.13
C LEU B 863 33.42 -27.21 -61.29
N GLY B 864 33.02 -27.31 -60.03
CA GLY B 864 33.55 -28.31 -59.12
C GLY B 864 32.90 -29.68 -59.27
N VAL B 865 31.61 -29.69 -59.60
CA VAL B 865 30.85 -30.92 -59.65
C VAL B 865 31.15 -31.73 -60.91
N HIS B 866 31.38 -33.03 -60.73
CA HIS B 866 31.58 -33.98 -61.83
C HIS B 866 31.00 -35.36 -61.49
N VAL B 867 30.51 -36.07 -62.50
CA VAL B 867 30.04 -37.44 -62.30
C VAL B 867 31.02 -38.37 -62.98
N GLY B 868 32.04 -38.79 -62.23
CA GLY B 868 33.16 -39.52 -62.81
C GLY B 868 33.95 -38.57 -63.67
N LYS B 869 33.83 -38.74 -64.99
CA LYS B 869 34.49 -37.84 -65.94
C LYS B 869 33.54 -36.75 -66.42
N VAL B 870 32.25 -37.07 -66.43
CA VAL B 870 31.20 -36.25 -67.05
C VAL B 870 30.99 -34.92 -66.33
N LEU B 871 31.14 -33.83 -67.09
CA LEU B 871 30.98 -32.47 -66.56
C LEU B 871 29.53 -32.18 -66.20
N CYS B 872 29.34 -31.70 -64.96
CA CYS B 872 28.03 -31.43 -64.43
C CYS B 872 27.93 -29.94 -64.14
N SER B 873 26.91 -29.28 -64.70
CA SER B 873 26.69 -27.83 -64.50
C SER B 873 25.61 -27.54 -63.45
N PRO B 874 26.00 -26.87 -62.35
CA PRO B 874 25.11 -26.66 -61.21
C PRO B 874 24.16 -25.48 -61.41
N VAL B 875 23.03 -25.53 -60.70
CA VAL B 875 21.95 -24.56 -60.86
C VAL B 875 21.92 -23.60 -59.68
N GLU B 876 21.84 -22.30 -59.98
CA GLU B 876 21.93 -21.25 -58.97
C GLU B 876 20.80 -21.27 -57.96
N SER B 877 19.57 -21.10 -58.48
CA SER B 877 18.40 -20.97 -57.62
C SER B 877 18.17 -22.17 -56.71
N GLU B 878 18.47 -23.35 -57.22
CA GLU B 878 18.15 -24.60 -56.52
C GLU B 878 19.27 -25.04 -55.57
N TYR B 879 20.34 -24.25 -55.54
CA TYR B 879 21.50 -24.48 -54.67
C TYR B 879 21.31 -23.88 -53.27
N ILE B 880 21.34 -24.74 -52.26
CA ILE B 880 21.27 -24.30 -50.87
C ILE B 880 22.65 -24.45 -50.27
N SER B 881 23.26 -23.32 -49.90
CA SER B 881 24.69 -23.28 -49.56
C SER B 881 25.13 -24.21 -48.44
N ALA B 882 26.26 -24.85 -48.72
CA ALA B 882 26.82 -26.02 -48.03
C ALA B 882 25.92 -27.14 -47.48
N GLU B 883 24.67 -27.21 -47.93
CA GLU B 883 23.84 -28.37 -47.62
C GLU B 883 23.53 -29.18 -48.87
N GLN B 884 23.25 -28.47 -49.97
CA GLN B 884 22.65 -29.10 -51.14
C GLN B 884 23.05 -28.42 -52.45
N ILE B 885 23.46 -29.24 -53.42
CA ILE B 885 23.69 -28.78 -54.78
C ILE B 885 22.77 -29.48 -55.77
N VAL B 886 22.08 -28.69 -56.59
CA VAL B 886 21.33 -29.24 -57.71
C VAL B 886 22.15 -28.98 -58.96
N CYS B 887 22.38 -30.05 -59.72
CA CYS B 887 23.33 -30.04 -60.82
C CYS B 887 22.75 -30.71 -62.05
N GLU B 888 23.01 -30.12 -63.22
CA GLU B 888 22.57 -30.69 -64.50
C GLU B 888 23.71 -31.41 -65.23
N ILE B 889 23.54 -32.72 -65.39
CA ILE B 889 24.55 -33.58 -66.02
C ILE B 889 24.56 -33.36 -67.52
N GLY B 890 25.76 -33.35 -68.11
CA GLY B 890 25.92 -33.21 -69.56
C GLY B 890 25.91 -34.55 -70.30
N ASP B 891 26.24 -34.49 -71.58
CA ASP B 891 26.22 -35.67 -72.45
C ASP B 891 27.23 -36.74 -72.02
N ALA B 892 26.72 -37.95 -71.76
CA ALA B 892 27.56 -39.05 -71.32
C ALA B 892 27.61 -40.21 -72.35
N SER B 893 27.26 -39.89 -73.59
CA SER B 893 27.31 -40.86 -74.69
C SER B 893 28.71 -41.43 -74.89
N THR B 894 29.71 -40.56 -74.80
CA THR B 894 31.11 -40.89 -75.10
C THR B 894 31.82 -41.65 -73.95
N LEU B 895 31.19 -41.68 -72.78
CA LEU B 895 31.74 -42.37 -71.61
C LEU B 895 31.79 -43.89 -71.82
N ARG B 896 32.92 -44.49 -71.48
CA ARG B 896 33.08 -45.95 -71.50
C ARG B 896 32.40 -46.64 -70.31
N ALA B 897 32.41 -45.97 -69.16
CA ALA B 897 31.86 -46.52 -67.93
C ALA B 897 30.34 -46.61 -67.94
N HIS B 898 29.80 -47.59 -67.21
CA HIS B 898 28.36 -47.75 -67.02
C HIS B 898 27.90 -47.01 -65.76
N ASP B 899 28.78 -46.98 -64.76
CA ASP B 899 28.52 -46.23 -63.53
C ASP B 899 29.77 -45.54 -63.00
N ALA B 900 29.58 -44.39 -62.38
CA ALA B 900 30.68 -43.56 -61.88
C ALA B 900 30.32 -42.84 -60.59
N LEU B 901 31.33 -42.64 -59.73
CA LEU B 901 31.13 -41.95 -58.45
C LEU B 901 31.07 -40.45 -58.68
N VAL B 902 30.34 -39.74 -57.82
CA VAL B 902 30.19 -38.29 -57.94
C VAL B 902 31.23 -37.56 -57.10
N GLU B 903 31.77 -36.49 -57.67
CA GLU B 903 32.84 -35.72 -57.07
C GLU B 903 32.47 -34.24 -56.97
N VAL B 904 32.71 -33.67 -55.79
CA VAL B 904 32.69 -32.21 -55.63
C VAL B 904 34.03 -31.68 -55.18
N CYS B 905 34.52 -30.67 -55.89
CA CYS B 905 35.72 -29.96 -55.49
C CYS B 905 35.26 -28.59 -55.06
N VAL B 906 35.47 -28.24 -53.79
CA VAL B 906 34.91 -27.01 -53.20
C VAL B 906 35.18 -25.73 -54.00
N ARG B 907 36.44 -25.53 -54.38
CA ARG B 907 36.87 -24.40 -55.19
C ARG B 907 38.03 -24.91 -56.01
N ASP B 908 38.96 -25.57 -55.32
CA ASP B 908 40.10 -26.21 -55.95
C ASP B 908 40.05 -27.69 -55.57
N CYS B 909 40.40 -28.56 -56.51
CA CYS B 909 40.41 -30.00 -56.25
C CYS B 909 41.56 -30.42 -55.33
N SER B 910 41.73 -29.68 -54.23
CA SER B 910 42.76 -29.95 -53.25
C SER B 910 42.52 -31.28 -52.53
N LEU B 911 43.59 -31.83 -51.98
CA LEU B 911 43.59 -33.19 -51.45
C LEU B 911 42.75 -33.37 -50.18
N HIS B 912 42.61 -32.29 -49.41
CA HIS B 912 41.72 -32.33 -48.26
C HIS B 912 40.32 -31.80 -48.62
N TYR B 913 40.21 -31.01 -49.69
CA TYR B 913 38.94 -30.38 -50.07
C TYR B 913 38.19 -31.05 -51.23
N ARG B 914 38.04 -32.37 -51.15
CA ARG B 914 37.35 -33.16 -52.18
C ARG B 914 36.43 -34.17 -51.54
N ALA B 915 35.25 -34.33 -52.10
CA ALA B 915 34.30 -35.32 -51.62
C ALA B 915 33.91 -36.28 -52.72
N LEU B 916 33.72 -37.53 -52.34
CA LEU B 916 33.37 -38.57 -53.28
C LEU B 916 32.17 -39.32 -52.73
N SER B 917 31.19 -39.59 -53.60
CA SER B 917 29.91 -40.18 -53.19
C SER B 917 30.04 -41.61 -52.65
N PRO B 918 29.31 -41.92 -51.56
CA PRO B 918 29.40 -43.23 -50.90
C PRO B 918 28.96 -44.38 -51.79
N LYS B 919 27.89 -44.18 -52.55
CA LYS B 919 27.53 -45.10 -53.61
C LYS B 919 27.48 -44.33 -54.92
N ARG B 920 27.65 -45.03 -56.04
CA ARG B 920 27.80 -44.37 -57.34
C ARG B 920 26.55 -44.26 -58.20
N PHE B 921 26.56 -43.23 -59.06
CA PHE B 921 25.48 -42.92 -60.00
C PHE B 921 25.57 -43.85 -61.20
N THR B 922 24.43 -44.36 -61.64
CA THR B 922 24.39 -45.36 -62.71
C THR B 922 23.80 -44.79 -64.00
N PHE B 923 24.51 -44.97 -65.12
CA PHE B 923 23.97 -44.61 -66.44
C PHE B 923 23.32 -45.79 -67.12
N VAL B 924 22.13 -45.57 -67.66
CA VAL B 924 21.43 -46.60 -68.43
C VAL B 924 20.83 -46.01 -69.70
N THR B 925 19.56 -47.00 -69.54
CA THR B 925 18.70 -46.66 -70.66
C THR B 925 17.36 -47.37 -70.48
N PRO B 926 16.36 -46.62 -69.97
CA PRO B 926 15.01 -47.14 -69.72
C PRO B 926 14.38 -47.69 -70.98
N THR B 927 13.61 -48.77 -70.82
CA THR B 927 12.87 -49.40 -71.91
C THR B 927 11.46 -49.78 -71.46
N PHE B 928 10.55 -49.85 -72.43
CA PHE B 928 9.14 -50.22 -72.19
C PHE B 928 8.65 -51.25 -73.22
N TYR B 929 7.76 -52.15 -72.79
CA TYR B 929 7.37 -53.28 -73.63
C TYR B 929 5.87 -53.60 -73.69
N ARG B 930 5.09 -53.04 -72.76
CA ARG B 930 3.66 -53.38 -72.64
C ARG B 930 2.83 -52.25 -72.05
N VAL B 931 1.57 -52.18 -72.45
CA VAL B 931 0.61 -51.18 -71.93
C VAL B 931 -0.65 -51.90 -71.49
N SER B 932 -1.23 -51.50 -70.36
CA SER B 932 -2.21 -52.35 -69.66
C SER B 932 -3.74 -52.09 -69.74
N PRO B 933 -4.15 -50.98 -70.36
CA PRO B 933 -5.07 -51.25 -71.45
C PRO B 933 -4.36 -50.82 -72.73
N SER B 934 -4.50 -51.60 -73.80
CA SER B 934 -3.94 -51.20 -75.10
C SER B 934 -4.98 -50.47 -75.95
N ARG B 935 -6.21 -50.41 -75.42
CA ARG B 935 -7.34 -49.75 -76.07
C ARG B 935 -8.01 -48.74 -75.13
N GLY B 936 -8.60 -47.71 -75.73
CA GLY B 936 -9.35 -46.69 -74.98
C GLY B 936 -10.13 -45.72 -75.84
N PRO B 937 -11.23 -45.14 -75.29
CA PRO B 937 -12.10 -44.19 -75.98
C PRO B 937 -11.39 -42.95 -76.52
N LEU B 938 -11.90 -42.43 -77.63
CA LEU B 938 -11.35 -41.24 -78.30
C LEU B 938 -11.29 -39.99 -77.42
N SER B 939 -12.29 -39.81 -76.54
CA SER B 939 -12.32 -38.68 -75.61
C SER B 939 -11.14 -38.74 -74.64
N GLY B 940 -10.62 -39.95 -74.41
CA GLY B 940 -9.46 -40.16 -73.55
C GLY B 940 -9.85 -40.39 -72.09
N GLY B 941 -8.94 -40.03 -71.18
CA GLY B 941 -9.17 -40.19 -69.75
C GLY B 941 -9.01 -41.61 -69.25
N THR B 942 -8.16 -42.39 -69.93
CA THR B 942 -7.92 -43.78 -69.57
C THR B 942 -6.66 -43.92 -68.71
N TRP B 943 -6.78 -44.71 -67.64
CA TRP B 943 -5.63 -45.00 -66.76
C TRP B 943 -4.70 -46.03 -67.37
N ILE B 944 -3.60 -45.53 -67.92
CA ILE B 944 -2.64 -46.34 -68.65
C ILE B 944 -1.51 -46.85 -67.75
N GLY B 945 -1.09 -48.10 -67.95
CA GLY B 945 -0.03 -48.71 -67.16
C GLY B 945 1.10 -49.25 -68.02
N ILE B 946 2.10 -48.40 -68.28
CA ILE B 946 3.23 -48.77 -69.13
C ILE B 946 4.29 -49.54 -68.32
N GLU B 947 4.53 -50.78 -68.74
CA GLU B 947 5.51 -51.64 -68.08
C GLU B 947 6.85 -51.62 -68.81
N GLY B 948 7.93 -51.69 -68.03
CA GLY B 948 9.27 -51.74 -68.59
C GLY B 948 10.36 -51.92 -67.56
N SER B 949 11.53 -51.38 -67.86
CA SER B 949 12.68 -51.43 -66.97
C SER B 949 13.40 -50.07 -66.91
N HIS B 950 13.89 -49.72 -65.73
CA HIS B 950 14.59 -48.45 -65.46
C HIS B 950 13.72 -47.19 -65.65
N LEU B 951 12.41 -47.35 -65.50
CA LEU B 951 11.46 -46.28 -65.83
C LEU B 951 11.49 -45.08 -64.88
N ASN B 952 12.13 -45.26 -63.73
CA ASN B 952 12.20 -44.23 -62.69
C ASN B 952 13.41 -43.31 -62.78
N ALA B 953 14.15 -43.43 -63.88
CA ALA B 953 15.41 -42.71 -64.06
C ALA B 953 15.23 -41.19 -64.22
N GLY B 954 16.29 -40.45 -63.91
CA GLY B 954 16.38 -39.03 -64.26
C GLY B 954 15.47 -38.10 -63.48
N SER B 955 15.22 -36.93 -64.08
CA SER B 955 14.35 -35.91 -63.48
C SER B 955 12.95 -35.85 -64.09
N ASP B 956 12.82 -35.18 -65.25
CA ASP B 956 11.51 -35.01 -65.88
C ASP B 956 11.09 -36.23 -66.69
N VAL B 957 9.78 -36.42 -66.80
CA VAL B 957 9.21 -37.46 -67.66
C VAL B 957 8.04 -36.85 -68.42
N ALA B 958 7.90 -37.23 -69.70
CA ALA B 958 6.82 -36.75 -70.55
C ALA B 958 6.37 -37.88 -71.47
N VAL B 959 5.08 -38.22 -71.41
CA VAL B 959 4.54 -39.30 -72.23
C VAL B 959 3.62 -38.71 -73.30
N SER B 960 3.85 -39.08 -74.55
CA SER B 960 3.11 -38.52 -75.70
C SER B 960 2.46 -39.62 -76.56
N ILE B 961 1.13 -39.60 -76.60
CA ILE B 961 0.35 -40.52 -77.43
C ILE B 961 -0.20 -39.76 -78.62
N GLY B 962 0.32 -40.06 -79.80
CA GLY B 962 -0.02 -39.32 -81.02
C GLY B 962 0.54 -37.91 -81.06
N GLY B 963 1.57 -37.65 -80.25
CA GLY B 963 2.15 -36.32 -80.13
C GLY B 963 1.51 -35.50 -79.03
N ARG B 964 0.29 -35.90 -78.65
CA ARG B 964 -0.49 -35.21 -77.62
C ARG B 964 -0.09 -35.73 -76.23
N PRO B 965 0.01 -34.83 -75.23
CA PRO B 965 0.58 -35.24 -73.93
C PRO B 965 -0.35 -35.96 -72.94
N CYS B 966 0.19 -37.02 -72.32
CA CYS B 966 -0.47 -37.77 -71.26
C CYS B 966 -0.34 -37.06 -69.91
N SER B 967 -1.42 -37.04 -69.13
CA SER B 967 -1.36 -36.48 -67.76
C SER B 967 -0.72 -37.46 -66.80
N PHE B 968 0.47 -37.12 -66.32
CA PHE B 968 1.28 -38.00 -65.46
C PHE B 968 0.71 -38.10 -64.05
N SER B 969 0.86 -39.30 -63.46
CA SER B 969 0.45 -39.53 -62.08
C SER B 969 1.62 -39.95 -61.20
N TRP B 970 2.09 -41.19 -61.35
CA TRP B 970 3.24 -41.68 -60.58
C TRP B 970 4.18 -42.58 -61.37
N ARG B 971 5.42 -42.66 -60.91
CA ARG B 971 6.52 -43.36 -61.59
C ARG B 971 7.13 -44.45 -60.71
N ASN B 972 7.61 -45.51 -61.35
CA ASN B 972 8.24 -46.63 -60.66
C ASN B 972 9.38 -47.20 -61.49
N SER B 973 10.18 -48.08 -60.87
CA SER B 973 11.22 -48.82 -61.57
C SER B 973 10.63 -49.59 -62.76
N ARG B 974 9.46 -50.19 -62.51
CA ARG B 974 8.79 -51.10 -63.44
C ARG B 974 7.58 -50.51 -64.16
N GLU B 975 7.01 -49.42 -63.64
CA GLU B 975 5.74 -48.90 -64.20
C GLU B 975 5.65 -47.37 -64.26
N ILE B 976 5.03 -46.88 -65.32
CA ILE B 976 4.61 -45.48 -65.43
C ILE B 976 3.11 -45.47 -65.59
N ARG B 977 2.43 -44.74 -64.72
CA ARG B 977 0.97 -44.60 -64.77
C ARG B 977 0.59 -43.16 -65.14
N CYS B 978 -0.16 -43.03 -66.22
CA CYS B 978 -0.66 -41.71 -66.66
C CYS B 978 -2.05 -41.78 -67.29
N LEU B 979 -2.71 -40.62 -67.38
CA LEU B 979 -4.08 -40.52 -67.90
C LEU B 979 -4.12 -39.94 -69.31
N THR B 980 -4.70 -40.71 -70.23
CA THR B 980 -4.63 -40.43 -71.68
C THR B 980 -5.37 -39.17 -72.14
N PRO B 981 -4.79 -38.44 -73.11
CA PRO B 981 -5.45 -37.28 -73.69
C PRO B 981 -6.47 -37.68 -74.77
N PRO B 982 -7.27 -36.72 -75.28
CA PRO B 982 -8.18 -37.04 -76.38
C PRO B 982 -7.40 -37.33 -77.67
N GLY B 983 -7.83 -38.36 -78.40
CA GLY B 983 -7.21 -38.70 -79.69
C GLY B 983 -7.86 -37.98 -80.85
N HIS B 984 -7.09 -37.69 -81.88
CA HIS B 984 -7.62 -37.00 -83.07
C HIS B 984 -8.50 -37.92 -83.94
N THR B 985 -7.94 -39.04 -84.36
CA THR B 985 -8.67 -40.03 -85.17
C THR B 985 -8.49 -41.43 -84.60
N PRO B 986 -9.55 -42.24 -84.60
CA PRO B 986 -9.51 -43.58 -83.96
C PRO B 986 -8.57 -44.54 -84.68
N GLY B 987 -7.92 -45.42 -83.90
CA GLY B 987 -6.96 -46.38 -84.43
C GLY B 987 -5.62 -46.33 -83.73
N SER B 988 -4.62 -46.97 -84.34
CA SER B 988 -3.29 -47.10 -83.75
C SER B 988 -2.58 -45.76 -83.57
N ALA B 989 -1.87 -45.63 -82.44
CA ALA B 989 -1.16 -44.41 -82.12
C ALA B 989 0.22 -44.70 -81.51
N PRO B 990 1.24 -43.88 -81.86
CA PRO B 990 2.58 -44.04 -81.31
C PRO B 990 2.70 -43.57 -79.85
N ILE B 991 3.50 -44.29 -79.06
CA ILE B 991 3.79 -43.92 -77.67
C ILE B 991 5.25 -43.47 -77.53
N VAL B 992 5.45 -42.17 -77.29
CA VAL B 992 6.77 -41.58 -77.17
C VAL B 992 7.01 -41.13 -75.73
N ILE B 993 8.01 -41.72 -75.07
CA ILE B 993 8.38 -41.30 -73.71
C ILE B 993 9.75 -40.64 -73.73
N ASN B 994 9.81 -39.39 -73.27
CA ASN B 994 11.09 -38.70 -73.14
C ASN B 994 11.49 -38.34 -71.70
N ILE B 995 12.62 -38.89 -71.27
CA ILE B 995 13.20 -38.62 -69.96
C ILE B 995 14.46 -37.78 -70.15
N ASN B 996 14.38 -36.51 -69.75
CA ASN B 996 15.44 -35.55 -69.95
C ASN B 996 15.84 -35.48 -71.43
N ARG B 997 17.11 -35.80 -71.74
CA ARG B 997 17.60 -35.74 -73.13
C ARG B 997 17.52 -37.08 -73.86
N ALA B 998 16.89 -38.07 -73.21
CA ALA B 998 16.72 -39.39 -73.82
C ALA B 998 15.28 -39.56 -74.29
N GLN B 999 15.10 -39.86 -75.58
CA GLN B 999 13.77 -40.06 -76.18
C GLN B 999 13.59 -41.50 -76.67
N LEU B 1000 12.90 -42.30 -75.87
CA LEU B 1000 12.75 -43.74 -76.15
C LEU B 1000 11.44 -44.10 -76.84
N SER B 1001 11.57 -44.96 -77.84
CA SER B 1001 10.47 -45.32 -78.74
C SER B 1001 10.28 -46.84 -78.81
N ASN B 1002 9.08 -47.24 -79.23
CA ASN B 1002 8.77 -48.64 -79.56
C ASN B 1002 7.57 -48.72 -80.51
N PRO B 1003 7.82 -49.05 -81.79
CA PRO B 1003 6.74 -49.16 -82.79
C PRO B 1003 5.97 -50.50 -82.72
N GLU B 1004 6.47 -51.45 -81.92
CA GLU B 1004 5.78 -52.72 -81.69
C GLU B 1004 4.69 -52.58 -80.62
N VAL B 1005 4.84 -51.57 -79.76
CA VAL B 1005 3.87 -51.30 -78.70
C VAL B 1005 3.09 -50.03 -79.03
N LYS B 1006 1.85 -50.21 -79.49
CA LYS B 1006 1.00 -49.10 -79.89
C LYS B 1006 -0.28 -49.01 -79.05
N TYR B 1007 -0.95 -47.87 -79.14
CA TYR B 1007 -2.22 -47.64 -78.44
C TYR B 1007 -3.34 -47.42 -79.43
N ASN B 1008 -4.42 -48.17 -79.24
CA ASN B 1008 -5.54 -48.19 -80.17
C ASN B 1008 -6.73 -47.38 -79.66
N TYR B 1009 -6.97 -46.24 -80.30
CA TYR B 1009 -8.11 -45.38 -79.96
C TYR B 1009 -9.40 -45.97 -80.53
N THR B 1010 -10.42 -46.07 -79.67
CA THR B 1010 -11.71 -46.67 -80.03
C THR B 1010 -12.83 -45.63 -80.11
N GLU B 1011 -12.98 -46.90 -81.14
CA GLU B 1011 -14.18 -46.06 -81.30
C GLU B 1011 -14.96 -46.03 -79.98
N ASP B 1012 -15.40 -44.84 -79.60
CA ASP B 1012 -16.09 -44.62 -78.32
C ASP B 1012 -17.25 -45.60 -78.09
N PRO B 1013 -17.30 -46.23 -76.91
CA PRO B 1013 -18.40 -47.14 -76.60
C PRO B 1013 -19.76 -46.42 -76.62
N THR B 1014 -20.83 -47.17 -76.84
CA THR B 1014 -22.20 -46.63 -76.83
C THR B 1014 -23.06 -47.44 -75.86
N ILE B 1015 -24.10 -46.79 -75.32
CA ILE B 1015 -25.08 -47.46 -74.49
C ILE B 1015 -26.42 -47.49 -75.23
N LEU B 1016 -27.01 -48.68 -75.34
CA LEU B 1016 -28.23 -48.89 -76.10
C LEU B 1016 -29.45 -49.17 -75.22
N ARG B 1017 -29.30 -50.11 -74.29
CA ARG B 1017 -30.45 -50.59 -73.52
C ARG B 1017 -30.07 -51.08 -72.13
N ILE B 1018 -30.88 -50.72 -71.14
CA ILE B 1018 -30.74 -51.20 -69.77
C ILE B 1018 -31.96 -52.05 -69.45
N ASP B 1019 -31.74 -53.29 -69.01
CA ASP B 1019 -32.87 -54.22 -68.92
C ASP B 1019 -33.28 -54.94 -67.61
N PRO B 1020 -33.55 -54.13 -66.58
CA PRO B 1020 -34.91 -53.75 -66.27
C PRO B 1020 -34.82 -52.21 -66.33
N GLU B 1021 -35.87 -51.53 -66.76
CA GLU B 1021 -35.77 -50.07 -66.82
C GLU B 1021 -36.08 -49.39 -65.47
N TRP B 1022 -35.68 -50.04 -64.38
CA TRP B 1022 -36.04 -49.60 -63.03
C TRP B 1022 -35.21 -50.26 -61.90
N SER B 1023 -35.34 -49.69 -60.70
CA SER B 1023 -34.78 -50.26 -59.46
C SER B 1023 -35.41 -49.58 -58.21
N ILE B 1024 -35.05 -50.05 -57.01
CA ILE B 1024 -35.55 -49.42 -55.76
C ILE B 1024 -34.60 -48.38 -55.16
N ASN B 1025 -35.10 -47.66 -54.14
CA ASN B 1025 -34.40 -46.54 -53.51
C ASN B 1025 -32.99 -46.87 -53.02
N SER B 1026 -32.81 -48.06 -52.46
CA SER B 1026 -31.48 -48.53 -52.00
C SER B 1026 -30.66 -49.21 -53.10
N GLY B 1027 -31.28 -49.43 -54.26
CA GLY B 1027 -30.61 -50.04 -55.41
C GLY B 1027 -30.12 -51.46 -55.15
N GLY B 1028 -29.04 -51.82 -55.82
CA GLY B 1028 -28.40 -53.12 -55.63
C GLY B 1028 -28.93 -54.27 -56.48
N THR B 1029 -29.87 -53.97 -57.38
CA THR B 1029 -30.41 -54.98 -58.31
C THR B 1029 -29.56 -55.12 -59.57
N LEU B 1030 -29.61 -56.29 -60.18
CA LEU B 1030 -28.94 -56.56 -61.46
C LEU B 1030 -29.57 -55.76 -62.59
N LEU B 1031 -28.73 -55.21 -63.46
CA LEU B 1031 -29.19 -54.50 -64.65
C LEU B 1031 -28.47 -55.06 -65.87
N THR B 1032 -29.23 -55.61 -66.81
CA THR B 1032 -28.63 -56.24 -67.97
C THR B 1032 -28.46 -55.23 -69.13
N VAL B 1033 -27.30 -54.59 -69.16
CA VAL B 1033 -27.00 -53.48 -70.06
C VAL B 1033 -26.37 -53.97 -71.37
N THR B 1034 -26.78 -53.35 -72.48
CA THR B 1034 -26.26 -53.68 -73.81
C THR B 1034 -25.76 -52.45 -74.58
N GLY B 1035 -24.67 -52.63 -75.32
CA GLY B 1035 -24.09 -51.54 -76.12
C GLY B 1035 -22.98 -52.00 -77.05
N THR B 1036 -21.96 -51.16 -77.23
CA THR B 1036 -20.82 -51.46 -78.11
C THR B 1036 -19.48 -51.09 -77.46
N ASN B 1037 -18.41 -51.75 -77.91
CA ASN B 1037 -17.03 -51.50 -77.43
C ASN B 1037 -16.86 -51.45 -75.91
N LEU B 1038 -17.60 -52.31 -75.20
CA LEU B 1038 -17.61 -52.28 -73.73
C LEU B 1038 -16.38 -52.93 -73.10
N ALA B 1039 -15.67 -53.76 -73.87
CA ALA B 1039 -14.44 -54.39 -73.41
C ALA B 1039 -13.25 -53.43 -73.42
N THR B 1040 -13.41 -52.26 -74.03
CA THR B 1040 -12.34 -51.25 -74.14
C THR B 1040 -12.25 -50.32 -72.90
N VAL B 1041 -13.18 -50.48 -71.97
CA VAL B 1041 -13.13 -49.80 -70.68
C VAL B 1041 -12.99 -50.88 -69.59
N ARG B 1042 -11.92 -50.81 -68.81
CA ARG B 1042 -11.64 -51.87 -67.83
C ARG B 1042 -12.52 -51.80 -66.58
N GLU B 1043 -12.82 -50.59 -66.12
CA GLU B 1043 -13.61 -50.38 -64.91
C GLU B 1043 -14.77 -49.39 -65.14
N PRO B 1044 -15.82 -49.83 -65.86
CA PRO B 1044 -16.97 -48.95 -66.04
C PRO B 1044 -17.92 -49.03 -64.86
N ARG B 1045 -18.63 -47.94 -64.59
CA ARG B 1045 -19.54 -47.86 -63.46
C ARG B 1045 -20.76 -46.98 -63.76
N ILE B 1046 -21.88 -47.27 -63.11
CA ILE B 1046 -23.13 -46.51 -63.31
C ILE B 1046 -23.16 -45.29 -62.41
N ARG B 1047 -23.70 -44.20 -62.95
CA ARG B 1047 -23.86 -42.95 -62.21
C ARG B 1047 -25.32 -42.52 -62.23
N ALA B 1048 -25.79 -41.98 -61.10
CA ALA B 1048 -27.16 -41.51 -60.98
C ALA B 1048 -27.24 -40.32 -60.03
N LYS B 1049 -27.96 -39.28 -60.46
CA LYS B 1049 -28.16 -38.08 -59.65
C LYS B 1049 -29.60 -37.97 -59.20
N TYR B 1050 -29.82 -38.12 -57.89
CA TYR B 1050 -31.14 -37.99 -57.31
C TYR B 1050 -31.12 -36.88 -56.28
N GLY B 1051 -31.90 -35.83 -56.54
CA GLY B 1051 -31.90 -34.63 -55.71
C GLY B 1051 -30.57 -33.91 -55.83
N GLY B 1052 -30.03 -33.46 -54.70
CA GLY B 1052 -28.72 -32.83 -54.66
C GLY B 1052 -27.56 -33.79 -54.50
N ILE B 1053 -27.85 -35.10 -54.48
CA ILE B 1053 -26.84 -36.15 -54.27
C ILE B 1053 -26.51 -36.92 -55.54
N GLU B 1054 -25.22 -37.19 -55.73
CA GLU B 1054 -24.71 -37.98 -56.86
C GLU B 1054 -24.14 -39.28 -56.31
N ARG B 1055 -24.52 -40.42 -56.90
CA ARG B 1055 -24.03 -41.73 -56.47
C ARG B 1055 -23.64 -42.69 -57.61
N GLU B 1056 -22.70 -43.58 -57.32
CA GLU B 1056 -22.10 -44.47 -58.32
C GLU B 1056 -22.13 -45.94 -57.88
N ASN B 1057 -22.02 -46.85 -58.85
CA ASN B 1057 -21.92 -48.30 -58.56
C ASN B 1057 -21.27 -49.12 -59.69
N SER B 1058 -20.82 -50.34 -59.36
CA SER B 1058 -19.95 -51.16 -60.22
C SER B 1058 -20.63 -51.88 -61.38
N CYS B 1059 -19.82 -52.32 -62.34
CA CYS B 1059 -20.25 -53.12 -63.48
C CYS B 1059 -19.27 -54.27 -63.78
N MET B 1060 -19.77 -55.35 -64.39
CA MET B 1060 -18.95 -56.47 -64.85
C MET B 1060 -19.16 -56.68 -66.35
N VAL B 1061 -18.12 -56.45 -67.14
CA VAL B 1061 -18.18 -56.58 -68.59
C VAL B 1061 -18.06 -58.06 -68.98
N TYR B 1062 -18.87 -58.51 -69.94
CA TYR B 1062 -18.77 -59.88 -70.44
C TYR B 1062 -18.29 -59.90 -71.89
N ASN B 1063 -19.13 -59.45 -72.80
CA ASN B 1063 -18.77 -59.29 -74.21
C ASN B 1063 -18.33 -57.87 -74.49
N ASP B 1064 -18.04 -57.59 -75.76
CA ASP B 1064 -17.94 -56.22 -76.25
C ASP B 1064 -19.31 -55.53 -76.26
N THR B 1065 -20.39 -56.33 -76.22
CA THR B 1065 -21.76 -55.81 -76.30
C THR B 1065 -22.56 -55.92 -75.01
N THR B 1066 -22.18 -56.84 -74.12
CA THR B 1066 -22.96 -57.10 -72.91
C THR B 1066 -22.23 -56.76 -71.61
N MET B 1067 -23.03 -56.35 -70.62
CA MET B 1067 -22.53 -55.88 -69.33
C MET B 1067 -23.60 -56.05 -68.28
N VAL B 1068 -23.21 -56.53 -67.10
CA VAL B 1068 -24.12 -56.65 -65.96
C VAL B 1068 -23.72 -55.58 -64.96
N CYS B 1069 -24.70 -54.78 -64.52
CA CYS B 1069 -24.42 -53.70 -63.58
C CYS B 1069 -25.31 -53.74 -62.34
N ARG B 1070 -24.73 -53.36 -61.21
CA ARG B 1070 -25.45 -53.33 -59.94
C ARG B 1070 -25.94 -51.89 -59.69
N ALA B 1071 -27.25 -51.73 -59.64
CA ALA B 1071 -27.91 -50.40 -59.59
C ALA B 1071 -27.49 -49.52 -58.41
N PRO B 1072 -27.26 -48.22 -58.66
CA PRO B 1072 -26.81 -47.29 -57.61
C PRO B 1072 -27.88 -46.97 -56.56
N SER B 1073 -27.46 -46.95 -55.30
CA SER B 1073 -28.32 -46.52 -54.20
C SER B 1073 -28.58 -45.02 -54.30
N ILE B 1074 -29.82 -44.61 -54.07
CA ILE B 1074 -30.15 -43.18 -54.05
C ILE B 1074 -30.74 -42.75 -52.69
N ASP B 1075 -30.52 -43.60 -51.68
CA ASP B 1075 -31.04 -43.40 -50.32
C ASP B 1075 -30.84 -41.97 -49.83
N ASN B 1076 -31.94 -41.23 -49.82
CA ASN B 1076 -31.97 -39.86 -49.38
C ASN B 1076 -33.03 -39.70 -48.30
N PRO B 1077 -32.64 -39.19 -47.11
CA PRO B 1077 -33.63 -38.88 -46.07
C PRO B 1077 -34.42 -37.59 -46.34
N LYS B 1078 -34.06 -36.88 -47.42
CA LYS B 1078 -34.78 -35.67 -47.85
C LYS B 1078 -35.92 -35.98 -48.82
N ARG B 1079 -35.64 -36.83 -49.81
CA ARG B 1079 -36.67 -37.26 -50.77
C ARG B 1079 -36.73 -38.78 -50.88
N SER B 1080 -37.95 -39.30 -50.92
CA SER B 1080 -38.18 -40.72 -51.15
C SER B 1080 -38.98 -40.84 -52.44
N PRO B 1081 -38.67 -41.85 -53.29
CA PRO B 1081 -39.41 -42.01 -54.54
C PRO B 1081 -40.87 -42.38 -54.29
N PRO B 1082 -41.81 -41.85 -55.11
CA PRO B 1082 -43.21 -42.19 -54.90
C PRO B 1082 -43.56 -43.58 -55.43
N GLU B 1083 -44.75 -44.08 -55.05
CA GLU B 1083 -45.24 -45.39 -55.45
C GLU B 1083 -45.36 -45.49 -56.97
N LEU B 1084 -45.67 -44.34 -57.59
CA LEU B 1084 -45.83 -44.22 -59.04
C LEU B 1084 -44.49 -44.39 -59.78
N GLY B 1085 -43.41 -43.93 -59.16
CA GLY B 1085 -42.08 -43.97 -59.78
C GLY B 1085 -41.59 -42.59 -60.18
N GLU B 1086 -40.27 -42.45 -60.27
CA GLU B 1086 -39.65 -41.14 -60.53
C GLU B 1086 -38.33 -41.28 -61.30
N ARG B 1087 -38.16 -40.45 -62.32
CA ARG B 1087 -36.91 -40.34 -63.06
C ARG B 1087 -35.87 -39.58 -62.25
N PRO B 1088 -34.59 -39.98 -62.34
CA PRO B 1088 -33.52 -39.23 -61.68
C PRO B 1088 -33.18 -37.95 -62.45
N ASP B 1089 -32.53 -37.00 -61.78
CA ASP B 1089 -32.08 -35.76 -62.41
C ASP B 1089 -31.12 -36.07 -63.56
N GLU B 1090 -30.26 -37.06 -63.32
CA GLU B 1090 -29.32 -37.55 -64.31
C GLU B 1090 -29.13 -39.04 -64.15
N ILE B 1091 -28.92 -39.73 -65.27
CA ILE B 1091 -28.47 -41.13 -65.25
C ILE B 1091 -27.54 -41.40 -66.42
N GLY B 1092 -26.45 -42.12 -66.15
CA GLY B 1092 -25.47 -42.48 -67.17
C GLY B 1092 -24.42 -43.48 -66.71
N PHE B 1093 -23.27 -43.45 -67.38
CA PHE B 1093 -22.18 -44.36 -67.06
C PHE B 1093 -20.84 -43.64 -67.11
N ILE B 1094 -19.98 -43.95 -66.15
CA ILE B 1094 -18.62 -43.44 -66.16
C ILE B 1094 -17.72 -44.40 -66.92
N MET B 1095 -17.35 -43.97 -68.13
CA MET B 1095 -16.41 -44.72 -68.98
C MET B 1095 -15.31 -43.78 -69.44
N ASP B 1096 -14.20 -43.85 -68.69
CA ASP B 1096 -13.01 -43.04 -68.94
C ASP B 1096 -13.36 -41.57 -69.19
N ASN B 1097 -12.97 -41.00 -70.33
CA ASN B 1097 -13.28 -39.60 -70.63
C ASN B 1097 -14.40 -39.43 -71.64
N VAL B 1098 -15.10 -40.51 -71.98
CA VAL B 1098 -16.27 -40.38 -72.86
C VAL B 1098 -17.40 -39.78 -72.03
N ARG B 1099 -17.53 -38.46 -72.12
CA ARG B 1099 -18.41 -37.68 -71.24
C ARG B 1099 -19.86 -37.62 -71.72
N THR B 1100 -20.08 -37.87 -73.00
CA THR B 1100 -21.43 -37.94 -73.57
C THR B 1100 -22.25 -39.09 -72.98
N LEU B 1101 -21.55 -40.06 -72.39
CA LEU B 1101 -22.20 -41.22 -71.75
C LEU B 1101 -22.50 -40.99 -70.27
N LEU B 1102 -21.99 -39.90 -69.71
CA LEU B 1102 -22.24 -39.58 -68.31
C LEU B 1102 -23.69 -39.18 -68.05
N VAL B 1103 -24.33 -38.54 -69.04
CA VAL B 1103 -25.72 -38.07 -68.93
C VAL B 1103 -26.58 -38.58 -70.11
N LEU B 1104 -27.59 -39.39 -69.81
CA LEU B 1104 -28.46 -39.99 -70.83
C LEU B 1104 -29.78 -39.24 -71.02
N ASN B 1105 -29.90 -38.56 -72.17
CA ASN B 1105 -31.05 -37.72 -72.51
C ASN B 1105 -32.34 -38.51 -72.78
N SER B 1106 -32.20 -39.63 -73.49
CA SER B 1106 -33.34 -40.44 -73.95
C SER B 1106 -33.86 -41.42 -72.90
N SER B 1107 -33.17 -41.55 -71.77
CA SER B 1107 -33.47 -42.60 -70.81
C SER B 1107 -34.77 -42.39 -70.05
N SER B 1108 -35.51 -43.48 -69.90
CA SER B 1108 -36.79 -43.49 -69.21
C SER B 1108 -36.70 -44.29 -67.92
N PHE B 1109 -35.48 -44.48 -67.44
CA PHE B 1109 -35.23 -45.26 -66.24
C PHE B 1109 -35.94 -44.64 -65.04
N LEU B 1110 -36.60 -45.50 -64.27
CA LEU B 1110 -37.39 -45.06 -63.12
C LEU B 1110 -36.87 -45.64 -61.82
N TYR B 1111 -37.13 -44.93 -60.72
CA TYR B 1111 -36.77 -45.40 -59.39
C TYR B 1111 -38.00 -45.52 -58.49
N TYR B 1112 -38.22 -46.73 -57.97
CA TYR B 1112 -39.36 -47.01 -57.08
C TYR B 1112 -38.91 -47.05 -55.62
N PRO B 1113 -39.85 -46.95 -54.66
CA PRO B 1113 -39.39 -46.90 -53.26
C PRO B 1113 -39.05 -48.27 -52.67
N ASP B 1114 -38.08 -48.30 -51.76
CA ASP B 1114 -37.74 -49.50 -50.99
C ASP B 1114 -38.97 -50.11 -50.30
N PRO B 1115 -38.81 -50.82 -48.49
CA PRO B 1115 -40.01 -51.35 -47.82
C PRO B 1115 -40.12 -50.97 -46.34
N VAL B 1116 -41.34 -50.75 -45.88
CA VAL B 1116 -41.67 -50.53 -44.46
C VAL B 1116 -42.16 -51.84 -43.86
N LEU B 1117 -41.55 -52.29 -42.75
CA LEU B 1117 -41.90 -53.56 -42.09
C LEU B 1117 -42.10 -53.44 -40.57
N GLU B 1118 -43.14 -54.11 -40.07
CA GLU B 1118 -43.48 -54.05 -38.64
C GLU B 1118 -42.98 -55.29 -37.87
N PRO B 1119 -42.26 -55.09 -36.75
CA PRO B 1119 -41.74 -56.18 -35.89
C PRO B 1119 -42.78 -56.74 -34.89
N LEU B 1120 -42.31 -57.48 -33.88
CA LEU B 1120 -43.17 -58.09 -32.85
C LEU B 1120 -44.04 -57.07 -32.12
N SER B 1131 -47.15 -75.08 -37.08
CA SER B 1131 -47.56 -75.41 -38.44
C SER B 1131 -48.26 -74.23 -39.14
N SER B 1132 -48.68 -73.24 -38.35
CA SER B 1132 -49.31 -72.01 -38.88
C SER B 1132 -48.28 -71.13 -39.61
N PRO B 1133 -48.68 -70.54 -40.76
CA PRO B 1133 -47.74 -69.81 -41.61
C PRO B 1133 -47.40 -68.39 -41.12
N LEU B 1134 -46.26 -67.86 -41.56
CA LEU B 1134 -45.79 -66.52 -41.21
C LEU B 1134 -46.45 -65.43 -42.07
N ILE B 1135 -46.87 -64.36 -41.39
CA ILE B 1135 -47.51 -63.21 -42.05
C ILE B 1135 -46.83 -61.92 -41.58
N LEU B 1136 -46.11 -61.26 -42.49
CA LEU B 1136 -45.38 -60.02 -42.19
C LEU B 1136 -46.00 -58.81 -42.88
N LYS B 1137 -46.56 -57.89 -42.09
CA LYS B 1137 -47.30 -56.72 -42.60
C LYS B 1137 -46.46 -55.45 -42.70
N GLY B 1138 -46.88 -54.54 -43.59
CA GLY B 1138 -46.23 -53.23 -43.75
C GLY B 1138 -46.51 -52.51 -45.06
N ARG B 1139 -46.16 -51.22 -45.11
CA ARG B 1139 -46.33 -50.39 -46.30
C ARG B 1139 -45.17 -50.55 -47.30
N ASN B 1140 -45.38 -50.04 -48.52
CA ASN B 1140 -44.37 -49.96 -49.57
C ASN B 1140 -43.72 -51.28 -50.02
N LEU B 1141 -44.47 -52.37 -49.92
CA LEU B 1141 -43.95 -53.69 -50.31
C LEU B 1141 -43.86 -53.87 -51.82
N LEU B 1142 -44.82 -53.30 -52.55
CA LEU B 1142 -44.82 -53.34 -54.01
C LEU B 1142 -45.02 -51.97 -54.65
N PRO B 1143 -44.19 -51.65 -55.66
CA PRO B 1143 -44.28 -50.39 -56.39
C PRO B 1143 -45.15 -50.47 -57.66
N PRO B 1144 -45.77 -49.35 -58.06
CA PRO B 1144 -46.55 -49.29 -59.29
C PRO B 1144 -45.65 -49.25 -60.53
N ALA B 1145 -45.12 -50.42 -60.91
CA ALA B 1145 -44.13 -50.53 -61.98
C ALA B 1145 -44.70 -51.07 -63.30
N PRO B 1146 -44.18 -50.58 -64.45
CA PRO B 1146 -44.59 -51.09 -65.77
C PRO B 1146 -44.20 -52.55 -66.00
N GLY B 1147 -44.96 -53.24 -66.86
CA GLY B 1147 -44.73 -54.65 -67.17
C GLY B 1147 -45.07 -55.57 -66.02
N ASN B 1148 -44.42 -56.73 -65.99
CA ASN B 1148 -44.55 -57.68 -64.87
C ASN B 1148 -43.62 -57.31 -63.71
N SER B 1149 -42.32 -57.27 -64.02
CA SER B 1149 -41.22 -56.93 -63.09
C SER B 1149 -41.61 -56.53 -61.64
N ARG B 1150 -41.26 -57.41 -60.69
CA ARG B 1150 -41.44 -57.15 -59.26
C ARG B 1150 -40.20 -57.61 -58.49
N LEU B 1151 -40.16 -57.31 -57.19
CA LEU B 1151 -39.02 -57.63 -56.33
C LEU B 1151 -38.93 -59.12 -56.02
N ASN B 1152 -37.73 -59.68 -56.19
CA ASN B 1152 -37.45 -61.05 -55.74
C ASN B 1152 -37.19 -61.08 -54.23
N TYR B 1153 -38.26 -61.23 -53.45
CA TYR B 1153 -38.16 -61.31 -52.00
C TYR B 1153 -37.70 -62.70 -51.54
N THR B 1154 -36.94 -62.73 -50.45
CA THR B 1154 -36.54 -63.98 -49.81
C THR B 1154 -36.59 -63.81 -48.28
N VAL B 1155 -37.50 -64.53 -47.62
CA VAL B 1155 -37.58 -64.51 -46.16
C VAL B 1155 -36.84 -65.74 -45.60
N LEU B 1156 -35.82 -65.48 -44.78
CA LEU B 1156 -34.93 -66.52 -44.29
C LEU B 1156 -34.94 -66.68 -42.77
N ILE B 1157 -34.66 -67.89 -42.31
CA ILE B 1157 -34.60 -68.21 -40.88
C ILE B 1157 -33.23 -68.82 -40.55
N GLY B 1158 -32.29 -67.98 -40.10
CA GLY B 1158 -30.95 -68.44 -39.74
C GLY B 1158 -30.03 -68.76 -40.91
N SER B 1159 -30.62 -69.30 -41.98
CA SER B 1159 -29.91 -69.60 -43.23
C SER B 1159 -30.83 -70.26 -44.26
N THR B 1160 -31.96 -70.78 -43.77
CA THR B 1160 -32.93 -71.50 -44.60
C THR B 1160 -34.00 -70.57 -45.24
N PRO B 1161 -34.03 -70.50 -46.59
CA PRO B 1161 -35.06 -69.70 -47.27
C PRO B 1161 -36.39 -70.45 -47.34
N CYS B 1162 -37.50 -69.69 -47.41
CA CYS B 1162 -38.83 -70.30 -47.51
C CYS B 1162 -39.49 -70.05 -48.87
N ILE B 1163 -40.51 -70.83 -49.18
CA ILE B 1163 -41.35 -70.61 -50.34
C ILE B 1163 -42.51 -69.70 -49.91
N LEU B 1164 -42.58 -68.53 -50.51
CA LEU B 1164 -43.54 -67.50 -50.10
C LEU B 1164 -44.28 -66.87 -51.27
N THR B 1165 -45.51 -66.46 -51.00
CA THR B 1165 -46.29 -65.66 -51.96
C THR B 1165 -46.38 -64.23 -51.45
N VAL B 1166 -45.93 -63.29 -52.28
CA VAL B 1166 -45.81 -61.88 -51.87
C VAL B 1166 -47.05 -61.07 -52.25
N SER B 1167 -47.63 -60.38 -51.27
CA SER B 1167 -48.77 -59.50 -51.49
C SER B 1167 -48.44 -58.06 -51.13
N GLU B 1168 -49.25 -57.11 -51.62
CA GLU B 1168 -48.99 -55.67 -51.51
C GLU B 1168 -48.81 -55.11 -50.09
N THR B 1169 -49.40 -55.76 -49.10
CA THR B 1169 -49.27 -55.33 -47.71
C THR B 1169 -48.67 -56.41 -46.79
N GLN B 1170 -48.70 -57.67 -47.24
CA GLN B 1170 -48.27 -58.80 -46.41
C GLN B 1170 -47.28 -59.76 -47.09
N LEU B 1171 -46.53 -60.50 -46.27
CA LEU B 1171 -45.55 -61.49 -46.75
C LEU B 1171 -45.86 -62.88 -46.23
N LEU B 1172 -46.28 -63.78 -47.12
CA LEU B 1172 -46.74 -65.12 -46.73
C LEU B 1172 -45.64 -66.19 -46.76
N CYS B 1173 -44.71 -66.13 -45.80
CA CYS B 1173 -43.70 -67.17 -45.62
C CYS B 1173 -44.31 -68.38 -44.91
N GLU B 1174 -43.64 -69.53 -45.00
CA GLU B 1174 -44.13 -70.77 -44.37
C GLU B 1174 -43.11 -71.40 -43.41
N ALA B 1175 -43.56 -71.66 -42.18
CA ALA B 1175 -42.66 -72.02 -41.06
C ALA B 1175 -43.04 -73.30 -40.31
N PRO B 1176 -42.05 -74.15 -39.98
CA PRO B 1176 -42.27 -75.40 -39.22
C PRO B 1176 -42.57 -75.25 -37.71
N ASN B 1177 -42.25 -74.09 -37.12
CA ASN B 1177 -42.48 -73.87 -35.68
C ASN B 1177 -43.89 -73.38 -35.36
N LYS B 1183 -34.26 -63.22 -35.39
CA LYS B 1183 -33.71 -64.35 -36.13
C LYS B 1183 -34.33 -64.49 -37.52
N VAL B 1184 -35.40 -63.72 -37.78
CA VAL B 1184 -36.06 -63.72 -39.08
C VAL B 1184 -35.61 -62.49 -39.89
N THR B 1185 -35.04 -62.76 -41.06
CA THR B 1185 -34.50 -61.71 -41.93
C THR B 1185 -35.17 -61.68 -43.31
N VAL B 1186 -35.60 -60.50 -43.74
CA VAL B 1186 -36.25 -60.30 -45.04
C VAL B 1186 -35.30 -59.59 -46.01
N ARG B 1187 -35.12 -60.18 -47.19
CA ARG B 1187 -34.21 -59.66 -48.21
C ARG B 1187 -34.90 -59.39 -49.55
N ALA B 1188 -34.57 -58.26 -50.16
CA ALA B 1188 -35.04 -57.89 -51.49
C ALA B 1188 -34.02 -56.96 -52.15
N GLY B 1189 -33.17 -57.52 -53.00
CA GLY B 1189 -32.07 -56.78 -53.61
C GLY B 1189 -30.99 -56.51 -52.58
N GLY B 1190 -30.67 -55.23 -52.39
CA GLY B 1190 -29.71 -54.83 -51.35
C GLY B 1190 -30.35 -54.34 -50.07
N PHE B 1191 -31.51 -54.91 -49.73
CA PHE B 1191 -32.29 -54.49 -48.55
C PHE B 1191 -32.40 -55.60 -47.50
N GLU B 1192 -32.30 -55.20 -46.23
CA GLU B 1192 -32.38 -56.13 -45.09
C GLU B 1192 -33.17 -55.56 -43.92
N PHE B 1193 -33.99 -56.41 -43.29
CA PHE B 1193 -34.76 -56.02 -42.09
C PHE B 1193 -35.14 -57.23 -41.22
N SER B 1194 -35.13 -57.02 -39.91
CA SER B 1194 -35.52 -58.05 -38.93
C SER B 1194 -36.76 -57.63 -38.15
C1 NAG C . 7.08 29.93 11.91
C2 NAG C . 5.98 29.70 12.95
C3 NAG C . 5.50 30.98 13.68
C4 NAG C . 6.03 32.34 13.20
C5 NAG C . 7.10 32.28 12.08
C6 NAG C . 8.07 33.46 12.16
C7 NAG C . 4.79 27.63 12.18
C8 NAG C . 3.54 27.10 11.53
N2 NAG C . 4.86 28.96 12.36
O3 NAG C . 5.77 30.88 15.06
O4 NAG C . 4.92 33.10 12.75
O5 NAG C . 7.84 31.10 12.17
O6 NAG C . 9.32 33.10 11.61
O7 NAG C . 5.67 26.84 12.51
C1 NAG C . 4.81 34.36 13.45
C2 NAG C . 4.02 35.31 12.56
C3 NAG C . 3.29 36.45 13.28
C4 NAG C . 3.39 36.53 14.82
C5 NAG C . 4.40 35.53 15.41
C6 NAG C . 4.20 35.34 16.91
C7 NAG C . 4.61 36.16 10.33
C8 NAG C . 5.70 36.72 9.47
N2 NAG C . 4.94 35.86 11.58
O3 NAG C . 1.94 36.45 12.88
O4 NAG C . 3.70 37.87 15.17
O5 NAG C . 4.28 34.28 14.76
O6 NAG C . 5.02 34.29 17.38
O7 NAG C . 3.48 35.99 9.85
C1 BMA C . 2.49 38.62 15.46
C2 BMA C . 2.59 39.12 16.91
C3 BMA C . 1.20 39.65 17.32
C4 BMA C . 0.71 40.71 16.32
C5 BMA C . 0.85 40.24 14.86
C6 BMA C . 0.56 41.38 13.88
O2 BMA C . 3.61 40.14 17.02
O3 BMA C . 1.20 40.19 18.66
O4 BMA C . -0.67 41.01 16.61
O5 BMA C . 2.16 39.73 14.62
O6 BMA C . 0.05 40.85 12.66
C1 MAN C . 0.67 39.22 19.58
C2 MAN C . -0.32 39.84 20.59
C3 MAN C . 0.39 40.61 21.71
C4 MAN C . 1.64 39.92 22.27
C5 MAN C . 2.50 39.35 21.12
C6 MAN C . 3.74 38.60 21.62
O2 MAN C . -1.14 38.82 21.13
O3 MAN C . -0.52 40.87 22.77
O4 MAN C . 2.39 40.84 23.04
O5 MAN C . 1.71 38.52 20.29
O6 MAN C . 3.38 37.31 22.06
C1 NAG D . 10.61 61.56 56.24
C2 NAG D . 12.12 61.30 56.28
C3 NAG D . 12.93 62.59 56.15
C4 NAG D . 12.36 63.61 55.14
C5 NAG D . 10.83 63.59 55.06
C6 NAG D . 10.36 64.26 53.78
C7 NAG D . 13.32 59.55 57.58
C8 NAG D . 13.62 59.03 58.95
N2 NAG D . 12.53 60.64 57.52
O3 NAG D . 14.25 62.25 55.79
O4 NAG D . 12.75 64.90 55.55
O5 NAG D . 10.29 62.29 55.08
O6 NAG D . 9.97 65.59 54.06
O7 NAG D . 13.79 58.97 56.60
C1 NAG D . 13.96 65.39 54.93
C2 NAG D . 13.96 66.91 54.98
C3 NAG D . 15.26 67.48 54.38
C4 NAG D . 16.51 66.86 55.02
C5 NAG D . 16.38 65.32 55.11
C6 NAG D . 17.47 64.73 56.02
C7 NAG D . 11.94 68.31 54.93
C8 NAG D . 10.79 68.83 54.11
N2 NAG D . 12.80 67.49 54.32
O3 NAG D . 15.28 68.88 54.53
O4 NAG D . 17.67 67.23 54.28
O5 NAG D . 15.12 64.90 55.61
O6 NAG D . 17.08 63.46 56.50
O7 NAG D . 12.02 68.65 56.12
C1 BMA D . 18.53 68.10 55.05
C2 BMA D . 20.01 67.82 54.74
C3 BMA D . 20.94 68.72 55.56
C4 BMA D . 20.51 70.19 55.50
C5 BMA D . 19.01 70.32 55.77
C6 BMA D . 18.49 71.75 55.69
O2 BMA D . 20.24 68.00 53.34
O3 BMA D . 22.31 68.57 55.12
O4 BMA D . 21.25 70.96 56.46
O5 BMA D . 18.28 69.49 54.85
O6 BMA D . 17.26 71.81 56.40
C1 MAN D . 16.60 73.09 56.20
C2 MAN D . 15.62 73.35 57.36
C3 MAN D . 14.30 72.57 57.20
C4 MAN D . 13.77 72.63 55.77
C5 MAN D . 14.87 72.31 54.76
C6 MAN D . 14.36 72.37 53.31
O2 MAN D . 15.38 74.74 57.45
O3 MAN D . 13.33 73.04 58.14
O4 MAN D . 12.70 71.71 55.62
O5 MAN D . 15.96 73.20 54.94
O6 MAN D . 14.71 73.60 52.70
C1 MAN D . 12.93 71.99 59.05
C2 MAN D . 11.43 71.68 58.93
C3 MAN D . 10.55 72.57 59.82
C4 MAN D . 11.12 72.71 61.23
C5 MAN D . 12.59 73.12 61.17
C6 MAN D . 13.21 73.26 62.56
O2 MAN D . 11.20 70.32 59.24
O3 MAN D . 9.24 72.05 59.89
O4 MAN D . 10.36 73.64 61.96
O5 MAN D . 13.34 72.19 60.40
O6 MAN D . 13.32 72.02 63.20
C1 NAG E . -6.09 57.35 37.18
C2 NAG E . -6.90 56.29 36.43
C3 NAG E . -8.25 55.83 37.03
C4 NAG E . -8.80 56.67 38.21
C5 NAG E . -8.07 58.01 38.29
C6 NAG E . -8.55 58.83 39.50
C7 NAG E . -6.93 55.99 34.01
C8 NAG E . -7.23 56.64 32.68
N2 NAG E . -7.14 56.76 35.08
O3 NAG E . -8.14 54.49 37.43
O4 NAG E . -10.20 56.89 38.05
O5 NAG E . -6.69 57.77 38.39
O6 NAG E . -7.74 58.58 40.61
O7 NAG E . -6.52 54.84 34.07
C1 NAG E . -11.00 55.83 38.62
C2 NAG E . -11.94 56.37 39.71
C3 NAG E . -12.98 55.33 40.15
C4 NAG E . -13.61 54.52 39.00
C5 NAG E . -12.54 54.08 38.00
C6 NAG E . -13.14 53.46 36.74
C7 NAG E . -11.53 57.74 41.74
C8 NAG E . -10.59 58.02 42.87
N2 NAG E . -11.16 56.79 40.87
O3 NAG E . -14.02 55.98 40.86
O4 NAG E . -14.27 53.41 39.57
O5 NAG E . -11.74 55.18 37.60
O6 NAG E . -12.16 52.71 36.06
O7 NAG E . -12.59 58.37 41.67
C1 BMA E . -15.70 53.41 39.34
C2 BMA E . -16.17 52.00 38.89
C3 BMA E . -17.17 51.22 39.77
C4 BMA E . -17.87 52.06 40.84
C5 BMA E . -17.83 53.54 40.48
C6 BMA E . -18.58 54.41 41.50
O2 BMA E . -15.00 51.21 38.64
O3 BMA E . -16.55 50.08 40.41
O4 BMA E . -19.22 51.60 41.01
O5 BMA E . -16.47 53.95 40.43
O6 BMA E . -18.62 55.75 41.02
C1 MAN E . -16.94 48.86 39.73
C2 MAN E . -17.40 47.81 40.75
C3 MAN E . -16.23 47.15 41.48
C4 MAN E . -15.06 46.79 40.55
C5 MAN E . -14.74 47.90 39.55
C6 MAN E . -13.69 47.46 38.53
O2 MAN E . -18.18 46.84 40.09
O3 MAN E . -16.68 45.99 42.13
O4 MAN E . -13.92 46.53 41.35
O5 MAN E . -15.92 48.32 38.89
O6 MAN E . -14.27 46.60 37.58
C1 NAG F . -1.45 51.02 63.36
C2 NAG F . -2.87 50.80 62.79
C3 NAG F . -3.65 49.59 63.34
C4 NAG F . -3.30 49.13 64.76
C5 NAG F . -2.10 49.88 65.33
C6 NAG F . -1.47 49.19 66.56
C7 NAG F . -4.46 52.49 62.03
C8 NAG F . -5.21 53.75 62.38
N2 NAG F . -3.65 52.00 62.96
O3 NAG F . -3.48 48.51 62.44
O4 NAG F . -4.41 49.27 65.61
O5 NAG F . -1.14 50.03 64.31
O6 NAG F . -0.67 48.10 66.16
O7 NAG F . -4.62 51.96 60.93
C1 NAG F . -4.91 47.97 65.97
C2 NAG F . -5.28 47.90 67.45
C3 NAG F . -5.63 46.45 67.80
C4 NAG F . -6.66 45.86 66.84
C5 NAG F . -6.46 46.27 65.37
C6 NAG F . -7.76 46.09 64.58
C7 NAG F . -4.43 49.17 69.36
C8 NAG F . -3.22 49.56 70.16
N2 NAG F . -4.21 48.37 68.32
O3 NAG F . -6.13 46.39 69.12
O4 NAG F . -6.56 44.46 66.94
O5 NAG F . -6.06 47.61 65.22
O6 NAG F . -7.53 45.25 63.48
O7 NAG F . -5.54 49.60 69.69
C1 BMA F . -7.77 43.87 67.45
C2 BMA F . -7.64 42.36 67.29
C3 BMA F . -8.81 41.57 67.90
C4 BMA F . -9.56 42.26 69.06
C5 BMA F . -9.35 43.77 69.23
C6 BMA F . -9.59 44.19 70.68
O2 BMA F . -6.38 41.95 67.87
O3 BMA F . -8.33 40.30 68.35
O4 BMA F . -10.96 42.01 68.91
O5 BMA F . -8.04 44.18 68.83
O6 BMA F . -8.81 45.34 71.03
C1 MAN F . -8.80 45.52 72.47
C2 MAN F . -9.27 46.94 72.82
C3 MAN F . -8.18 47.98 72.55
C4 MAN F . -6.82 47.55 73.13
C5 MAN F . -6.50 46.12 72.69
C6 MAN F . -5.13 45.58 73.09
O2 MAN F . -9.65 46.98 74.17
O3 MAN F . -8.58 49.27 73.02
O4 MAN F . -5.81 48.44 72.68
O5 MAN F . -7.55 45.24 73.08
O6 MAN F . -4.74 45.91 74.42
C1 MAN F . -8.54 50.20 71.91
C2 MAN F . -7.61 51.38 72.22
C3 MAN F . -8.34 52.46 73.03
C4 MAN F . -9.66 52.85 72.37
C5 MAN F . -10.52 51.60 72.14
C6 MAN F . -11.80 51.96 71.37
O2 MAN F . -7.13 51.91 71.01
O3 MAN F . -7.53 53.60 73.17
O4 MAN F . -10.32 53.78 73.19
O5 MAN F . -9.81 50.61 71.41
O6 MAN F . -11.51 52.35 70.05
C1 MAN F . -3.32 45.64 74.54
C2 MAN F . -3.02 44.77 75.78
C3 MAN F . -2.77 45.59 77.05
C4 MAN F . -1.87 46.81 76.80
C5 MAN F . -2.39 47.61 75.62
C6 MAN F . -1.52 48.83 75.33
O2 MAN F . -1.91 43.95 75.49
O3 MAN F . -2.19 44.78 78.05
O4 MAN F . -1.83 47.61 77.96
O5 MAN F . -2.48 46.78 74.46
O6 MAN F . -0.26 48.46 74.82
C1 MAN F . -9.00 39.20 67.67
C2 MAN F . -9.06 37.99 68.61
C3 MAN F . -7.71 37.30 68.75
C4 MAN F . -7.01 37.07 67.41
C5 MAN F . -7.06 38.33 66.54
C6 MAN F . -6.51 38.08 65.13
O2 MAN F . -10.04 37.07 68.14
O3 MAN F . -7.86 36.06 69.43
O4 MAN F . -5.67 36.69 67.63
O5 MAN F . -8.40 38.82 66.44
O6 MAN F . -7.49 37.46 64.32
C1 NAG G . 12.26 63.50 96.33
C2 NAG G . 13.35 64.49 96.74
C3 NAG G . 14.51 63.85 97.49
C4 NAG G . 14.14 62.66 98.40
C5 NAG G . 13.02 61.83 97.76
C6 NAG G . 12.54 60.66 98.62
C7 NAG G . 13.52 66.32 95.11
C8 NAG G . 14.18 66.81 93.85
N2 NAG G . 13.89 65.12 95.54
O3 NAG G . 15.17 64.83 98.27
O4 NAG G . 15.29 61.86 98.62
O5 NAG G . 11.94 62.68 97.43
O6 NAG G . 11.46 61.04 99.44
O7 NAG G . 12.70 67.04 95.69
C1 NAG G . 15.74 61.97 99.98
C2 NAG G . 16.22 60.61 100.51
C3 NAG G . 16.92 60.69 101.87
C4 NAG G . 17.70 61.99 102.14
C5 NAG G . 16.99 63.18 101.51
C6 NAG G . 17.77 64.48 101.65
C7 NAG G . 15.13 58.38 100.60
C8 NAG G . 13.83 57.67 100.78
N2 NAG G . 15.08 59.72 100.65
O3 NAG G . 17.78 59.58 102.05
O4 NAG G . 17.75 62.20 103.53
O5 NAG G . 16.75 62.94 100.14
O6 NAG G . 16.83 65.46 102.00
O7 NAG G . 16.17 57.75 100.41
C1 BMA G . 19.00 61.82 104.14
C2 BMA G . 19.50 63.03 104.93
C3 BMA G . 20.62 62.72 105.93
C4 BMA G . 20.35 61.43 106.72
C5 BMA G . 19.87 60.26 105.84
C6 BMA G . 19.32 59.15 106.73
O2 BMA G . 18.39 63.63 105.63
O3 BMA G . 20.73 63.81 106.86
O4 BMA G . 21.55 61.05 107.41
O5 BMA G . 18.81 60.66 104.97
O6 BMA G . 20.13 57.96 106.64
C1 NAG H . 14.99 39.27 81.87
C2 NAG H . 14.25 38.11 81.20
C3 NAG H . 14.79 37.78 79.79
C4 NAG H . 15.30 38.97 78.97
C5 NAG H . 15.97 40.02 79.88
C6 NAG H . 16.36 41.30 79.13
C7 NAG H . 13.28 36.08 82.23
C8 NAG H . 13.54 34.92 83.13
N2 NAG H . 14.31 36.92 82.04
O3 NAG H . 13.78 37.11 79.06
O4 NAG H . 16.20 38.47 77.99
O5 NAG H . 15.12 40.35 80.97
O6 NAG H . 15.26 42.17 79.01
O7 NAG H . 12.17 36.21 81.70
C1 NAG H . 16.00 38.92 76.63
C2 NAG H . 15.73 37.77 75.65
C3 NAG H . 15.73 38.29 74.21
C4 NAG H . 15.04 39.65 73.99
C5 NAG H . 15.16 40.60 75.20
C6 NAG H . 14.16 41.75 75.14
C7 NAG H . 16.46 35.41 75.64
C8 NAG H . 17.62 34.48 75.84
N2 NAG H . 16.72 36.72 75.80
O3 NAG H . 15.11 37.33 73.38
O4 NAG H . 15.62 40.32 72.87
O5 NAG H . 14.98 39.90 76.42
O6 NAG H . 14.85 42.97 75.35
O7 NAG H . 15.36 34.96 75.35
C1 BMA H . 14.86 40.21 71.64
C2 BMA H . 14.13 41.54 71.33
C3 BMA H . 13.51 41.56 69.93
C4 BMA H . 14.47 41.04 68.85
C5 BMA H . 15.08 39.70 69.27
C6 BMA H . 16.13 39.25 68.26
O2 BMA H . 15.02 42.65 71.50
O3 BMA H . 13.12 42.90 69.59
O4 BMA H . 13.74 40.89 67.62
O5 BMA H . 15.71 39.83 70.55
O6 BMA H . 15.50 38.62 67.15
C1 NAG I . 71.93 4.95 59.73
C2 NAG I . 73.21 4.16 60.02
C3 NAG I . 73.97 3.79 58.73
C4 NAG I . 73.03 3.22 57.68
C5 NAG I . 71.84 4.17 57.46
C6 NAG I . 70.81 3.66 56.45
C7 NAG I . 74.64 4.34 62.02
C8 NAG I . 75.53 5.23 62.83
N2 NAG I . 74.10 4.88 60.93
O3 NAG I . 74.98 2.87 59.04
O4 NAG I . 73.73 2.92 56.48
O5 NAG I . 71.19 4.35 58.69
O6 NAG I . 70.10 2.58 56.99
O7 NAG I . 74.43 3.18 62.39
C1 NAG I . 73.51 1.52 56.16
C2 NAG I . 73.68 1.29 54.66
C3 NAG I . 73.69 -0.22 54.30
C4 NAG I . 74.42 -1.09 55.34
C5 NAG I . 73.94 -0.71 56.73
C6 NAG I . 74.51 -1.57 57.86
C7 NAG I . 72.66 3.21 53.44
C8 NAG I . 71.44 3.69 52.73
N2 NAG I . 72.61 1.96 53.93
O3 NAG I . 74.27 -0.39 53.04
O4 NAG I . 74.26 -2.47 55.05
O5 NAG I . 74.32 0.64 56.93
O6 NAG I . 73.52 -2.48 58.29
O7 NAG I . 73.63 3.96 53.56
C1 BMA I . 75.57 -3.08 54.87
C2 BMA I . 75.49 -4.61 54.87
C3 BMA I . 76.91 -5.21 54.85
C4 BMA I . 77.91 -4.48 53.93
C5 BMA I . 77.67 -2.96 53.76
C6 BMA I . 78.35 -2.43 52.50
O2 BMA I . 74.76 -5.05 53.72
O3 BMA I . 76.88 -6.57 54.39
O4 BMA I . 79.22 -4.69 54.44
O5 BMA I . 76.26 -2.66 53.71
O6 BMA I . 77.84 -1.13 52.17
C1 MAN I . 77.98 -0.90 50.75
C2 MAN I . 78.10 0.61 50.46
C3 MAN I . 76.76 1.34 50.23
C4 MAN I . 75.72 0.47 49.51
C5 MAN I . 75.70 -0.95 50.11
C6 MAN I . 74.61 -1.85 49.52
O2 MAN I . 78.96 0.81 49.36
O3 MAN I . 76.97 2.54 49.52
O4 MAN I . 74.44 1.06 49.59
O5 MAN I . 76.98 -1.52 49.96
O6 MAN I . 75.00 -2.37 48.28
C1 MAN I . 76.44 3.69 50.22
C2 MAN I . 75.34 4.38 49.41
C3 MAN I . 75.90 5.36 48.37
C4 MAN I . 77.00 6.25 48.96
C5 MAN I . 78.05 5.38 49.65
C6 MAN I . 79.21 6.20 50.22
O2 MAN I . 74.46 5.05 50.27
O3 MAN I . 74.86 6.17 47.85
O4 MAN I . 77.58 7.03 47.93
O5 MAN I . 77.44 4.60 50.67
O6 MAN I . 78.84 6.82 51.44
C1 NAG J . 65.41 -12.06 52.00
C2 NAG J . 66.21 -12.21 50.69
C3 NAG J . 65.38 -12.68 49.50
C4 NAG J . 64.18 -13.56 49.85
C5 NAG J . 63.45 -12.91 51.04
C6 NAG J . 62.11 -13.55 51.37
C7 NAG J . 68.18 -10.71 50.45
C8 NAG J . 68.65 -9.35 50.00
N2 NAG J . 66.88 -10.97 50.32
O3 NAG J . 66.23 -13.38 48.61
O4 NAG J . 63.32 -13.72 48.73
O5 NAG J . 64.35 -12.98 52.13
O6 NAG J . 62.13 -14.14 52.64
O7 NAG J . 69.01 -11.50 50.93
C1 NAG J . 63.36 -15.07 48.20
C2 NAG J . 63.11 -15.06 46.69
C3 NAG J . 63.01 -16.49 46.14
C4 NAG J . 64.01 -17.49 46.76
C5 NAG J . 64.50 -17.16 48.18
C6 NAG J . 65.89 -17.75 48.42
C7 NAG J . 61.86 -13.32 45.47
C8 NAG J . 60.52 -12.66 45.26
N2 NAG J . 61.90 -14.31 46.36
O3 NAG J . 63.21 -16.48 44.74
O4 NAG J . 63.39 -18.77 46.78
O5 NAG J . 64.56 -15.76 48.43
O6 NAG J . 66.35 -17.41 49.70
O7 NAG J . 62.83 -12.93 44.81
C1 BMA J . 64.03 -19.68 45.86
C2 BMA J . 64.19 -21.04 46.52
C3 BMA J . 64.95 -21.98 45.58
C4 BMA J . 64.27 -22.05 44.22
C5 BMA J . 63.98 -20.66 43.65
C6 BMA J . 63.11 -20.76 42.39
O2 BMA J . 62.91 -21.59 46.83
O3 BMA J . 65.10 -23.27 46.16
O4 BMA J . 65.11 -22.79 43.32
O5 BMA J . 63.33 -19.82 44.62
O6 BMA J . 62.46 -19.52 42.11
C1 MAN J . 61.15 -19.78 41.53
C2 MAN J . 60.73 -18.64 40.60
C3 MAN J . 60.27 -17.41 41.40
C4 MAN J . 59.22 -17.82 42.45
C5 MAN J . 59.85 -18.91 43.32
C6 MAN J . 59.04 -19.33 44.54
O2 MAN J . 59.73 -19.06 39.72
O3 MAN J . 59.79 -16.38 40.56
O4 MAN J . 58.84 -16.69 43.22
O5 MAN J . 60.15 -20.04 42.51
O6 MAN J . 57.79 -19.87 44.17
C1 MAN J . 60.77 -15.31 40.61
C2 MAN J . 60.13 -13.98 41.06
C3 MAN J . 59.58 -13.13 39.91
C4 MAN J . 60.43 -13.19 38.64
C5 MAN J . 60.76 -14.64 38.31
C6 MAN J . 61.52 -14.80 36.99
O2 MAN J . 61.07 -13.23 41.80
O3 MAN J . 59.46 -11.78 40.33
O4 MAN J . 59.74 -12.56 37.59
O5 MAN J . 61.50 -15.18 39.40
O6 MAN J . 62.90 -14.52 37.16
C1 MAN J . 56.89 -19.63 45.27
C2 MAN J . 55.87 -20.77 45.38
C3 MAN J . 54.67 -20.61 44.42
C4 MAN J . 54.19 -19.16 44.28
C5 MAN J . 55.36 -18.19 44.12
C6 MAN J . 54.92 -16.73 44.02
O2 MAN J . 55.42 -20.87 46.71
O3 MAN J . 53.61 -21.44 44.84
O4 MAN J . 53.31 -19.06 43.18
O5 MAN J . 56.26 -18.35 45.20
O6 MAN J . 54.55 -16.23 45.28
C1 MAN J . 66.46 -23.42 46.64
C2 MAN J . 66.96 -24.85 46.45
C3 MAN J . 66.55 -25.80 47.58
C4 MAN J . 66.65 -25.16 48.97
C5 MAN J . 66.03 -23.76 48.98
C6 MAN J . 66.15 -23.08 50.34
O2 MAN J . 68.37 -24.84 46.31
O3 MAN J . 67.34 -26.98 47.55
O4 MAN J . 65.99 -25.99 49.91
O5 MAN J . 66.65 -22.96 47.97
O6 MAN J . 67.42 -22.48 50.50
C1 NAG K . -64.39 -20.46 -16.89
C2 NAG K . -63.35 -20.72 -15.77
C3 NAG K . -62.53 -19.47 -15.37
C4 NAG K . -62.90 -18.11 -15.98
C5 NAG K . -64.02 -18.13 -17.04
C6 NAG K . -63.85 -17.03 -18.07
C7 NAG K . -64.29 -22.65 -14.46
C8 NAG K . -64.96 -23.05 -13.19
N2 NAG K . -64.01 -21.34 -14.60
O3 NAG K . -61.15 -19.70 -15.63
O4 NAG K . -63.27 -17.26 -14.91
O5 NAG K . -64.03 -19.37 -17.71
O6 NAG K . -64.44 -17.42 -19.30
O7 NAG K . -64.03 -23.51 -15.29
C1 NAG K . -62.48 -16.06 -14.88
C2 NAG K . -63.28 -14.99 -14.14
C3 NAG K . -62.46 -13.87 -13.48
C4 NAG K . -60.92 -13.93 -13.58
C5 NAG K . -60.42 -15.03 -14.53
C6 NAG K . -58.94 -15.33 -14.33
C7 NAG K . -65.44 -14.00 -14.77
C8 NAG K . -66.25 -13.43 -15.90
N2 NAG K . -64.21 -14.42 -15.10
O3 NAG K . -62.85 -13.75 -12.12
O4 NAG K . -60.48 -12.64 -13.97
O5 NAG K . -61.17 -16.21 -14.34
O6 NAG K . -58.55 -16.45 -15.09
O7 NAG K . -65.91 -14.06 -13.64
C1 BMA K . -60.10 -11.86 -12.82
C2 BMA K . -58.62 -11.47 -12.94
C3 BMA K . -58.16 -10.90 -11.59
C4 BMA K . -59.07 -9.74 -11.14
C5 BMA K . -60.57 -10.09 -11.25
C6 BMA K . -61.44 -8.86 -11.03
O2 BMA K . -58.44 -10.53 -14.01
O3 BMA K . -56.78 -10.47 -11.62
O4 BMA K . -58.74 -9.39 -9.80
O5 BMA K . -60.85 -10.65 -12.55
O6 BMA K . -62.70 -9.26 -10.50
C1 MAN K . -55.94 -11.49 -11.04
C2 MAN K . -54.88 -10.89 -10.09
C3 MAN K . -53.70 -10.25 -10.84
C4 MAN K . -53.21 -11.07 -12.04
C5 MAN K . -54.40 -11.58 -12.87
C6 MAN K . -53.97 -12.43 -14.06
O2 MAN K . -54.42 -11.91 -9.21
O3 MAN K . -52.62 -10.03 -9.94
O4 MAN K . -52.37 -10.26 -12.85
O5 MAN K . -55.30 -12.30 -12.02
O6 MAN K . -53.65 -13.74 -13.64
C1 NAG L . -18.24 7.64 -21.61
C2 NAG L . -18.18 7.17 -23.07
C3 NAG L . -18.22 8.36 -24.03
C4 NAG L . -19.16 9.50 -23.63
C5 NAG L . -19.29 9.68 -22.11
C6 NAG L . -20.54 10.48 -21.77
C7 NAG L . -16.97 5.22 -24.00
C8 NAG L . -15.63 4.59 -24.19
N2 NAG L . -16.98 6.40 -23.35
O3 NAG L . -18.55 7.89 -25.31
O4 NAG L . -18.67 10.71 -24.17
O5 NAG L . -19.36 8.46 -21.41
O6 NAG L . -20.18 11.83 -21.55
O7 NAG L . -17.97 4.65 -24.43
C1 NAG L . -19.23 11.08 -25.45
C2 NAG L . -19.08 12.59 -25.64
C3 NAG L . -19.61 13.02 -27.00
C4 NAG L . -18.98 12.20 -28.15
C5 NAG L . -18.99 10.70 -27.83
C6 NAG L . -18.08 9.93 -28.80
C7 NAG L . -19.09 14.22 -23.80
C8 NAG L . -19.90 14.93 -22.76
N2 NAG L . -19.73 13.34 -24.58
O3 NAG L . -19.37 14.40 -27.20
O4 NAG L . -19.66 12.48 -29.37
O5 NAG L . -18.55 10.42 -26.51
O6 NAG L . -17.70 8.68 -28.25
O7 NAG L . -17.88 14.47 -23.89
C1 BMA L . -18.82 13.18 -30.32
C2 BMA L . -19.10 12.73 -31.75
C3 BMA L . -18.20 13.46 -32.77
C4 BMA L . -18.18 14.98 -32.52
C5 BMA L . -17.94 15.28 -31.04
C6 BMA L . -17.94 16.77 -30.70
O2 BMA L . -20.48 12.97 -32.06
O3 BMA L . -18.63 13.16 -34.11
O4 BMA L . -17.15 15.58 -33.31
O5 BMA L . -18.93 14.62 -30.24
O6 BMA L . -17.26 16.94 -29.46
C1 MAN L . -17.40 18.29 -28.98
C2 MAN L . -16.25 18.61 -28.00
C3 MAN L . -16.49 18.02 -26.59
C4 MAN L . -17.93 18.23 -26.11
C5 MAN L . -18.93 17.84 -27.21
C6 MAN L . -20.38 18.04 -26.76
O2 MAN L . -16.07 20.01 -27.92
O3 MAN L . -15.55 18.55 -25.66
O4 MAN L . -18.17 17.46 -24.96
O5 MAN L . -18.67 18.57 -28.40
O6 MAN L . -20.90 19.24 -27.28
C1 MAN L . -14.72 17.49 -25.10
C2 MAN L . -14.90 17.39 -23.58
C3 MAN L . -13.98 18.32 -22.79
C4 MAN L . -12.55 18.30 -23.33
C5 MAN L . -12.54 18.53 -24.84
C6 MAN L . -11.13 18.52 -25.42
O2 MAN L . -14.69 16.05 -23.18
O3 MAN L . -13.98 17.97 -21.42
O4 MAN L . -11.78 19.29 -22.66
O5 MAN L . -13.34 17.56 -25.48
O6 MAN L . -10.57 17.23 -25.35
C1 MAN L . -17.54 12.57 -34.87
C2 MAN L . -17.50 13.12 -36.30
C3 MAN L . -18.54 12.46 -37.21
C4 MAN L . -18.57 10.93 -37.06
C5 MAN L . -18.57 10.52 -35.58
C6 MAN L . -18.46 9.00 -35.43
O2 MAN L . -16.21 12.96 -36.83
O3 MAN L . -18.28 12.79 -38.56
O4 MAN L . -19.71 10.43 -37.72
O5 MAN L . -17.53 11.15 -34.86
O6 MAN L . -17.16 8.57 -35.78
C1 NAG M . -37.96 6.71 -5.16
C2 NAG M . -38.80 5.80 -4.25
C3 NAG M . -38.26 5.49 -2.84
C4 NAG M . -37.05 6.32 -2.35
C5 NAG M . -36.85 7.55 -3.23
C6 NAG M . -35.62 8.35 -2.83
C7 NAG M . -41.23 5.67 -4.26
C8 NAG M . -42.52 6.43 -4.08
N2 NAG M . -40.12 6.38 -4.11
O3 NAG M . -37.95 4.11 -2.76
O4 NAG M . -37.22 6.72 -1.00
O5 NAG M . -36.73 7.13 -4.58
O6 NAG M . -34.50 7.93 -3.56
O7 NAG M . -41.23 4.47 -4.52
C1 NAG M . -36.75 5.74 -0.05
C2 NAG M . -35.65 6.32 0.85
C3 NAG M . -35.31 5.40 2.03
C4 NAG M . -36.51 4.74 2.71
C5 NAG M . -37.51 4.23 1.67
C6 NAG M . -38.82 3.77 2.30
C7 NAG M . -33.53 7.50 0.34
C8 NAG M . -32.36 7.60 -0.59
N2 NAG M . -34.44 6.58 0.07
O3 NAG M . -34.58 6.13 3.00
O4 NAG M . -36.04 3.68 3.52
O5 NAG M . -37.83 5.25 0.72
O6 NAG M . -39.53 2.95 1.39
O7 NAG M . -33.59 8.28 1.31
C1 BMA M . -36.30 3.89 4.94
C2 BMA M . -36.86 2.58 5.55
C3 BMA M . -36.05 1.88 6.68
C4 BMA M . -34.94 2.73 7.31
C5 BMA M . -35.21 4.22 7.07
C6 BMA M . -34.17 5.11 7.74
O2 BMA M . -37.13 1.66 4.48
O3 BMA M . -35.48 0.63 6.23
O4 BMA M . -34.85 2.43 8.70
O5 BMA M . -35.19 4.45 5.66
O6 BMA M . -34.55 6.47 7.59
C1 MAN M . -36.23 -0.49 6.74
C2 MAN M . -35.29 -1.53 7.36
C3 MAN M . -34.58 -2.38 6.30
C4 MAN M . -35.50 -2.83 5.15
C5 MAN M . -36.42 -1.70 4.67
C6 MAN M . -37.44 -2.21 3.66
O2 MAN M . -36.03 -2.36 8.23
O3 MAN M . -34.02 -3.52 6.91
O4 MAN M . -34.69 -3.28 4.08
O5 MAN M . -37.08 -1.10 5.77
O6 MAN M . -38.46 -2.94 4.30
C1 NAG N . -12.13 -1.72 -8.09
C2 NAG N . -12.75 -1.73 -6.69
C3 NAG N . -12.30 -2.86 -5.74
C4 NAG N . -10.90 -3.45 -5.99
C5 NAG N . -10.25 -2.89 -7.25
C6 NAG N . -9.06 -3.72 -7.74
C7 NAG N . -13.44 0.20 -5.33
C8 NAG N . -13.03 1.52 -4.75
N2 NAG N . -12.51 -0.44 -6.05
O3 NAG N . -13.25 -3.90 -5.81
O4 NAG N . -10.07 -3.21 -4.87
O5 NAG N . -11.23 -2.81 -8.26
O6 NAG N . -9.49 -4.88 -8.42
O7 NAG N . -14.58 -0.24 -5.15
C1 NAG N . -9.81 -4.46 -4.20
C2 NAG N . -8.34 -4.57 -3.78
C3 NAG N . -8.10 -5.98 -3.24
C4 NAG N . -9.13 -6.38 -2.17
C5 NAG N . -10.56 -5.91 -2.48
C6 NAG N . -11.39 -5.87 -1.19
C7 NAG N . -6.33 -3.53 -4.72
C8 NAG N . -5.49 -3.35 -5.94
N2 NAG N . -7.42 -4.29 -4.86
O3 NAG N . -6.80 -6.06 -2.69
O4 NAG N . -9.10 -7.79 -2.10
O5 NAG N . -10.61 -4.62 -3.05
O6 NAG N . -12.53 -6.67 -1.35
O7 NAG N . -6.01 -3.00 -3.66
C1 BMA N . -8.66 -8.26 -0.81
C2 BMA N . -8.91 -9.75 -0.76
C3 BMA N . -8.39 -10.42 0.53
C4 BMA N . -7.20 -9.72 1.22
C5 BMA N . -6.94 -8.26 0.83
C6 BMA N . -5.47 -7.90 1.07
O2 BMA N . -8.34 -10.35 -1.94
O3 BMA N . -8.01 -11.78 0.22
O4 BMA N . -7.41 -9.78 2.63
O5 BMA N . -7.28 -8.00 -0.55
O6 BMA N . -5.02 -6.88 0.15
C1 MAN N . -3.58 -6.78 0.18
C2 MAN N . -3.15 -5.34 0.47
C3 MAN N . -3.33 -4.43 -0.74
C4 MAN N . -2.74 -5.06 -2.02
C5 MAN N . -3.27 -6.50 -2.17
C6 MAN N . -2.85 -7.24 -3.46
O2 MAN N . -1.81 -5.33 0.89
O3 MAN N . -2.79 -3.14 -0.49
O4 MAN N . -3.10 -4.30 -3.14
O5 MAN N . -2.95 -7.26 -1.01
O6 MAN N . -1.50 -7.03 -3.84
C1 MAN N . -3.84 -2.15 -0.69
C2 MAN N . -3.42 -1.12 -1.73
C3 MAN N . -2.56 -0.01 -1.13
C4 MAN N . -3.23 0.58 0.11
C5 MAN N . -3.57 -0.53 1.11
C6 MAN N . -4.34 0.03 2.31
O2 MAN N . -4.58 -0.57 -2.33
O3 MAN N . -2.33 1.02 -2.06
O4 MAN N . -2.37 1.54 0.69
O5 MAN N . -4.34 -1.56 0.52
O6 MAN N . -5.63 0.46 1.93
C1 MAN N . -1.37 -7.49 -5.21
C2 MAN N . -0.18 -8.46 -5.36
C3 MAN N . 1.15 -7.75 -5.66
C4 MAN N . 1.01 -6.65 -6.71
C5 MAN N . -0.15 -5.72 -6.34
C6 MAN N . -0.33 -4.59 -7.36
O2 MAN N . -0.49 -9.40 -6.36
O3 MAN N . 2.11 -8.68 -6.11
O4 MAN N . 2.22 -5.93 -6.82
O5 MAN N . -1.35 -6.45 -6.19
O6 MAN N . -0.83 -5.10 -8.58
C1 MAN N . -8.77 -12.73 0.99
C2 MAN N . -7.92 -13.98 1.25
C3 MAN N . -7.79 -14.85 -0.01
C4 MAN N . -9.12 -15.08 -0.72
C5 MAN N . -9.91 -13.76 -0.85
C6 MAN N . -11.32 -14.00 -1.42
O2 MAN N . -8.47 -14.73 2.30
O3 MAN N . -7.19 -16.09 0.31
O4 MAN N . -8.89 -15.63 -2.00
O5 MAN N . -10.01 -13.11 0.40
O6 MAN N . -12.19 -14.44 -0.40
C1 NAG O . 22.01 8.12 -21.97
C2 NAG O . 22.54 8.98 -23.13
C3 NAG O . 23.35 8.19 -24.16
C4 NAG O . 24.17 7.02 -23.61
C5 NAG O . 23.40 6.33 -22.48
C6 NAG O . 24.16 5.17 -21.82
C7 NAG O . 21.03 10.86 -23.59
C8 NAG O . 19.85 11.34 -24.38
N2 NAG O . 21.43 9.60 -23.80
O3 NAG O . 24.22 9.08 -24.85
O4 NAG O . 24.42 6.10 -24.66
O5 NAG O . 23.04 7.29 -21.50
O6 NAG O . 24.93 5.62 -20.72
O7 NAG O . 21.58 11.62 -22.79
C1 NAG O . 25.82 6.10 -25.02
C2 NAG O . 26.31 4.68 -25.33
C3 NAG O . 27.72 4.63 -25.93
C4 NAG O . 28.10 5.83 -26.81
C5 NAG O . 27.49 7.11 -26.26
C6 NAG O . 27.75 8.32 -27.14
C7 NAG O . 26.21 2.57 -24.03
C8 NAG O . 26.26 1.98 -22.66
N2 NAG O . 26.33 3.90 -24.10
O3 NAG O . 27.90 3.44 -26.66
O4 NAG O . 29.50 5.98 -26.77
O5 NAG O . 26.10 6.96 -26.10
O6 NAG O . 28.08 9.38 -26.28
O7 NAG O . 26.05 1.84 -25.02
C1 BMA O . 30.18 5.45 -27.93
C2 BMA O . 31.07 6.57 -28.48
C3 BMA O . 32.13 6.11 -29.48
C4 BMA O . 32.82 4.82 -29.05
C5 BMA O . 31.86 3.74 -28.52
C6 BMA O . 32.65 2.65 -27.81
O2 BMA O . 31.71 7.24 -27.39
O3 BMA O . 33.11 7.14 -29.63
O4 BMA O . 33.57 4.29 -30.15
O5 BMA O . 30.93 4.28 -27.57
O6 BMA O . 32.56 1.40 -28.50
C1 MAN O . 32.93 7.90 -30.84
C2 MAN O . 34.30 8.36 -31.35
C3 MAN O . 34.86 9.50 -30.50
C4 MAN O . 33.84 10.62 -30.27
C5 MAN O . 32.48 10.05 -29.84
C6 MAN O . 31.41 11.14 -29.76
O2 MAN O . 34.19 8.76 -32.70
O3 MAN O . 36.02 10.03 -31.12
O4 MAN O . 34.32 11.51 -29.30
O5 MAN O . 32.05 9.01 -30.71
O6 MAN O . 30.98 11.51 -31.05
C1 NAG P . 6.57 -15.61 -23.49
C2 NAG P . 5.79 -16.66 -22.70
C3 NAG P . 4.40 -16.98 -23.30
C4 NAG P . 3.68 -15.80 -23.98
C5 NAG P . 4.68 -14.86 -24.68
C6 NAG P . 4.04 -13.60 -25.24
C7 NAG P . 6.64 -18.63 -21.46
C8 NAG P . 7.51 -19.85 -21.55
N2 NAG P . 6.57 -17.88 -22.57
O3 NAG P . 3.57 -17.51 -22.30
O4 NAG P . 2.76 -16.35 -24.91
O5 NAG P . 5.73 -14.51 -23.79
O6 NAG P . 3.88 -12.62 -24.24
O7 NAG P . 6.05 -18.36 -20.41
C1 NAG P . 1.39 -15.82 -24.84
C2 NAG P . 0.35 -16.89 -24.55
C3 NAG P . -1.07 -16.31 -24.70
C4 NAG P . -1.26 -14.88 -24.16
C5 NAG P . 0.01 -14.01 -24.28
C6 NAG P . -0.07 -12.76 -23.40
C7 NAG P . 0.27 -19.30 -25.06
C8 NAG P . 0.51 -20.35 -26.10
N2 NAG P . 0.51 -18.04 -25.42
O3 NAG P . -1.98 -17.17 -24.06
O4 NAG P . -2.29 -14.22 -24.89
O5 NAG P . 1.18 -14.74 -23.95
O6 NAG P . 0.25 -11.63 -24.18
O7 NAG P . -0.13 -19.64 -23.94
C1 BMA P . -3.58 -14.20 -24.21
C2 BMA P . -3.87 -12.80 -23.64
C3 BMA P . -5.31 -12.66 -23.13
C4 BMA P . -6.34 -13.22 -24.10
C5 BMA P . -5.96 -14.63 -24.56
C6 BMA P . -6.92 -15.14 -25.64
O2 BMA P . -3.59 -11.79 -24.62
O3 BMA P . -5.61 -11.27 -22.89
O4 BMA P . -7.63 -13.25 -23.47
O5 BMA P . -4.63 -14.62 -25.10
O6 BMA P . -8.10 -15.65 -25.03
C1 NAG Q . -8.67 -50.41 -82.95
C2 NAG Q . -8.34 -51.66 -83.78
C3 NAG Q . -9.45 -51.99 -84.79
C4 NAG Q . -10.84 -51.94 -84.13
C5 NAG Q . -11.02 -50.60 -83.42
C6 NAG Q . -12.35 -50.47 -82.68
C7 NAG Q . -6.10 -52.45 -84.45
C8 NAG Q . -4.86 -52.14 -85.23
N2 NAG Q . -7.07 -51.53 -84.48
O3 NAG Q . -9.21 -53.28 -85.33
O4 NAG Q . -11.85 -52.23 -85.08
O5 NAG Q . -9.99 -50.47 -82.46
O6 NAG Q . -12.37 -51.31 -81.55
O7 NAG Q . -6.17 -53.50 -83.81
C1 NAG Q . -12.63 -53.34 -84.59
C2 NAG Q . -14.05 -53.30 -85.17
C3 NAG Q . -14.84 -54.58 -84.87
C4 NAG Q . -13.99 -55.86 -84.94
C5 NAG Q . -12.70 -55.64 -84.15
C6 NAG Q . -11.80 -56.87 -84.03
C7 NAG Q . -14.80 -50.93 -85.22
C8 NAG Q . -15.61 -49.89 -84.49
N2 NAG Q . -14.77 -52.14 -84.65
O3 NAG Q . -15.92 -54.69 -85.78
O4 NAG Q . -14.72 -57.00 -84.49
O5 NAG Q . -12.01 -54.60 -84.80
O6 NAG Q . -11.94 -57.41 -82.74
O7 NAG Q . -14.24 -50.62 -86.27
C1 BMA Q . -14.76 -58.00 -85.55
C2 BMA Q . -15.27 -59.34 -85.05
C3 BMA Q . -15.13 -60.40 -86.16
C4 BMA Q . -15.50 -59.91 -87.57
C5 BMA Q . -15.24 -58.41 -87.85
C6 BMA Q . -16.06 -57.92 -89.03
O2 BMA Q . -16.64 -59.23 -84.65
O3 BMA Q . -15.98 -61.54 -85.90
O4 BMA Q . -14.78 -60.70 -88.52
O5 BMA Q . -15.53 -57.62 -86.69
O6 BMA Q . -16.09 -56.48 -89.06
C1 MAN Q . -17.29 -56.02 -89.73
C2 MAN Q . -17.04 -54.64 -90.36
C3 MAN Q . -17.35 -53.44 -89.43
C4 MAN Q . -18.54 -53.70 -88.50
C5 MAN Q . -18.44 -55.09 -87.87
C6 MAN Q . -19.52 -55.37 -86.83
O2 MAN Q . -17.78 -54.54 -91.56
O3 MAN Q . -17.58 -52.28 -90.21
O4 MAN Q . -18.58 -52.70 -87.49
O5 MAN Q . -18.45 -56.05 -88.91
O6 MAN Q . -20.74 -55.74 -87.45
C1 MAN Q . -16.69 -51.19 -89.82
C2 MAN Q . -17.49 -49.99 -89.31
C3 MAN Q . -18.00 -49.08 -90.44
C4 MAN Q . -16.92 -48.80 -91.48
C5 MAN Q . -16.30 -50.13 -91.95
C6 MAN Q . -15.24 -49.93 -93.03
O2 MAN Q . -16.70 -49.23 -88.42
O3 MAN Q . -18.49 -47.86 -89.91
O4 MAN Q . -17.48 -48.09 -92.56
O5 MAN Q . -15.76 -50.82 -90.83
O6 MAN Q . -14.02 -49.49 -92.46
C1 MAN Q . -15.28 -62.55 -85.15
C2 MAN Q . -15.36 -63.89 -85.89
C3 MAN Q . -16.74 -64.56 -85.75
C4 MAN Q . -17.30 -64.46 -84.34
C5 MAN Q . -17.16 -63.04 -83.78
C6 MAN Q . -17.70 -62.90 -82.35
O2 MAN Q . -14.35 -64.75 -85.41
O3 MAN Q . -16.67 -65.92 -86.15
O4 MAN Q . -18.67 -64.86 -84.36
O5 MAN Q . -15.79 -62.65 -83.83
O6 MAN Q . -16.81 -63.47 -81.42
C1 NAG R . -21.77 -62.86 -74.75
C2 NAG R . -22.74 -63.03 -75.94
C3 NAG R . -24.22 -62.89 -75.57
C4 NAG R . -24.56 -63.33 -74.13
C5 NAG R . -23.51 -62.71 -73.19
C6 NAG R . -23.84 -62.86 -71.71
C7 NAG R . -21.85 -62.35 -78.17
C8 NAG R . -21.68 -61.19 -79.12
N2 NAG R . -22.46 -62.06 -77.01
O3 NAG R . -24.98 -63.67 -76.47
O4 NAG R . -25.88 -62.92 -73.79
O5 NAG R . -22.29 -63.33 -73.53
O6 NAG R . -22.88 -63.67 -71.07
O7 NAG R . -21.43 -63.45 -78.49
C1 NAG R . -26.79 -64.04 -73.67
C2 NAG R . -28.21 -63.63 -74.06
C3 NAG R . -29.19 -64.79 -73.82
C4 NAG R . -28.66 -66.19 -74.17
C5 NAG R . -27.13 -66.36 -74.13
C6 NAG R . -26.70 -67.46 -75.09
C7 NAG R . -29.12 -61.34 -73.91
C8 NAG R . -29.49 -60.21 -72.99
N2 NAG R . -28.62 -62.45 -73.33
O3 NAG R . -30.38 -64.56 -74.55
O4 NAG R . -29.26 -67.12 -73.28
O5 NAG R . -26.44 -65.17 -74.46
O6 NAG R . -25.29 -67.59 -75.09
O7 NAG R . -29.26 -61.21 -75.12
C1 BMA R . -30.18 -67.99 -73.97
C2 BMA R . -29.98 -69.42 -73.49
C3 BMA R . -30.90 -70.35 -74.29
C4 BMA R . -32.36 -69.89 -74.21
C5 BMA R . -32.50 -68.40 -74.55
C6 BMA R . -33.92 -67.92 -74.27
O2 BMA R . -30.28 -69.51 -72.09
O3 BMA R . -30.76 -71.70 -73.84
O4 BMA R . -33.14 -70.67 -75.12
O5 BMA R . -31.55 -67.60 -73.81
O6 BMA R . -33.96 -66.49 -74.13
C1 MAN R . -34.96 -66.13 -73.14
C2 MAN R . -35.54 -64.75 -73.46
C3 MAN R . -34.58 -63.63 -73.05
C4 MAN R . -34.09 -63.83 -71.61
C5 MAN R . -33.48 -65.23 -71.53
C6 MAN R . -32.78 -65.57 -70.21
O2 MAN R . -36.79 -64.59 -72.82
O3 MAN R . -35.12 -62.34 -73.25
O4 MAN R . -33.16 -62.83 -71.26
O5 MAN R . -34.49 -66.19 -71.81
O6 MAN R . -33.66 -65.51 -69.12
C1 MAN R . -34.44 -61.73 -74.37
C2 MAN R . -33.80 -60.40 -73.99
C3 MAN R . -34.71 -59.18 -74.18
C4 MAN R . -35.60 -59.29 -75.42
C5 MAN R . -36.27 -60.66 -75.46
C6 MAN R . -37.27 -60.81 -76.61
O2 MAN R . -32.60 -60.22 -74.71
O3 MAN R . -33.93 -58.01 -74.27
O4 MAN R . -36.56 -58.25 -75.40
O5 MAN R . -35.25 -61.64 -75.54
O6 MAN R . -36.61 -61.10 -77.83
C1 MAN R . -32.89 -65.19 -67.96
C2 MAN R . -33.48 -65.87 -66.72
C3 MAN R . -34.65 -65.09 -66.10
C4 MAN R . -34.44 -63.57 -66.10
C5 MAN R . -33.91 -63.09 -67.46
C6 MAN R . -33.66 -61.58 -67.49
O2 MAN R . -32.45 -66.07 -65.76
O3 MAN R . -34.86 -65.54 -64.78
O4 MAN R . -35.66 -62.94 -65.80
O5 MAN R . -32.72 -63.79 -67.77
O6 MAN R . -32.47 -61.25 -66.81
C1 MAN R . -29.97 -72.44 -74.80
C2 MAN R . -30.46 -73.88 -74.93
C3 MAN R . -29.87 -74.82 -73.87
C4 MAN R . -28.40 -74.57 -73.57
C5 MAN R . -28.12 -73.07 -73.40
C6 MAN R . -26.65 -72.77 -73.14
O2 MAN R . -30.14 -74.35 -76.23
O3 MAN R . -30.05 -76.17 -74.26
O4 MAN R . -28.04 -75.27 -72.40
O5 MAN R . -28.57 -72.37 -74.55
O6 MAN R . -25.92 -72.74 -74.35
C1 NAG S . 18.63 56.38 72.03
C2 NAG S . 19.29 55.02 71.81
C3 NAG S . 20.83 55.07 71.93
C4 NAG S . 21.49 56.39 71.48
C5 NAG S . 20.60 57.60 71.79
C6 NAG S . 21.16 58.93 71.26
C7 NAG S . 17.69 53.27 72.55
C8 NAG S . 17.35 52.31 73.66
N2 NAG S . 18.78 54.03 72.75
O3 NAG S . 21.35 54.00 71.18
O4 NAG S . 22.73 56.63 72.14
O5 NAG S . 19.31 57.37 71.27
O6 NAG S . 20.96 59.02 69.86
O7 NAG S . 16.98 53.31 71.55
C1 NAG T . 10.76 49.20 107.79
C2 NAG T . 11.85 49.08 108.85
C3 NAG T . 11.93 50.32 109.74
C4 NAG T . 11.74 51.65 109.00
C5 NAG T . 10.68 51.58 107.89
C6 NAG T . 10.70 52.82 107.00
C7 NAG T . 12.39 46.81 109.63
C8 NAG T . 11.98 45.69 110.55
N2 NAG T . 11.63 47.91 109.66
O3 NAG T . 13.18 50.35 110.40
O4 NAG T . 11.38 52.65 109.94
O5 NAG T . 10.87 50.43 107.09
O6 NAG T . 11.79 52.78 106.10
O7 NAG T . 13.37 46.68 108.88
C1 NAG U . -2.38 1.31 -28.45
C2 NAG U . -2.60 -0.12 -28.97
C3 NAG U . -2.40 -0.22 -30.49
C4 NAG U . -2.78 1.03 -31.31
C5 NAG U . -2.48 2.32 -30.53
C6 NAG U . -2.94 3.58 -31.25
C7 NAG U . -2.00 -1.71 -27.15
C8 NAG U . -0.95 -2.66 -26.66
N2 NAG U . -1.73 -1.07 -28.30
O3 NAG U . -3.16 -1.34 -30.94
O4 NAG U . -2.05 1.12 -32.54
O5 NAG U . -3.07 2.24 -29.25
O6 NAG U . -4.35 3.73 -31.14
O7 NAG U . -3.04 -1.58 -26.51
C1 NAG V . 32.59 -6.45 -18.29
C2 NAG V . 33.72 -6.72 -19.29
C3 NAG V . 34.68 -5.54 -19.41
C4 NAG V . 33.99 -4.16 -19.40
C5 NAG V . 32.81 -4.08 -18.43
C6 NAG V . 32.00 -2.80 -18.64
C7 NAG V . 34.41 -9.07 -19.54
C8 NAG V . 35.25 -10.18 -18.97
N2 NAG V . 34.45 -7.91 -18.89
O3 NAG V . 35.43 -5.66 -20.60
O4 NAG V . 34.96 -3.18 -19.06
O5 NAG V . 31.97 -5.21 -18.56
O6 NAG V . 31.17 -2.92 -19.78
O7 NAG V . 33.74 -9.27 -20.56
#